data_5T6S
#
_entry.id   5T6S
#
_cell.length_a   67.419
_cell.length_b   231.490
_cell.length_c   127.850
_cell.angle_alpha   90.00
_cell.angle_beta   96.88
_cell.angle_gamma   90.00
#
_symmetry.space_group_name_H-M   'P 1 21 1'
#
loop_
_entity.id
_entity.type
_entity.pdbx_description
1 polymer 'Hemagglutinin HA1'
2 polymer 'Hemagglutinin HA2'
3 branched beta-D-mannopyranose-(1-4)-2-acetamido-2-deoxy-beta-D-glucopyranose-(1-4)-2-acetamido-2-deoxy-beta-D-glucopyranose
4 branched 2-acetamido-2-deoxy-beta-D-glucopyranose-(1-4)-2-acetamido-2-deoxy-beta-D-glucopyranose
5 non-polymer 2-acetamido-2-deoxy-beta-D-glucopyranose
6 non-polymer 'ethyl 6-bromo-4-[(dimethylamino)methyl]-5-hydroxy-1-methyl-2-[(phenylsulfanyl)methyl]-1H-indole-3-carboxylate'
7 non-polymer 'SODIUM ION'
8 water water
#
loop_
_entity_poly.entity_id
_entity_poly.type
_entity_poly.pdbx_seq_one_letter_code
_entity_poly.pdbx_strand_id
1 'polypeptide(L)'
;DKICLGHHAVSNGTKVNTLTERGVEVVNATETVERTNIPRICSKGKRTVDLGQCGLLGTITGPPQCDQFLEFSADLIIER
REGSDVCYPGKFVNEEALRQILRESGGIDKEAMGFTYSGIRTNGATSACRRSGSSFYAEMKWLLSNTDNAAFPQMTKSYK
NTRKSPALIVWGIHHSVSTAEQTKLYGSGNKLVTVGSSNYQQSFVPSPGARPQVNGLSGRIDFHWLMLNPNDTVTFSFNG
AFIAPDRASFLRGKSMGIQSGVQVDANCEGDCYHSGGTIISNLPFQNIDSRAVGKCPRYVKQRSLLLATGMKNVPEIPKG
R
;
A,C,E,G,I,K
2 'polypeptide(L)'
;GLFGAIAGFIENGWEGLIDGWYGFRHQNAQGEGTAADYKSTQSAIDQITGKLNRLIEKTNQQFELIDNEFNEVEKQIGNV
INWTRDSITEVWSYNAELLVAMENQHTIDLADSEMDKLYERVKRQLRENAEEDGTGCFEIFHKCDDDCMASIRNNTYDHS
KYREEAMQNRIQIDPVSGRLVPR
;
B,D,F,H,J,L
#
loop_
_chem_comp.id
_chem_comp.type
_chem_comp.name
_chem_comp.formula
75U non-polymer 'ethyl 6-bromo-4-[(dimethylamino)methyl]-5-hydroxy-1-methyl-2-[(phenylsulfanyl)methyl]-1H-indole-3-carboxylate' 'C22 H25 Br N2 O3 S'
BMA D-saccharide, beta linking beta-D-mannopyranose 'C6 H12 O6'
NA non-polymer 'SODIUM ION' 'Na 1'
NAG D-saccharide, beta linking 2-acetamido-2-deoxy-beta-D-glucopyranose 'C8 H15 N O6'
#
# COMPACT_ATOMS: atom_id res chain seq x y z
N ASP A 1 -7.47 15.29 79.33
CA ASP A 1 -8.26 14.73 78.24
C ASP A 1 -7.42 14.55 76.98
N LYS A 2 -7.44 13.34 76.41
CA LYS A 2 -6.70 13.10 75.19
C LYS A 2 -7.41 12.04 74.35
N ILE A 3 -7.19 12.12 73.04
CA ILE A 3 -7.72 11.15 72.08
C ILE A 3 -6.55 10.60 71.27
N CYS A 4 -6.51 9.28 71.11
CA CYS A 4 -5.38 8.61 70.49
C CYS A 4 -5.82 7.89 69.23
N LEU A 5 -4.99 7.99 68.19
CA LEU A 5 -5.22 7.27 66.95
C LEU A 5 -4.45 5.95 67.01
N GLY A 6 -5.04 4.92 66.44
CA GLY A 6 -4.38 3.62 66.43
C GLY A 6 -4.92 2.74 65.32
N HIS A 7 -4.38 1.53 65.26
CA HIS A 7 -4.75 0.55 64.26
C HIS A 7 -4.89 -0.81 64.94
N HIS A 8 -5.54 -1.74 64.25
CA HIS A 8 -5.80 -3.04 64.85
C HIS A 8 -4.58 -3.95 64.73
N ALA A 9 -4.59 -5.03 65.51
CA ALA A 9 -3.50 -6.01 65.49
C ALA A 9 -4.02 -7.33 66.02
N VAL A 10 -3.23 -8.39 65.81
CA VAL A 10 -3.51 -9.71 66.33
C VAL A 10 -2.27 -10.25 67.04
N SER A 11 -2.49 -11.22 67.91
CA SER A 11 -1.38 -11.76 68.69
C SER A 11 -0.41 -12.55 67.80
N ASN A 12 -0.94 -13.35 66.88
CA ASN A 12 -0.11 -14.12 65.95
C ASN A 12 -0.58 -13.83 64.53
N GLY A 13 0.24 -13.09 63.78
CA GLY A 13 -0.05 -12.79 62.39
C GLY A 13 0.55 -13.83 61.46
N THR A 14 0.55 -13.51 60.17
CA THR A 14 1.10 -14.38 59.14
C THR A 14 2.28 -13.68 58.48
N LYS A 15 3.40 -14.38 58.36
CA LYS A 15 4.60 -13.83 57.76
C LYS A 15 4.57 -13.94 56.25
N VAL A 16 4.97 -12.86 55.57
CA VAL A 16 5.07 -12.77 54.12
C VAL A 16 6.41 -12.14 53.77
N ASN A 17 6.70 -12.07 52.48
CA ASN A 17 7.93 -11.48 51.98
C ASN A 17 7.63 -10.21 51.19
N THR A 18 8.59 -9.29 51.24
CA THR A 18 8.51 -8.02 50.52
C THR A 18 9.77 -7.82 49.70
N LEU A 19 9.92 -6.65 49.08
CA LEU A 19 11.14 -6.37 48.32
C LEU A 19 12.37 -6.23 49.22
N THR A 20 12.18 -5.74 50.45
CA THR A 20 13.30 -5.44 51.33
C THR A 20 13.46 -6.42 52.47
N GLU A 21 12.54 -7.37 52.64
CA GLU A 21 12.53 -8.13 53.88
C GLU A 21 11.87 -9.48 53.64
N ARG A 22 12.38 -10.49 54.34
CA ARG A 22 11.77 -11.82 54.39
C ARG A 22 11.10 -12.01 55.73
N GLY A 23 9.87 -12.51 55.71
CA GLY A 23 9.20 -12.89 56.93
C GLY A 23 8.67 -11.72 57.75
N VAL A 24 8.21 -10.66 57.11
CA VAL A 24 7.54 -9.59 57.82
C VAL A 24 6.14 -10.07 58.16
N GLU A 25 5.73 -9.84 59.42
CA GLU A 25 4.45 -10.32 59.89
C GLU A 25 3.37 -9.30 59.57
N VAL A 26 2.31 -9.74 58.90
CA VAL A 26 1.16 -8.89 58.61
C VAL A 26 -0.08 -9.51 59.26
N VAL A 27 -1.13 -8.70 59.37
CA VAL A 27 -2.34 -9.12 60.07
C VAL A 27 -3.03 -10.24 59.32
N ASN A 28 -2.90 -10.29 58.00
CA ASN A 28 -3.62 -11.28 57.22
C ASN A 28 -2.97 -11.42 55.86
N ALA A 29 -3.09 -12.61 55.28
CA ALA A 29 -2.52 -12.90 53.97
C ALA A 29 -3.32 -14.03 53.34
N THR A 30 -3.09 -14.24 52.04
CA THR A 30 -3.81 -15.24 51.27
C THR A 30 -2.85 -15.90 50.30
N GLU A 31 -3.10 -17.17 50.01
CA GLU A 31 -2.20 -17.96 49.17
C GLU A 31 -2.48 -17.70 47.69
N THR A 32 -1.42 -17.63 46.89
CA THR A 32 -1.56 -17.49 45.45
C THR A 32 -1.18 -18.74 44.66
N VAL A 33 -0.55 -19.73 45.29
CA VAL A 33 -0.04 -20.93 44.62
C VAL A 33 -0.92 -22.11 44.97
N GLU A 34 -1.48 -22.76 43.95
CA GLU A 34 -2.38 -23.89 44.16
C GLU A 34 -1.60 -25.19 44.33
N ARG A 35 -1.90 -25.91 45.42
CA ARG A 35 -1.31 -27.20 45.72
C ARG A 35 -2.31 -28.32 45.83
N THR A 36 -3.60 -28.03 45.86
CA THR A 36 -4.61 -29.06 46.09
C THR A 36 -5.03 -29.67 44.76
N ASN A 37 -4.86 -30.96 44.64
CA ASN A 37 -5.19 -31.70 43.44
C ASN A 37 -6.47 -32.49 43.63
N ILE A 38 -7.28 -32.57 42.58
CA ILE A 38 -8.43 -33.45 42.53
C ILE A 38 -8.01 -34.71 41.76
N PRO A 39 -7.86 -35.86 42.42
CA PRO A 39 -7.27 -37.03 41.76
C PRO A 39 -8.21 -37.74 40.79
N ARG A 40 -8.91 -36.98 39.96
CA ARG A 40 -9.80 -37.55 38.95
C ARG A 40 -9.78 -36.63 37.73
N ILE A 41 -10.22 -37.18 36.60
CA ILE A 41 -10.35 -36.41 35.37
C ILE A 41 -11.78 -35.90 35.32
N CYS A 42 -11.97 -34.61 35.65
CA CYS A 42 -13.29 -34.00 35.67
C CYS A 42 -13.74 -33.63 34.27
N SER A 43 -14.79 -34.31 33.80
CA SER A 43 -15.15 -34.29 32.37
C SER A 43 -16.58 -33.85 32.11
N LYS A 44 -17.24 -33.20 33.08
CA LYS A 44 -18.61 -32.75 32.87
C LYS A 44 -18.66 -31.84 31.66
N GLY A 45 -19.62 -32.10 30.77
CA GLY A 45 -19.80 -31.27 29.60
C GLY A 45 -18.95 -31.64 28.41
N LYS A 46 -18.09 -32.64 28.54
CA LYS A 46 -17.15 -33.01 27.49
C LYS A 46 -17.35 -34.47 27.12
N ARG A 47 -17.67 -34.72 25.84
CA ARG A 47 -17.61 -36.09 25.35
C ARG A 47 -16.20 -36.61 25.56
N THR A 48 -16.05 -37.57 26.46
CA THR A 48 -14.76 -38.10 26.88
C THR A 48 -14.61 -39.54 26.39
N VAL A 49 -13.43 -39.87 25.86
CA VAL A 49 -13.09 -41.24 25.48
C VAL A 49 -11.88 -41.66 26.30
N ASP A 50 -12.07 -42.70 27.13
CA ASP A 50 -11.00 -43.32 27.91
C ASP A 50 -10.51 -44.53 27.13
N LEU A 51 -9.33 -44.39 26.51
CA LEU A 51 -8.82 -45.41 25.61
C LEU A 51 -8.44 -46.70 26.34
N GLY A 52 -8.10 -46.62 27.61
CA GLY A 52 -7.78 -47.84 28.37
C GLY A 52 -6.62 -48.59 27.76
N GLN A 53 -6.85 -49.84 27.38
CA GLN A 53 -5.79 -50.65 26.78
C GLN A 53 -5.61 -50.37 25.30
N CYS A 54 -6.47 -49.58 24.70
CA CYS A 54 -6.32 -49.18 23.31
C CYS A 54 -5.27 -48.08 23.20
N GLY A 55 -4.21 -48.33 22.43
CA GLY A 55 -3.32 -47.26 22.04
C GLY A 55 -3.95 -46.37 20.98
N LEU A 56 -3.64 -45.07 21.07
CA LEU A 56 -4.30 -44.08 20.21
C LEU A 56 -4.11 -44.41 18.73
N LEU A 57 -2.88 -44.75 18.34
CA LEU A 57 -2.63 -45.11 16.94
C LEU A 57 -3.39 -46.38 16.56
N GLY A 58 -3.65 -47.27 17.53
CA GLY A 58 -4.44 -48.45 17.25
C GLY A 58 -5.82 -48.12 16.72
N THR A 59 -6.37 -46.97 17.11
CA THR A 59 -7.69 -46.59 16.59
C THR A 59 -7.70 -46.52 15.08
N ILE A 60 -6.54 -46.35 14.45
CA ILE A 60 -6.49 -46.30 13.00
C ILE A 60 -6.39 -47.70 12.40
N THR A 61 -5.68 -48.62 13.05
CA THR A 61 -5.47 -49.93 12.44
C THR A 61 -6.42 -50.99 12.97
N GLY A 62 -6.76 -50.91 14.25
CA GLY A 62 -7.77 -51.76 14.84
C GLY A 62 -7.29 -53.11 15.35
N PRO A 63 -6.33 -53.11 16.29
CA PRO A 63 -6.10 -54.33 17.07
C PRO A 63 -7.31 -54.60 17.95
N PRO A 64 -7.43 -55.81 18.50
CA PRO A 64 -8.65 -56.14 19.25
C PRO A 64 -8.98 -55.16 20.37
N GLN A 65 -7.98 -54.75 21.15
CA GLN A 65 -8.21 -53.86 22.28
C GLN A 65 -8.78 -52.50 21.87
N CYS A 66 -8.86 -52.21 20.57
CA CYS A 66 -9.37 -50.93 20.10
C CYS A 66 -10.70 -51.07 19.38
N ASP A 67 -11.35 -52.25 19.43
CA ASP A 67 -12.58 -52.45 18.67
C ASP A 67 -13.65 -51.43 19.04
N GLN A 68 -13.66 -50.98 20.28
CA GLN A 68 -14.69 -50.04 20.72
C GLN A 68 -14.42 -48.62 20.26
N PHE A 69 -13.25 -48.34 19.67
CA PHE A 69 -12.85 -46.96 19.37
C PHE A 69 -12.56 -46.72 17.90
N LEU A 70 -12.97 -47.63 17.01
CA LEU A 70 -12.60 -47.54 15.60
C LEU A 70 -13.17 -46.29 14.92
N GLU A 71 -14.26 -45.73 15.44
CA GLU A 71 -14.85 -44.52 14.88
C GLU A 71 -15.25 -43.58 16.01
N PHE A 72 -14.38 -43.47 17.03
CA PHE A 72 -14.75 -42.73 18.22
C PHE A 72 -14.95 -41.26 17.92
N SER A 73 -15.64 -40.59 18.84
CA SER A 73 -15.91 -39.17 18.75
C SER A 73 -15.74 -38.60 20.15
N ALA A 74 -15.00 -37.49 20.26
CA ALA A 74 -14.70 -37.01 21.60
C ALA A 74 -14.26 -35.55 21.54
N ASP A 75 -14.48 -34.87 22.66
CA ASP A 75 -13.83 -33.59 22.90
C ASP A 75 -12.55 -33.77 23.70
N LEU A 76 -12.51 -34.77 24.56
CA LEU A 76 -11.37 -35.08 25.41
C LEU A 76 -10.97 -36.53 25.21
N ILE A 77 -9.70 -36.76 24.88
CA ILE A 77 -9.17 -38.10 24.65
C ILE A 77 -8.16 -38.41 25.75
N ILE A 78 -8.32 -39.56 26.40
CA ILE A 78 -7.49 -39.95 27.52
C ILE A 78 -6.68 -41.19 27.13
N GLU A 79 -5.36 -41.05 27.10
CA GLU A 79 -4.44 -42.18 26.94
C GLU A 79 -4.07 -42.75 28.30
N ARG A 80 -3.91 -44.06 28.35
CA ARG A 80 -3.51 -44.76 29.56
C ARG A 80 -2.16 -45.42 29.33
N ARG A 81 -1.42 -45.65 30.42
CA ARG A 81 -0.10 -46.23 30.31
C ARG A 81 -0.14 -47.65 29.75
N GLU A 82 -1.25 -48.37 29.93
CA GLU A 82 -1.34 -49.73 29.42
C GLU A 82 -1.80 -49.79 27.97
N GLY A 83 -2.00 -48.65 27.31
CA GLY A 83 -2.44 -48.67 25.93
C GLY A 83 -1.38 -49.25 25.02
N SER A 84 -1.83 -50.00 24.00
CA SER A 84 -0.96 -50.59 23.00
C SER A 84 -1.52 -50.30 21.61
N ASP A 85 -0.64 -49.87 20.69
CA ASP A 85 -1.04 -49.60 19.32
C ASP A 85 -1.13 -50.86 18.47
N VAL A 86 -0.54 -51.98 18.91
CA VAL A 86 -0.34 -53.12 18.03
C VAL A 86 -0.86 -54.39 18.69
N CYS A 87 -1.11 -55.38 17.83
CA CYS A 87 -1.21 -56.77 18.27
C CYS A 87 -0.10 -57.59 17.62
N TYR A 88 -0.10 -57.73 16.30
CA TYR A 88 1.09 -58.19 15.62
C TYR A 88 2.17 -57.13 15.79
N PRO A 89 3.37 -57.48 16.29
CA PRO A 89 4.36 -56.46 16.62
C PRO A 89 4.76 -55.61 15.42
N GLY A 90 5.08 -54.36 15.72
CA GLY A 90 5.43 -53.39 14.70
C GLY A 90 5.37 -52.00 15.29
N LYS A 91 5.73 -51.02 14.46
CA LYS A 91 5.71 -49.65 14.95
C LYS A 91 5.56 -48.68 13.79
N PHE A 92 5.01 -47.50 14.09
CA PHE A 92 4.69 -46.49 13.10
C PHE A 92 5.88 -45.60 12.81
N VAL A 93 5.94 -45.10 11.58
CA VAL A 93 6.86 -44.04 11.21
C VAL A 93 6.20 -42.71 11.56
N ASN A 94 6.98 -41.79 12.13
CA ASN A 94 6.46 -40.52 12.64
C ASN A 94 5.26 -40.75 13.57
N GLU A 95 5.48 -41.59 14.58
CA GLU A 95 4.34 -42.00 15.42
C GLU A 95 3.83 -40.84 16.27
N GLU A 96 4.73 -40.01 16.82
CA GLU A 96 4.28 -38.95 17.72
C GLU A 96 3.54 -37.86 16.96
N ALA A 97 4.01 -37.53 15.75
CA ALA A 97 3.29 -36.56 14.93
C ALA A 97 1.85 -37.01 14.70
N LEU A 98 1.67 -38.29 14.37
CA LEU A 98 0.32 -38.83 14.14
C LEU A 98 -0.49 -38.83 15.43
N ARG A 99 0.14 -39.14 16.57
CA ARG A 99 -0.57 -39.03 17.84
C ARG A 99 -1.07 -37.59 18.07
N GLN A 100 -0.23 -36.60 17.78
CA GLN A 100 -0.66 -35.21 17.98
C GLN A 100 -1.78 -34.84 17.02
N ILE A 101 -1.78 -35.38 15.81
CA ILE A 101 -2.90 -35.18 14.89
C ILE A 101 -4.18 -35.78 15.46
N LEU A 102 -4.08 -36.97 16.04
CA LEU A 102 -5.30 -37.64 16.51
C LEU A 102 -5.79 -37.06 17.84
N ARG A 103 -4.90 -36.49 18.64
CA ARG A 103 -5.32 -35.90 19.91
C ARG A 103 -6.23 -34.70 19.68
N GLU A 104 -6.03 -33.97 18.59
CA GLU A 104 -6.81 -32.78 18.30
C GLU A 104 -7.85 -32.99 17.21
N SER A 105 -8.09 -34.24 16.82
CA SER A 105 -8.97 -34.55 15.69
C SER A 105 -10.45 -34.50 16.04
N GLY A 106 -10.80 -34.66 17.31
CA GLY A 106 -12.18 -34.85 17.69
C GLY A 106 -12.71 -36.24 17.44
N GLY A 107 -11.85 -37.17 17.06
CA GLY A 107 -12.28 -38.50 16.67
C GLY A 107 -12.13 -38.72 15.17
N ILE A 108 -12.40 -39.96 14.77
CA ILE A 108 -12.21 -40.38 13.39
C ILE A 108 -13.49 -41.00 12.84
N ASP A 109 -13.68 -40.82 11.54
CA ASP A 109 -14.78 -41.37 10.78
C ASP A 109 -14.19 -42.23 9.68
N LYS A 110 -14.50 -43.52 9.71
CA LYS A 110 -13.89 -44.46 8.77
C LYS A 110 -14.77 -44.62 7.53
N GLU A 111 -14.12 -44.87 6.40
CA GLU A 111 -14.89 -45.14 5.19
C GLU A 111 -14.14 -46.16 4.35
N ALA A 112 -14.89 -47.12 3.81
CA ALA A 112 -14.30 -48.20 3.01
C ALA A 112 -13.55 -47.64 1.81
N MET A 113 -12.38 -48.22 1.54
CA MET A 113 -11.58 -47.79 0.41
C MET A 113 -11.90 -48.56 -0.87
N GLY A 114 -12.64 -49.66 -0.78
CA GLY A 114 -13.15 -50.37 -1.93
C GLY A 114 -12.17 -51.29 -2.63
N PHE A 115 -11.13 -51.75 -1.94
CA PHE A 115 -10.19 -52.70 -2.52
C PHE A 115 -10.81 -54.08 -2.53
N THR A 116 -10.82 -54.72 -3.69
CA THR A 116 -11.20 -56.11 -3.84
C THR A 116 -10.04 -56.90 -4.46
N TYR A 117 -9.96 -58.18 -4.13
CA TYR A 117 -8.84 -59.00 -4.53
C TYR A 117 -9.30 -60.29 -5.18
N SER A 118 -8.45 -60.82 -6.05
CA SER A 118 -8.66 -62.12 -6.68
C SER A 118 -7.30 -62.77 -6.88
N GLY A 119 -7.26 -64.09 -6.75
CA GLY A 119 -6.03 -64.83 -6.94
C GLY A 119 -5.10 -64.85 -5.75
N ILE A 120 -5.56 -64.37 -4.59
CA ILE A 120 -4.77 -64.36 -3.36
C ILE A 120 -5.71 -64.67 -2.20
N ARG A 121 -5.11 -64.98 -1.05
CA ARG A 121 -5.84 -64.98 0.21
C ARG A 121 -5.86 -63.56 0.79
N THR A 122 -6.94 -63.25 1.51
CA THR A 122 -7.04 -61.95 2.16
C THR A 122 -7.27 -62.05 3.66
N ASN A 123 -7.28 -63.25 4.22
CA ASN A 123 -7.67 -63.48 5.61
C ASN A 123 -6.49 -63.91 6.47
N GLY A 124 -5.32 -63.35 6.21
CA GLY A 124 -4.18 -63.61 7.09
C GLY A 124 -4.49 -63.26 8.53
N ALA A 125 -4.18 -64.18 9.44
CA ALA A 125 -4.55 -64.03 10.84
C ALA A 125 -3.41 -64.54 11.72
N THR A 126 -3.43 -64.13 12.98
CA THR A 126 -2.44 -64.55 13.95
C THR A 126 -3.08 -64.64 15.33
N SER A 127 -2.51 -65.51 16.18
CA SER A 127 -3.00 -65.65 17.54
C SER A 127 -2.56 -64.48 18.42
N ALA A 128 -1.79 -63.54 17.87
CA ALA A 128 -1.44 -62.32 18.58
C ALA A 128 -2.55 -61.28 18.53
N CYS A 129 -3.45 -61.37 17.55
CA CYS A 129 -4.61 -60.50 17.44
C CYS A 129 -5.82 -61.41 17.63
N ARG A 130 -6.19 -61.64 18.89
CA ARG A 130 -7.22 -62.63 19.20
C ARG A 130 -8.58 -61.97 19.34
N ARG A 131 -9.56 -62.46 18.56
CA ARG A 131 -10.97 -62.12 18.71
C ARG A 131 -11.73 -63.44 18.68
N SER A 132 -11.82 -64.12 19.82
CA SER A 132 -12.42 -65.45 19.95
C SER A 132 -11.66 -66.49 19.11
N GLY A 133 -10.60 -66.05 18.46
CA GLY A 133 -9.72 -66.92 17.68
C GLY A 133 -8.63 -66.07 17.05
N SER A 134 -7.83 -66.70 16.22
CA SER A 134 -6.81 -65.96 15.49
C SER A 134 -7.47 -64.94 14.56
N SER A 135 -6.98 -63.70 14.61
CA SER A 135 -7.55 -62.62 13.81
C SER A 135 -6.43 -61.66 13.43
N PHE A 136 -6.78 -60.45 13.02
CA PHE A 136 -5.80 -59.48 12.56
C PHE A 136 -6.34 -58.08 12.85
N TYR A 137 -5.65 -57.06 12.34
CA TYR A 137 -6.12 -55.70 12.45
C TYR A 137 -7.45 -55.54 11.69
N ALA A 138 -8.45 -54.98 12.38
CA ALA A 138 -9.79 -54.90 11.80
C ALA A 138 -9.88 -54.00 10.58
N GLU A 139 -8.96 -53.05 10.43
CA GLU A 139 -8.99 -52.10 9.33
C GLU A 139 -8.01 -52.43 8.21
N MET A 140 -7.29 -53.53 8.34
CA MET A 140 -6.27 -53.96 7.40
C MET A 140 -6.62 -55.34 6.88
N LYS A 141 -5.91 -55.77 5.84
CA LYS A 141 -6.04 -57.13 5.33
C LYS A 141 -4.65 -57.65 5.06
N TRP A 142 -4.31 -58.78 5.67
CA TRP A 142 -3.02 -59.44 5.49
C TRP A 142 -3.16 -60.29 4.23
N LEU A 143 -2.62 -59.78 3.13
CA LEU A 143 -2.72 -60.45 1.85
C LEU A 143 -1.64 -61.53 1.75
N LEU A 144 -2.05 -62.75 1.40
CA LEU A 144 -1.15 -63.89 1.29
C LEU A 144 -1.36 -64.59 -0.05
N SER A 145 -0.40 -65.42 -0.42
CA SER A 145 -0.60 -66.28 -1.57
C SER A 145 -1.66 -67.33 -1.26
N ASN A 146 -2.29 -67.85 -2.33
CA ASN A 146 -3.38 -68.81 -2.16
C ASN A 146 -2.92 -70.06 -1.42
N THR A 147 -1.69 -70.51 -1.66
CA THR A 147 -1.15 -71.69 -1.02
C THR A 147 0.31 -71.46 -0.67
N ASP A 148 0.81 -72.28 0.24
CA ASP A 148 2.19 -72.15 0.71
C ASP A 148 3.18 -72.15 -0.46
N ASN A 149 4.06 -71.16 -0.45
CA ASN A 149 5.16 -70.93 -1.38
C ASN A 149 4.71 -70.57 -2.78
N ALA A 150 3.40 -70.49 -3.03
CA ALA A 150 2.92 -70.09 -4.34
C ALA A 150 3.27 -68.63 -4.59
N ALA A 151 3.41 -68.28 -5.86
CA ALA A 151 3.79 -66.93 -6.23
C ALA A 151 2.64 -65.95 -5.99
N PHE A 152 2.97 -64.80 -5.39
CA PHE A 152 2.00 -63.74 -5.15
C PHE A 152 1.95 -62.86 -6.40
N PRO A 153 0.80 -62.71 -7.04
CA PRO A 153 0.76 -61.94 -8.29
C PRO A 153 0.99 -60.45 -8.06
N GLN A 154 1.72 -59.84 -9.00
CA GLN A 154 1.89 -58.40 -8.99
C GLN A 154 0.54 -57.72 -9.24
N MET A 155 0.18 -56.79 -8.36
CA MET A 155 -1.10 -56.08 -8.49
C MET A 155 -0.94 -54.63 -8.03
N THR A 156 -1.85 -53.79 -8.52
CA THR A 156 -1.94 -52.37 -8.19
C THR A 156 -3.35 -52.03 -7.75
N LYS A 157 -3.46 -51.38 -6.59
CA LYS A 157 -4.74 -50.95 -6.02
C LYS A 157 -4.68 -49.46 -5.72
N SER A 158 -5.64 -48.69 -6.21
CA SER A 158 -5.69 -47.26 -6.02
C SER A 158 -6.97 -46.82 -5.32
N TYR A 159 -6.87 -45.72 -4.58
CA TYR A 159 -8.00 -45.14 -3.87
C TYR A 159 -7.97 -43.63 -4.03
N LYS A 160 -9.10 -43.06 -4.43
CA LYS A 160 -9.24 -41.63 -4.62
C LYS A 160 -10.03 -41.05 -3.45
N ASN A 161 -9.52 -39.97 -2.85
CA ASN A 161 -10.24 -39.30 -1.77
C ASN A 161 -11.33 -38.44 -2.37
N THR A 162 -12.57 -38.90 -2.27
CA THR A 162 -13.70 -38.18 -2.81
C THR A 162 -14.37 -37.25 -1.80
N ARG A 163 -13.85 -37.17 -0.57
CA ARG A 163 -14.43 -36.31 0.45
C ARG A 163 -13.71 -34.98 0.50
N LYS A 164 -14.15 -34.12 1.40
CA LYS A 164 -13.79 -32.71 1.37
C LYS A 164 -12.65 -32.35 2.32
N SER A 165 -12.17 -33.30 3.11
CA SER A 165 -11.05 -33.11 4.03
C SER A 165 -10.05 -34.22 3.79
N PRO A 166 -8.78 -34.03 4.19
CA PRO A 166 -7.77 -35.05 3.92
C PRO A 166 -8.11 -36.39 4.56
N ALA A 167 -7.71 -37.47 3.88
CA ALA A 167 -7.91 -38.83 4.33
C ALA A 167 -6.64 -39.35 4.98
N LEU A 168 -6.76 -39.94 6.17
CA LEU A 168 -5.62 -40.60 6.80
C LEU A 168 -5.51 -42.02 6.24
N ILE A 169 -4.42 -42.31 5.53
CA ILE A 169 -4.19 -43.61 4.90
C ILE A 169 -3.03 -44.30 5.63
N VAL A 170 -3.24 -45.56 6.04
CA VAL A 170 -2.20 -46.33 6.72
C VAL A 170 -2.02 -47.66 5.99
N TRP A 171 -0.76 -48.05 5.79
CA TRP A 171 -0.45 -49.37 5.26
C TRP A 171 0.74 -49.93 6.03
N GLY A 172 1.05 -51.19 5.77
CA GLY A 172 2.13 -51.86 6.46
C GLY A 172 3.00 -52.65 5.50
N ILE A 173 4.27 -52.75 5.86
CA ILE A 173 5.22 -53.61 5.18
C ILE A 173 5.57 -54.73 6.14
N HIS A 174 5.40 -55.97 5.70
CA HIS A 174 5.60 -57.12 6.57
C HIS A 174 7.01 -57.67 6.41
N HIS A 175 7.73 -57.79 7.52
CA HIS A 175 9.06 -58.35 7.59
C HIS A 175 8.97 -59.69 8.30
N SER A 176 9.11 -60.78 7.54
CA SER A 176 9.06 -62.13 8.07
C SER A 176 10.30 -62.44 8.90
N VAL A 177 10.21 -63.53 9.68
CA VAL A 177 11.33 -63.96 10.51
C VAL A 177 12.46 -64.55 9.68
N SER A 178 12.19 -65.00 8.46
CA SER A 178 13.23 -65.62 7.66
C SER A 178 12.80 -65.60 6.19
N THR A 179 13.79 -65.82 5.32
CA THR A 179 13.49 -65.94 3.89
C THR A 179 12.52 -67.08 3.62
N ALA A 180 12.62 -68.16 4.40
CA ALA A 180 11.71 -69.30 4.21
C ALA A 180 10.27 -68.92 4.53
N GLU A 181 10.06 -68.12 5.57
CA GLU A 181 8.70 -67.71 5.91
C GLU A 181 8.15 -66.74 4.86
N GLN A 182 8.99 -65.80 4.40
CA GLN A 182 8.56 -64.89 3.34
C GLN A 182 8.20 -65.65 2.07
N THR A 183 8.98 -66.69 1.74
CA THR A 183 8.63 -67.53 0.59
C THR A 183 7.33 -68.29 0.82
N LYS A 184 7.17 -68.85 2.03
CA LYS A 184 5.93 -69.58 2.33
C LYS A 184 4.70 -68.68 2.24
N LEU A 185 4.84 -67.41 2.62
CA LEU A 185 3.69 -66.52 2.64
C LEU A 185 3.42 -65.89 1.28
N TYR A 186 4.48 -65.50 0.56
CA TYR A 186 4.33 -64.71 -0.64
C TYR A 186 5.06 -65.25 -1.87
N GLY A 187 5.74 -66.40 -1.75
CA GLY A 187 6.54 -66.92 -2.85
C GLY A 187 7.94 -66.31 -2.88
N SER A 188 8.85 -67.05 -3.50
CA SER A 188 10.25 -66.64 -3.57
C SER A 188 10.43 -65.47 -4.52
N GLY A 189 11.62 -64.87 -4.46
CA GLY A 189 11.97 -63.79 -5.35
C GLY A 189 11.89 -62.43 -4.69
N ASN A 190 12.31 -61.42 -5.45
CA ASN A 190 12.33 -60.05 -4.93
C ASN A 190 10.92 -59.57 -4.65
N LYS A 191 10.77 -58.85 -3.54
CA LYS A 191 9.49 -58.26 -3.15
C LYS A 191 9.63 -56.74 -3.08
N LEU A 192 8.62 -56.04 -3.59
CA LEU A 192 8.64 -54.59 -3.66
C LEU A 192 7.23 -54.04 -3.46
N VAL A 193 7.14 -52.97 -2.67
CA VAL A 193 5.89 -52.24 -2.46
C VAL A 193 6.16 -50.78 -2.76
N THR A 194 5.53 -50.24 -3.79
CA THR A 194 5.62 -48.83 -4.10
C THR A 194 4.29 -48.15 -3.79
N VAL A 195 4.36 -46.98 -3.16
CA VAL A 195 3.21 -46.20 -2.77
C VAL A 195 3.37 -44.80 -3.35
N GLY A 196 2.34 -44.32 -4.05
CA GLY A 196 2.45 -43.01 -4.65
C GLY A 196 1.19 -42.17 -4.60
N SER A 197 1.36 -40.87 -4.42
CA SER A 197 0.26 -39.90 -4.54
C SER A 197 0.81 -38.73 -5.34
N SER A 198 0.13 -37.59 -5.25
CA SER A 198 0.56 -36.42 -6.01
C SER A 198 1.77 -35.74 -5.38
N ASN A 199 1.97 -35.90 -4.07
CA ASN A 199 3.12 -35.29 -3.40
C ASN A 199 3.91 -36.29 -2.56
N TYR A 200 3.66 -37.58 -2.73
CA TYR A 200 4.32 -38.64 -1.99
C TYR A 200 4.60 -39.79 -2.93
N GLN A 201 5.82 -40.34 -2.85
CA GLN A 201 6.13 -41.60 -3.54
C GLN A 201 7.26 -42.27 -2.77
N GLN A 202 7.13 -43.57 -2.52
CA GLN A 202 8.13 -44.27 -1.73
C GLN A 202 8.10 -45.75 -2.05
N SER A 203 9.28 -46.36 -2.16
CA SER A 203 9.42 -47.79 -2.34
C SER A 203 9.90 -48.44 -1.05
N PHE A 204 9.48 -49.68 -0.87
CA PHE A 204 9.76 -50.46 0.33
C PHE A 204 10.10 -51.87 -0.11
N VAL A 205 11.16 -52.43 0.49
CA VAL A 205 11.53 -53.82 0.29
C VAL A 205 11.50 -54.45 1.68
N PRO A 206 10.80 -55.57 1.86
CA PRO A 206 10.82 -56.21 3.18
C PRO A 206 12.20 -56.76 3.48
N SER A 207 12.54 -56.78 4.77
CA SER A 207 13.86 -57.19 5.24
C SER A 207 13.67 -58.36 6.20
N PRO A 208 13.56 -59.58 5.69
CA PRO A 208 13.37 -60.74 6.55
C PRO A 208 14.60 -60.99 7.42
N GLY A 209 14.34 -61.51 8.62
CA GLY A 209 15.39 -61.74 9.59
C GLY A 209 14.81 -62.00 10.97
N ALA A 210 15.61 -62.57 11.86
CA ALA A 210 15.13 -62.88 13.19
C ALA A 210 15.11 -61.64 14.08
N ARG A 211 14.05 -61.49 14.84
CA ARG A 211 13.89 -60.43 15.83
C ARG A 211 13.40 -61.08 17.11
N PRO A 212 13.57 -60.42 18.26
CA PRO A 212 13.06 -61.00 19.51
C PRO A 212 11.55 -61.13 19.45
N GLN A 213 11.02 -62.14 20.15
CA GLN A 213 9.59 -62.39 20.12
C GLN A 213 8.84 -61.34 20.95
N VAL A 214 7.96 -60.61 20.27
CA VAL A 214 7.00 -59.70 20.91
C VAL A 214 5.61 -60.24 20.59
N ASN A 215 4.85 -60.58 21.63
CA ASN A 215 3.55 -61.24 21.49
C ASN A 215 3.68 -62.58 20.77
N GLY A 216 4.79 -63.28 20.99
CA GLY A 216 5.00 -64.59 20.43
C GLY A 216 5.55 -64.62 19.01
N LEU A 217 5.73 -63.47 18.38
CA LEU A 217 6.10 -63.39 16.98
C LEU A 217 7.44 -62.71 16.83
N SER A 218 8.23 -63.19 15.88
CA SER A 218 9.55 -62.64 15.60
C SER A 218 9.58 -61.80 14.32
N GLY A 219 8.49 -61.75 13.56
CA GLY A 219 8.37 -60.82 12.47
C GLY A 219 7.98 -59.43 12.97
N ARG A 220 8.03 -58.45 12.07
CA ARG A 220 7.62 -57.09 12.39
C ARG A 220 6.82 -56.50 11.24
N ILE A 221 6.07 -55.45 11.53
CA ILE A 221 5.35 -54.66 10.53
C ILE A 221 5.78 -53.21 10.65
N ASP A 222 6.20 -52.62 9.53
CA ASP A 222 6.43 -51.19 9.48
C ASP A 222 5.13 -50.53 9.03
N PHE A 223 4.57 -49.68 9.88
CA PHE A 223 3.34 -48.96 9.56
C PHE A 223 3.70 -47.58 9.03
N HIS A 224 3.21 -47.27 7.85
CA HIS A 224 3.38 -45.98 7.22
C HIS A 224 2.02 -45.34 7.01
N TRP A 225 2.03 -44.02 6.90
CA TRP A 225 0.78 -43.29 6.76
C TRP A 225 1.03 -42.06 5.90
N LEU A 226 -0.04 -41.55 5.32
CA LEU A 226 0.00 -40.27 4.63
C LEU A 226 -1.37 -39.64 4.72
N MET A 227 -1.39 -38.33 4.52
CA MET A 227 -2.63 -37.57 4.39
C MET A 227 -2.88 -37.37 2.90
N LEU A 228 -4.02 -37.86 2.43
CA LEU A 228 -4.38 -37.77 1.02
C LEU A 228 -5.32 -36.59 0.84
N ASN A 229 -4.90 -35.63 0.03
CA ASN A 229 -5.71 -34.44 -0.17
C ASN A 229 -6.98 -34.82 -0.90
N PRO A 230 -8.03 -34.00 -0.75
CA PRO A 230 -9.27 -34.26 -1.50
C PRO A 230 -8.99 -34.32 -2.99
N ASN A 231 -9.67 -35.25 -3.67
CA ASN A 231 -9.56 -35.51 -5.10
C ASN A 231 -8.22 -36.12 -5.51
N ASP A 232 -7.27 -36.27 -4.59
CA ASP A 232 -6.03 -36.95 -4.92
C ASP A 232 -6.19 -38.46 -4.72
N THR A 233 -5.31 -39.21 -5.35
CA THR A 233 -5.35 -40.67 -5.33
C THR A 233 -4.06 -41.23 -4.74
N VAL A 234 -4.18 -42.28 -3.94
CA VAL A 234 -3.04 -43.03 -3.44
C VAL A 234 -3.03 -44.37 -4.17
N THR A 235 -1.85 -44.78 -4.63
CA THR A 235 -1.71 -46.00 -5.42
C THR A 235 -0.67 -46.92 -4.80
N PHE A 236 -1.06 -48.16 -4.54
CA PHE A 236 -0.18 -49.19 -4.01
C PHE A 236 0.09 -50.21 -5.10
N SER A 237 1.37 -50.46 -5.38
CA SER A 237 1.80 -51.47 -6.33
C SER A 237 2.67 -52.48 -5.59
N PHE A 238 2.28 -53.74 -5.58
CA PHE A 238 2.92 -54.69 -4.70
C PHE A 238 2.86 -56.11 -5.26
N ASN A 239 3.80 -56.94 -4.79
CA ASN A 239 3.81 -58.37 -5.09
C ASN A 239 4.03 -59.19 -3.82
N GLY A 240 3.71 -58.63 -2.65
CA GLY A 240 3.81 -59.35 -1.40
C GLY A 240 4.26 -58.50 -0.23
N ALA A 241 4.23 -59.09 0.97
CA ALA A 241 4.70 -58.41 2.18
C ALA A 241 3.99 -57.08 2.42
N PHE A 242 2.73 -57.00 2.00
CA PHE A 242 1.97 -55.75 2.03
C PHE A 242 0.73 -55.96 2.89
N ILE A 243 0.57 -55.12 3.92
CA ILE A 243 -0.61 -55.14 4.76
C ILE A 243 -1.52 -54.06 4.20
N ALA A 244 -2.59 -54.48 3.51
CA ALA A 244 -3.35 -53.49 2.78
C ALA A 244 -4.35 -52.80 3.70
N PRO A 245 -4.62 -51.51 3.48
CA PRO A 245 -5.67 -50.84 4.24
C PRO A 245 -7.04 -51.19 3.70
N ASP A 246 -7.99 -51.41 4.59
CA ASP A 246 -9.38 -51.65 4.21
C ASP A 246 -10.24 -50.40 4.28
N ARG A 247 -9.98 -49.52 5.24
CA ARG A 247 -10.73 -48.27 5.37
C ARG A 247 -9.78 -47.11 5.59
N ALA A 248 -10.20 -45.93 5.17
CA ALA A 248 -9.49 -44.69 5.42
C ALA A 248 -10.16 -43.95 6.57
N SER A 249 -9.41 -43.04 7.19
CA SER A 249 -9.91 -42.25 8.32
C SER A 249 -10.01 -40.77 7.95
N PHE A 250 -11.06 -40.12 8.47
CA PHE A 250 -11.24 -38.69 8.31
C PHE A 250 -11.45 -38.08 9.69
N LEU A 251 -10.83 -36.92 9.93
CA LEU A 251 -10.91 -36.29 11.24
C LEU A 251 -12.27 -35.62 11.42
N ARG A 252 -12.87 -35.82 12.59
CA ARG A 252 -14.24 -35.37 12.81
C ARG A 252 -14.32 -33.87 13.10
N GLY A 253 -13.45 -33.37 13.97
CA GLY A 253 -13.52 -31.96 14.31
C GLY A 253 -12.34 -31.49 15.14
N LYS A 254 -12.55 -31.32 16.45
CA LYS A 254 -11.52 -30.77 17.31
C LYS A 254 -11.64 -31.42 18.69
N SER A 255 -10.49 -31.55 19.36
CA SER A 255 -10.43 -32.14 20.69
C SER A 255 -9.05 -31.82 21.26
N MET A 256 -8.81 -32.29 22.48
CA MET A 256 -7.49 -32.26 23.08
C MET A 256 -7.27 -33.58 23.78
N GLY A 257 -6.02 -34.01 23.86
CA GLY A 257 -5.67 -35.29 24.44
C GLY A 257 -4.83 -35.10 25.69
N ILE A 258 -5.05 -35.96 26.69
CA ILE A 258 -4.28 -35.96 27.92
C ILE A 258 -3.82 -37.38 28.20
N GLN A 259 -2.87 -37.50 29.12
CA GLN A 259 -2.39 -38.78 29.60
C GLN A 259 -2.55 -38.83 31.11
N SER A 260 -3.35 -39.78 31.59
CA SER A 260 -3.72 -39.81 33.00
C SER A 260 -3.61 -41.22 33.55
N GLY A 261 -3.48 -41.29 34.87
CA GLY A 261 -3.46 -42.57 35.56
C GLY A 261 -4.53 -42.64 36.63
N VAL A 262 -5.56 -41.79 36.52
CA VAL A 262 -6.63 -41.74 37.50
C VAL A 262 -7.97 -41.79 36.78
N GLN A 263 -8.99 -42.15 37.54
CA GLN A 263 -10.32 -42.42 37.00
C GLN A 263 -10.97 -41.14 36.47
N VAL A 264 -12.03 -41.33 35.70
CA VAL A 264 -12.83 -40.25 35.13
C VAL A 264 -13.99 -39.95 36.07
N ASP A 265 -14.31 -38.66 36.22
CA ASP A 265 -15.44 -38.23 37.03
C ASP A 265 -16.30 -37.31 36.17
N ALA A 266 -17.44 -37.84 35.70
CA ALA A 266 -18.39 -37.05 34.93
C ALA A 266 -19.32 -36.21 35.79
N ASN A 267 -19.01 -36.07 37.07
CA ASN A 267 -19.81 -35.27 38.00
C ASN A 267 -19.05 -34.08 38.54
N CYS A 268 -17.77 -33.95 38.20
CA CYS A 268 -16.97 -32.78 38.47
C CYS A 268 -16.58 -32.13 37.14
N GLU A 269 -16.43 -30.82 37.16
CA GLU A 269 -16.16 -30.03 35.96
C GLU A 269 -14.79 -29.37 36.06
N GLY A 270 -13.98 -29.49 35.01
CA GLY A 270 -12.63 -28.94 35.04
C GLY A 270 -12.13 -28.57 33.66
N ASP A 271 -11.02 -27.82 33.66
CA ASP A 271 -10.41 -27.39 32.41
C ASP A 271 -8.89 -27.50 32.41
N CYS A 272 -8.30 -28.03 33.47
CA CYS A 272 -6.85 -28.14 33.57
C CYS A 272 -6.51 -29.53 34.07
N TYR A 273 -5.79 -30.30 33.26
CA TYR A 273 -5.53 -31.70 33.55
C TYR A 273 -4.04 -31.99 33.60
N HIS A 274 -3.69 -32.96 34.43
CA HIS A 274 -2.36 -33.57 34.42
C HIS A 274 -2.54 -35.06 34.70
N SER A 275 -1.44 -35.80 34.72
CA SER A 275 -1.55 -37.26 34.85
C SER A 275 -2.17 -37.67 36.19
N GLY A 276 -2.12 -36.80 37.20
CA GLY A 276 -2.66 -37.11 38.50
C GLY A 276 -4.07 -36.63 38.76
N GLY A 277 -4.69 -35.93 37.85
CA GLY A 277 -6.07 -35.53 38.02
C GLY A 277 -6.33 -34.17 37.36
N THR A 278 -7.15 -33.38 38.05
CA THR A 278 -7.63 -32.10 37.55
C THR A 278 -7.29 -30.99 38.55
N ILE A 279 -6.89 -29.85 38.02
CA ILE A 279 -6.57 -28.67 38.82
C ILE A 279 -7.74 -27.70 38.67
N ILE A 280 -8.52 -27.55 39.73
CA ILE A 280 -9.65 -26.62 39.77
C ILE A 280 -9.31 -25.54 40.80
N SER A 281 -9.11 -24.33 40.32
CA SER A 281 -8.57 -23.31 41.21
C SER A 281 -8.79 -21.94 40.61
N ASN A 282 -9.00 -20.96 41.48
CA ASN A 282 -8.99 -19.55 41.09
C ASN A 282 -7.64 -18.90 41.31
N LEU A 283 -6.70 -19.61 41.92
CA LEU A 283 -5.39 -19.03 42.16
C LEU A 283 -4.62 -18.88 40.84
N PRO A 284 -3.78 -17.84 40.74
CA PRO A 284 -3.06 -17.61 39.47
C PRO A 284 -1.87 -18.52 39.25
N PHE A 285 -1.37 -19.19 40.29
CA PHE A 285 -0.21 -20.07 40.13
C PHE A 285 -0.53 -21.46 40.69
N GLN A 286 0.21 -22.44 40.20
CA GLN A 286 0.09 -23.80 40.72
C GLN A 286 1.46 -24.41 40.85
N ASN A 287 1.61 -25.29 41.83
CA ASN A 287 2.86 -26.00 42.07
C ASN A 287 2.66 -27.51 41.95
N ILE A 288 1.71 -27.94 41.14
CA ILE A 288 1.33 -29.34 41.07
C ILE A 288 2.07 -30.06 39.94
N ASP A 289 1.98 -29.54 38.72
CA ASP A 289 2.58 -30.23 37.57
C ASP A 289 2.89 -29.20 36.49
N SER A 290 4.17 -29.09 36.11
CA SER A 290 4.55 -28.14 35.07
C SER A 290 4.09 -28.55 33.68
N ARG A 291 3.62 -29.78 33.49
CA ARG A 291 3.18 -30.24 32.18
C ARG A 291 1.66 -30.30 32.09
N ALA A 292 0.97 -29.67 33.03
CA ALA A 292 -0.49 -29.59 32.96
C ALA A 292 -0.90 -28.91 31.67
N VAL A 293 -2.07 -29.29 31.17
CA VAL A 293 -2.54 -28.82 29.88
C VAL A 293 -3.99 -28.44 30.01
N GLY A 294 -4.46 -27.65 29.05
CA GLY A 294 -5.79 -27.07 29.11
C GLY A 294 -5.67 -25.59 29.44
N LYS A 295 -6.62 -25.05 30.18
CA LYS A 295 -6.54 -23.68 30.69
C LYS A 295 -6.14 -23.75 32.14
N CYS A 296 -4.87 -23.47 32.43
CA CYS A 296 -4.28 -23.81 33.70
C CYS A 296 -3.72 -22.58 34.40
N PRO A 297 -3.65 -22.61 35.73
CA PRO A 297 -2.80 -21.64 36.42
C PRO A 297 -1.35 -21.89 36.03
N ARG A 298 -0.56 -20.82 36.02
CA ARG A 298 0.82 -20.93 35.60
C ARG A 298 1.62 -21.72 36.63
N TYR A 299 2.37 -22.72 36.16
CA TYR A 299 3.22 -23.48 37.06
C TYR A 299 4.38 -22.61 37.53
N VAL A 300 4.66 -22.67 38.83
CA VAL A 300 5.82 -22.00 39.42
C VAL A 300 6.52 -23.00 40.34
N LYS A 301 7.81 -22.79 40.55
CA LYS A 301 8.56 -23.73 41.38
C LYS A 301 8.29 -23.54 42.87
N GLN A 302 7.87 -22.35 43.30
CA GLN A 302 7.54 -22.14 44.71
C GLN A 302 6.30 -22.94 45.08
N ARG A 303 6.32 -23.51 46.28
CA ARG A 303 5.14 -24.19 46.79
C ARG A 303 4.16 -23.22 47.45
N SER A 304 4.60 -22.04 47.89
CA SER A 304 3.72 -21.08 48.54
C SER A 304 4.23 -19.67 48.32
N LEU A 305 3.32 -18.76 48.00
CA LEU A 305 3.64 -17.34 47.88
C LEU A 305 2.49 -16.56 48.53
N LEU A 306 2.71 -16.09 49.75
CA LEU A 306 1.65 -15.45 50.52
C LEU A 306 1.57 -13.98 50.16
N LEU A 307 0.37 -13.56 49.75
CA LEU A 307 0.07 -12.19 49.39
C LEU A 307 -0.57 -11.49 50.59
N ALA A 308 0.02 -10.38 51.02
CA ALA A 308 -0.50 -9.65 52.16
C ALA A 308 -1.88 -9.10 51.85
N THR A 309 -2.82 -9.30 52.78
CA THR A 309 -4.14 -8.72 52.67
C THR A 309 -4.46 -7.82 53.86
N GLY A 310 -3.44 -7.45 54.65
CA GLY A 310 -3.61 -6.59 55.78
C GLY A 310 -2.33 -5.85 56.08
N MET A 311 -2.41 -4.94 57.05
CA MET A 311 -1.30 -4.09 57.43
C MET A 311 -0.22 -4.90 58.14
N LYS A 312 0.92 -4.25 58.38
CA LYS A 312 1.95 -4.86 59.22
C LYS A 312 1.38 -5.14 60.61
N ASN A 313 1.73 -6.30 61.17
CA ASN A 313 1.25 -6.69 62.49
C ASN A 313 2.25 -6.25 63.55
N VAL A 314 1.83 -5.34 64.42
CA VAL A 314 2.65 -4.92 65.56
C VAL A 314 1.87 -5.22 66.84
N PRO A 315 2.03 -6.41 67.41
CA PRO A 315 1.25 -6.77 68.60
C PRO A 315 1.77 -6.09 69.84
N GLU A 316 0.99 -6.23 70.92
CA GLU A 316 1.35 -5.64 72.21
C GLU A 316 1.80 -6.70 73.20
N GLY B 1 7.16 1.08 57.45
CA GLY B 1 6.49 1.59 56.26
C GLY B 1 7.05 2.95 55.86
N LEU B 2 6.71 3.39 54.65
CA LEU B 2 7.23 4.67 54.15
C LEU B 2 6.67 5.87 54.88
N PHE B 3 5.58 5.71 55.63
CA PHE B 3 4.89 6.85 56.22
C PHE B 3 5.08 6.94 57.73
N GLY B 4 5.87 6.03 58.30
CA GLY B 4 6.22 5.94 59.71
C GLY B 4 5.13 6.18 60.74
N ALA B 5 3.94 5.67 60.47
CA ALA B 5 2.87 5.57 61.46
C ALA B 5 2.87 4.16 61.99
N ILE B 6 2.23 3.24 61.27
CA ILE B 6 2.20 1.84 61.69
C ILE B 6 3.62 1.34 61.82
N ALA B 7 3.94 0.78 63.00
CA ALA B 7 5.31 0.38 63.35
C ALA B 7 6.25 1.58 63.34
N GLY B 8 5.71 2.78 63.59
CA GLY B 8 6.49 3.99 63.58
C GLY B 8 6.24 4.80 64.84
N PHE B 9 5.76 6.04 64.71
CA PHE B 9 5.52 6.82 65.92
C PHE B 9 4.34 6.29 66.71
N ILE B 10 3.48 5.50 66.08
CA ILE B 10 2.49 4.69 66.79
C ILE B 10 3.20 3.40 67.20
N GLU B 11 3.37 3.21 68.51
CA GLU B 11 4.33 2.20 68.98
C GLU B 11 3.85 0.78 68.69
N ASN B 12 2.55 0.53 68.80
CA ASN B 12 2.02 -0.78 68.48
C ASN B 12 0.53 -0.68 68.22
N GLY B 13 -0.05 -1.80 67.80
CA GLY B 13 -1.46 -1.84 67.48
C GLY B 13 -2.31 -2.28 68.65
N TRP B 14 -3.63 -2.24 68.44
CA TRP B 14 -4.62 -2.55 69.46
C TRP B 14 -5.29 -3.88 69.11
N GLU B 15 -5.04 -4.91 69.92
CA GLU B 15 -5.68 -6.19 69.67
C GLU B 15 -7.16 -6.19 70.01
N GLY B 16 -7.61 -5.21 70.79
CA GLY B 16 -9.02 -5.05 71.08
C GLY B 16 -9.82 -4.34 69.99
N LEU B 17 -9.15 -3.74 69.01
CA LEU B 17 -9.83 -3.11 67.88
C LEU B 17 -10.24 -4.22 66.91
N ILE B 18 -11.43 -4.77 67.13
CA ILE B 18 -11.90 -5.92 66.36
C ILE B 18 -12.96 -5.56 65.33
N ASP B 19 -13.41 -4.31 65.29
CA ASP B 19 -14.46 -3.90 64.35
C ASP B 19 -13.95 -2.94 63.27
N GLY B 20 -12.64 -2.80 63.12
CA GLY B 20 -12.10 -1.95 62.07
C GLY B 20 -10.60 -2.04 62.03
N TRP B 21 -10.04 -1.39 61.00
CA TRP B 21 -8.59 -1.36 60.86
C TRP B 21 -7.94 -0.23 61.64
N TYR B 22 -8.61 0.91 61.75
CA TYR B 22 -8.09 2.09 62.44
C TYR B 22 -9.15 2.61 63.40
N GLY B 23 -8.72 3.39 64.38
CA GLY B 23 -9.70 3.85 65.34
C GLY B 23 -9.15 4.88 66.31
N PHE B 24 -10.02 5.26 67.24
CA PHE B 24 -9.75 6.25 68.27
C PHE B 24 -9.83 5.61 69.64
N ARG B 25 -8.92 6.00 70.52
CA ARG B 25 -8.96 5.62 71.92
C ARG B 25 -8.88 6.88 72.76
N HIS B 26 -9.97 7.23 73.41
CA HIS B 26 -10.08 8.48 74.15
C HIS B 26 -10.18 8.21 75.65
N GLN B 27 -9.78 9.20 76.44
CA GLN B 27 -10.01 9.17 77.87
C GLN B 27 -10.38 10.56 78.35
N ASN B 28 -11.43 10.62 79.15
CA ASN B 28 -11.93 11.85 79.74
C ASN B 28 -12.49 11.51 81.12
N ALA B 29 -13.22 12.47 81.72
CA ALA B 29 -13.74 12.26 83.07
C ALA B 29 -14.70 11.08 83.13
N GLN B 30 -15.38 10.77 82.01
CA GLN B 30 -16.27 9.61 82.00
C GLN B 30 -15.54 8.30 81.84
N GLY B 31 -14.24 8.30 81.54
CA GLY B 31 -13.51 7.05 81.43
C GLY B 31 -12.79 6.92 80.10
N GLU B 32 -12.58 5.67 79.67
CA GLU B 32 -11.87 5.37 78.44
C GLU B 32 -12.81 4.73 77.43
N GLY B 33 -12.53 4.96 76.16
CA GLY B 33 -13.34 4.38 75.09
C GLY B 33 -12.51 4.10 73.86
N THR B 34 -12.97 3.14 73.07
CA THR B 34 -12.33 2.79 71.81
C THR B 34 -13.40 2.61 70.74
N ALA B 35 -13.21 3.25 69.59
CA ALA B 35 -14.13 3.12 68.47
C ALA B 35 -13.35 2.99 67.17
N ALA B 36 -13.94 2.31 66.20
CA ALA B 36 -13.29 2.18 64.90
C ALA B 36 -13.72 3.32 63.98
N ASP B 37 -12.80 3.74 63.11
CA ASP B 37 -13.09 4.74 62.10
C ASP B 37 -13.46 4.02 60.79
N TYR B 38 -14.65 4.32 60.28
CA TYR B 38 -15.17 3.58 59.14
C TYR B 38 -14.50 4.00 57.84
N LYS B 39 -14.27 5.29 57.64
CA LYS B 39 -13.80 5.77 56.34
C LYS B 39 -12.42 5.25 56.00
N SER B 40 -11.49 5.34 56.96
CA SER B 40 -10.13 4.88 56.71
C SER B 40 -10.08 3.37 56.51
N THR B 41 -10.77 2.62 57.38
CA THR B 41 -10.85 1.17 57.25
C THR B 41 -11.38 0.76 55.89
N GLN B 42 -12.50 1.36 55.48
CA GLN B 42 -13.11 1.01 54.19
C GLN B 42 -12.24 1.43 53.02
N SER B 43 -11.50 2.53 53.16
CA SER B 43 -10.59 2.95 52.10
C SER B 43 -9.49 1.92 51.88
N ALA B 44 -8.84 1.50 52.99
CA ALA B 44 -7.79 0.50 52.87
C ALA B 44 -8.34 -0.82 52.35
N ILE B 45 -9.44 -1.28 52.92
CA ILE B 45 -10.05 -2.54 52.51
C ILE B 45 -10.40 -2.50 51.02
N ASP B 46 -10.93 -1.38 50.55
CA ASP B 46 -11.30 -1.26 49.15
C ASP B 46 -10.06 -1.34 48.26
N GLN B 47 -8.95 -0.72 48.67
CA GLN B 47 -7.76 -0.76 47.83
C GLN B 47 -7.13 -2.17 47.81
N ILE B 48 -7.00 -2.82 48.97
CA ILE B 48 -6.43 -4.17 48.99
C ILE B 48 -7.34 -5.14 48.24
N THR B 49 -8.65 -4.98 48.39
CA THR B 49 -9.59 -5.83 47.68
C THR B 49 -9.48 -5.64 46.17
N GLY B 50 -9.35 -4.39 45.72
CA GLY B 50 -9.14 -4.16 44.30
C GLY B 50 -7.86 -4.81 43.80
N LYS B 51 -6.79 -4.71 44.58
CA LYS B 51 -5.53 -5.36 44.23
C LYS B 51 -5.73 -6.87 44.09
N LEU B 52 -6.43 -7.47 45.05
CA LEU B 52 -6.68 -8.90 45.04
C LEU B 52 -7.50 -9.31 43.82
N ASN B 53 -8.59 -8.58 43.54
CA ASN B 53 -9.40 -8.88 42.36
C ASN B 53 -8.59 -8.73 41.08
N ARG B 54 -7.64 -7.79 41.06
CA ARG B 54 -6.76 -7.66 39.89
C ARG B 54 -5.91 -8.90 39.73
N LEU B 55 -5.36 -9.42 40.82
CA LEU B 55 -4.44 -10.54 40.73
C LEU B 55 -5.12 -11.85 40.34
N ILE B 56 -6.43 -11.96 40.50
CA ILE B 56 -7.12 -13.17 40.12
C ILE B 56 -7.92 -13.00 38.83
N GLU B 57 -7.63 -11.94 38.07
CA GLU B 57 -8.24 -11.78 36.76
C GLU B 57 -7.88 -12.96 35.87
N LYS B 58 -8.91 -13.57 35.30
CA LYS B 58 -8.75 -14.81 34.54
C LYS B 58 -8.48 -14.53 33.07
N THR B 59 -7.44 -15.15 32.56
CA THR B 59 -7.07 -15.14 31.15
C THR B 59 -7.06 -16.58 30.68
N ASN B 60 -7.76 -16.84 29.58
CA ASN B 60 -8.11 -18.19 29.17
C ASN B 60 -7.28 -18.59 27.95
N GLN B 61 -6.00 -18.82 28.18
CA GLN B 61 -5.10 -19.31 27.14
C GLN B 61 -4.92 -20.82 27.32
N GLN B 62 -5.12 -21.56 26.24
CA GLN B 62 -5.00 -23.00 26.28
C GLN B 62 -3.65 -23.44 25.75
N PHE B 63 -3.04 -24.39 26.45
CA PHE B 63 -1.80 -25.04 26.04
C PHE B 63 -2.05 -26.54 25.97
N GLU B 64 -1.49 -27.19 24.96
CA GLU B 64 -1.70 -28.62 24.72
C GLU B 64 -0.41 -29.41 24.85
N LEU B 65 -0.55 -30.73 24.80
CA LEU B 65 0.58 -31.63 24.98
C LEU B 65 1.58 -31.46 23.84
N ILE B 66 2.87 -31.36 24.17
CA ILE B 66 3.89 -31.29 23.13
C ILE B 66 5.00 -32.31 23.33
N ASP B 67 4.95 -33.08 24.42
CA ASP B 67 5.81 -34.25 24.60
C ASP B 67 4.94 -35.43 25.02
N ASN B 68 5.56 -36.51 25.49
CA ASN B 68 4.82 -37.74 25.79
C ASN B 68 5.35 -38.36 27.07
N GLU B 69 4.45 -38.55 28.04
CA GLU B 69 4.81 -39.07 29.37
C GLU B 69 4.93 -40.59 29.39
N PHE B 70 4.28 -41.29 28.45
CA PHE B 70 4.30 -42.74 28.42
C PHE B 70 5.28 -43.31 27.40
N ASN B 71 5.46 -42.64 26.27
CA ASN B 71 6.35 -43.09 25.20
C ASN B 71 7.24 -41.90 24.84
N GLU B 72 8.42 -41.85 25.45
CA GLU B 72 9.27 -40.67 25.37
C GLU B 72 9.60 -40.32 23.93
N VAL B 73 9.53 -39.02 23.62
CA VAL B 73 9.82 -38.53 22.28
C VAL B 73 11.32 -38.65 22.03
N GLU B 74 11.73 -38.44 20.79
CA GLU B 74 13.12 -38.50 20.40
C GLU B 74 13.97 -37.58 21.29
N LYS B 75 15.21 -38.01 21.53
CA LYS B 75 16.02 -37.42 22.59
C LYS B 75 16.29 -35.94 22.34
N GLN B 76 16.76 -35.60 21.13
CA GLN B 76 17.18 -34.22 20.88
C GLN B 76 16.00 -33.24 21.00
N ILE B 77 14.88 -33.55 20.32
CA ILE B 77 13.73 -32.66 20.42
C ILE B 77 13.18 -32.63 21.84
N GLY B 78 13.29 -33.73 22.58
CA GLY B 78 12.87 -33.72 23.97
C GLY B 78 13.74 -32.83 24.84
N ASN B 79 15.05 -32.80 24.57
CA ASN B 79 15.93 -31.92 25.32
C ASN B 79 15.63 -30.46 25.03
N VAL B 80 15.35 -30.14 23.76
CA VAL B 80 14.95 -28.77 23.43
C VAL B 80 13.66 -28.39 24.16
N ILE B 81 12.66 -29.27 24.09
CA ILE B 81 11.37 -29.01 24.74
C ILE B 81 11.56 -28.77 26.23
N ASN B 82 12.37 -29.63 26.87
CA ASN B 82 12.61 -29.51 28.30
C ASN B 82 13.33 -28.21 28.65
N TRP B 83 14.27 -27.80 27.80
CA TRP B 83 14.99 -26.54 27.99
C TRP B 83 14.06 -25.34 27.88
N THR B 84 13.21 -25.34 26.84
CA THR B 84 12.24 -24.27 26.68
C THR B 84 11.29 -24.21 27.87
N ARG B 85 10.70 -25.36 28.25
CA ARG B 85 9.76 -25.36 29.36
C ARG B 85 10.42 -24.92 30.66
N ASP B 86 11.65 -25.38 30.91
CA ASP B 86 12.32 -24.97 32.14
C ASP B 86 12.62 -23.47 32.14
N SER B 87 12.95 -22.90 30.97
CA SER B 87 13.15 -21.46 30.88
C SER B 87 11.86 -20.69 31.17
N ILE B 88 10.75 -21.13 30.58
CA ILE B 88 9.46 -20.50 30.84
C ILE B 88 9.09 -20.61 32.31
N THR B 89 9.31 -21.79 32.90
CA THR B 89 9.03 -21.99 34.32
C THR B 89 9.84 -21.04 35.18
N GLU B 90 11.12 -20.86 34.86
N GLU B 90 11.11 -20.85 34.85
CA GLU B 90 11.94 -19.92 35.61
CA GLU B 90 11.93 -19.92 35.62
C GLU B 90 11.42 -18.49 35.47
C GLU B 90 11.42 -18.49 35.47
N VAL B 91 10.98 -18.11 34.27
CA VAL B 91 10.42 -16.78 34.07
C VAL B 91 9.19 -16.58 34.94
N TRP B 92 8.29 -17.58 34.98
CA TRP B 92 7.06 -17.39 35.74
C TRP B 92 7.30 -17.50 37.24
N SER B 93 8.26 -18.32 37.67
CA SER B 93 8.65 -18.35 39.07
C SER B 93 9.20 -16.99 39.51
N TYR B 94 10.03 -16.38 38.67
CA TYR B 94 10.53 -15.04 38.95
C TYR B 94 9.39 -14.03 39.00
N ASN B 95 8.52 -14.06 37.99
CA ASN B 95 7.42 -13.10 37.93
C ASN B 95 6.53 -13.20 39.17
N ALA B 96 6.25 -14.42 39.61
CA ALA B 96 5.42 -14.61 40.79
C ALA B 96 6.12 -14.07 42.04
N GLU B 97 7.40 -14.41 42.21
CA GLU B 97 8.13 -13.96 43.39
C GLU B 97 8.19 -12.43 43.47
N LEU B 98 8.58 -11.79 42.36
CA LEU B 98 8.70 -10.34 42.31
C LEU B 98 7.34 -9.68 42.49
N LEU B 99 6.31 -10.20 41.81
CA LEU B 99 4.97 -9.64 41.92
C LEU B 99 4.49 -9.65 43.37
N VAL B 100 4.62 -10.80 44.04
CA VAL B 100 4.13 -10.88 45.42
C VAL B 100 4.96 -9.99 46.33
N ALA B 101 6.28 -9.94 46.13
CA ALA B 101 7.12 -9.09 46.97
C ALA B 101 6.74 -7.61 46.81
N MET B 102 6.59 -7.15 45.57
CA MET B 102 6.21 -5.77 45.30
C MET B 102 4.83 -5.44 45.86
N GLU B 103 3.86 -6.30 45.58
CA GLU B 103 2.51 -6.06 46.07
C GLU B 103 2.48 -6.01 47.59
N ASN B 104 3.30 -6.85 48.25
CA ASN B 104 3.32 -6.83 49.71
C ASN B 104 3.95 -5.55 50.25
N GLN B 105 5.08 -5.14 49.66
CA GLN B 105 5.67 -3.85 50.04
C GLN B 105 4.64 -2.74 49.92
N HIS B 106 3.92 -2.71 48.79
CA HIS B 106 2.95 -1.65 48.55
C HIS B 106 1.76 -1.74 49.49
N THR B 107 1.33 -2.96 49.83
CA THR B 107 0.20 -3.10 50.75
C THR B 107 0.55 -2.56 52.13
N ILE B 108 1.74 -2.91 52.62
CA ILE B 108 2.18 -2.39 53.91
C ILE B 108 2.24 -0.87 53.88
N ASP B 109 2.83 -0.30 52.82
CA ASP B 109 2.92 1.15 52.71
C ASP B 109 1.56 1.82 52.62
N LEU B 110 0.60 1.17 51.95
CA LEU B 110 -0.72 1.74 51.78
C LEU B 110 -1.48 1.78 53.10
N ALA B 111 -1.38 0.71 53.90
CA ALA B 111 -2.03 0.74 55.21
C ALA B 111 -1.39 1.79 56.09
N ASP B 112 -0.06 1.87 56.09
CA ASP B 112 0.66 2.93 56.79
C ASP B 112 0.13 4.31 56.37
N SER B 113 -0.05 4.51 55.07
CA SER B 113 -0.53 5.79 54.55
C SER B 113 -1.94 6.10 55.05
N GLU B 114 -2.84 5.11 55.03
CA GLU B 114 -4.20 5.41 55.48
C GLU B 114 -4.21 5.77 56.97
N MET B 115 -3.40 5.07 57.78
CA MET B 115 -3.26 5.46 59.18
C MET B 115 -2.83 6.92 59.29
N ASP B 116 -1.79 7.31 58.54
CA ASP B 116 -1.30 8.68 58.61
C ASP B 116 -2.36 9.68 58.15
N LYS B 117 -3.15 9.32 57.14
CA LYS B 117 -4.19 10.23 56.66
C LYS B 117 -5.24 10.47 57.74
N LEU B 118 -5.62 9.41 58.47
CA LEU B 118 -6.56 9.58 59.58
C LEU B 118 -5.97 10.50 60.66
N TYR B 119 -4.71 10.24 61.04
CA TYR B 119 -4.04 11.08 62.04
C TYR B 119 -4.05 12.54 61.63
N GLU B 120 -3.66 12.83 60.38
CA GLU B 120 -3.62 14.22 59.93
C GLU B 120 -5.02 14.82 59.88
N ARG B 121 -6.01 14.01 59.51
CA ARG B 121 -7.40 14.48 59.52
C ARG B 121 -7.80 14.97 60.90
N VAL B 122 -7.53 14.18 61.94
CA VAL B 122 -7.90 14.58 63.30
C VAL B 122 -7.14 15.82 63.71
N LYS B 123 -5.82 15.87 63.43
CA LYS B 123 -5.03 17.06 63.77
C LYS B 123 -5.66 18.32 63.18
N ARG B 124 -6.09 18.26 61.91
CA ARG B 124 -6.68 19.45 61.31
C ARG B 124 -8.07 19.74 61.87
N GLN B 125 -8.80 18.71 62.33
CA GLN B 125 -10.05 18.96 63.03
C GLN B 125 -9.81 19.75 64.31
N LEU B 126 -8.79 19.35 65.07
CA LEU B 126 -8.57 19.93 66.38
C LEU B 126 -7.93 21.30 66.33
N ARG B 127 -7.32 21.67 65.20
CA ARG B 127 -6.76 23.01 65.05
C ARG B 127 -5.86 23.39 66.22
N GLU B 128 -6.22 24.46 66.91
CA GLU B 128 -5.41 25.03 67.98
C GLU B 128 -5.83 24.56 69.36
N ASN B 129 -6.76 23.60 69.43
CA ASN B 129 -7.31 23.13 70.69
C ASN B 129 -6.57 21.93 71.27
N ALA B 130 -5.56 21.43 70.58
CA ALA B 130 -4.86 20.24 71.07
C ALA B 130 -3.42 20.29 70.61
N GLU B 131 -2.58 19.47 71.24
CA GLU B 131 -1.18 19.36 70.85
C GLU B 131 -0.82 17.90 70.72
N GLU B 132 0.05 17.58 69.77
CA GLU B 132 0.48 16.20 69.57
C GLU B 132 1.47 15.81 70.65
N ASP B 133 1.29 14.63 71.23
CA ASP B 133 2.23 14.14 72.22
C ASP B 133 3.36 13.28 71.63
N GLY B 134 3.29 12.94 70.34
CA GLY B 134 4.34 12.19 69.69
C GLY B 134 4.15 10.69 69.64
N THR B 135 3.07 10.16 70.21
CA THR B 135 2.78 8.74 70.19
C THR B 135 1.48 8.44 69.47
N GLY B 136 0.93 9.40 68.73
CA GLY B 136 -0.35 9.23 68.08
C GLY B 136 -1.53 9.79 68.86
N CYS B 137 -1.29 10.42 70.00
CA CYS B 137 -2.35 10.98 70.82
C CYS B 137 -2.35 12.49 70.70
N PHE B 138 -3.54 13.07 70.87
CA PHE B 138 -3.72 14.51 70.90
C PHE B 138 -4.14 14.88 72.31
N GLU B 139 -3.28 15.64 73.00
CA GLU B 139 -3.64 16.22 74.29
C GLU B 139 -4.61 17.36 74.04
N ILE B 140 -5.84 17.21 74.51
CA ILE B 140 -6.90 18.19 74.29
C ILE B 140 -6.94 19.16 75.47
N PHE B 141 -6.82 20.46 75.18
CA PHE B 141 -6.72 21.46 76.25
C PHE B 141 -8.08 22.05 76.62
N HIS B 142 -9.13 21.24 76.59
CA HIS B 142 -10.44 21.64 77.08
C HIS B 142 -11.17 20.38 77.48
N LYS B 143 -12.20 20.54 78.31
CA LYS B 143 -12.99 19.42 78.75
C LYS B 143 -13.76 18.85 77.56
N CYS B 144 -13.61 17.55 77.31
CA CYS B 144 -14.20 16.91 76.13
C CYS B 144 -14.94 15.66 76.60
N ASP B 145 -16.26 15.79 76.79
CA ASP B 145 -17.06 14.68 77.30
C ASP B 145 -17.28 13.67 76.17
N ASP B 146 -18.10 12.63 76.43
CA ASP B 146 -18.28 11.59 75.42
C ASP B 146 -18.92 12.12 74.15
N ASP B 147 -19.83 13.10 74.25
CA ASP B 147 -20.42 13.65 73.05
C ASP B 147 -19.38 14.45 72.26
N CYS B 148 -18.49 15.14 72.98
CA CYS B 148 -17.41 15.89 72.35
C CYS B 148 -16.48 14.95 71.58
N MET B 149 -16.06 13.87 72.24
CA MET B 149 -15.25 12.86 71.55
C MET B 149 -15.99 12.33 70.32
N ALA B 150 -17.26 11.97 70.49
CA ALA B 150 -18.03 11.46 69.36
C ALA B 150 -18.05 12.44 68.21
N SER B 151 -18.14 13.74 68.50
CA SER B 151 -18.09 14.73 67.43
C SER B 151 -16.72 14.76 66.77
N ILE B 152 -15.66 14.48 67.52
CA ILE B 152 -14.35 14.38 66.86
C ILE B 152 -14.35 13.18 65.92
N ARG B 153 -14.90 12.06 66.37
CA ARG B 153 -14.83 10.84 65.57
C ARG B 153 -15.66 10.94 64.31
N ASN B 154 -16.84 11.55 64.37
CA ASN B 154 -17.68 11.65 63.18
C ASN B 154 -17.58 13.03 62.50
N ASN B 155 -16.53 13.78 62.78
CA ASN B 155 -16.19 15.01 62.04
C ASN B 155 -17.27 16.08 62.18
N THR B 156 -17.76 16.29 63.39
CA THR B 156 -18.66 17.40 63.69
C THR B 156 -18.13 18.29 64.80
N TYR B 157 -16.88 18.08 65.20
CA TYR B 157 -16.25 18.90 66.22
C TYR B 157 -16.01 20.30 65.66
N ASP B 158 -16.59 21.30 66.32
CA ASP B 158 -16.44 22.70 65.95
C ASP B 158 -15.36 23.30 66.85
N HIS B 159 -14.18 23.56 66.27
CA HIS B 159 -13.05 24.01 67.08
C HIS B 159 -13.32 25.36 67.73
N SER B 160 -14.03 26.25 67.02
CA SER B 160 -14.33 27.57 67.57
C SER B 160 -15.04 27.44 68.91
N LYS B 161 -15.98 26.49 69.01
CA LYS B 161 -16.77 26.30 70.21
C LYS B 161 -15.91 26.14 71.47
N TYR B 162 -14.69 25.63 71.32
CA TYR B 162 -13.83 25.42 72.48
C TYR B 162 -12.55 26.23 72.43
N ARG B 163 -12.32 27.00 71.35
CA ARG B 163 -11.00 27.61 71.16
C ARG B 163 -10.63 28.48 72.35
N GLU B 164 -11.54 29.38 72.75
CA GLU B 164 -11.24 30.28 73.84
C GLU B 164 -10.83 29.53 75.10
N GLU B 165 -11.56 28.48 75.44
CA GLU B 165 -11.15 27.70 76.60
C GLU B 165 -9.78 27.06 76.36
N ALA B 166 -9.62 26.40 75.21
CA ALA B 166 -8.39 25.65 74.95
C ALA B 166 -7.18 26.58 74.93
N MET B 167 -7.29 27.70 74.22
CA MET B 167 -6.19 28.64 74.17
C MET B 167 -5.86 29.12 75.57
N GLN B 168 -6.89 29.38 76.39
CA GLN B 168 -6.65 29.87 77.73
C GLN B 168 -5.88 28.85 78.56
N ASN B 169 -6.02 27.57 78.23
CA ASN B 169 -5.28 26.55 78.95
C ASN B 169 -3.90 26.29 78.37
N ARG B 170 -3.66 26.64 77.09
CA ARG B 170 -2.35 26.34 76.54
C ARG B 170 -1.30 27.40 76.87
N ILE B 171 -1.71 28.54 77.41
CA ILE B 171 -0.79 29.61 77.81
C ILE B 171 -1.00 29.98 79.28
N ASP C 1 19.08 30.00 69.71
CA ASP C 1 19.68 28.67 69.48
C ASP C 1 18.84 27.82 68.53
N LYS C 2 19.51 27.04 67.67
CA LYS C 2 18.78 26.22 66.70
C LYS C 2 19.52 24.91 66.46
N ILE C 3 18.76 23.94 65.93
CA ILE C 3 19.28 22.62 65.57
C ILE C 3 18.70 22.24 64.21
N CYS C 4 19.56 21.75 63.32
CA CYS C 4 19.19 21.48 61.94
C CYS C 4 19.32 20.00 61.65
N LEU C 5 18.33 19.46 60.95
CA LEU C 5 18.37 18.09 60.48
C LEU C 5 18.93 18.07 59.07
N GLY C 6 19.73 17.05 58.77
CA GLY C 6 20.32 16.94 57.45
C GLY C 6 20.74 15.51 57.17
N HIS C 7 21.32 15.32 55.99
CA HIS C 7 21.73 14.01 55.52
C HIS C 7 23.11 14.11 54.89
N HIS C 8 23.76 12.97 54.71
CA HIS C 8 25.12 12.97 54.20
C HIS C 8 25.15 13.10 52.67
N ALA C 9 26.32 13.43 52.16
CA ALA C 9 26.55 13.54 50.73
C ALA C 9 28.03 13.32 50.46
N VAL C 10 28.35 13.08 49.19
CA VAL C 10 29.72 12.92 48.75
C VAL C 10 29.96 13.83 47.56
N SER C 11 31.23 14.13 47.31
CA SER C 11 31.57 15.06 46.23
C SER C 11 31.28 14.45 44.86
N ASN C 12 31.63 13.18 44.65
CA ASN C 12 31.39 12.50 43.38
C ASN C 12 30.58 11.24 43.67
N GLY C 13 29.30 11.25 43.30
CA GLY C 13 28.43 10.12 43.46
C GLY C 13 28.42 9.22 42.24
N THR C 14 27.48 8.26 42.25
CA THR C 14 27.36 7.28 41.18
C THR C 14 26.02 7.43 40.48
N LYS C 15 26.04 7.50 39.16
CA LYS C 15 24.83 7.67 38.37
C LYS C 15 24.12 6.33 38.19
N VAL C 16 22.81 6.33 38.40
CA VAL C 16 21.96 5.16 38.22
C VAL C 16 20.73 5.60 37.43
N ASN C 17 19.91 4.63 37.03
CA ASN C 17 18.68 4.90 36.31
C ASN C 17 17.49 4.48 37.15
N THR C 18 16.38 5.22 37.00
CA THR C 18 15.16 4.90 37.73
C THR C 18 14.00 4.79 36.75
N LEU C 19 12.78 4.64 37.26
CA LEU C 19 11.62 4.64 36.37
C LEU C 19 11.42 5.98 35.69
N THR C 20 11.77 7.09 36.36
CA THR C 20 11.46 8.41 35.83
C THR C 20 12.66 9.15 35.26
N GLU C 21 13.87 8.62 35.39
CA GLU C 21 15.05 9.44 35.11
C GLU C 21 16.24 8.55 34.81
N ARG C 22 17.08 9.02 33.89
CA ARG C 22 18.34 8.39 33.58
C ARG C 22 19.46 9.21 34.19
N GLY C 23 20.40 8.55 34.85
CA GLY C 23 21.59 9.23 35.36
C GLY C 23 21.38 10.10 36.58
N VAL C 24 20.50 9.70 37.50
CA VAL C 24 20.39 10.39 38.77
C VAL C 24 21.54 9.94 39.66
N GLU C 25 22.17 10.90 40.33
CA GLU C 25 23.32 10.58 41.18
C GLU C 25 22.86 10.14 42.56
N VAL C 26 23.35 8.98 43.00
CA VAL C 26 23.13 8.49 44.35
C VAL C 26 24.47 8.37 45.04
N VAL C 27 24.43 8.27 46.37
CA VAL C 27 25.66 8.27 47.15
C VAL C 27 26.48 7.01 46.88
N ASN C 28 25.82 5.90 46.55
CA ASN C 28 26.52 4.64 46.41
C ASN C 28 25.65 3.69 45.59
N ALA C 29 26.30 2.80 44.86
CA ALA C 29 25.59 1.83 44.03
C ALA C 29 26.47 0.61 43.85
N THR C 30 25.87 -0.47 43.32
CA THR C 30 26.58 -1.73 43.17
C THR C 30 26.15 -2.39 41.86
N GLU C 31 27.06 -3.14 41.25
CA GLU C 31 26.81 -3.73 39.94
C GLU C 31 25.99 -5.02 40.05
N THR C 32 25.07 -5.21 39.10
CA THR C 32 24.27 -6.43 39.06
C THR C 32 24.57 -7.33 37.87
N VAL C 33 25.32 -6.85 36.88
CA VAL C 33 25.62 -7.62 35.68
C VAL C 33 27.08 -8.03 35.75
N GLU C 34 27.34 -9.34 35.66
CA GLU C 34 28.70 -9.86 35.76
C GLU C 34 29.39 -9.80 34.41
N ARG C 35 30.59 -9.20 34.39
CA ARG C 35 31.41 -9.13 33.20
C ARG C 35 32.77 -9.81 33.36
N THR C 36 33.14 -10.20 34.57
CA THR C 36 34.48 -10.73 34.81
C THR C 36 34.46 -12.24 34.60
N ASN C 37 35.28 -12.70 33.66
CA ASN C 37 35.38 -14.10 33.33
C ASN C 37 36.72 -14.64 33.81
N ILE C 38 36.70 -15.88 34.29
CA ILE C 38 37.94 -16.60 34.61
C ILE C 38 38.27 -17.49 33.41
N PRO C 39 39.30 -17.17 32.64
CA PRO C 39 39.54 -17.89 31.37
C PRO C 39 40.10 -19.29 31.56
N ARG C 40 39.51 -20.04 32.50
CA ARG C 40 39.87 -21.43 32.72
C ARG C 40 38.61 -22.17 33.15
N ILE C 41 38.63 -23.49 33.01
CA ILE C 41 37.51 -24.33 33.42
C ILE C 41 37.78 -24.75 34.86
N CYS C 42 37.12 -24.08 35.80
CA CYS C 42 37.36 -24.35 37.21
C CYS C 42 36.65 -25.64 37.60
N SER C 43 37.43 -26.62 38.02
CA SER C 43 36.91 -27.98 38.18
C SER C 43 37.16 -28.52 39.58
N LYS C 44 37.47 -27.63 40.54
CA LYS C 44 37.67 -28.08 41.91
C LYS C 44 36.40 -28.74 42.42
N GLY C 45 36.56 -29.91 43.03
CA GLY C 45 35.45 -30.65 43.57
C GLY C 45 34.74 -31.56 42.59
N LYS C 46 35.15 -31.56 41.32
CA LYS C 46 34.47 -32.34 40.29
C LYS C 46 35.46 -33.26 39.59
N ARG C 47 35.07 -34.53 39.45
CA ARG C 47 35.85 -35.46 38.63
C ARG C 47 35.73 -35.05 37.17
N THR C 48 36.84 -34.60 36.58
CA THR C 48 36.85 -33.92 35.29
C THR C 48 37.65 -34.71 34.27
N VAL C 49 37.09 -34.85 33.07
CA VAL C 49 37.75 -35.51 31.95
C VAL C 49 37.91 -34.49 30.83
N ASP C 50 39.14 -34.22 30.44
CA ASP C 50 39.45 -33.38 29.27
C ASP C 50 39.68 -34.34 28.09
N LEU C 51 38.67 -34.45 27.21
CA LEU C 51 38.72 -35.44 26.16
C LEU C 51 39.82 -35.16 25.14
N GLY C 52 40.20 -33.91 24.98
CA GLY C 52 41.31 -33.59 24.09
C GLY C 52 41.02 -34.03 22.67
N GLN C 53 41.89 -34.91 22.15
CA GLN C 53 41.73 -35.40 20.79
C GLN C 53 40.68 -36.51 20.68
N CYS C 54 40.18 -37.02 21.80
CA CYS C 54 39.11 -37.99 21.77
C CYS C 54 37.77 -37.28 21.56
N GLY C 55 37.08 -37.61 20.48
CA GLY C 55 35.70 -37.20 20.34
C GLY C 55 34.80 -38.00 21.27
N LEU C 56 33.76 -37.33 21.76
CA LEU C 56 32.89 -37.94 22.77
C LEU C 56 32.29 -39.26 22.27
N LEU C 57 31.79 -39.28 21.04
CA LEU C 57 31.22 -40.52 20.50
C LEU C 57 32.28 -41.60 20.33
N GLY C 58 33.53 -41.21 20.10
CA GLY C 58 34.61 -42.18 20.01
C GLY C 58 34.75 -43.02 21.26
N THR C 59 34.41 -42.45 22.42
CA THR C 59 34.49 -43.21 23.67
C THR C 59 33.65 -44.48 23.61
N ILE C 60 32.66 -44.52 22.73
CA ILE C 60 31.83 -45.72 22.60
C ILE C 60 32.44 -46.71 21.62
N THR C 61 33.06 -46.22 20.53
CA THR C 61 33.55 -47.10 19.49
C THR C 61 35.03 -47.42 19.65
N GLY C 62 35.80 -46.45 20.11
CA GLY C 62 37.18 -46.67 20.49
C GLY C 62 38.20 -46.57 19.39
N PRO C 63 38.28 -45.43 18.70
CA PRO C 63 39.46 -45.16 17.88
C PRO C 63 40.67 -44.94 18.76
N PRO C 64 41.89 -44.99 18.22
CA PRO C 64 43.09 -44.91 19.08
C PRO C 64 43.12 -43.69 19.97
N GLN C 65 42.74 -42.51 19.45
CA GLN C 65 42.78 -41.31 20.26
C GLN C 65 41.89 -41.40 21.50
N CYS C 66 41.04 -42.42 21.61
CA CYS C 66 40.16 -42.57 22.74
C CYS C 66 40.52 -43.75 23.62
N ASP C 67 41.70 -44.37 23.44
CA ASP C 67 42.01 -45.58 24.21
C ASP C 67 41.98 -45.33 25.71
N GLN C 68 42.38 -44.14 26.14
CA GLN C 68 42.40 -43.86 27.58
C GLN C 68 41.02 -43.51 28.14
N PHE C 69 39.97 -43.44 27.31
CA PHE C 69 38.65 -43.02 27.78
C PHE C 69 37.56 -44.08 27.56
N LEU C 70 37.93 -45.34 27.31
CA LEU C 70 36.94 -46.36 26.98
C LEU C 70 35.98 -46.65 28.12
N GLU C 71 36.35 -46.36 29.36
CA GLU C 71 35.45 -46.56 30.49
C GLU C 71 35.55 -45.37 31.44
N PHE C 72 35.62 -44.17 30.88
CA PHE C 72 35.87 -43.01 31.70
C PHE C 72 34.73 -42.78 32.68
N SER C 73 35.04 -42.01 33.72
CA SER C 73 34.08 -41.66 34.75
C SER C 73 34.31 -40.19 35.08
N ALA C 74 33.22 -39.41 35.15
CA ALA C 74 33.40 -37.97 35.30
C ALA C 74 32.13 -37.34 35.84
N ASP C 75 32.30 -36.21 36.54
CA ASP C 75 31.23 -35.30 36.85
C ASP C 75 31.14 -34.18 35.82
N LEU C 76 32.29 -33.79 35.26
CA LEU C 76 32.38 -32.76 34.24
C LEU C 76 33.14 -33.33 33.06
N ILE C 77 32.55 -33.25 31.87
CA ILE C 77 33.13 -33.75 30.63
C ILE C 77 33.43 -32.56 29.74
N ILE C 78 34.65 -32.47 29.24
CA ILE C 78 35.09 -31.35 28.41
C ILE C 78 35.40 -31.85 27.01
N GLU C 79 34.66 -31.37 26.02
CA GLU C 79 34.96 -31.62 24.62
C GLU C 79 35.88 -30.53 24.08
N ARG C 80 36.80 -30.92 23.21
CA ARG C 80 37.71 -29.98 22.59
C ARG C 80 37.48 -29.94 21.09
N ARG C 81 37.87 -28.82 20.47
CA ARG C 81 37.63 -28.67 19.04
C ARG C 81 38.40 -29.71 18.22
N GLU C 82 39.53 -30.20 18.72
CA GLU C 82 40.34 -31.16 17.98
C GLU C 82 39.89 -32.60 18.17
N GLY C 83 38.85 -32.83 18.97
CA GLY C 83 38.39 -34.19 19.20
C GLY C 83 37.80 -34.78 17.93
N SER C 84 38.04 -36.07 17.74
CA SER C 84 37.47 -36.80 16.60
C SER C 84 36.85 -38.08 17.09
N ASP C 85 35.65 -38.39 16.59
CA ASP C 85 34.97 -39.63 16.92
C ASP C 85 35.48 -40.82 16.12
N VAL C 86 36.22 -40.58 15.04
CA VAL C 86 36.46 -41.64 14.08
C VAL C 86 37.95 -41.78 13.78
N CYS C 87 38.31 -42.94 13.27
CA CYS C 87 39.56 -43.15 12.56
C CYS C 87 39.29 -43.56 11.12
N TYR C 88 38.67 -44.71 10.91
CA TYR C 88 38.08 -44.97 9.60
C TYR C 88 36.92 -43.99 9.41
N PRO C 89 36.89 -43.24 8.30
CA PRO C 89 35.90 -42.16 8.17
C PRO C 89 34.47 -42.68 8.22
N GLY C 90 33.59 -41.84 8.74
CA GLY C 90 32.20 -42.18 8.91
C GLY C 90 31.55 -41.20 9.86
N LYS C 91 30.30 -41.50 10.22
CA LYS C 91 29.58 -40.64 11.14
C LYS C 91 28.39 -41.39 11.73
N PHE C 92 27.88 -40.85 12.84
CA PHE C 92 26.79 -41.44 13.60
C PHE C 92 25.47 -40.89 13.12
N VAL C 93 24.46 -41.72 13.18
CA VAL C 93 23.09 -41.26 12.96
C VAL C 93 22.59 -40.72 14.29
N ASN C 94 21.86 -39.60 14.24
CA ASN C 94 21.41 -38.90 15.43
C ASN C 94 22.57 -38.64 16.38
N GLU C 95 23.62 -38.02 15.84
CA GLU C 95 24.86 -37.89 16.61
C GLU C 95 24.69 -36.95 17.78
N GLU C 96 23.98 -35.84 17.59
CA GLU C 96 23.89 -34.84 18.65
C GLU C 96 23.06 -35.37 19.80
N ALA C 97 22.01 -36.13 19.51
CA ALA C 97 21.26 -36.79 20.56
C ALA C 97 22.17 -37.68 21.40
N LEU C 98 23.02 -38.49 20.76
CA LEU C 98 23.91 -39.35 21.53
C LEU C 98 24.92 -38.54 22.31
N ARG C 99 25.45 -37.45 21.72
CA ARG C 99 26.36 -36.59 22.47
C ARG C 99 25.68 -36.03 23.71
N GLN C 100 24.43 -35.61 23.59
CA GLN C 100 23.71 -35.08 24.75
C GLN C 100 23.47 -36.17 25.78
N ILE C 101 23.22 -37.41 25.32
CA ILE C 101 23.09 -38.54 26.24
C ILE C 101 24.40 -38.75 27.01
N LEU C 102 25.54 -38.68 26.31
CA LEU C 102 26.81 -38.99 26.95
C LEU C 102 27.32 -37.84 27.83
N ARG C 103 26.94 -36.61 27.55
CA ARG C 103 27.38 -35.49 28.37
C ARG C 103 26.83 -35.58 29.79
N GLU C 104 25.65 -36.16 29.95
CA GLU C 104 25.02 -36.28 31.27
C GLU C 104 25.12 -37.70 31.82
N SER C 105 25.94 -38.54 31.21
CA SER C 105 26.02 -39.95 31.58
C SER C 105 26.84 -40.21 32.83
N GLY C 106 27.77 -39.31 33.17
CA GLY C 106 28.73 -39.59 34.22
C GLY C 106 29.85 -40.51 33.81
N GLY C 107 29.96 -40.84 32.54
CA GLY C 107 30.91 -41.83 32.06
C GLY C 107 30.20 -43.10 31.64
N ILE C 108 30.99 -44.01 31.10
CA ILE C 108 30.48 -45.27 30.57
C ILE C 108 31.23 -46.42 31.20
N ASP C 109 30.53 -47.54 31.34
CA ASP C 109 31.08 -48.78 31.85
C ASP C 109 30.81 -49.84 30.79
N LYS C 110 31.88 -50.46 30.28
CA LYS C 110 31.75 -51.41 29.19
C LYS C 110 31.57 -52.83 29.70
N GLU C 111 30.91 -53.66 28.89
CA GLU C 111 30.71 -55.06 29.22
C GLU C 111 30.72 -55.90 27.94
N ALA C 112 31.48 -56.99 27.95
CA ALA C 112 31.57 -57.83 26.76
C ALA C 112 30.19 -58.36 26.37
N MET C 113 29.92 -58.38 25.07
CA MET C 113 28.63 -58.89 24.60
C MET C 113 28.66 -60.38 24.27
N GLY C 114 29.85 -60.98 24.17
CA GLY C 114 29.95 -62.42 24.07
C GLY C 114 29.71 -62.99 22.69
N PHE C 115 29.89 -62.20 21.64
CA PHE C 115 29.74 -62.71 20.29
C PHE C 115 30.93 -63.58 19.91
N THR C 116 30.65 -64.77 19.41
CA THR C 116 31.66 -65.64 18.82
C THR C 116 31.26 -65.94 17.39
N TYR C 117 32.27 -66.14 16.55
CA TYR C 117 32.05 -66.31 15.12
C TYR C 117 32.84 -67.50 14.62
N SER C 118 32.35 -68.12 13.55
CA SER C 118 33.05 -69.19 12.87
C SER C 118 32.82 -69.04 11.38
N GLY C 119 33.84 -69.35 10.61
CA GLY C 119 33.73 -69.23 9.17
C GLY C 119 34.00 -67.84 8.63
N ILE C 120 34.45 -66.91 9.46
CA ILE C 120 34.78 -65.55 9.02
C ILE C 120 36.02 -65.07 9.75
N ARG C 121 36.64 -64.03 9.18
CA ARG C 121 37.67 -63.26 9.85
C ARG C 121 37.01 -62.18 10.71
N THR C 122 37.67 -61.83 11.81
CA THR C 122 37.20 -60.78 12.71
C THR C 122 38.22 -59.68 12.91
N ASN C 123 39.35 -59.73 12.22
CA ASN C 123 40.47 -58.82 12.46
C ASN C 123 40.64 -57.83 11.30
N GLY C 124 39.53 -57.35 10.75
CA GLY C 124 39.60 -56.30 9.76
C GLY C 124 40.33 -55.09 10.33
N ALA C 125 41.27 -54.53 9.58
CA ALA C 125 42.10 -53.46 10.09
C ALA C 125 42.36 -52.41 9.01
N THR C 126 42.77 -51.23 9.46
CA THR C 126 43.14 -50.14 8.56
C THR C 126 44.27 -49.35 9.21
N SER C 127 45.12 -48.76 8.36
CA SER C 127 46.18 -47.91 8.85
C SER C 127 45.67 -46.52 9.23
N ALA C 128 44.37 -46.28 9.06
CA ALA C 128 43.76 -45.06 9.56
C ALA C 128 43.49 -45.14 11.06
N CYS C 129 43.43 -46.36 11.61
CA CYS C 129 43.28 -46.59 13.05
C CYS C 129 44.60 -47.21 13.48
N ARG C 130 45.58 -46.37 13.82
CA ARG C 130 46.93 -46.83 14.05
C ARG C 130 47.16 -47.08 15.55
N ARG C 131 47.56 -48.30 15.88
CA ARG C 131 48.08 -48.69 17.20
C ARG C 131 49.36 -49.48 16.94
N SER C 132 50.47 -48.76 16.73
CA SER C 132 51.77 -49.32 16.37
C SER C 132 51.69 -50.06 15.03
N GLY C 133 50.51 -50.05 14.43
CA GLY C 133 50.29 -50.63 13.13
C GLY C 133 48.84 -50.50 12.77
N SER C 134 48.46 -51.11 11.66
CA SER C 134 47.06 -51.13 11.28
C SER C 134 46.23 -51.80 12.36
N SER C 135 45.12 -51.16 12.72
CA SER C 135 44.25 -51.67 13.76
C SER C 135 42.83 -51.24 13.39
N PHE C 136 41.93 -51.24 14.37
CA PHE C 136 40.53 -50.89 14.13
C PHE C 136 39.97 -50.29 15.41
N TYR C 137 38.67 -50.01 15.41
CA TYR C 137 38.00 -49.53 16.61
C TYR C 137 38.07 -50.57 17.72
N ALA C 138 38.50 -50.15 18.91
CA ALA C 138 38.77 -51.08 20.00
C ALA C 138 37.54 -51.82 20.50
N GLU C 139 36.36 -51.23 20.33
CA GLU C 139 35.14 -51.83 20.84
C GLU C 139 34.32 -52.54 19.76
N MET C 140 34.84 -52.57 18.53
CA MET C 140 34.17 -53.13 17.38
C MET C 140 35.02 -54.23 16.77
N LYS C 141 34.41 -54.98 15.87
CA LYS C 141 35.14 -55.97 15.08
C LYS C 141 34.68 -55.87 13.65
N TRP C 142 35.65 -55.72 12.74
CA TRP C 142 35.39 -55.62 11.32
C TRP C 142 35.34 -57.05 10.78
N LEU C 143 34.13 -57.55 10.56
CA LEU C 143 33.96 -58.92 10.10
C LEU C 143 34.13 -59.01 8.59
N LEU C 144 34.98 -59.93 8.15
CA LEU C 144 35.28 -60.17 6.74
C LEU C 144 35.13 -61.65 6.44
N SER C 145 35.07 -61.98 5.14
CA SER C 145 35.14 -63.38 4.74
C SER C 145 36.52 -63.94 5.06
N ASN C 146 36.57 -65.28 5.20
CA ASN C 146 37.84 -65.93 5.56
C ASN C 146 38.94 -65.62 4.56
N THR C 147 38.57 -65.50 3.28
CA THR C 147 39.53 -65.21 2.23
C THR C 147 38.91 -64.23 1.24
N ASP C 148 39.77 -63.63 0.41
CA ASP C 148 39.31 -62.68 -0.58
C ASP C 148 38.19 -63.27 -1.44
N ASN C 149 37.10 -62.52 -1.56
CA ASN C 149 35.95 -62.80 -2.43
C ASN C 149 35.12 -64.01 -2.02
N ALA C 150 35.43 -64.68 -0.92
CA ALA C 150 34.61 -65.79 -0.46
C ALA C 150 33.26 -65.30 0.03
N ALA C 151 32.28 -66.19 -0.03
CA ALA C 151 30.93 -65.86 0.42
C ALA C 151 30.88 -65.71 1.93
N PHE C 152 30.16 -64.70 2.39
CA PHE C 152 30.00 -64.45 3.81
C PHE C 152 28.76 -65.19 4.32
N PRO C 153 28.89 -66.05 5.34
CA PRO C 153 27.72 -66.81 5.80
C PRO C 153 26.67 -65.93 6.45
N GLN C 154 25.40 -66.26 6.18
CA GLN C 154 24.32 -65.55 6.86
C GLN C 154 24.40 -65.84 8.36
N MET C 155 24.34 -64.79 9.18
CA MET C 155 24.52 -64.95 10.61
C MET C 155 23.48 -64.19 11.39
N THR C 156 23.21 -64.70 12.59
CA THR C 156 22.30 -64.10 13.56
C THR C 156 23.01 -64.10 14.90
N LYS C 157 23.17 -62.91 15.49
CA LYS C 157 23.83 -62.77 16.78
C LYS C 157 22.92 -61.97 17.68
N SER C 158 22.67 -62.49 18.88
CA SER C 158 21.77 -61.84 19.82
C SER C 158 22.51 -61.53 21.11
N TYR C 159 22.07 -60.46 21.77
CA TYR C 159 22.62 -60.07 23.06
C TYR C 159 21.48 -59.64 23.95
N LYS C 160 21.43 -60.16 25.17
CA LYS C 160 20.40 -59.82 26.13
C LYS C 160 20.98 -58.92 27.21
N ASN C 161 20.32 -57.81 27.47
CA ASN C 161 20.75 -56.89 28.54
C ASN C 161 20.29 -57.47 29.88
N THR C 162 21.22 -58.01 30.64
CA THR C 162 20.90 -58.60 31.95
C THR C 162 21.06 -57.61 33.10
N ARG C 163 21.44 -56.37 32.83
CA ARG C 163 21.69 -55.39 33.87
C ARG C 163 20.44 -54.53 34.10
N LYS C 164 20.54 -53.60 35.04
CA LYS C 164 19.37 -52.89 35.53
C LYS C 164 19.18 -51.53 34.88
N SER C 165 20.07 -51.12 33.99
CA SER C 165 19.93 -49.86 33.27
C SER C 165 20.10 -50.15 31.78
N PRO C 166 19.57 -49.30 30.91
CA PRO C 166 19.65 -49.57 29.47
C PRO C 166 21.08 -49.64 28.98
N ALA C 167 21.31 -50.52 28.01
CA ALA C 167 22.61 -50.76 27.42
C ALA C 167 22.73 -50.00 26.10
N LEU C 168 23.82 -49.25 25.95
CA LEU C 168 24.09 -48.53 24.71
C LEU C 168 24.77 -49.49 23.73
N ILE C 169 24.09 -49.77 22.62
CA ILE C 169 24.56 -50.68 21.59
C ILE C 169 24.88 -49.88 20.34
N VAL C 170 26.07 -50.06 19.79
CA VAL C 170 26.50 -49.37 18.57
C VAL C 170 26.94 -50.42 17.57
N TRP C 171 26.54 -50.23 16.31
CA TRP C 171 27.06 -51.05 15.21
C TRP C 171 27.31 -50.13 14.02
N GLY C 172 27.91 -50.68 12.98
CA GLY C 172 28.22 -49.90 11.80
C GLY C 172 27.86 -50.65 10.54
N ILE C 173 27.52 -49.88 9.51
CA ILE C 173 27.33 -50.40 8.17
C ILE C 173 28.47 -49.86 7.33
N HIS C 174 29.20 -50.75 6.68
CA HIS C 174 30.37 -50.36 5.91
C HIS C 174 30.01 -50.19 4.44
N HIS C 175 30.30 -49.02 3.91
CA HIS C 175 30.11 -48.70 2.49
C HIS C 175 31.49 -48.65 1.87
N SER C 176 31.80 -49.67 1.07
CA SER C 176 33.06 -49.78 0.38
C SER C 176 33.12 -48.73 -0.71
N VAL C 177 34.34 -48.50 -1.24
CA VAL C 177 34.51 -47.52 -2.30
C VAL C 177 33.98 -48.03 -3.63
N SER C 178 33.82 -49.34 -3.80
CA SER C 178 33.42 -49.90 -5.09
C SER C 178 32.84 -51.29 -4.89
N THR C 179 32.15 -51.79 -5.93
CA THR C 179 31.63 -53.15 -5.91
C THR C 179 32.74 -54.18 -5.77
N ALA C 180 33.90 -53.92 -6.38
CA ALA C 180 35.00 -54.87 -6.26
C ALA C 180 35.49 -54.98 -4.82
N GLU C 181 35.53 -53.86 -4.09
CA GLU C 181 35.97 -53.94 -2.70
C GLU C 181 34.93 -54.67 -1.85
N GLN C 182 33.65 -54.36 -2.05
CA GLN C 182 32.62 -55.05 -1.28
C GLN C 182 32.64 -56.55 -1.55
N THR C 183 32.88 -56.94 -2.79
CA THR C 183 32.99 -58.35 -3.12
C THR C 183 34.23 -58.98 -2.50
N LYS C 184 35.38 -58.30 -2.60
CA LYS C 184 36.60 -58.82 -2.00
C LYS C 184 36.47 -59.02 -0.50
N LEU C 185 35.72 -58.13 0.18
CA LEU C 185 35.62 -58.15 1.63
C LEU C 185 34.52 -59.09 2.14
N TYR C 186 33.39 -59.18 1.44
CA TYR C 186 32.23 -59.92 1.93
C TYR C 186 31.64 -60.89 0.91
N GLY C 187 32.21 -61.00 -0.28
CA GLY C 187 31.63 -61.82 -1.32
C GLY C 187 30.58 -61.08 -2.12
N SER C 188 30.33 -61.58 -3.33
CA SER C 188 29.38 -60.91 -4.21
C SER C 188 27.95 -61.16 -3.73
N GLY C 189 27.02 -60.37 -4.29
CA GLY C 189 25.61 -60.53 -4.03
C GLY C 189 25.06 -59.45 -3.12
N ASN C 190 23.75 -59.52 -2.94
CA ASN C 190 23.04 -58.54 -2.12
C ASN C 190 23.49 -58.67 -0.66
N LYS C 191 23.60 -57.52 0.01
CA LYS C 191 23.98 -57.48 1.41
C LYS C 191 22.87 -56.81 2.23
N LEU C 192 22.57 -57.40 3.39
CA LEU C 192 21.49 -56.91 4.24
C LEU C 192 21.89 -57.07 5.69
N VAL C 193 21.61 -56.04 6.49
CA VAL C 193 21.76 -56.09 7.94
C VAL C 193 20.47 -55.60 8.57
N THR C 194 19.78 -56.47 9.29
CA THR C 194 18.58 -56.09 10.04
C THR C 194 18.90 -56.10 11.53
N VAL C 195 18.41 -55.09 12.23
CA VAL C 195 18.63 -54.94 13.66
C VAL C 195 17.27 -54.79 14.34
N GLY C 196 17.04 -55.63 15.35
CA GLY C 196 15.75 -55.58 16.02
C GLY C 196 15.78 -55.79 17.52
N SER C 197 14.89 -55.07 18.21
CA SER C 197 14.64 -55.31 19.63
C SER C 197 13.14 -55.23 19.85
N SER C 198 12.72 -55.03 21.10
CA SER C 198 11.31 -54.95 21.42
C SER C 198 10.70 -53.58 21.12
N ASN C 199 11.52 -52.53 21.05
CA ASN C 199 11.01 -51.20 20.69
C ASN C 199 11.81 -50.59 19.55
N TYR C 200 12.58 -51.40 18.83
CA TYR C 200 13.41 -50.92 17.74
C TYR C 200 13.35 -51.94 16.61
N GLN C 201 13.21 -51.44 15.40
CA GLN C 201 13.25 -52.28 14.21
C GLN C 201 13.76 -51.45 13.04
N GLN C 202 14.91 -51.82 12.49
CA GLN C 202 15.44 -51.10 11.34
C GLN C 202 16.29 -52.03 10.47
N SER C 203 16.49 -51.62 9.22
CA SER C 203 17.20 -52.43 8.23
C SER C 203 18.13 -51.55 7.42
N PHE C 204 19.24 -52.14 6.94
CA PHE C 204 20.30 -51.41 6.28
C PHE C 204 20.86 -52.22 5.13
N VAL C 205 21.11 -51.53 4.01
CA VAL C 205 21.77 -52.10 2.84
C VAL C 205 22.98 -51.23 2.52
N PRO C 206 24.16 -51.81 2.32
CA PRO C 206 25.34 -50.99 1.98
C PRO C 206 25.24 -50.37 0.59
N SER C 207 25.84 -49.18 0.46
CA SER C 207 25.81 -48.41 -0.78
C SER C 207 27.25 -48.09 -1.18
N PRO C 208 27.91 -48.99 -1.87
CA PRO C 208 29.29 -48.75 -2.28
C PRO C 208 29.38 -47.64 -3.32
N GLY C 209 30.49 -46.92 -3.25
CA GLY C 209 30.77 -45.80 -4.12
C GLY C 209 31.86 -44.94 -3.54
N ALA C 210 32.47 -44.13 -4.39
CA ALA C 210 33.56 -43.25 -3.94
C ALA C 210 33.02 -42.00 -3.26
N ARG C 211 33.65 -41.64 -2.15
CA ARG C 211 33.39 -40.45 -1.37
C ARG C 211 34.73 -39.75 -1.23
N PRO C 212 34.75 -38.46 -0.85
CA PRO C 212 36.04 -37.77 -0.72
C PRO C 212 36.94 -38.50 0.26
N GLN C 213 38.25 -38.44 -0.02
CA GLN C 213 39.19 -39.15 0.84
C GLN C 213 39.33 -38.44 2.17
N VAL C 214 38.96 -39.15 3.24
CA VAL C 214 39.18 -38.70 4.61
C VAL C 214 40.12 -39.69 5.26
N ASN C 215 41.28 -39.20 5.72
CA ASN C 215 42.30 -40.05 6.30
C ASN C 215 42.77 -41.12 5.31
N GLY C 216 42.80 -40.78 4.03
CA GLY C 216 43.26 -41.69 3.00
C GLY C 216 42.21 -42.64 2.46
N LEU C 217 40.99 -42.61 2.97
CA LEU C 217 39.96 -43.58 2.61
C LEU C 217 38.76 -42.92 1.96
N SER C 218 38.21 -43.58 0.94
CA SER C 218 37.00 -43.14 0.26
C SER C 218 35.78 -43.98 0.62
N GLY C 219 35.94 -45.04 1.41
CA GLY C 219 34.80 -45.73 1.98
C GLY C 219 34.27 -44.97 3.20
N ARG C 220 33.09 -45.36 3.66
CA ARG C 220 32.52 -44.75 4.86
C ARG C 220 31.89 -45.81 5.75
N ILE C 221 31.70 -45.47 7.02
CA ILE C 221 30.96 -46.30 7.96
C ILE C 221 29.83 -45.48 8.55
N ASP C 222 28.61 -46.00 8.46
CA ASP C 222 27.47 -45.40 9.15
C ASP C 222 27.36 -46.07 10.52
N PHE C 223 27.48 -45.29 11.58
CA PHE C 223 27.34 -45.83 12.92
C PHE C 223 25.91 -45.61 13.38
N HIS C 224 25.26 -46.67 13.82
CA HIS C 224 23.92 -46.62 14.37
C HIS C 224 23.95 -47.12 15.81
N TRP C 225 22.96 -46.69 16.58
CA TRP C 225 22.95 -47.02 18.00
C TRP C 225 21.52 -47.20 18.48
N LEU C 226 21.38 -47.90 19.60
CA LEU C 226 20.09 -47.97 20.28
C LEU C 226 20.34 -48.17 21.77
N MET C 227 19.32 -47.84 22.55
CA MET C 227 19.29 -48.11 23.98
C MET C 227 18.45 -49.36 24.20
N LEU C 228 19.07 -50.38 24.78
CA LEU C 228 18.44 -51.66 25.01
C LEU C 228 17.92 -51.69 26.44
N ASN C 229 16.61 -51.85 26.60
CA ASN C 229 16.03 -51.85 27.93
C ASN C 229 16.47 -53.10 28.70
N PRO C 230 16.44 -53.04 30.03
CA PRO C 230 16.79 -54.23 30.82
C PRO C 230 15.91 -55.42 30.44
N ASN C 231 16.54 -56.60 30.40
CA ASN C 231 15.94 -57.89 30.07
C ASN C 231 15.54 -57.99 28.61
N ASP C 232 15.70 -56.92 27.83
CA ASP C 232 15.40 -56.96 26.41
C ASP C 232 16.59 -57.50 25.63
N THR C 233 16.30 -57.99 24.43
CA THR C 233 17.33 -58.57 23.57
C THR C 233 17.42 -57.78 22.27
N VAL C 234 18.64 -57.57 21.79
CA VAL C 234 18.89 -57.01 20.46
C VAL C 234 19.45 -58.13 19.58
N THR C 235 18.94 -58.21 18.35
CA THR C 235 19.33 -59.25 17.42
C THR C 235 19.81 -58.63 16.12
N PHE C 236 21.00 -59.04 15.69
CA PHE C 236 21.60 -58.61 14.43
C PHE C 236 21.56 -59.78 13.46
N SER C 237 20.97 -59.55 12.28
CA SER C 237 20.99 -60.53 11.21
C SER C 237 21.73 -59.91 10.04
N PHE C 238 22.83 -60.52 9.62
CA PHE C 238 23.69 -59.87 8.64
C PHE C 238 24.41 -60.94 7.82
N ASN C 239 24.79 -60.54 6.61
CA ASN C 239 25.57 -61.40 5.71
C ASN C 239 26.76 -60.65 5.11
N GLY C 240 27.23 -59.59 5.77
CA GLY C 240 28.37 -58.83 5.31
C GLY C 240 28.22 -57.34 5.55
N ALA C 241 29.28 -56.57 5.30
CA ALA C 241 29.27 -55.11 5.43
C ALA C 241 28.82 -54.66 6.81
N PHE C 242 29.13 -55.46 7.83
CA PHE C 242 28.65 -55.23 9.18
C PHE C 242 29.85 -55.07 10.11
N ILE C 243 29.87 -53.96 10.83
CA ILE C 243 30.86 -53.69 11.87
C ILE C 243 30.22 -54.06 13.19
N ALA C 244 30.64 -55.19 13.78
CA ALA C 244 29.94 -55.71 14.94
C ALA C 244 30.43 -55.06 16.24
N PRO C 245 29.55 -54.94 17.22
CA PRO C 245 30.00 -54.48 18.54
C PRO C 245 30.62 -55.64 19.31
N ASP C 246 31.69 -55.34 20.04
CA ASP C 246 32.30 -56.30 20.94
C ASP C 246 31.86 -56.10 22.39
N ARG C 247 31.65 -54.86 22.81
CA ARG C 247 31.19 -54.56 24.15
C ARG C 247 30.04 -53.57 24.07
N ALA C 248 29.17 -53.64 25.06
CA ALA C 248 28.09 -52.68 25.25
C ALA C 248 28.51 -51.68 26.32
N SER C 249 27.86 -50.53 26.31
CA SER C 249 28.12 -49.47 27.27
C SER C 249 26.90 -49.28 28.17
N PHE C 250 27.17 -48.95 29.43
CA PHE C 250 26.14 -48.60 30.39
C PHE C 250 26.53 -47.29 31.03
N LEU C 251 25.55 -46.42 31.23
CA LEU C 251 25.82 -45.09 31.77
C LEU C 251 26.04 -45.19 33.27
N ARG C 252 27.06 -44.48 33.77
CA ARG C 252 27.46 -44.63 35.17
C ARG C 252 26.52 -43.88 36.11
N GLY C 253 26.20 -42.63 35.80
CA GLY C 253 25.33 -41.87 36.68
C GLY C 253 24.86 -40.53 36.16
N LYS C 254 25.57 -39.48 36.54
CA LYS C 254 25.18 -38.13 36.19
C LYS C 254 26.44 -37.28 36.03
N SER C 255 26.41 -36.37 35.07
CA SER C 255 27.49 -35.43 34.82
C SER C 255 26.94 -34.32 33.94
N MET C 256 27.80 -33.38 33.58
CA MET C 256 27.43 -32.39 32.58
C MET C 256 28.61 -32.21 31.64
N GLY C 257 28.32 -31.85 30.40
CA GLY C 257 29.33 -31.70 29.37
C GLY C 257 29.38 -30.27 28.87
N ILE C 258 30.60 -29.80 28.60
CA ILE C 258 30.82 -28.48 28.05
C ILE C 258 31.76 -28.61 26.85
N GLN C 259 31.83 -27.54 26.07
CA GLN C 259 32.76 -27.41 24.97
C GLN C 259 33.61 -26.19 25.24
N SER C 260 34.93 -26.38 25.36
CA SER C 260 35.78 -25.31 25.81
C SER C 260 37.06 -25.24 24.98
N GLY C 261 37.69 -24.07 25.02
CA GLY C 261 38.98 -23.88 24.39
C GLY C 261 40.03 -23.35 25.36
N VAL C 262 39.80 -23.53 26.66
CA VAL C 262 40.71 -23.05 27.69
C VAL C 262 41.02 -24.17 28.66
N GLN C 263 42.14 -24.02 29.37
CA GLN C 263 42.68 -25.07 30.22
C GLN C 263 41.77 -25.34 31.41
N VAL C 264 42.03 -26.46 32.07
CA VAL C 264 41.33 -26.86 33.28
C VAL C 264 42.10 -26.36 34.49
N ASP C 265 41.38 -25.89 35.50
CA ASP C 265 41.96 -25.39 36.74
C ASP C 265 41.26 -26.09 37.91
N ALA C 266 41.95 -27.05 38.52
CA ALA C 266 41.41 -27.76 39.67
C ALA C 266 41.57 -26.99 40.98
N ASN C 267 41.85 -25.69 40.94
CA ASN C 267 42.05 -24.92 42.15
C ASN C 267 41.02 -23.82 42.36
N CYS C 268 40.17 -23.53 41.39
CA CYS C 268 39.02 -22.67 41.56
C CYS C 268 37.76 -23.51 41.39
N GLU C 269 36.70 -23.12 42.08
CA GLU C 269 35.46 -23.86 42.08
C GLU C 269 34.38 -23.03 41.41
N GLY C 270 33.65 -23.65 40.47
CA GLY C 270 32.62 -22.93 39.74
C GLY C 270 31.53 -23.89 39.30
N ASP C 271 30.42 -23.30 38.86
CA ASP C 271 29.27 -24.07 38.42
C ASP C 271 28.68 -23.53 37.13
N CYS C 272 29.32 -22.53 36.51
CA CYS C 272 28.79 -21.93 35.29
C CYS C 272 29.92 -21.82 34.29
N TYR C 273 29.76 -22.51 33.15
CA TYR C 273 30.82 -22.62 32.15
C TYR C 273 30.34 -22.10 30.80
N HIS C 274 31.30 -21.62 30.02
CA HIS C 274 31.15 -21.37 28.60
C HIS C 274 32.46 -21.76 27.93
N SER C 275 32.54 -21.59 26.61
CA SER C 275 33.73 -22.05 25.91
C SER C 275 34.97 -21.27 26.33
N GLY C 276 34.80 -20.06 26.84
CA GLY C 276 35.90 -19.21 27.23
C GLY C 276 36.32 -19.26 28.68
N GLY C 277 35.64 -20.04 29.50
CA GLY C 277 36.09 -20.20 30.87
C GLY C 277 34.92 -20.41 31.82
N THR C 278 35.05 -19.85 33.00
CA THR C 278 34.09 -20.05 34.07
C THR C 278 33.60 -18.70 34.58
N ILE C 279 32.30 -18.62 34.86
CA ILE C 279 31.69 -17.42 35.44
C ILE C 279 31.45 -17.72 36.91
N ILE C 280 32.24 -17.09 37.77
CA ILE C 280 32.12 -17.24 39.21
C ILE C 280 31.65 -15.89 39.73
N SER C 281 30.42 -15.84 40.26
CA SER C 281 29.83 -14.56 40.59
C SER C 281 28.66 -14.75 41.55
N ASN C 282 28.44 -13.76 42.39
CA ASN C 282 27.21 -13.71 43.16
C ASN C 282 26.16 -12.81 42.51
N LEU C 283 26.53 -12.11 41.44
CA LEU C 283 25.59 -11.22 40.77
C LEU C 283 24.52 -12.02 40.02
N PRO C 284 23.30 -11.49 39.93
CA PRO C 284 22.21 -12.26 39.31
C PRO C 284 22.23 -12.26 37.79
N PHE C 285 22.97 -11.37 37.14
CA PHE C 285 22.99 -11.30 35.68
C PHE C 285 24.44 -11.36 35.19
N GLN C 286 24.59 -11.80 33.93
CA GLN C 286 25.89 -11.81 33.28
C GLN C 286 25.75 -11.39 31.83
N ASN C 287 26.80 -10.73 31.31
CA ASN C 287 26.87 -10.26 29.93
C ASN C 287 28.04 -10.91 29.19
N ILE C 288 28.40 -12.13 29.56
CA ILE C 288 29.59 -12.80 29.03
C ILE C 288 29.25 -13.71 27.87
N ASP C 289 28.29 -14.62 28.05
CA ASP C 289 27.98 -15.61 27.02
C ASP C 289 26.54 -16.07 27.18
N SER C 290 25.72 -15.88 26.13
CA SER C 290 24.33 -16.30 26.19
C SER C 290 24.15 -17.81 26.17
N ARG C 291 25.20 -18.56 25.86
CA ARG C 291 25.13 -20.02 25.79
C ARG C 291 25.84 -20.70 26.95
N ALA C 292 26.14 -19.95 28.01
CA ALA C 292 26.73 -20.53 29.21
C ALA C 292 25.79 -21.58 29.79
N VAL C 293 26.38 -22.57 30.45
CA VAL C 293 25.62 -23.70 30.97
C VAL C 293 26.09 -24.04 32.38
N GLY C 294 25.25 -24.78 33.10
CA GLY C 294 25.45 -25.04 34.51
C GLY C 294 24.46 -24.26 35.35
N LYS C 295 24.90 -23.82 36.54
CA LYS C 295 24.09 -22.96 37.40
C LYS C 295 24.65 -21.54 37.23
N CYS C 296 23.95 -20.73 36.46
CA CYS C 296 24.52 -19.49 35.93
C CYS C 296 23.68 -18.28 36.32
N PRO C 297 24.30 -17.11 36.42
CA PRO C 297 23.51 -15.87 36.40
C PRO C 297 22.84 -15.74 35.05
N ARG C 298 21.69 -15.05 35.04
CA ARG C 298 20.94 -14.89 33.80
C ARG C 298 21.67 -13.99 32.82
N TYR C 299 21.81 -14.47 31.59
CA TYR C 299 22.43 -13.65 30.55
C TYR C 299 21.50 -12.50 30.16
N VAL C 300 22.07 -11.30 30.08
CA VAL C 300 21.37 -10.12 29.62
C VAL C 300 22.26 -9.38 28.65
N LYS C 301 21.62 -8.59 27.78
CA LYS C 301 22.35 -7.85 26.76
C LYS C 301 23.07 -6.63 27.31
N GLN C 302 22.58 -6.06 28.42
CA GLN C 302 23.24 -4.91 29.03
C GLN C 302 24.57 -5.30 29.64
N ARG C 303 25.57 -4.42 29.48
CA ARG C 303 26.85 -4.67 30.11
C ARG C 303 26.89 -4.20 31.56
N SER C 304 25.99 -3.28 31.95
CA SER C 304 26.01 -2.76 33.30
C SER C 304 24.61 -2.32 33.70
N LEU C 305 24.19 -2.70 34.92
CA LEU C 305 22.93 -2.26 35.50
C LEU C 305 23.20 -1.99 36.98
N LEU C 306 23.34 -0.71 37.33
CA LEU C 306 23.74 -0.30 38.67
C LEU C 306 22.52 -0.19 39.57
N LEU C 307 22.59 -0.85 40.72
CA LEU C 307 21.56 -0.83 41.74
C LEU C 307 21.93 0.20 42.81
N ALA C 308 21.03 1.15 43.07
CA ALA C 308 21.28 2.17 44.09
C ALA C 308 21.34 1.52 45.47
N THR C 309 22.38 1.85 46.24
CA THR C 309 22.52 1.36 47.60
C THR C 309 22.63 2.50 48.61
N GLY C 310 22.29 3.72 48.18
CA GLY C 310 22.29 4.89 49.04
C GLY C 310 21.31 5.89 48.48
N MET C 311 21.14 6.98 49.24
CA MET C 311 20.19 8.05 48.93
C MET C 311 20.68 8.86 47.72
N LYS C 312 19.79 9.73 47.22
CA LYS C 312 20.21 10.66 46.19
C LYS C 312 21.35 11.53 46.69
N ASN C 313 22.31 11.80 45.80
CA ASN C 313 23.47 12.60 46.16
C ASN C 313 23.15 14.06 45.82
N VAL C 314 23.11 14.90 46.85
CA VAL C 314 22.89 16.34 46.70
C VAL C 314 24.12 17.05 47.28
N PRO C 315 25.14 17.31 46.49
CA PRO C 315 26.37 17.90 47.05
C PRO C 315 26.24 19.37 47.37
N GLU C 316 27.34 20.00 47.77
CA GLU C 316 27.33 21.40 48.19
C GLU C 316 27.90 22.31 47.11
N GLY D 1 12.29 13.07 45.21
CA GLY D 1 11.74 11.90 45.86
C GLY D 1 10.31 12.15 46.30
N LEU D 2 9.57 11.09 46.66
CA LEU D 2 8.17 11.27 47.00
C LEU D 2 7.96 12.05 48.29
N PHE D 3 8.96 12.07 49.13
CA PHE D 3 8.83 12.67 50.41
C PHE D 3 9.30 14.08 50.61
N GLY D 4 9.96 14.62 49.63
CA GLY D 4 10.39 15.99 49.65
C GLY D 4 11.29 16.57 50.70
N ALA D 5 12.05 15.74 51.38
CA ALA D 5 13.07 16.23 52.26
C ALA D 5 14.37 16.18 51.52
N ILE D 6 14.87 14.98 51.29
CA ILE D 6 16.12 14.88 50.53
C ILE D 6 15.94 15.47 49.14
N ALA D 7 16.83 16.39 48.77
CA ALA D 7 16.71 17.15 47.52
C ALA D 7 15.38 17.90 47.46
N GLY D 8 14.86 18.28 48.63
CA GLY D 8 13.59 18.96 48.75
C GLY D 8 13.70 20.20 49.60
N PHE D 9 12.98 20.25 50.72
CA PHE D 9 13.09 21.44 51.56
C PHE D 9 14.41 21.49 52.32
N ILE D 10 15.10 20.36 52.42
CA ILE D 10 16.51 20.32 52.81
C ILE D 10 17.31 20.49 51.52
N GLU D 11 17.97 21.64 51.37
CA GLU D 11 18.44 22.02 50.04
C GLU D 11 19.63 21.18 49.57
N ASN D 12 20.50 20.73 50.48
CA ASN D 12 21.61 19.88 50.07
C ASN D 12 22.10 19.05 51.25
N GLY D 13 23.00 18.10 50.96
CA GLY D 13 23.54 17.21 51.97
C GLY D 13 24.85 17.71 52.55
N TRP D 14 25.30 17.03 53.61
CA TRP D 14 26.49 17.40 54.35
C TRP D 14 27.61 16.41 54.08
N GLU D 15 28.65 16.87 53.37
CA GLU D 15 29.77 15.99 53.07
C GLU D 15 30.63 15.70 54.28
N GLY D 16 30.52 16.49 55.35
CA GLY D 16 31.23 16.20 56.58
C GLY D 16 30.58 15.16 57.46
N LEU D 17 29.34 14.79 57.17
CA LEU D 17 28.65 13.73 57.91
C LEU D 17 29.16 12.39 57.40
N ILE D 18 30.24 11.91 58.02
CA ILE D 18 30.91 10.69 57.56
C ILE D 18 30.62 9.49 58.46
N ASP D 19 29.88 9.68 59.55
CA ASP D 19 29.58 8.59 60.48
C ASP D 19 28.11 8.20 60.49
N GLY D 20 27.33 8.65 59.51
CA GLY D 20 25.94 8.23 59.43
C GLY D 20 25.29 8.76 58.17
N TRP D 21 24.06 8.30 57.94
CA TRP D 21 23.30 8.81 56.79
C TRP D 21 22.57 10.10 57.12
N TYR D 22 22.09 10.24 58.35
CA TYR D 22 21.33 11.40 58.78
C TYR D 22 21.93 11.93 60.08
N GLY D 23 21.64 13.19 60.40
CA GLY D 23 22.21 13.74 61.60
C GLY D 23 21.68 15.12 61.94
N PHE D 24 22.23 15.66 63.03
CA PHE D 24 21.90 16.96 63.57
C PHE D 24 23.11 17.87 63.48
N ARG D 25 22.86 19.11 63.11
CA ARG D 25 23.86 20.18 63.11
C ARG D 25 23.28 21.31 63.95
N HIS D 26 23.86 21.56 65.12
CA HIS D 26 23.33 22.50 66.07
C HIS D 26 24.23 23.72 66.16
N GLN D 27 23.65 24.80 66.69
CA GLN D 27 24.31 26.08 66.88
C GLN D 27 23.85 26.67 68.20
N ASN D 28 24.79 26.98 69.09
CA ASN D 28 24.48 27.63 70.36
C ASN D 28 25.67 28.50 70.75
N ALA D 29 25.62 29.04 71.97
CA ALA D 29 26.68 29.94 72.42
C ALA D 29 28.02 29.23 72.50
N GLN D 30 28.02 27.92 72.75
CA GLN D 30 29.27 27.19 72.80
C GLN D 30 29.82 26.87 71.42
N GLY D 31 29.05 27.10 70.36
CA GLY D 31 29.48 26.92 68.99
C GLY D 31 28.56 25.99 68.23
N GLU D 32 29.08 25.39 67.16
CA GLU D 32 28.32 24.53 66.28
C GLU D 32 28.85 23.10 66.35
N GLY D 33 27.96 22.15 66.14
CA GLY D 33 28.35 20.74 66.18
C GLY D 33 27.52 19.91 65.22
N THR D 34 28.09 18.78 64.81
CA THR D 34 27.40 17.85 63.92
C THR D 34 27.57 16.43 64.44
N ALA D 35 26.45 15.71 64.58
CA ALA D 35 26.47 14.32 65.02
C ALA D 35 25.46 13.53 64.20
N ALA D 36 25.73 12.24 64.03
CA ALA D 36 24.84 11.36 63.29
C ALA D 36 23.78 10.77 64.21
N ASP D 37 22.60 10.52 63.63
CA ASP D 37 21.52 9.80 64.31
C ASP D 37 21.60 8.34 63.93
N TYR D 38 21.72 7.47 64.94
CA TYR D 38 21.96 6.06 64.68
C TYR D 38 20.70 5.35 64.20
N LYS D 39 19.54 5.67 64.79
CA LYS D 39 18.32 4.91 64.53
C LYS D 39 17.87 5.05 63.07
N SER D 40 17.81 6.28 62.56
CA SER D 40 17.37 6.46 61.18
C SER D 40 18.38 5.89 60.20
N THR D 41 19.67 6.16 60.43
CA THR D 41 20.74 5.60 59.61
C THR D 41 20.63 4.08 59.53
N GLN D 42 20.48 3.43 60.69
CA GLN D 42 20.40 1.99 60.72
C GLN D 42 19.11 1.47 60.07
N SER D 43 18.02 2.23 60.16
CA SER D 43 16.78 1.81 59.51
C SER D 43 16.96 1.78 57.99
N ALA D 44 17.51 2.87 57.43
CA ALA D 44 17.71 2.90 55.98
C ALA D 44 18.71 1.84 55.54
N ILE D 45 19.84 1.72 56.26
CA ILE D 45 20.83 0.71 55.91
C ILE D 45 20.22 -0.68 55.94
N ASP D 46 19.42 -0.97 56.96
CA ASP D 46 18.80 -2.30 57.07
C ASP D 46 17.86 -2.56 55.91
N GLN D 47 17.08 -1.57 55.50
CA GLN D 47 16.13 -1.79 54.42
C GLN D 47 16.82 -1.96 53.08
N ILE D 48 17.81 -1.11 52.79
CA ILE D 48 18.54 -1.27 51.53
C ILE D 48 19.32 -2.58 51.52
N THR D 49 19.91 -2.94 52.66
CA THR D 49 20.67 -4.18 52.75
C THR D 49 19.76 -5.39 52.57
N GLY D 50 18.56 -5.35 53.16
CA GLY D 50 17.61 -6.42 52.93
C GLY D 50 17.22 -6.53 51.46
N LYS D 51 17.01 -5.39 50.80
CA LYS D 51 16.75 -5.41 49.37
C LYS D 51 17.90 -6.06 48.60
N LEU D 52 19.13 -5.71 48.97
CA LEU D 52 20.30 -6.26 48.30
C LEU D 52 20.38 -7.77 48.49
N ASN D 53 20.22 -8.24 49.74
CA ASN D 53 20.25 -9.66 50.02
C ASN D 53 19.13 -10.39 49.30
N ARG D 54 17.96 -9.75 49.16
CA ARG D 54 16.86 -10.33 48.43
C ARG D 54 17.21 -10.51 46.95
N LEU D 55 17.89 -9.52 46.36
CA LEU D 55 18.17 -9.57 44.94
C LEU D 55 19.25 -10.58 44.57
N ILE D 56 20.08 -11.00 45.52
CA ILE D 56 21.14 -11.97 45.24
C ILE D 56 20.83 -13.34 45.84
N GLU D 57 19.58 -13.58 46.20
CA GLU D 57 19.15 -14.92 46.64
C GLU D 57 19.41 -15.93 45.51
N LYS D 58 20.14 -17.00 45.82
CA LYS D 58 20.50 -17.97 44.79
C LYS D 58 19.44 -19.05 44.72
N THR D 59 18.77 -19.14 43.57
CA THR D 59 17.78 -20.19 43.26
C THR D 59 18.15 -20.73 41.88
N ASN D 60 19.14 -21.62 41.82
CA ASN D 60 19.82 -21.90 40.56
C ASN D 60 19.34 -23.22 39.94
N GLN D 61 18.43 -23.09 38.98
CA GLN D 61 18.15 -24.11 38.00
C GLN D 61 19.38 -24.34 37.13
N GLN D 62 19.68 -25.61 36.86
CA GLN D 62 20.80 -25.98 36.00
C GLN D 62 20.29 -26.18 34.58
N PHE D 63 21.02 -25.63 33.61
CA PHE D 63 20.72 -25.82 32.19
C PHE D 63 21.90 -26.45 31.49
N GLU D 64 21.61 -27.36 30.57
CA GLU D 64 22.64 -28.08 29.83
C GLU D 64 22.64 -27.66 28.36
N LEU D 65 23.66 -28.15 27.67
CA LEU D 65 23.86 -27.81 26.28
C LEU D 65 22.75 -28.42 25.42
N ILE D 66 22.27 -27.63 24.46
CA ILE D 66 21.37 -28.12 23.43
C ILE D 66 21.83 -27.71 22.04
N ASP D 67 22.93 -26.97 21.96
CA ASP D 67 23.57 -26.51 20.75
C ASP D 67 24.93 -27.16 20.67
N ASN D 68 25.67 -26.82 19.62
CA ASN D 68 26.99 -27.39 19.41
C ASN D 68 27.87 -26.32 18.78
N GLU D 69 28.96 -25.99 19.47
CA GLU D 69 29.85 -24.94 19.00
C GLU D 69 30.85 -25.44 17.96
N PHE D 70 31.10 -26.74 17.92
CA PHE D 70 32.09 -27.30 16.99
C PHE D 70 31.45 -27.89 15.75
N ASN D 71 30.30 -28.55 15.89
CA ASN D 71 29.59 -29.17 14.77
C ASN D 71 28.13 -28.74 14.81
N GLU D 72 27.79 -27.75 14.00
CA GLU D 72 26.48 -27.13 14.07
C GLU D 72 25.37 -28.17 13.90
N VAL D 73 24.31 -28.03 14.71
CA VAL D 73 23.16 -28.92 14.64
C VAL D 73 22.40 -28.65 13.35
N GLU D 74 21.43 -29.53 13.04
CA GLU D 74 20.61 -29.37 11.86
C GLU D 74 19.99 -27.97 11.84
N LYS D 75 19.79 -27.44 10.64
CA LYS D 75 19.49 -26.02 10.47
C LYS D 75 18.16 -25.64 11.11
N GLN D 76 17.09 -26.40 10.83
CA GLN D 76 15.76 -26.02 11.31
C GLN D 76 15.69 -26.02 12.82
N ILE D 77 16.16 -27.09 13.46
CA ILE D 77 16.13 -27.13 14.92
C ILE D 77 17.08 -26.07 15.50
N GLY D 78 18.18 -25.78 14.82
CA GLY D 78 19.07 -24.73 15.30
C GLY D 78 18.42 -23.36 15.26
N ASN D 79 17.63 -23.09 14.22
CA ASN D 79 16.90 -21.83 14.14
C ASN D 79 15.84 -21.74 15.22
N VAL D 80 15.12 -22.84 15.48
CA VAL D 80 14.14 -22.82 16.57
C VAL D 80 14.84 -22.53 17.90
N ILE D 81 15.96 -23.21 18.14
CA ILE D 81 16.71 -22.98 19.38
C ILE D 81 17.14 -21.53 19.50
N ASN D 82 17.70 -20.97 18.43
CA ASN D 82 18.22 -19.60 18.47
C ASN D 82 17.09 -18.60 18.69
N TRP D 83 15.95 -18.83 18.06
CA TRP D 83 14.77 -17.99 18.23
C TRP D 83 14.28 -18.03 19.67
N THR D 84 14.20 -19.24 20.25
CA THR D 84 13.79 -19.37 21.64
C THR D 84 14.77 -18.67 22.56
N ARG D 85 16.07 -18.92 22.38
CA ARG D 85 17.08 -18.33 23.25
C ARG D 85 17.06 -16.81 23.17
N ASP D 86 16.89 -16.27 21.97
CA ASP D 86 16.86 -14.82 21.84
C ASP D 86 15.61 -14.24 22.51
N SER D 87 14.49 -14.95 22.41
CA SER D 87 13.27 -14.51 23.08
C SER D 87 13.46 -14.49 24.60
N ILE D 88 14.06 -15.56 25.14
CA ILE D 88 14.31 -15.62 26.57
C ILE D 88 15.30 -14.54 26.99
N THR D 89 16.36 -14.32 26.20
CA THR D 89 17.31 -13.27 26.50
C THR D 89 16.63 -11.91 26.57
N GLU D 90 15.76 -11.62 25.61
CA GLU D 90 15.05 -10.34 25.62
C GLU D 90 14.19 -10.22 26.88
N VAL D 91 13.47 -11.29 27.23
CA VAL D 91 12.67 -11.26 28.45
C VAL D 91 13.53 -10.95 29.67
N TRP D 92 14.69 -11.60 29.79
CA TRP D 92 15.50 -11.39 31.00
C TRP D 92 16.19 -10.04 31.01
N SER D 93 16.56 -9.52 29.85
CA SER D 93 17.09 -8.16 29.77
C SER D 93 16.04 -7.15 30.21
N TYR D 94 14.80 -7.33 29.74
CA TYR D 94 13.70 -6.48 30.17
C TYR D 94 13.50 -6.58 31.68
N ASN D 95 13.49 -7.81 32.21
CA ASN D 95 13.28 -8.01 33.64
C ASN D 95 14.36 -7.32 34.44
N ALA D 96 15.61 -7.44 34.00
CA ALA D 96 16.71 -6.81 34.72
C ALA D 96 16.60 -5.28 34.69
N GLU D 97 16.31 -4.73 33.50
CA GLU D 97 16.21 -3.28 33.34
C GLU D 97 15.09 -2.71 34.22
N LEU D 98 13.89 -3.29 34.11
CA LEU D 98 12.75 -2.83 34.88
C LEU D 98 12.98 -3.02 36.37
N LEU D 99 13.51 -4.17 36.77
CA LEU D 99 13.75 -4.44 38.18
C LEU D 99 14.70 -3.41 38.77
N VAL D 100 15.81 -3.13 38.09
CA VAL D 100 16.78 -2.19 38.63
C VAL D 100 16.20 -0.78 38.68
N ALA D 101 15.43 -0.40 37.66
CA ALA D 101 14.83 0.94 37.68
C ALA D 101 13.86 1.09 38.84
N MET D 102 12.94 0.13 38.98
CA MET D 102 11.95 0.19 40.04
C MET D 102 12.61 0.17 41.43
N GLU D 103 13.56 -0.74 41.62
CA GLU D 103 14.25 -0.80 42.91
C GLU D 103 14.99 0.50 43.20
N ASN D 104 15.55 1.14 42.18
CA ASN D 104 16.26 2.39 42.42
C ASN D 104 15.30 3.51 42.81
N GLN D 105 14.17 3.63 42.09
CA GLN D 105 13.14 4.58 42.47
C GLN D 105 12.74 4.37 43.92
N HIS D 106 12.49 3.12 44.30
CA HIS D 106 12.03 2.85 45.65
C HIS D 106 13.13 3.13 46.68
N THR D 107 14.39 2.86 46.35
CA THR D 107 15.48 3.14 47.29
C THR D 107 15.60 4.63 47.57
N ILE D 108 15.57 5.43 46.50
CA ILE D 108 15.63 6.89 46.67
C ILE D 108 14.46 7.37 47.52
N ASP D 109 13.25 6.88 47.22
CA ASP D 109 12.09 7.31 47.99
C ASP D 109 12.17 6.85 49.44
N LEU D 110 12.78 5.70 49.69
CA LEU D 110 12.88 5.19 51.06
C LEU D 110 13.84 6.04 51.89
N ALA D 111 14.99 6.41 51.31
CA ALA D 111 15.90 7.29 52.05
C ALA D 111 15.25 8.64 52.33
N ASP D 112 14.57 9.18 51.32
CA ASP D 112 13.77 10.39 51.51
C ASP D 112 12.80 10.23 52.68
N SER D 113 12.12 9.08 52.72
CA SER D 113 11.15 8.82 53.78
C SER D 113 11.81 8.80 55.16
N GLU D 114 12.96 8.15 55.30
CA GLU D 114 13.61 8.08 56.61
C GLU D 114 14.07 9.46 57.08
N MET D 115 14.57 10.28 56.16
CA MET D 115 14.90 11.66 56.51
C MET D 115 13.67 12.37 57.06
N ASP D 116 12.54 12.25 56.37
CA ASP D 116 11.35 12.92 56.86
C ASP D 116 10.92 12.38 58.23
N LYS D 117 11.08 11.07 58.45
CA LYS D 117 10.69 10.49 59.75
C LYS D 117 11.53 11.08 60.88
N LEU D 118 12.83 11.25 60.63
CA LEU D 118 13.68 11.89 61.64
C LEU D 118 13.25 13.33 61.91
N TYR D 119 12.99 14.09 60.84
CA TYR D 119 12.55 15.47 60.98
C TYR D 119 11.29 15.57 61.84
N GLU D 120 10.27 14.76 61.51
CA GLU D 120 9.02 14.78 62.25
C GLU D 120 9.20 14.32 63.69
N ARG D 121 10.09 13.34 63.92
CA ARG D 121 10.39 12.92 65.27
C ARG D 121 10.89 14.09 66.12
N VAL D 122 11.85 14.84 65.59
CA VAL D 122 12.39 15.98 66.32
C VAL D 122 11.31 17.03 66.55
N LYS D 123 10.52 17.33 65.51
CA LYS D 123 9.44 18.31 65.66
C LYS D 123 8.53 17.94 66.83
N ARG D 124 8.16 16.66 66.92
CA ARG D 124 7.27 16.24 68.00
C ARG D 124 7.98 16.25 69.35
N GLN D 125 9.30 16.07 69.36
CA GLN D 125 10.04 16.23 70.61
C GLN D 125 9.94 17.67 71.11
N LEU D 126 10.11 18.64 70.21
CA LEU D 126 10.19 20.03 70.61
C LEU D 126 8.83 20.63 70.94
N ARG D 127 7.73 20.03 70.47
CA ARG D 127 6.39 20.51 70.80
C ARG D 127 6.22 21.99 70.51
N GLU D 128 5.92 22.76 71.55
CA GLU D 128 5.62 24.17 71.45
C GLU D 128 6.83 25.06 71.71
N ASN D 129 8.02 24.46 71.87
CA ASN D 129 9.22 25.18 72.24
C ASN D 129 10.07 25.62 71.05
N ALA D 130 9.65 25.30 69.82
CA ALA D 130 10.45 25.63 68.65
C ALA D 130 9.53 25.87 67.47
N GLU D 131 10.07 26.49 66.43
CA GLU D 131 9.35 26.68 65.17
C GLU D 131 10.23 26.27 64.01
N GLU D 132 9.63 25.72 62.96
CA GLU D 132 10.36 25.33 61.75
C GLU D 132 10.68 26.55 60.91
N ASP D 133 11.91 26.63 60.42
CA ASP D 133 12.27 27.73 59.51
C ASP D 133 12.04 27.36 58.04
N GLY D 134 11.73 26.11 57.74
CA GLY D 134 11.43 25.69 56.39
C GLY D 134 12.58 25.10 55.60
N THR D 135 13.78 25.05 56.18
CA THR D 135 14.96 24.49 55.52
C THR D 135 15.51 23.27 56.24
N GLY D 136 14.74 22.68 57.15
CA GLY D 136 15.21 21.57 57.95
C GLY D 136 15.73 21.94 59.32
N CYS D 137 15.68 23.22 59.71
CA CYS D 137 16.14 23.67 61.01
C CYS D 137 14.97 23.96 61.93
N PHE D 138 15.20 23.80 63.22
CA PHE D 138 14.24 24.15 64.26
C PHE D 138 14.81 25.31 65.07
N GLU D 139 14.16 26.47 64.95
CA GLU D 139 14.49 27.61 65.79
C GLU D 139 13.94 27.36 67.19
N ILE D 140 14.84 27.17 68.15
CA ILE D 140 14.48 26.87 69.53
C ILE D 140 14.40 28.18 70.30
N PHE D 141 13.27 28.42 70.94
CA PHE D 141 12.98 29.70 71.59
C PHE D 141 13.40 29.73 73.05
N HIS D 142 14.51 29.08 73.38
CA HIS D 142 15.14 29.15 74.68
C HIS D 142 16.59 28.72 74.53
N LYS D 143 17.40 29.08 75.52
CA LYS D 143 18.82 28.72 75.49
C LYS D 143 18.96 27.21 75.61
N CYS D 144 19.70 26.61 74.67
CA CYS D 144 19.85 25.16 74.62
C CYS D 144 21.34 24.85 74.51
N ASP D 145 21.97 24.53 75.65
CA ASP D 145 23.41 24.29 75.71
C ASP D 145 23.71 22.91 75.15
N ASP D 146 24.97 22.48 75.26
CA ASP D 146 25.38 21.19 74.69
C ASP D 146 24.62 20.02 75.31
N ASP D 147 24.37 20.06 76.62
CA ASP D 147 23.61 18.98 77.22
C ASP D 147 22.15 18.99 76.76
N CYS D 148 21.59 20.17 76.54
CA CYS D 148 20.24 20.28 76.02
C CYS D 148 20.18 19.71 74.60
N MET D 149 21.12 20.11 73.73
CA MET D 149 21.19 19.56 72.38
C MET D 149 21.35 18.04 72.40
N ALA D 150 22.23 17.53 73.25
CA ALA D 150 22.39 16.08 73.39
C ALA D 150 21.07 15.43 73.81
N SER D 151 20.30 16.10 74.66
CA SER D 151 19.00 15.56 75.05
C SER D 151 18.04 15.54 73.87
N ILE D 152 18.18 16.48 72.92
CA ILE D 152 17.40 16.43 71.70
C ILE D 152 17.82 15.24 70.84
N ARG D 153 19.13 15.03 70.72
CA ARG D 153 19.62 13.99 69.83
C ARG D 153 19.23 12.60 70.32
N ASN D 154 19.32 12.35 71.62
CA ASN D 154 19.04 11.02 72.15
C ASN D 154 17.64 10.90 72.75
N ASN D 155 16.73 11.81 72.37
CA ASN D 155 15.30 11.67 72.67
C ASN D 155 15.03 11.66 74.18
N THR D 156 15.69 12.56 74.90
CA THR D 156 15.41 12.76 76.31
C THR D 156 15.02 14.21 76.61
N TYR D 157 14.82 15.02 75.56
CA TYR D 157 14.43 16.41 75.74
C TYR D 157 13.01 16.48 76.29
N ASP D 158 12.87 17.06 77.47
CA ASP D 158 11.56 17.20 78.10
C ASP D 158 11.05 18.62 77.80
N HIS D 159 10.03 18.70 76.93
CA HIS D 159 9.54 20.00 76.50
C HIS D 159 8.98 20.80 77.66
N SER D 160 8.37 20.12 78.63
CA SER D 160 7.79 20.81 79.80
C SER D 160 8.81 21.66 80.52
N LYS D 161 10.04 21.16 80.66
CA LYS D 161 11.07 21.89 81.40
C LYS D 161 11.26 23.30 80.85
N TYR D 162 11.02 23.51 79.56
CA TYR D 162 11.23 24.81 78.93
C TYR D 162 9.96 25.45 78.38
N ARG D 163 8.81 24.81 78.54
CA ARG D 163 7.60 25.21 77.81
C ARG D 163 7.21 26.66 78.08
N GLU D 164 6.96 27.02 79.34
CA GLU D 164 6.46 28.36 79.65
C GLU D 164 7.42 29.45 79.16
N GLU D 165 8.72 29.26 79.41
CA GLU D 165 9.71 30.21 78.92
C GLU D 165 9.64 30.32 77.39
N ALA D 166 9.68 29.18 76.70
CA ALA D 166 9.74 29.21 75.23
C ALA D 166 8.50 29.83 74.63
N MET D 167 7.32 29.41 75.08
CA MET D 167 6.08 29.99 74.57
C MET D 167 6.00 31.48 74.88
N GLN D 168 6.56 31.91 76.02
CA GLN D 168 6.60 33.35 76.27
C GLN D 168 7.55 34.04 75.28
N ASN D 169 8.69 33.43 74.98
CA ASN D 169 9.65 34.02 74.04
C ASN D 169 9.08 34.14 72.64
N ARG D 170 8.03 33.38 72.31
CA ARG D 170 7.43 33.39 70.99
C ARG D 170 6.52 34.59 70.78
N ILE D 171 6.40 35.50 71.77
CA ILE D 171 5.62 36.74 71.62
C ILE D 171 6.53 37.97 71.72
N ASP E 1 -9.10 36.75 55.49
CA ASP E 1 -8.33 36.48 54.28
C ASP E 1 -7.74 35.08 54.28
N LYS E 2 -7.72 34.45 53.10
CA LYS E 2 -7.29 33.07 53.00
C LYS E 2 -6.63 32.83 51.65
N ILE E 3 -5.77 31.82 51.60
CA ILE E 3 -5.16 31.36 50.37
C ILE E 3 -5.30 29.84 50.32
N CYS E 4 -5.73 29.31 49.18
CA CYS E 4 -6.08 27.91 49.04
C CYS E 4 -5.20 27.25 48.00
N LEU E 5 -4.74 26.04 48.33
CA LEU E 5 -3.97 25.22 47.40
C LEU E 5 -4.89 24.27 46.66
N GLY E 6 -4.61 24.05 45.38
CA GLY E 6 -5.43 23.15 44.60
C GLY E 6 -4.69 22.66 43.38
N HIS E 7 -5.40 21.83 42.60
CA HIS E 7 -4.85 21.20 41.41
C HIS E 7 -5.88 21.30 40.30
N HIS E 8 -5.43 21.05 39.06
CA HIS E 8 -6.32 21.20 37.93
C HIS E 8 -7.18 19.94 37.75
N ALA E 9 -8.20 20.09 36.91
CA ALA E 9 -9.10 19.00 36.58
C ALA E 9 -9.74 19.30 35.24
N VAL E 10 -10.35 18.27 34.65
CA VAL E 10 -11.14 18.41 33.43
C VAL E 10 -12.48 17.73 33.69
N SER E 11 -13.46 18.09 32.86
CA SER E 11 -14.80 17.54 33.06
C SER E 11 -14.82 16.05 32.74
N ASN E 12 -14.15 15.64 31.66
CA ASN E 12 -14.11 14.24 31.23
C ASN E 12 -12.66 13.81 31.11
N GLY E 13 -12.22 12.93 32.02
CA GLY E 13 -10.88 12.39 31.98
C GLY E 13 -10.82 11.08 31.20
N THR E 14 -9.68 10.42 31.31
CA THR E 14 -9.43 9.15 30.63
C THR E 14 -9.27 8.05 31.67
N LYS E 15 -10.02 6.96 31.49
CA LYS E 15 -9.96 5.86 32.45
C LYS E 15 -8.75 4.97 32.15
N VAL E 16 -8.02 4.63 33.21
CA VAL E 16 -6.87 3.75 33.13
C VAL E 16 -6.98 2.73 34.24
N ASN E 17 -6.06 1.77 34.24
CA ASN E 17 -6.01 0.74 35.26
C ASN E 17 -4.73 0.87 36.06
N THR E 18 -4.81 0.50 37.34
CA THR E 18 -3.65 0.52 38.22
C THR E 18 -3.54 -0.84 38.91
N LEU E 19 -2.64 -0.95 39.90
CA LEU E 19 -2.51 -2.20 40.63
C LEU E 19 -3.74 -2.49 41.47
N THR E 20 -4.41 -1.45 41.97
CA THR E 20 -5.51 -1.62 42.91
C THR E 20 -6.89 -1.37 42.32
N GLU E 21 -6.98 -0.89 41.08
CA GLU E 21 -8.25 -0.40 40.59
C GLU E 21 -8.29 -0.45 39.06
N ARG E 22 -9.47 -0.74 38.53
CA ARG E 22 -9.75 -0.66 37.10
C ARG E 22 -10.58 0.58 36.82
N GLY E 23 -10.21 1.32 35.79
CA GLY E 23 -11.05 2.44 35.36
C GLY E 23 -11.02 3.66 36.26
N VAL E 24 -9.86 3.99 36.81
CA VAL E 24 -9.67 5.24 37.53
C VAL E 24 -9.44 6.35 36.52
N GLU E 25 -10.12 7.48 36.71
CA GLU E 25 -10.02 8.59 35.78
C GLU E 25 -8.80 9.44 36.09
N VAL E 26 -7.99 9.69 35.08
CA VAL E 26 -6.86 10.59 35.18
C VAL E 26 -7.03 11.70 34.16
N VAL E 27 -6.27 12.78 34.35
CA VAL E 27 -6.44 13.97 33.53
C VAL E 27 -6.04 13.70 32.08
N ASN E 28 -5.12 12.76 31.88
CA ASN E 28 -4.57 12.55 30.55
C ASN E 28 -3.94 11.17 30.51
N ALA E 29 -3.92 10.56 29.31
CA ALA E 29 -3.35 9.23 29.14
C ALA E 29 -2.90 9.09 27.69
N THR E 30 -2.12 8.04 27.43
CA THR E 30 -1.56 7.80 26.12
C THR E 30 -1.52 6.29 25.84
N GLU E 31 -1.70 5.92 24.58
CA GLU E 31 -1.77 4.52 24.18
C GLU E 31 -0.37 3.92 24.02
N THR E 32 -0.22 2.66 24.45
CA THR E 32 1.04 1.92 24.28
C THR E 32 0.93 0.76 23.29
N VAL E 33 -0.28 0.41 22.87
CA VAL E 33 -0.51 -0.74 21.99
C VAL E 33 -0.86 -0.22 20.60
N GLU E 34 -0.08 -0.64 19.60
CA GLU E 34 -0.29 -0.22 18.23
C GLU E 34 -1.32 -1.11 17.55
N ARG E 35 -2.32 -0.49 16.93
CA ARG E 35 -3.35 -1.20 16.19
C ARG E 35 -3.43 -0.84 14.72
N THR E 36 -2.68 0.17 14.26
CA THR E 36 -2.80 0.67 12.91
C THR E 36 -1.83 -0.06 11.97
N ASN E 37 -2.39 -0.72 10.95
CA ASN E 37 -1.62 -1.47 9.97
C ASN E 37 -1.63 -0.72 8.64
N ILE E 38 -0.47 -0.71 7.97
CA ILE E 38 -0.35 -0.19 6.62
C ILE E 38 -0.39 -1.38 5.64
N PRO E 39 -1.46 -1.55 4.87
CA PRO E 39 -1.64 -2.79 4.10
C PRO E 39 -0.75 -2.89 2.86
N ARG E 40 0.53 -2.55 3.01
CA ARG E 40 1.52 -2.64 1.94
C ARG E 40 2.88 -2.96 2.54
N ILE E 41 3.78 -3.47 1.69
CA ILE E 41 5.15 -3.80 2.10
C ILE E 41 5.99 -2.56 1.80
N CYS E 42 6.27 -1.76 2.82
CA CYS E 42 7.02 -0.53 2.62
C CYS E 42 8.51 -0.84 2.53
N SER E 43 9.11 -0.54 1.37
CA SER E 43 10.42 -1.06 1.02
C SER E 43 11.45 0.01 0.65
N LYS E 44 11.19 1.29 0.98
CA LYS E 44 12.18 2.32 0.72
C LYS E 44 13.49 2.01 1.43
N GLY E 45 14.60 2.19 0.72
CA GLY E 45 15.90 2.01 1.32
C GLY E 45 16.39 0.58 1.32
N LYS E 46 15.58 -0.36 0.83
CA LYS E 46 15.90 -1.77 0.84
C LYS E 46 15.82 -2.32 -0.58
N ARG E 47 16.89 -2.95 -1.03
CA ARG E 47 16.85 -3.74 -2.26
C ARG E 47 15.81 -4.86 -2.05
N THR E 48 14.66 -4.74 -2.70
CA THR E 48 13.53 -5.63 -2.49
C THR E 48 13.30 -6.48 -3.73
N VAL E 49 13.10 -7.79 -3.53
CA VAL E 49 12.78 -8.73 -4.59
C VAL E 49 11.42 -9.36 -4.28
N ASP E 50 10.46 -9.13 -5.16
CA ASP E 50 9.14 -9.76 -5.06
C ASP E 50 9.16 -10.99 -5.96
N LEU E 51 9.30 -12.17 -5.35
CA LEU E 51 9.54 -13.41 -6.07
C LEU E 51 8.36 -13.80 -6.95
N GLY E 52 7.16 -13.34 -6.64
CA GLY E 52 6.01 -13.61 -7.50
C GLY E 52 5.76 -15.09 -7.65
N GLN E 53 5.82 -15.56 -8.89
CA GLN E 53 5.58 -16.96 -9.18
C GLN E 53 6.81 -17.83 -8.97
N CYS E 54 7.98 -17.24 -8.75
CA CYS E 54 9.17 -18.02 -8.44
C CYS E 54 9.14 -18.44 -6.98
N GLY E 55 9.14 -19.74 -6.72
CA GLY E 55 9.38 -20.22 -5.38
C GLY E 55 10.84 -20.00 -5.02
N LEU E 56 11.09 -19.67 -3.75
CA LEU E 56 12.43 -19.30 -3.33
C LEU E 56 13.44 -20.41 -3.64
N LEU E 57 13.07 -21.66 -3.37
CA LEU E 57 13.99 -22.77 -3.62
C LEU E 57 14.30 -22.92 -5.11
N GLY E 58 13.35 -22.54 -5.96
CA GLY E 58 13.59 -22.57 -7.40
C GLY E 58 14.76 -21.71 -7.83
N THR E 59 15.06 -20.64 -7.09
CA THR E 59 16.21 -19.82 -7.45
C THR E 59 17.48 -20.64 -7.49
N ILE E 60 17.50 -21.81 -6.84
CA ILE E 60 18.67 -22.67 -6.83
C ILE E 60 18.69 -23.59 -8.04
N THR E 61 17.53 -24.09 -8.45
CA THR E 61 17.49 -25.06 -9.54
C THR E 61 17.13 -24.44 -10.88
N GLY E 62 16.29 -23.40 -10.86
CA GLY E 62 16.02 -22.57 -12.01
C GLY E 62 14.96 -23.07 -12.96
N PRO E 63 13.74 -23.33 -12.47
CA PRO E 63 12.63 -23.54 -13.40
C PRO E 63 12.33 -22.23 -14.10
N PRO E 64 11.54 -22.26 -15.18
CA PRO E 64 11.36 -21.03 -15.97
C PRO E 64 10.89 -19.82 -15.17
N GLN E 65 9.93 -19.99 -14.27
CA GLN E 65 9.42 -18.85 -13.52
C GLN E 65 10.50 -18.17 -12.68
N CYS E 66 11.69 -18.77 -12.56
CA CYS E 66 12.75 -18.19 -11.75
C CYS E 66 13.92 -17.69 -12.58
N ASP E 67 13.76 -17.62 -13.91
CA ASP E 67 14.91 -17.28 -14.74
C ASP E 67 15.50 -15.92 -14.37
N GLN E 68 14.67 -14.97 -13.93
CA GLN E 68 15.16 -13.64 -13.60
C GLN E 68 15.81 -13.55 -12.22
N PHE E 69 15.78 -14.63 -11.43
CA PHE E 69 16.28 -14.59 -10.05
C PHE E 69 17.40 -15.59 -9.80
N LEU E 70 18.03 -16.13 -10.85
CA LEU E 70 19.04 -17.18 -10.66
C LEU E 70 20.24 -16.69 -9.87
N GLU E 71 20.50 -15.39 -9.89
CA GLU E 71 21.60 -14.81 -9.13
C GLU E 71 21.15 -13.53 -8.45
N PHE E 72 19.94 -13.55 -7.89
CA PHE E 72 19.34 -12.34 -7.35
C PHE E 72 20.14 -11.82 -6.16
N SER E 73 19.89 -10.56 -5.85
CA SER E 73 20.50 -9.87 -4.71
C SER E 73 19.42 -9.04 -4.06
N ALA E 74 19.32 -9.10 -2.74
CA ALA E 74 18.21 -8.41 -2.07
C ALA E 74 18.53 -8.21 -0.59
N ASP E 75 17.93 -7.16 -0.03
CA ASP E 75 17.84 -6.96 1.41
C ASP E 75 16.53 -7.49 1.98
N LEU E 76 15.45 -7.44 1.20
CA LEU E 76 14.15 -7.95 1.59
C LEU E 76 13.66 -8.90 0.51
N ILE E 77 13.26 -10.09 0.90
CA ILE E 77 12.75 -11.12 -0.01
C ILE E 77 11.28 -11.34 0.31
N ILE E 78 10.44 -11.29 -0.71
CA ILE E 78 9.00 -11.45 -0.55
C ILE E 78 8.57 -12.72 -1.27
N GLU E 79 8.04 -13.67 -0.51
CA GLU E 79 7.43 -14.86 -1.09
C GLU E 79 5.94 -14.64 -1.27
N ARG E 80 5.41 -15.19 -2.36
CA ARG E 80 4.00 -15.11 -2.69
C ARG E 80 3.37 -16.49 -2.67
N ARG E 81 2.06 -16.53 -2.46
CA ARG E 81 1.38 -17.82 -2.37
C ARG E 81 1.46 -18.59 -3.68
N GLU E 82 1.58 -17.90 -4.82
CA GLU E 82 1.63 -18.55 -6.13
C GLU E 82 3.03 -19.01 -6.52
N GLY E 83 4.03 -18.80 -5.67
CA GLY E 83 5.37 -19.23 -6.01
C GLY E 83 5.46 -20.75 -6.06
N SER E 84 6.22 -21.24 -7.02
CA SER E 84 6.46 -22.67 -7.16
C SER E 84 7.95 -22.92 -7.32
N ASP E 85 8.47 -23.90 -6.57
CA ASP E 85 9.88 -24.24 -6.65
C ASP E 85 10.20 -25.10 -7.87
N VAL E 86 9.18 -25.68 -8.51
CA VAL E 86 9.41 -26.74 -9.49
C VAL E 86 8.68 -26.41 -10.78
N CYS E 87 9.09 -27.09 -11.84
CA CYS E 87 8.34 -27.17 -13.09
C CYS E 87 7.93 -28.60 -13.39
N TYR E 88 8.89 -29.50 -13.57
CA TYR E 88 8.60 -30.92 -13.53
C TYR E 88 8.14 -31.29 -12.13
N PRO E 89 7.09 -32.11 -12.00
CA PRO E 89 6.54 -32.35 -10.66
C PRO E 89 7.56 -32.96 -9.72
N GLY E 90 7.49 -32.58 -8.45
CA GLY E 90 8.43 -33.01 -7.45
C GLY E 90 8.41 -32.04 -6.27
N LYS E 91 9.44 -32.15 -5.44
CA LYS E 91 9.56 -31.32 -4.25
C LYS E 91 11.00 -31.38 -3.73
N PHE E 92 11.37 -30.40 -2.93
CA PHE E 92 12.61 -30.48 -2.17
C PHE E 92 12.42 -31.30 -0.90
N VAL E 93 13.48 -31.99 -0.51
CA VAL E 93 13.58 -32.61 0.81
C VAL E 93 14.23 -31.59 1.75
N ASN E 94 13.76 -31.54 2.99
CA ASN E 94 14.17 -30.52 3.95
C ASN E 94 14.02 -29.12 3.38
N GLU E 95 12.81 -28.83 2.88
CA GLU E 95 12.59 -27.58 2.17
C GLU E 95 12.61 -26.39 3.10
N GLU E 96 12.05 -26.52 4.31
CA GLU E 96 11.88 -25.35 5.17
C GLU E 96 13.22 -24.87 5.69
N ALA E 97 14.14 -25.79 6.00
CA ALA E 97 15.49 -25.41 6.39
C ALA E 97 16.15 -24.59 5.29
N LEU E 98 16.04 -25.04 4.05
CA LEU E 98 16.66 -24.32 2.93
C LEU E 98 15.99 -22.96 2.72
N ARG E 99 14.66 -22.88 2.86
CA ARG E 99 13.99 -21.59 2.79
C ARG E 99 14.53 -20.64 3.85
N GLN E 100 14.72 -21.12 5.07
CA GLN E 100 15.23 -20.26 6.12
C GLN E 100 16.67 -19.85 5.85
N ILE E 101 17.47 -20.73 5.23
CA ILE E 101 18.82 -20.33 4.84
C ILE E 101 18.77 -19.22 3.81
N LEU E 102 17.90 -19.36 2.79
CA LEU E 102 17.88 -18.42 1.68
C LEU E 102 17.20 -17.11 2.00
N ARG E 103 16.29 -17.07 2.98
CA ARG E 103 15.63 -15.81 3.34
C ARG E 103 16.62 -14.81 3.90
N GLU E 104 17.69 -15.27 4.54
CA GLU E 104 18.68 -14.40 5.15
C GLU E 104 19.98 -14.35 4.36
N SER E 105 19.99 -14.87 3.13
CA SER E 105 21.23 -15.00 2.37
C SER E 105 21.66 -13.69 1.73
N GLY E 106 20.74 -12.75 1.52
CA GLY E 106 21.03 -11.59 0.71
C GLY E 106 21.05 -11.86 -0.76
N GLY E 107 20.65 -13.04 -1.18
CA GLY E 107 20.75 -13.47 -2.57
C GLY E 107 21.84 -14.52 -2.72
N ILE E 108 21.93 -15.03 -3.95
CA ILE E 108 22.84 -16.11 -4.28
C ILE E 108 23.70 -15.72 -5.46
N ASP E 109 24.91 -16.26 -5.50
CA ASP E 109 25.87 -16.07 -6.57
C ASP E 109 26.28 -17.45 -7.07
N LYS E 110 26.04 -17.72 -8.35
CA LYS E 110 26.27 -19.05 -8.92
C LYS E 110 27.69 -19.21 -9.45
N GLU E 111 28.17 -20.46 -9.45
CA GLU E 111 29.48 -20.80 -9.97
C GLU E 111 29.43 -22.18 -10.61
N ALA E 112 30.01 -22.30 -11.80
CA ALA E 112 30.02 -23.59 -12.49
C ALA E 112 30.73 -24.63 -11.64
N MET E 113 30.18 -25.84 -11.60
CA MET E 113 30.83 -26.92 -10.87
C MET E 113 31.77 -27.74 -11.76
N GLY E 114 31.69 -27.56 -13.08
CA GLY E 114 32.68 -28.11 -13.99
C GLY E 114 32.53 -29.57 -14.32
N PHE E 115 31.32 -30.13 -14.20
CA PHE E 115 31.10 -31.52 -14.55
C PHE E 115 31.03 -31.65 -16.07
N THR E 116 31.81 -32.58 -16.61
CA THR E 116 31.72 -32.94 -18.02
C THR E 116 31.42 -34.43 -18.12
N TYR E 117 30.74 -34.82 -19.19
CA TYR E 117 30.26 -36.18 -19.32
C TYR E 117 30.63 -36.75 -20.68
N SER E 118 30.78 -38.07 -20.73
CA SER E 118 31.00 -38.78 -21.97
C SER E 118 30.31 -40.14 -21.88
N GLY E 119 29.74 -40.58 -23.00
CA GLY E 119 29.06 -41.85 -23.01
C GLY E 119 27.62 -41.81 -22.54
N ILE E 120 27.08 -40.62 -22.31
CA ILE E 120 25.70 -40.42 -21.89
C ILE E 120 25.15 -39.19 -22.58
N ARG E 121 23.81 -39.05 -22.54
CA ARG E 121 23.15 -37.80 -22.87
C ARG E 121 23.09 -36.89 -21.66
N THR E 122 23.12 -35.59 -21.92
CA THR E 122 23.01 -34.58 -20.87
C THR E 122 21.85 -33.62 -21.13
N ASN E 123 21.05 -33.87 -22.16
CA ASN E 123 20.03 -32.94 -22.65
C ASN E 123 18.62 -33.43 -22.35
N GLY E 124 18.43 -34.06 -21.19
CA GLY E 124 17.10 -34.43 -20.74
C GLY E 124 16.20 -33.21 -20.69
N ALA E 125 14.99 -33.35 -21.22
CA ALA E 125 14.06 -32.24 -21.32
C ALA E 125 12.66 -32.72 -21.03
N THR E 126 11.77 -31.78 -20.70
CA THR E 126 10.38 -32.12 -20.42
C THR E 126 9.50 -30.96 -20.86
N SER E 127 8.26 -31.30 -21.20
CA SER E 127 7.27 -30.29 -21.57
C SER E 127 6.70 -29.56 -20.37
N ALA E 128 7.07 -29.95 -19.15
CA ALA E 128 6.66 -29.22 -17.96
C ALA E 128 7.54 -28.00 -17.70
N CYS E 129 8.74 -27.96 -18.24
CA CYS E 129 9.65 -26.82 -18.11
C CYS E 129 9.82 -26.18 -19.49
N ARG E 130 8.93 -25.25 -19.82
CA ARG E 130 8.85 -24.69 -21.16
C ARG E 130 9.64 -23.38 -21.25
N ARG E 131 10.61 -23.33 -22.15
CA ARG E 131 11.30 -22.09 -22.56
C ARG E 131 11.40 -22.08 -24.08
N SER E 132 10.35 -21.61 -24.75
CA SER E 132 10.27 -21.63 -26.21
C SER E 132 10.28 -23.06 -26.76
N GLY E 133 10.31 -24.04 -25.86
CA GLY E 133 10.20 -25.44 -26.21
C GLY E 133 10.35 -26.26 -24.95
N SER E 134 10.37 -27.57 -25.11
CA SER E 134 10.66 -28.43 -23.97
C SER E 134 12.06 -28.13 -23.46
N SER E 135 12.17 -27.93 -22.15
CA SER E 135 13.45 -27.54 -21.56
C SER E 135 13.55 -28.20 -20.19
N PHE E 136 14.45 -27.68 -19.35
CA PHE E 136 14.71 -28.28 -18.05
C PHE E 136 15.15 -27.16 -17.10
N TYR E 137 15.49 -27.55 -15.88
CA TYR E 137 15.99 -26.59 -14.90
C TYR E 137 17.30 -25.98 -15.38
N ALA E 138 17.35 -24.65 -15.38
CA ALA E 138 18.49 -23.95 -15.96
C ALA E 138 19.81 -24.27 -15.26
N GLU E 139 19.75 -24.71 -14.01
CA GLU E 139 20.97 -25.00 -13.25
C GLU E 139 21.29 -26.47 -13.16
N MET E 140 20.46 -27.34 -13.75
CA MET E 140 20.67 -28.77 -13.64
C MET E 140 20.75 -29.41 -15.02
N LYS E 141 21.17 -30.67 -15.04
CA LYS E 141 21.24 -31.44 -16.27
C LYS E 141 20.65 -32.82 -16.01
N TRP E 142 19.69 -33.21 -16.85
CA TRP E 142 19.05 -34.52 -16.74
C TRP E 142 19.88 -35.51 -17.53
N LEU E 143 20.69 -36.31 -16.82
CA LEU E 143 21.59 -37.26 -17.48
C LEU E 143 20.83 -38.52 -17.84
N LEU E 144 20.95 -38.92 -19.11
CA LEU E 144 20.26 -40.09 -19.64
C LEU E 144 21.26 -41.02 -20.34
N SER E 145 20.83 -42.26 -20.58
CA SER E 145 21.62 -43.14 -21.42
C SER E 145 21.58 -42.64 -22.88
N ASN E 146 22.62 -43.02 -23.63
CA ASN E 146 22.75 -42.54 -25.01
C ASN E 146 21.58 -42.98 -25.88
N THR E 147 21.06 -44.18 -25.65
CA THR E 147 19.94 -44.72 -26.41
C THR E 147 19.05 -45.50 -25.45
N ASP E 148 17.82 -45.77 -25.89
CA ASP E 148 16.84 -46.47 -25.06
C ASP E 148 17.40 -47.80 -24.56
N ASN E 149 17.25 -48.03 -23.25
CA ASN E 149 17.63 -49.24 -22.52
C ASN E 149 19.13 -49.47 -22.47
N ALA E 150 19.93 -48.54 -22.99
CA ALA E 150 21.38 -48.67 -22.91
C ALA E 150 21.85 -48.56 -21.47
N ALA E 151 22.96 -49.21 -21.17
CA ALA E 151 23.50 -49.19 -19.82
C ALA E 151 24.07 -47.81 -19.51
N PHE E 152 23.79 -47.32 -18.30
CA PHE E 152 24.33 -46.04 -17.85
C PHE E 152 25.66 -46.29 -17.16
N PRO E 153 26.76 -45.69 -17.62
CA PRO E 153 28.06 -45.98 -17.02
C PRO E 153 28.13 -45.48 -15.59
N GLN E 154 28.77 -46.27 -14.73
CA GLN E 154 29.04 -45.83 -13.37
C GLN E 154 29.95 -44.61 -13.42
N MET E 155 29.58 -43.56 -12.71
CA MET E 155 30.31 -42.31 -12.78
C MET E 155 30.56 -41.74 -11.40
N THR E 156 31.63 -40.95 -11.32
CA THR E 156 32.03 -40.24 -10.11
C THR E 156 32.36 -38.81 -10.51
N LYS E 157 31.69 -37.84 -9.88
CA LYS E 157 31.93 -36.43 -10.15
C LYS E 157 32.21 -35.74 -8.83
N SER E 158 33.28 -34.97 -8.77
CA SER E 158 33.64 -34.26 -7.55
C SER E 158 33.73 -32.76 -7.80
N TYR E 159 33.44 -31.98 -6.75
CA TYR E 159 33.55 -30.53 -6.80
C TYR E 159 34.12 -30.03 -5.48
N LYS E 160 35.16 -29.20 -5.55
CA LYS E 160 35.79 -28.62 -4.37
C LYS E 160 35.42 -27.15 -4.24
N ASN E 161 34.94 -26.76 -3.07
CA ASN E 161 34.60 -25.37 -2.77
C ASN E 161 35.89 -24.62 -2.44
N THR E 162 36.35 -23.79 -3.37
CA THR E 162 37.59 -23.04 -3.19
C THR E 162 37.37 -21.66 -2.58
N ARG E 163 36.13 -21.32 -2.23
CA ARG E 163 35.80 -20.01 -1.70
C ARG E 163 35.79 -20.05 -0.18
N LYS E 164 35.53 -18.90 0.44
CA LYS E 164 35.67 -18.74 1.88
C LYS E 164 34.35 -18.85 2.63
N SER E 165 33.25 -19.13 1.94
CA SER E 165 31.94 -19.34 2.53
C SER E 165 31.40 -20.67 2.06
N PRO E 166 30.48 -21.27 2.81
CA PRO E 166 29.93 -22.56 2.39
C PRO E 166 29.14 -22.43 1.09
N ALA E 167 29.24 -23.47 0.27
CA ALA E 167 28.56 -23.56 -1.02
C ALA E 167 27.29 -24.39 -0.87
N LEU E 168 26.18 -23.88 -1.39
CA LEU E 168 24.94 -24.62 -1.41
C LEU E 168 24.93 -25.55 -2.63
N ILE E 169 24.90 -26.87 -2.38
CA ILE E 169 24.96 -27.90 -3.41
C ILE E 169 23.61 -28.61 -3.47
N VAL E 170 23.06 -28.73 -4.68
CA VAL E 170 21.76 -29.34 -4.89
C VAL E 170 21.85 -30.40 -5.99
N TRP E 171 21.16 -31.52 -5.79
CA TRP E 171 21.02 -32.54 -6.82
C TRP E 171 19.60 -33.07 -6.81
N GLY E 172 19.26 -33.88 -7.80
CA GLY E 172 17.92 -34.42 -7.91
C GLY E 172 17.93 -35.90 -8.18
N ILE E 173 16.88 -36.56 -7.70
CA ILE E 173 16.60 -37.96 -7.96
C ILE E 173 15.32 -38.06 -8.77
N HIS E 174 15.38 -38.78 -9.89
CA HIS E 174 14.25 -38.98 -10.78
C HIS E 174 13.56 -40.29 -10.42
N HIS E 175 12.28 -40.22 -10.15
CA HIS E 175 11.44 -41.38 -9.85
C HIS E 175 10.54 -41.61 -11.06
N SER E 176 10.84 -42.66 -11.81
CA SER E 176 10.11 -43.02 -13.01
C SER E 176 8.75 -43.61 -12.66
N VAL E 177 7.88 -43.66 -13.66
CA VAL E 177 6.56 -44.22 -13.46
C VAL E 177 6.61 -45.76 -13.34
N SER E 178 7.69 -46.39 -13.82
CA SER E 178 7.77 -47.85 -13.78
C SER E 178 9.21 -48.30 -13.95
N THR E 179 9.46 -49.57 -13.60
CA THR E 179 10.78 -50.16 -13.83
C THR E 179 11.12 -50.21 -15.32
N ALA E 180 10.12 -50.40 -16.18
CA ALA E 180 10.37 -50.39 -17.62
C ALA E 180 10.81 -49.01 -18.11
N GLU E 181 10.20 -47.95 -17.58
CA GLU E 181 10.61 -46.61 -17.98
C GLU E 181 12.00 -46.29 -17.43
N GLN E 182 12.26 -46.69 -16.18
CA GLN E 182 13.58 -46.46 -15.60
C GLN E 182 14.65 -47.17 -16.42
N THR E 183 14.36 -48.41 -16.85
CA THR E 183 15.29 -49.14 -17.70
C THR E 183 15.43 -48.45 -19.06
N LYS E 184 14.31 -47.96 -19.63
CA LYS E 184 14.39 -47.25 -20.89
C LYS E 184 15.31 -46.03 -20.80
N LEU E 185 15.31 -45.35 -19.65
CA LEU E 185 16.06 -44.12 -19.50
C LEU E 185 17.51 -44.33 -19.06
N TYR E 186 17.76 -45.30 -18.18
CA TYR E 186 19.07 -45.47 -17.56
C TYR E 186 19.61 -46.89 -17.65
N GLY E 187 18.91 -47.81 -18.30
CA GLY E 187 19.33 -49.19 -18.30
C GLY E 187 18.78 -49.95 -17.09
N SER E 188 18.76 -51.27 -17.23
CA SER E 188 18.16 -52.11 -16.20
C SER E 188 19.06 -52.18 -14.97
N GLY E 189 18.49 -52.69 -13.88
CA GLY E 189 19.22 -52.93 -12.65
C GLY E 189 18.98 -51.85 -11.61
N ASN E 190 19.50 -52.11 -10.41
CA ASN E 190 19.36 -51.18 -9.31
C ASN E 190 20.16 -49.91 -9.58
N LYS E 191 19.58 -48.78 -9.17
CA LYS E 191 20.22 -47.48 -9.35
C LYS E 191 20.55 -46.91 -7.98
N LEU E 192 21.72 -46.28 -7.90
CA LEU E 192 22.25 -45.78 -6.64
C LEU E 192 22.96 -44.46 -6.85
N VAL E 193 22.73 -43.54 -5.93
CA VAL E 193 23.44 -42.27 -5.88
C VAL E 193 24.01 -42.11 -4.48
N THR E 194 25.32 -42.03 -4.37
CA THR E 194 25.97 -41.75 -3.09
C THR E 194 26.50 -40.32 -3.14
N VAL E 195 26.31 -39.59 -2.04
CA VAL E 195 26.76 -38.22 -1.90
C VAL E 195 27.57 -38.13 -0.62
N GLY E 196 28.79 -37.59 -0.72
CA GLY E 196 29.65 -37.50 0.43
C GLY E 196 30.48 -36.23 0.46
N SER E 197 30.71 -35.75 1.67
CA SER E 197 31.68 -34.69 1.93
C SER E 197 32.43 -35.09 3.19
N SER E 198 33.06 -34.11 3.85
CA SER E 198 33.79 -34.39 5.08
C SER E 198 32.88 -34.52 6.29
N ASN E 199 31.68 -33.93 6.23
CA ASN E 199 30.73 -34.04 7.33
C ASN E 199 29.37 -34.53 6.87
N TYR E 200 29.30 -35.11 5.67
CA TYR E 200 28.05 -35.58 5.10
C TYR E 200 28.30 -36.89 4.36
N GLN E 201 27.39 -37.84 4.56
CA GLN E 201 27.36 -39.08 3.79
C GLN E 201 25.91 -39.55 3.76
N GLN E 202 25.34 -39.69 2.55
CA GLN E 202 23.97 -40.14 2.40
C GLN E 202 23.82 -40.82 1.04
N SER E 203 22.86 -41.74 0.98
CA SER E 203 22.59 -42.50 -0.23
C SER E 203 21.15 -42.30 -0.64
N PHE E 204 20.90 -42.41 -1.94
CA PHE E 204 19.59 -42.18 -2.52
C PHE E 204 19.37 -43.22 -3.59
N VAL E 205 18.18 -43.83 -3.56
CA VAL E 205 17.77 -44.81 -4.55
C VAL E 205 16.45 -44.32 -5.15
N PRO E 206 16.28 -44.35 -6.46
CA PRO E 206 15.00 -43.96 -7.06
C PRO E 206 13.90 -44.94 -6.67
N SER E 207 12.66 -44.45 -6.71
CA SER E 207 11.50 -45.23 -6.30
C SER E 207 10.52 -45.30 -7.49
N PRO E 208 10.82 -46.12 -8.50
CA PRO E 208 9.90 -46.22 -9.64
C PRO E 208 8.61 -46.92 -9.26
N GLY E 209 7.50 -46.47 -9.84
CA GLY E 209 6.20 -47.00 -9.52
C GLY E 209 5.12 -46.08 -10.03
N ALA E 210 3.89 -46.62 -10.09
CA ALA E 210 2.77 -45.85 -10.61
C ALA E 210 2.27 -44.86 -9.56
N ARG E 211 2.02 -43.64 -9.98
CA ARG E 211 1.44 -42.60 -9.14
C ARG E 211 0.54 -41.71 -9.99
N PRO E 212 -0.32 -40.91 -9.36
CA PRO E 212 -1.19 -40.01 -10.13
C PRO E 212 -0.42 -39.03 -10.99
N GLN E 213 -1.02 -38.66 -12.11
CA GLN E 213 -0.45 -37.68 -13.02
C GLN E 213 -0.57 -36.27 -12.43
N VAL E 214 0.53 -35.55 -12.39
CA VAL E 214 0.55 -34.14 -12.03
C VAL E 214 0.90 -33.38 -13.30
N ASN E 215 -0.06 -32.56 -13.78
CA ASN E 215 0.07 -31.86 -15.07
C ASN E 215 0.29 -32.86 -16.22
N GLY E 216 -0.35 -34.02 -16.13
CA GLY E 216 -0.23 -35.03 -17.16
C GLY E 216 0.95 -35.97 -17.03
N LEU E 217 1.83 -35.75 -16.05
CA LEU E 217 3.04 -36.54 -15.89
C LEU E 217 3.00 -37.25 -14.55
N SER E 218 3.44 -38.50 -14.52
CA SER E 218 3.50 -39.27 -13.30
C SER E 218 4.90 -39.43 -12.74
N GLY E 219 5.93 -38.98 -13.44
CA GLY E 219 7.25 -39.02 -12.87
C GLY E 219 7.46 -37.91 -11.86
N ARG E 220 8.52 -38.03 -11.08
CA ARG E 220 8.86 -36.98 -10.12
C ARG E 220 10.35 -36.74 -10.14
N ILE E 221 10.76 -35.53 -9.76
CA ILE E 221 12.15 -35.25 -9.47
C ILE E 221 12.17 -34.58 -8.10
N ASP E 222 12.78 -35.23 -7.12
CA ASP E 222 12.94 -34.64 -5.81
C ASP E 222 14.35 -34.12 -5.64
N PHE E 223 14.48 -32.88 -5.18
CA PHE E 223 15.76 -32.23 -4.98
C PHE E 223 16.24 -32.32 -3.54
N HIS E 224 17.53 -32.62 -3.37
CA HIS E 224 18.24 -32.72 -2.11
C HIS E 224 19.39 -31.73 -2.10
N TRP E 225 19.83 -31.35 -0.91
CA TRP E 225 20.84 -30.31 -0.82
C TRP E 225 21.75 -30.53 0.38
N LEU E 226 22.93 -29.91 0.32
CA LEU E 226 23.86 -29.85 1.45
C LEU E 226 24.66 -28.56 1.35
N MET E 227 25.22 -28.15 2.50
CA MET E 227 26.17 -27.03 2.57
C MET E 227 27.60 -27.56 2.64
N LEU E 228 28.43 -27.17 1.67
CA LEU E 228 29.82 -27.62 1.55
C LEU E 228 30.78 -26.58 2.11
N ASN E 229 31.53 -26.96 3.14
CA ASN E 229 32.45 -26.03 3.79
C ASN E 229 33.66 -25.70 2.89
N PRO E 230 34.33 -24.58 3.16
CA PRO E 230 35.54 -24.22 2.40
C PRO E 230 36.61 -25.32 2.48
N ASN E 231 37.31 -25.52 1.34
CA ASN E 231 38.31 -26.57 1.12
C ASN E 231 37.70 -27.96 1.16
N ASP E 232 36.42 -28.06 1.45
CA ASP E 232 35.81 -29.37 1.44
C ASP E 232 35.32 -29.72 0.04
N THR E 233 35.23 -31.01 -0.23
CA THR E 233 34.84 -31.54 -1.53
C THR E 233 33.57 -32.36 -1.38
N VAL E 234 32.69 -32.25 -2.37
CA VAL E 234 31.51 -33.09 -2.48
C VAL E 234 31.74 -34.07 -3.63
N THR E 235 31.38 -35.34 -3.40
CA THR E 235 31.53 -36.38 -4.41
C THR E 235 30.19 -37.08 -4.61
N PHE E 236 29.76 -37.17 -5.87
CA PHE E 236 28.58 -37.90 -6.29
C PHE E 236 29.02 -39.14 -7.05
N SER E 237 28.51 -40.31 -6.64
CA SER E 237 28.73 -41.57 -7.34
C SER E 237 27.38 -42.10 -7.79
N PHE E 238 27.20 -42.28 -9.09
CA PHE E 238 25.86 -42.57 -9.58
C PHE E 238 25.92 -43.42 -10.85
N ASN E 239 24.84 -44.16 -11.10
CA ASN E 239 24.68 -44.98 -12.29
C ASN E 239 23.31 -44.77 -12.93
N GLY E 240 22.66 -43.65 -12.67
CA GLY E 240 21.38 -43.37 -13.29
C GLY E 240 20.42 -42.68 -12.34
N ALA E 241 19.26 -42.25 -12.87
CA ALA E 241 18.21 -41.61 -12.09
C ALA E 241 18.74 -40.40 -11.31
N PHE E 242 19.74 -39.73 -11.86
CA PHE E 242 20.45 -38.66 -11.18
C PHE E 242 20.32 -37.39 -12.00
N ILE E 243 19.82 -36.33 -11.34
CA ILE E 243 19.72 -35.00 -11.92
C ILE E 243 20.91 -34.20 -11.43
N ALA E 244 21.88 -33.97 -12.31
CA ALA E 244 23.15 -33.42 -11.86
C ALA E 244 23.07 -31.90 -11.74
N PRO E 245 23.81 -31.32 -10.79
CA PRO E 245 23.92 -29.86 -10.75
C PRO E 245 24.96 -29.37 -11.74
N ASP E 246 24.69 -28.22 -12.34
CA ASP E 246 25.65 -27.55 -13.20
C ASP E 246 26.39 -26.45 -12.47
N ARG E 247 25.73 -25.77 -11.54
CA ARG E 247 26.34 -24.69 -10.76
C ARG E 247 26.00 -24.86 -9.29
N ALA E 248 26.88 -24.35 -8.44
CA ALA E 248 26.69 -24.22 -7.01
C ALA E 248 26.36 -22.77 -6.65
N SER E 249 25.78 -22.57 -5.47
CA SER E 249 25.38 -21.26 -5.01
C SER E 249 26.19 -20.82 -3.79
N PHE E 250 26.45 -19.53 -3.70
CA PHE E 250 27.07 -18.93 -2.53
C PHE E 250 26.19 -17.79 -2.06
N LEU E 251 26.09 -17.63 -0.74
CA LEU E 251 25.24 -16.59 -0.18
C LEU E 251 25.95 -15.24 -0.25
N ARG E 252 25.20 -14.19 -0.65
CA ARG E 252 25.80 -12.88 -0.91
C ARG E 252 26.12 -12.14 0.37
N GLY E 253 25.18 -12.09 1.31
CA GLY E 253 25.39 -11.38 2.55
C GLY E 253 24.29 -11.61 3.56
N LYS E 254 23.46 -10.59 3.78
CA LYS E 254 22.39 -10.67 4.76
C LYS E 254 21.10 -10.13 4.15
N SER E 255 19.98 -10.66 4.63
CA SER E 255 18.68 -10.18 4.22
C SER E 255 17.66 -10.73 5.19
N MET E 256 16.39 -10.38 4.96
CA MET E 256 15.29 -11.00 5.69
C MET E 256 14.19 -11.33 4.70
N GLY E 257 13.45 -12.38 5.01
CA GLY E 257 12.38 -12.85 4.14
C GLY E 257 11.04 -12.82 4.83
N ILE E 258 10.00 -12.46 4.08
CA ILE E 258 8.64 -12.45 4.57
C ILE E 258 7.77 -13.17 3.55
N GLN E 259 6.55 -13.49 3.98
CA GLN E 259 5.50 -14.04 3.13
C GLN E 259 4.32 -13.08 3.19
N SER E 260 3.97 -12.51 2.04
CA SER E 260 2.98 -11.44 2.02
C SER E 260 1.98 -11.65 0.89
N GLY E 261 0.82 -11.04 1.05
CA GLY E 261 -0.19 -11.04 0.01
C GLY E 261 -0.65 -9.65 -0.39
N VAL E 262 0.16 -8.64 -0.10
CA VAL E 262 -0.18 -7.26 -0.40
C VAL E 262 0.95 -6.64 -1.21
N GLN E 263 0.62 -5.57 -1.93
CA GLN E 263 1.55 -5.00 -2.90
C GLN E 263 2.72 -4.32 -2.21
N VAL E 264 3.74 -4.02 -3.01
CA VAL E 264 4.94 -3.33 -2.57
C VAL E 264 4.75 -1.84 -2.79
N ASP E 265 5.23 -1.05 -1.84
CA ASP E 265 5.17 0.41 -1.91
C ASP E 265 6.59 0.92 -1.70
N ALA E 266 7.24 1.35 -2.78
CA ALA E 266 8.57 1.92 -2.70
C ALA E 266 8.57 3.38 -2.29
N ASN E 267 7.47 3.88 -1.72
CA ASN E 267 7.39 5.26 -1.28
C ASN E 267 7.15 5.43 0.21
N CYS E 268 6.90 4.35 0.95
CA CYS E 268 6.91 4.36 2.41
C CYS E 268 8.05 3.48 2.89
N GLU E 269 8.59 3.81 4.05
CA GLU E 269 9.73 3.09 4.62
C GLU E 269 9.31 2.46 5.94
N GLY E 270 9.67 1.19 6.13
CA GLY E 270 9.31 0.47 7.33
C GLY E 270 10.34 -0.59 7.67
N ASP E 271 10.22 -1.14 8.87
CA ASP E 271 11.15 -2.16 9.33
C ASP E 271 10.48 -3.35 10.00
N CYS E 272 9.15 -3.39 10.06
CA CYS E 272 8.42 -4.48 10.70
C CYS E 272 7.32 -4.91 9.75
N TYR E 273 7.38 -6.16 9.29
CA TYR E 273 6.48 -6.66 8.27
C TYR E 273 5.70 -7.86 8.79
N HIS E 274 4.50 -8.03 8.22
CA HIS E 274 3.74 -9.26 8.35
C HIS E 274 3.04 -9.51 7.02
N SER E 275 2.27 -10.59 6.95
CA SER E 275 1.64 -10.95 5.67
C SER E 275 0.62 -9.91 5.21
N GLY E 276 0.09 -9.11 6.12
CA GLY E 276 -0.92 -8.10 5.83
C GLY E 276 -0.42 -6.70 5.62
N GLY E 277 0.87 -6.47 5.75
CA GLY E 277 1.42 -5.16 5.46
C GLY E 277 2.62 -4.88 6.36
N THR E 278 2.72 -3.61 6.77
CA THR E 278 3.85 -3.09 7.53
C THR E 278 3.34 -2.43 8.80
N ILE E 279 4.08 -2.59 9.89
CA ILE E 279 3.78 -1.95 11.16
C ILE E 279 4.79 -0.82 11.38
N ILE E 280 4.33 0.42 11.28
CA ILE E 280 5.16 1.61 11.52
C ILE E 280 4.64 2.29 12.77
N SER E 281 5.47 2.32 13.82
CA SER E 281 4.98 2.79 15.11
C SER E 281 6.16 3.07 16.05
N ASN E 282 5.98 4.07 16.92
CA ASN E 282 6.87 4.27 18.06
C ASN E 282 6.35 3.64 19.33
N LEU E 283 5.14 3.09 19.32
CA LEU E 283 4.61 2.44 20.51
C LEU E 283 5.37 1.15 20.78
N PRO E 284 5.53 0.77 22.04
CA PRO E 284 6.34 -0.42 22.35
C PRO E 284 5.63 -1.75 22.12
N PHE E 285 4.31 -1.74 21.97
CA PHE E 285 3.54 -2.96 21.80
C PHE E 285 2.67 -2.87 20.56
N GLN E 286 2.29 -4.04 20.02
CA GLN E 286 1.38 -4.08 18.89
C GLN E 286 0.40 -5.24 19.08
N ASN E 287 -0.81 -5.06 18.54
CA ASN E 287 -1.84 -6.09 18.62
C ASN E 287 -2.25 -6.55 17.23
N ILE E 288 -1.35 -6.47 16.27
CA ILE E 288 -1.69 -6.69 14.87
C ILE E 288 -1.43 -8.13 14.44
N ASP E 289 -0.22 -8.63 14.67
CA ASP E 289 0.12 -9.98 14.19
C ASP E 289 1.25 -10.53 15.06
N SER E 290 1.00 -11.66 15.72
CA SER E 290 2.02 -12.25 16.59
C SER E 290 3.21 -12.82 15.82
N ARG E 291 3.10 -12.95 14.50
CA ARG E 291 4.19 -13.53 13.71
C ARG E 291 4.92 -12.48 12.86
N ALA E 292 4.75 -11.20 13.18
CA ALA E 292 5.50 -10.16 12.49
C ALA E 292 7.00 -10.36 12.68
N VAL E 293 7.78 -9.90 11.69
CA VAL E 293 9.22 -10.09 11.70
C VAL E 293 9.90 -8.79 11.32
N GLY E 294 11.19 -8.71 11.66
CA GLY E 294 11.96 -7.49 11.53
C GLY E 294 12.25 -6.87 12.87
N LYS E 295 12.29 -5.55 12.94
CA LYS E 295 12.44 -4.81 14.19
C LYS E 295 11.05 -4.27 14.54
N CYS E 296 10.39 -4.94 15.47
CA CYS E 296 8.97 -4.82 15.67
C CYS E 296 8.63 -4.43 17.10
N PRO E 297 7.50 -3.77 17.30
CA PRO E 297 6.97 -3.67 18.66
C PRO E 297 6.60 -5.05 19.15
N ARG E 298 6.67 -5.24 20.47
CA ARG E 298 6.35 -6.54 21.04
C ARG E 298 4.85 -6.81 20.94
N TYR E 299 4.49 -7.96 20.37
CA TYR E 299 3.09 -8.35 20.25
C TYR E 299 2.50 -8.68 21.61
N VAL E 300 1.31 -8.16 21.89
CA VAL E 300 0.56 -8.50 23.09
C VAL E 300 -0.87 -8.84 22.69
N LYS E 301 -1.58 -9.52 23.59
CA LYS E 301 -2.95 -9.90 23.29
C LYS E 301 -3.96 -8.79 23.57
N GLN E 302 -3.62 -7.81 24.41
CA GLN E 302 -4.53 -6.71 24.68
C GLN E 302 -4.57 -5.77 23.47
N ARG E 303 -5.74 -5.25 23.17
CA ARG E 303 -5.83 -4.27 22.09
C ARG E 303 -5.49 -2.86 22.56
N SER E 304 -5.57 -2.58 23.86
CA SER E 304 -5.31 -1.24 24.35
C SER E 304 -4.78 -1.30 25.78
N LEU E 305 -3.74 -0.52 26.05
CA LEU E 305 -3.20 -0.37 27.41
C LEU E 305 -2.85 1.10 27.59
N LEU E 306 -3.70 1.83 28.29
CA LEU E 306 -3.54 3.27 28.45
C LEU E 306 -2.61 3.55 29.63
N LEU E 307 -1.56 4.33 29.36
CA LEU E 307 -0.62 4.78 30.36
C LEU E 307 -0.99 6.19 30.81
N ALA E 308 -1.16 6.37 32.13
CA ALA E 308 -1.52 7.68 32.66
C ALA E 308 -0.36 8.65 32.45
N THR E 309 -0.69 9.87 31.99
CA THR E 309 0.29 10.94 31.86
C THR E 309 -0.09 12.18 32.66
N GLY E 310 -1.06 12.06 33.55
CA GLY E 310 -1.50 13.16 34.39
C GLY E 310 -2.04 12.61 35.68
N MET E 311 -2.40 13.51 36.58
CA MET E 311 -2.87 13.15 37.91
C MET E 311 -4.27 12.55 37.84
N LYS E 312 -4.73 12.03 38.97
CA LYS E 312 -6.12 11.60 39.05
C LYS E 312 -7.07 12.77 38.81
N ASN E 313 -8.12 12.52 38.05
CA ASN E 313 -9.09 13.56 37.71
C ASN E 313 -10.18 13.57 38.77
N VAL E 314 -10.29 14.68 39.50
CA VAL E 314 -11.34 14.86 40.49
C VAL E 314 -12.17 16.08 40.09
N PRO E 315 -13.19 15.91 39.25
CA PRO E 315 -13.97 17.06 38.81
C PRO E 315 -14.94 17.51 39.89
N GLU E 316 -15.61 18.63 39.64
CA GLU E 316 -16.71 19.02 40.52
C GLU E 316 -18.04 18.76 39.84
N GLY F 1 -4.66 8.43 46.51
CA GLY F 1 -3.21 8.36 46.43
C GLY F 1 -2.58 8.14 47.79
N LEU F 2 -1.30 7.80 47.81
CA LEU F 2 -0.64 7.49 49.07
C LEU F 2 -0.49 8.72 49.97
N PHE F 3 -0.64 9.92 49.42
CA PHE F 3 -0.37 11.15 50.16
C PHE F 3 -1.62 11.92 50.52
N GLY F 4 -2.80 11.38 50.19
CA GLY F 4 -4.11 11.94 50.48
C GLY F 4 -4.36 13.42 50.31
N ALA F 5 -3.81 14.02 49.25
CA ALA F 5 -4.14 15.39 48.88
C ALA F 5 -5.07 15.45 47.67
N ILE F 6 -4.61 15.00 46.49
CA ILE F 6 -5.41 15.14 45.28
C ILE F 6 -6.78 14.48 45.41
N ALA F 7 -6.85 13.29 45.95
CA ALA F 7 -8.15 12.65 46.14
C ALA F 7 -8.51 12.58 47.63
N GLY F 8 -7.98 13.51 48.42
CA GLY F 8 -8.12 13.47 49.86
C GLY F 8 -8.67 14.73 50.49
N PHE F 9 -7.86 15.41 51.32
CA PHE F 9 -8.37 16.59 52.01
C PHE F 9 -8.61 17.76 51.07
N ILE F 10 -8.04 17.73 49.87
CA ILE F 10 -8.47 18.62 48.79
C ILE F 10 -9.63 17.92 48.09
N GLU F 11 -10.84 18.49 48.23
CA GLU F 11 -12.05 17.74 47.90
C GLU F 11 -12.17 17.48 46.40
N ASN F 12 -11.74 18.43 45.57
CA ASN F 12 -11.78 18.26 44.12
C ASN F 12 -10.80 19.24 43.50
N GLY F 13 -10.67 19.15 42.18
CA GLY F 13 -9.80 20.01 41.41
C GLY F 13 -10.55 21.18 40.81
N TRP F 14 -9.78 22.08 40.19
CA TRP F 14 -10.29 23.32 39.61
C TRP F 14 -10.22 23.20 38.10
N GLU F 15 -11.38 23.12 37.45
CA GLU F 15 -11.38 23.02 35.99
C GLU F 15 -10.98 24.32 35.31
N GLY F 16 -11.03 25.44 36.04
CA GLY F 16 -10.56 26.72 35.56
C GLY F 16 -9.07 26.91 35.63
N LEU F 17 -8.36 26.02 36.33
CA LEU F 17 -6.90 26.04 36.38
C LEU F 17 -6.40 25.41 35.07
N ILE F 18 -6.25 26.25 34.05
CA ILE F 18 -5.86 25.81 32.72
C ILE F 18 -4.42 26.13 32.41
N ASP F 19 -3.71 26.74 33.35
CA ASP F 19 -2.36 27.23 33.13
C ASP F 19 -1.31 26.42 33.90
N GLY F 20 -1.72 25.34 34.57
CA GLY F 20 -0.79 24.51 35.30
C GLY F 20 -1.49 23.34 35.94
N TRP F 21 -0.68 22.47 36.56
CA TRP F 21 -1.23 21.31 37.26
C TRP F 21 -1.66 21.67 38.67
N TYR F 22 -0.93 22.56 39.32
CA TYR F 22 -1.19 22.97 40.70
C TYR F 22 -1.21 24.50 40.75
N GLY F 23 -1.86 25.03 41.78
CA GLY F 23 -1.94 26.48 41.86
C GLY F 23 -2.54 26.97 43.17
N PHE F 24 -2.68 28.29 43.24
CA PHE F 24 -3.20 29.04 44.38
C PHE F 24 -4.50 29.73 44.02
N ARG F 25 -5.46 29.70 44.93
CA ARG F 25 -6.70 30.45 44.82
C ARG F 25 -6.86 31.25 46.11
N HIS F 26 -6.80 32.58 46.01
CA HIS F 26 -6.77 33.46 47.17
C HIS F 26 -8.07 34.25 47.27
N GLN F 27 -8.32 34.72 48.48
CA GLN F 27 -9.53 35.45 48.84
C GLN F 27 -9.16 36.58 49.78
N ASN F 28 -9.43 37.82 49.37
CA ASN F 28 -9.22 38.96 50.26
C ASN F 28 -10.25 40.03 49.92
N ALA F 29 -10.10 41.22 50.54
CA ALA F 29 -11.07 42.29 50.33
C ALA F 29 -11.10 42.76 48.88
N GLN F 30 -9.99 42.64 48.17
CA GLN F 30 -9.97 43.01 46.76
C GLN F 30 -10.62 41.97 45.86
N GLY F 31 -10.96 40.80 46.40
CA GLY F 31 -11.65 39.78 45.63
C GLY F 31 -10.97 38.42 45.63
N GLU F 32 -11.22 37.65 44.57
CA GLU F 32 -10.75 36.28 44.43
C GLU F 32 -9.74 36.21 43.29
N GLY F 33 -8.78 35.31 43.40
CA GLY F 33 -7.81 35.13 42.33
C GLY F 33 -7.34 33.70 42.24
N THR F 34 -6.93 33.30 41.04
CA THR F 34 -6.40 31.97 40.79
C THR F 34 -5.16 32.11 39.92
N ALA F 35 -4.05 31.50 40.36
CA ALA F 35 -2.83 31.50 39.58
C ALA F 35 -2.18 30.13 39.68
N ALA F 36 -1.43 29.76 38.67
CA ALA F 36 -0.73 28.48 38.68
C ALA F 36 0.65 28.62 39.32
N ASP F 37 1.09 27.55 39.98
CA ASP F 37 2.44 27.46 40.52
C ASP F 37 3.34 26.74 39.52
N TYR F 38 4.40 27.41 39.09
CA TYR F 38 5.24 26.90 38.01
C TYR F 38 6.15 25.76 38.48
N LYS F 39 6.74 25.89 39.68
CA LYS F 39 7.77 24.96 40.11
C LYS F 39 7.23 23.55 40.28
N SER F 40 6.09 23.43 40.98
CA SER F 40 5.49 22.12 41.21
C SER F 40 4.95 21.53 39.91
N THR F 41 4.25 22.35 39.12
CA THR F 41 3.74 21.90 37.82
C THR F 41 4.86 21.31 36.96
N GLN F 42 5.95 22.06 36.82
CA GLN F 42 7.07 21.63 36.00
C GLN F 42 7.79 20.43 36.60
N SER F 43 7.79 20.32 37.93
CA SER F 43 8.40 19.16 38.58
C SER F 43 7.64 17.89 38.20
N ALA F 44 6.30 17.94 38.34
CA ALA F 44 5.48 16.79 38.00
C ALA F 44 5.59 16.45 36.51
N ILE F 45 5.48 17.47 35.65
CA ILE F 45 5.60 17.25 34.22
C ILE F 45 6.96 16.65 33.88
N ASP F 46 8.02 17.12 34.52
CA ASP F 46 9.35 16.58 34.24
C ASP F 46 9.44 15.11 34.62
N GLN F 47 8.87 14.73 35.77
CA GLN F 47 8.98 13.33 36.18
C GLN F 47 8.14 12.42 35.29
N ILE F 48 6.90 12.81 34.99
CA ILE F 48 6.07 11.97 34.13
C ILE F 48 6.67 11.90 32.72
N THR F 49 7.21 13.01 32.22
CA THR F 49 7.82 13.02 30.90
C THR F 49 9.04 12.12 30.86
N GLY F 50 9.89 12.18 31.89
CA GLY F 50 11.01 11.25 31.96
C GLY F 50 10.56 9.81 31.97
N LYS F 51 9.48 9.52 32.69
CA LYS F 51 8.91 8.18 32.67
C LYS F 51 8.48 7.77 31.26
N LEU F 52 7.82 8.68 30.54
CA LEU F 52 7.37 8.38 29.19
C LEU F 52 8.55 8.11 28.26
N ASN F 53 9.56 8.98 28.30
CA ASN F 53 10.73 8.76 27.45
C ASN F 53 11.42 7.45 27.81
N ARG F 54 11.40 7.10 29.09
CA ARG F 54 11.98 5.83 29.52
C ARG F 54 11.21 4.65 28.91
N LEU F 55 9.88 4.74 28.88
CA LEU F 55 9.07 3.62 28.41
C LEU F 55 9.11 3.43 26.89
N ILE F 56 9.52 4.44 26.13
CA ILE F 56 9.60 4.33 24.68
C ILE F 56 11.04 4.22 24.21
N GLU F 57 11.96 3.89 25.12
CA GLU F 57 13.33 3.59 24.73
C GLU F 57 13.36 2.40 23.77
N LYS F 58 13.98 2.58 22.62
CA LYS F 58 14.03 1.58 21.57
C LYS F 58 15.26 0.69 21.70
N THR F 59 15.05 -0.62 21.64
CA THR F 59 16.15 -1.57 21.60
C THR F 59 16.02 -2.41 20.34
N ASN F 60 17.14 -2.59 19.64
CA ASN F 60 17.15 -3.19 18.30
C ASN F 60 17.35 -4.69 18.43
N GLN F 61 16.24 -5.42 18.48
CA GLN F 61 16.28 -6.88 18.39
C GLN F 61 15.46 -7.32 17.19
N GLN F 62 16.10 -8.07 16.30
CA GLN F 62 15.45 -8.59 15.10
C GLN F 62 15.11 -10.05 15.29
N PHE F 63 13.89 -10.43 14.89
CA PHE F 63 13.48 -11.83 14.89
C PHE F 63 13.07 -12.23 13.48
N GLU F 64 13.39 -13.46 13.11
CA GLU F 64 13.12 -13.94 11.76
C GLU F 64 12.05 -15.01 11.79
N LEU F 65 11.55 -15.32 10.59
CA LEU F 65 10.51 -16.33 10.45
C LEU F 65 11.07 -17.71 10.77
N ILE F 66 10.30 -18.49 11.53
CA ILE F 66 10.58 -19.89 11.77
C ILE F 66 9.38 -20.77 11.48
N ASP F 67 8.28 -20.17 11.05
CA ASP F 67 7.06 -20.84 10.66
C ASP F 67 6.83 -20.61 9.17
N ASN F 68 5.73 -21.14 8.68
CA ASN F 68 5.42 -20.98 7.27
C ASN F 68 3.92 -20.82 7.13
N GLU F 69 3.51 -19.71 6.53
CA GLU F 69 2.10 -19.36 6.38
C GLU F 69 1.47 -20.02 5.15
N PHE F 70 2.26 -20.39 4.15
CA PHE F 70 1.74 -20.98 2.92
C PHE F 70 1.85 -22.50 2.90
N ASN F 71 2.92 -23.05 3.43
CA ASN F 71 3.14 -24.50 3.46
C ASN F 71 3.55 -24.89 4.87
N GLU F 72 2.58 -25.38 5.66
CA GLU F 72 2.79 -25.62 7.08
C GLU F 72 3.95 -26.59 7.32
N VAL F 73 4.75 -26.27 8.35
CA VAL F 73 5.91 -27.06 8.73
C VAL F 73 5.45 -28.38 9.33
N GLU F 74 6.39 -29.31 9.54
CA GLU F 74 6.10 -30.61 10.13
C GLU F 74 5.34 -30.48 11.44
N LYS F 75 4.50 -31.46 11.74
CA LYS F 75 3.50 -31.34 12.80
C LYS F 75 4.15 -31.15 14.17
N GLN F 76 5.09 -32.03 14.53
CA GLN F 76 5.66 -32.00 15.87
C GLN F 76 6.42 -30.69 16.11
N ILE F 77 7.32 -30.33 15.20
CA ILE F 77 8.07 -29.10 15.37
C ILE F 77 7.15 -27.89 15.29
N GLY F 78 6.09 -27.97 14.49
CA GLY F 78 5.13 -26.89 14.42
C GLY F 78 4.39 -26.69 15.74
N ASN F 79 4.06 -27.80 16.42
CA ASN F 79 3.42 -27.70 17.73
C ASN F 79 4.38 -27.14 18.77
N VAL F 80 5.66 -27.54 18.71
CA VAL F 80 6.64 -26.96 19.63
C VAL F 80 6.75 -25.45 19.42
N ILE F 81 6.86 -25.03 18.16
CA ILE F 81 6.97 -23.61 17.85
C ILE F 81 5.74 -22.87 18.36
N ASN F 82 4.56 -23.44 18.11
CA ASN F 82 3.33 -22.78 18.53
C ASN F 82 3.26 -22.65 20.05
N TRP F 83 3.69 -23.70 20.76
CA TRP F 83 3.67 -23.65 22.23
C TRP F 83 4.62 -22.57 22.74
N THR F 84 5.84 -22.53 22.18
CA THR F 84 6.81 -21.52 22.59
C THR F 84 6.30 -20.12 22.31
N ARG F 85 5.83 -19.88 21.09
CA ARG F 85 5.37 -18.55 20.72
C ARG F 85 4.22 -18.11 21.61
N ASP F 86 3.29 -19.02 21.90
CA ASP F 86 2.18 -18.64 22.77
C ASP F 86 2.65 -18.37 24.19
N SER F 87 3.64 -19.12 24.68
CA SER F 87 4.18 -18.88 26.01
C SER F 87 4.81 -17.50 26.10
N ILE F 88 5.63 -17.14 25.10
CA ILE F 88 6.29 -15.85 25.06
C ILE F 88 5.27 -14.72 24.94
N THR F 89 4.26 -14.91 24.08
CA THR F 89 3.20 -13.92 23.94
C THR F 89 2.48 -13.69 25.27
N GLU F 90 2.26 -14.77 26.02
CA GLU F 90 1.64 -14.60 27.34
CA GLU F 90 1.65 -14.62 27.33
C GLU F 90 2.57 -13.87 28.29
N VAL F 91 3.87 -14.18 28.25
CA VAL F 91 4.83 -13.49 29.12
C VAL F 91 4.79 -11.99 28.85
N TRP F 92 4.77 -11.60 27.57
CA TRP F 92 4.80 -10.18 27.24
C TRP F 92 3.47 -9.49 27.47
N SER F 93 2.35 -10.19 27.28
CA SER F 93 1.06 -9.61 27.65
C SER F 93 1.01 -9.34 29.15
N TYR F 94 1.48 -10.29 29.96
CA TYR F 94 1.57 -10.07 31.40
C TYR F 94 2.49 -8.91 31.73
N ASN F 95 3.68 -8.86 31.11
CA ASN F 95 4.64 -7.79 31.41
C ASN F 95 4.04 -6.43 31.07
N ALA F 96 3.35 -6.33 29.93
CA ALA F 96 2.76 -5.07 29.54
C ALA F 96 1.66 -4.65 30.52
N GLU F 97 0.78 -5.60 30.88
CA GLU F 97 -0.30 -5.29 31.81
C GLU F 97 0.24 -4.82 33.16
N LEU F 98 1.18 -5.59 33.72
CA LEU F 98 1.76 -5.24 35.01
C LEU F 98 2.52 -3.91 34.93
N LEU F 99 3.33 -3.74 33.88
CA LEU F 99 4.11 -2.52 33.73
C LEU F 99 3.20 -1.29 33.68
N VAL F 100 2.14 -1.35 32.88
CA VAL F 100 1.27 -0.19 32.77
C VAL F 100 0.55 0.06 34.08
N ALA F 101 0.08 -1.00 34.75
CA ALA F 101 -0.63 -0.81 36.01
C ALA F 101 0.27 -0.19 37.08
N MET F 102 1.48 -0.73 37.24
CA MET F 102 2.43 -0.21 38.22
C MET F 102 2.80 1.23 37.92
N GLU F 103 3.10 1.53 36.66
CA GLU F 103 3.45 2.90 36.29
C GLU F 103 2.29 3.86 36.58
N ASN F 104 1.05 3.40 36.37
CA ASN F 104 -0.11 4.26 36.61
C ASN F 104 -0.30 4.53 38.10
N GLN F 105 -0.17 3.49 38.93
CA GLN F 105 -0.20 3.68 40.37
C GLN F 105 0.84 4.72 40.80
N HIS F 106 2.07 4.56 40.31
CA HIS F 106 3.14 5.47 40.72
C HIS F 106 2.94 6.88 40.19
N THR F 107 2.38 7.04 38.99
CA THR F 107 2.13 8.37 38.43
C THR F 107 1.10 9.11 39.27
N ILE F 108 -0.01 8.43 39.59
CA ILE F 108 -1.04 9.02 40.44
C ILE F 108 -0.46 9.42 41.80
N ASP F 109 0.32 8.52 42.40
CA ASP F 109 0.93 8.82 43.69
C ASP F 109 1.92 9.97 43.60
N LEU F 110 2.66 10.07 42.49
CA LEU F 110 3.66 11.12 42.34
C LEU F 110 3.00 12.47 42.20
N ALA F 111 1.90 12.55 41.43
CA ALA F 111 1.18 13.83 41.34
C ALA F 111 0.61 14.22 42.70
N ASP F 112 0.03 13.25 43.42
CA ASP F 112 -0.39 13.48 44.79
C ASP F 112 0.74 14.05 45.64
N SER F 113 1.94 13.47 45.51
CA SER F 113 3.09 13.92 46.28
C SER F 113 3.46 15.36 45.96
N GLU F 114 3.44 15.73 44.67
CA GLU F 114 3.82 17.10 44.32
C GLU F 114 2.80 18.09 44.87
N MET F 115 1.50 17.74 44.85
CA MET F 115 0.50 18.58 45.49
C MET F 115 0.80 18.77 46.98
N ASP F 116 1.07 17.68 47.69
CA ASP F 116 1.33 17.80 49.12
C ASP F 116 2.57 18.65 49.39
N LYS F 117 3.60 18.52 48.54
CA LYS F 117 4.82 19.30 48.69
C LYS F 117 4.56 20.79 48.52
N LEU F 118 3.71 21.17 47.56
CA LEU F 118 3.37 22.58 47.40
C LEU F 118 2.65 23.10 48.64
N TYR F 119 1.65 22.35 49.10
CA TYR F 119 0.91 22.73 50.31
C TYR F 119 1.85 22.95 51.50
N GLU F 120 2.78 22.00 51.71
CA GLU F 120 3.73 22.12 52.82
C GLU F 120 4.67 23.29 52.64
N ARG F 121 5.09 23.57 51.40
CA ARG F 121 5.90 24.75 51.15
C ARG F 121 5.19 26.01 51.63
N VAL F 122 3.92 26.18 51.25
CA VAL F 122 3.19 27.37 51.67
C VAL F 122 3.03 27.38 53.19
N LYS F 123 2.70 26.25 53.79
CA LYS F 123 2.58 26.19 55.24
C LYS F 123 3.84 26.71 55.91
N ARG F 124 5.01 26.28 55.43
CA ARG F 124 6.25 26.74 56.05
C ARG F 124 6.53 28.21 55.73
N GLN F 125 6.05 28.70 54.59
CA GLN F 125 6.17 30.14 54.31
C GLN F 125 5.39 30.97 55.33
N LEU F 126 4.17 30.53 55.67
CA LEU F 126 3.31 31.33 56.53
C LEU F 126 3.68 31.26 58.00
N ARG F 127 4.47 30.25 58.41
CA ARG F 127 4.90 30.11 59.79
C ARG F 127 3.74 30.19 60.76
N GLU F 128 3.78 31.20 61.64
CA GLU F 128 2.82 31.36 62.71
C GLU F 128 1.72 32.37 62.37
N ASN F 129 1.67 32.82 61.12
CA ASN F 129 0.73 33.85 60.66
C ASN F 129 -0.56 33.27 60.10
N ALA F 130 -0.70 31.95 60.02
CA ALA F 130 -1.89 31.37 59.42
C ALA F 130 -2.18 30.03 60.07
N GLU F 131 -3.40 29.54 59.84
CA GLU F 131 -3.81 28.23 60.33
C GLU F 131 -4.48 27.47 59.19
N GLU F 132 -4.29 26.15 59.16
CA GLU F 132 -4.92 25.31 58.16
C GLU F 132 -6.39 25.11 58.49
N ASP F 133 -7.26 25.21 57.49
CA ASP F 133 -8.67 24.93 57.72
C ASP F 133 -9.04 23.47 57.46
N GLY F 134 -8.13 22.68 56.90
CA GLY F 134 -8.39 21.27 56.68
C GLY F 134 -8.89 20.92 55.29
N THR F 135 -9.08 21.90 54.41
CA THR F 135 -9.55 21.66 53.05
C THR F 135 -8.52 22.11 52.02
N GLY F 136 -7.28 22.37 52.45
CA GLY F 136 -6.26 22.88 51.57
C GLY F 136 -6.08 24.38 51.59
N CYS F 137 -6.83 25.09 52.43
CA CYS F 137 -6.74 26.54 52.54
C CYS F 137 -6.01 26.91 53.83
N PHE F 138 -5.36 28.07 53.79
CA PHE F 138 -4.71 28.67 54.95
C PHE F 138 -5.47 29.95 55.30
N GLU F 139 -6.11 29.96 56.46
CA GLU F 139 -6.73 31.18 56.99
C GLU F 139 -5.63 32.08 57.55
N ILE F 140 -5.45 33.24 56.92
CA ILE F 140 -4.38 34.18 57.23
C ILE F 140 -4.90 35.19 58.24
N PHE F 141 -4.22 35.33 59.38
CA PHE F 141 -4.69 36.17 60.48
C PHE F 141 -4.18 37.59 60.41
N HIS F 142 -4.04 38.12 59.20
CA HIS F 142 -3.72 39.53 58.98
C HIS F 142 -4.21 39.88 57.58
N LYS F 143 -4.39 41.18 57.34
CA LYS F 143 -4.83 41.60 56.03
C LYS F 143 -3.74 41.32 55.00
N CYS F 144 -4.10 40.62 53.94
CA CYS F 144 -3.17 40.18 52.91
C CYS F 144 -3.73 40.62 51.57
N ASP F 145 -3.23 41.76 51.06
CA ASP F 145 -3.74 42.34 49.82
C ASP F 145 -3.16 41.57 48.63
N ASP F 146 -3.42 42.06 47.42
CA ASP F 146 -2.99 41.35 46.23
C ASP F 146 -1.47 41.23 46.17
N ASP F 147 -0.76 42.28 46.61
CA ASP F 147 0.69 42.22 46.61
C ASP F 147 1.19 41.22 47.64
N CYS F 148 0.49 41.12 48.77
CA CYS F 148 0.83 40.13 49.79
C CYS F 148 0.62 38.71 49.25
N MET F 149 -0.55 38.46 48.64
CA MET F 149 -0.82 37.15 48.03
C MET F 149 0.26 36.80 47.00
N ALA F 150 0.58 37.75 46.12
CA ALA F 150 1.63 37.52 45.14
C ALA F 150 2.96 37.19 45.81
N SER F 151 3.25 37.83 46.93
CA SER F 151 4.48 37.51 47.65
C SER F 151 4.44 36.10 48.20
N ILE F 152 3.25 35.60 48.56
CA ILE F 152 3.15 34.19 48.95
C ILE F 152 3.42 33.28 47.75
N ARG F 153 2.82 33.63 46.60
CA ARG F 153 2.93 32.75 45.43
C ARG F 153 4.36 32.67 44.91
N ASN F 154 5.10 33.78 44.93
CA ASN F 154 6.46 33.75 44.38
C ASN F 154 7.53 33.64 45.47
N ASN F 155 7.15 33.21 46.68
CA ASN F 155 8.11 32.89 47.74
C ASN F 155 8.94 34.10 48.17
N THR F 156 8.29 35.25 48.33
CA THR F 156 8.93 36.43 48.90
C THR F 156 8.19 36.93 50.14
N TYR F 157 7.24 36.16 50.63
CA TYR F 157 6.49 36.51 51.83
C TYR F 157 7.41 36.43 53.05
N ASP F 158 7.55 37.55 53.76
CA ASP F 158 8.32 37.64 55.00
C ASP F 158 7.34 37.55 56.16
N HIS F 159 7.34 36.40 56.85
CA HIS F 159 6.37 36.19 57.93
C HIS F 159 6.59 37.18 59.08
N SER F 160 7.85 37.55 59.35
CA SER F 160 8.15 38.49 60.43
C SER F 160 7.41 39.81 60.21
N LYS F 161 7.31 40.25 58.96
CA LYS F 161 6.67 41.52 58.64
C LYS F 161 5.26 41.62 59.20
N TYR F 162 4.54 40.50 59.31
CA TYR F 162 3.17 40.51 59.79
C TYR F 162 3.00 39.76 61.10
N ARG F 163 4.08 39.22 61.67
CA ARG F 163 3.98 38.26 62.77
C ARG F 163 3.21 38.83 63.96
N GLU F 164 3.60 40.00 64.46
CA GLU F 164 2.97 40.52 65.68
C GLU F 164 1.44 40.68 65.49
N GLU F 165 1.02 41.27 64.38
CA GLU F 165 -0.41 41.40 64.12
C GLU F 165 -1.10 40.03 64.08
N ALA F 166 -0.54 39.09 63.30
CA ALA F 166 -1.19 37.79 63.13
C ALA F 166 -1.26 37.02 64.46
N MET F 167 -0.14 36.99 65.19
CA MET F 167 -0.10 36.32 66.48
C MET F 167 -1.11 36.92 67.45
N GLN F 168 -1.21 38.26 67.48
CA GLN F 168 -2.21 38.87 68.35
C GLN F 168 -3.61 38.48 67.91
N ASN F 169 -3.87 38.44 66.59
CA ASN F 169 -5.19 38.05 66.12
C ASN F 169 -5.52 36.59 66.40
N ARG F 170 -4.51 35.73 66.57
CA ARG F 170 -4.82 34.33 66.86
C ARG F 170 -5.14 34.11 68.33
N ILE F 171 -4.92 35.11 69.19
CA ILE F 171 -5.27 35.03 70.60
C ILE F 171 -6.19 36.18 71.02
N ASP G 1 -23.30 49.40 27.62
CA ASP G 1 -24.09 48.81 26.54
C ASP G 1 -23.30 48.64 25.24
N LYS G 2 -23.60 47.56 24.53
CA LYS G 2 -22.93 47.28 23.26
C LYS G 2 -23.79 46.33 22.44
N ILE G 3 -23.63 46.42 21.12
CA ILE G 3 -24.25 45.48 20.19
C ILE G 3 -23.14 44.94 19.29
N CYS G 4 -23.13 43.62 19.09
CA CYS G 4 -22.04 42.96 18.37
C CYS G 4 -22.57 42.28 17.12
N LEU G 5 -21.82 42.41 16.04
CA LEU G 5 -22.12 41.74 14.78
C LEU G 5 -21.35 40.42 14.70
N GLY G 6 -22.00 39.40 14.13
CA GLY G 6 -21.37 38.11 14.00
C GLY G 6 -22.06 37.29 12.92
N HIS G 7 -21.55 36.07 12.75
CA HIS G 7 -22.03 35.14 11.72
C HIS G 7 -22.17 33.76 12.33
N HIS G 8 -22.89 32.89 11.63
CA HIS G 8 -23.12 31.56 12.18
C HIS G 8 -21.92 30.65 11.91
N ALA G 9 -21.88 29.53 12.63
CA ALA G 9 -20.82 28.54 12.49
C ALA G 9 -21.35 27.21 12.99
N VAL G 10 -20.61 26.13 12.67
CA VAL G 10 -20.93 24.80 13.15
C VAL G 10 -19.68 24.17 13.74
N SER G 11 -19.89 23.16 14.58
CA SER G 11 -18.76 22.50 15.25
C SER G 11 -17.92 21.71 14.26
N ASN G 12 -18.56 20.99 13.33
CA ASN G 12 -17.87 20.19 12.33
C ASN G 12 -18.33 20.63 10.94
N GLY G 13 -17.45 21.31 10.21
CA GLY G 13 -17.73 21.75 8.86
C GLY G 13 -17.26 20.76 7.82
N THR G 14 -17.31 21.19 6.56
CA THR G 14 -16.90 20.37 5.43
C THR G 14 -15.70 21.03 4.75
N LYS G 15 -14.67 20.25 4.50
CA LYS G 15 -13.44 20.75 3.88
C LYS G 15 -13.62 20.85 2.36
N VAL G 16 -13.21 21.97 1.79
CA VAL G 16 -13.23 22.17 0.34
C VAL G 16 -11.90 22.78 -0.09
N ASN G 17 -11.74 22.92 -1.39
CA ASN G 17 -10.52 23.48 -1.95
C ASN G 17 -10.82 24.80 -2.65
N THR G 18 -9.84 25.69 -2.62
CA THR G 18 -9.93 26.99 -3.27
C THR G 18 -8.72 27.18 -4.17
N LEU G 19 -8.59 28.38 -4.75
CA LEU G 19 -7.42 28.68 -5.56
C LEU G 19 -6.17 28.76 -4.71
N THR G 20 -6.29 29.18 -3.44
CA THR G 20 -5.15 29.43 -2.59
C THR G 20 -4.93 28.37 -1.52
N GLU G 21 -5.84 27.41 -1.34
CA GLU G 21 -5.79 26.55 -0.17
C GLU G 21 -6.49 25.23 -0.44
N ARG G 22 -5.95 24.15 0.13
CA ARG G 22 -6.61 22.84 0.14
C ARG G 22 -7.16 22.55 1.52
N GLY G 23 -8.41 22.10 1.58
CA GLY G 23 -8.99 21.70 2.85
C GLY G 23 -9.38 22.84 3.77
N VAL G 24 -9.87 23.95 3.21
CA VAL G 24 -10.42 25.03 4.02
C VAL G 24 -11.82 24.61 4.47
N GLU G 25 -12.11 24.82 5.75
CA GLU G 25 -13.37 24.38 6.31
C GLU G 25 -14.46 25.42 6.04
N VAL G 26 -15.57 24.98 5.44
CA VAL G 26 -16.72 25.84 5.23
C VAL G 26 -17.92 25.22 5.92
N VAL G 27 -18.95 26.07 6.11
CA VAL G 27 -20.14 25.66 6.86
C VAL G 27 -20.92 24.59 6.12
N ASN G 28 -20.86 24.59 4.79
CA ASN G 28 -21.71 23.70 4.00
C ASN G 28 -21.11 23.56 2.61
N ALA G 29 -21.34 22.39 2.01
CA ALA G 29 -20.85 22.10 0.68
C ALA G 29 -21.76 21.07 0.04
N THR G 30 -21.59 20.87 -1.26
CA THR G 30 -22.40 19.93 -2.01
C THR G 30 -21.51 19.28 -3.05
N GLU G 31 -21.79 18.02 -3.36
CA GLU G 31 -20.95 17.25 -4.27
C GLU G 31 -21.30 17.59 -5.72
N THR G 32 -20.28 17.67 -6.57
CA THR G 32 -20.47 17.94 -7.98
C THR G 32 -20.17 16.74 -8.89
N VAL G 33 -19.53 15.69 -8.36
CA VAL G 33 -19.12 14.53 -9.14
C VAL G 33 -20.00 13.36 -8.76
N GLU G 34 -20.70 12.78 -9.74
CA GLU G 34 -21.62 11.68 -9.47
C GLU G 34 -20.88 10.35 -9.42
N ARG G 35 -21.10 9.60 -8.34
CA ARG G 35 -20.51 8.28 -8.17
C ARG G 35 -21.53 7.17 -8.05
N THR G 36 -22.82 7.48 -7.95
CA THR G 36 -23.84 6.47 -7.72
C THR G 36 -24.33 5.95 -9.07
N ASN G 37 -24.18 4.66 -9.28
CA ASN G 37 -24.59 4.00 -10.51
C ASN G 37 -25.84 3.18 -10.23
N ILE G 38 -26.77 3.19 -11.19
CA ILE G 38 -27.93 2.31 -11.15
C ILE G 38 -27.62 1.11 -12.03
N PRO G 39 -27.41 -0.09 -11.44
CA PRO G 39 -26.92 -1.23 -12.24
C PRO G 39 -27.97 -1.86 -13.13
N ARG G 40 -28.74 -1.05 -13.85
CA ARG G 40 -29.72 -1.55 -14.81
C ARG G 40 -29.79 -0.57 -15.96
N ILE G 41 -30.31 -1.01 -17.09
CA ILE G 41 -30.51 -0.14 -18.24
C ILE G 41 -31.92 0.40 -18.14
N CYS G 42 -32.05 1.63 -17.64
CA CYS G 42 -33.36 2.25 -17.45
C CYS G 42 -33.86 2.77 -18.78
N SER G 43 -34.95 2.18 -19.28
CA SER G 43 -35.36 2.35 -20.68
C SER G 43 -36.81 2.80 -20.83
N LYS G 44 -37.42 3.34 -19.78
CA LYS G 44 -38.80 3.81 -19.86
C LYS G 44 -38.95 4.86 -20.95
N GLY G 45 -39.99 4.73 -21.76
CA GLY G 45 -40.28 5.70 -22.78
C GLY G 45 -39.55 5.47 -24.09
N LYS G 46 -38.71 4.45 -24.15
CA LYS G 46 -37.90 4.15 -25.32
C LYS G 46 -38.19 2.73 -25.76
N ARG G 47 -38.50 2.55 -27.06
CA ARG G 47 -38.58 1.22 -27.63
C ARG G 47 -37.22 0.56 -27.50
N THR G 48 -37.09 -0.42 -26.60
CA THR G 48 -35.81 -1.02 -26.27
C THR G 48 -35.74 -2.42 -26.83
N VAL G 49 -34.61 -2.73 -27.48
CA VAL G 49 -34.33 -4.06 -28.02
C VAL G 49 -33.09 -4.59 -27.33
N ASP G 50 -33.23 -5.70 -26.61
CA ASP G 50 -32.12 -6.42 -25.99
C ASP G 50 -31.75 -7.56 -26.95
N LEU G 51 -30.67 -7.38 -27.69
CA LEU G 51 -30.32 -8.34 -28.74
C LEU G 51 -29.91 -9.70 -28.17
N GLY G 52 -29.44 -9.76 -26.93
CA GLY G 52 -29.12 -11.04 -26.32
C GLY G 52 -28.05 -11.79 -27.09
N GLN G 53 -28.37 -13.00 -27.55
CA GLN G 53 -27.41 -13.80 -28.31
C GLN G 53 -27.38 -13.41 -29.78
N CYS G 54 -28.28 -12.54 -30.23
CA CYS G 54 -28.25 -12.05 -31.59
C CYS G 54 -27.17 -10.95 -31.70
N GLY G 55 -26.19 -11.19 -32.57
CA GLY G 55 -25.27 -10.13 -32.92
C GLY G 55 -25.93 -9.09 -33.80
N LEU G 56 -25.52 -7.84 -33.64
CA LEU G 56 -26.19 -6.74 -34.34
C LEU G 56 -26.17 -6.93 -35.85
N LEU G 57 -25.03 -7.33 -36.40
CA LEU G 57 -24.98 -7.56 -37.84
C LEU G 57 -25.83 -8.78 -38.24
N GLY G 58 -26.00 -9.72 -37.32
CA GLY G 58 -26.85 -10.88 -37.60
C GLY G 58 -28.27 -10.49 -37.95
N THR G 59 -28.76 -9.37 -37.39
CA THR G 59 -30.11 -8.89 -37.72
C THR G 59 -30.28 -8.67 -39.20
N ILE G 60 -29.19 -8.47 -39.94
CA ILE G 60 -29.30 -8.25 -41.37
C ILE G 60 -29.34 -9.58 -42.12
N THR G 61 -28.58 -10.57 -41.66
CA THR G 61 -28.50 -11.84 -42.38
C THR G 61 -29.42 -12.92 -41.81
N GLY G 62 -29.62 -12.92 -40.50
CA GLY G 62 -30.62 -13.75 -39.87
C GLY G 62 -30.21 -15.17 -39.51
N PRO G 63 -29.19 -15.36 -38.68
CA PRO G 63 -28.99 -16.66 -38.03
C PRO G 63 -30.13 -16.92 -37.06
N PRO G 64 -30.31 -18.18 -36.62
CA PRO G 64 -31.50 -18.50 -35.81
C PRO G 64 -31.66 -17.62 -34.59
N GLN G 65 -30.57 -17.35 -33.85
CA GLN G 65 -30.65 -16.51 -32.65
C GLN G 65 -31.15 -15.11 -32.93
N CYS G 66 -31.30 -14.73 -34.19
CA CYS G 66 -31.76 -13.39 -34.56
C CYS G 66 -33.15 -13.39 -35.17
N ASP G 67 -33.87 -14.51 -35.11
CA ASP G 67 -35.19 -14.57 -35.76
C ASP G 67 -36.13 -13.51 -35.19
N GLN G 68 -35.98 -13.16 -33.91
CA GLN G 68 -36.86 -12.18 -33.29
C GLN G 68 -36.55 -10.75 -33.71
N PHE G 69 -35.42 -10.52 -34.38
CA PHE G 69 -34.95 -9.16 -34.63
C PHE G 69 -34.74 -8.87 -36.11
N LEU G 70 -35.34 -9.66 -37.00
CA LEU G 70 -35.08 -9.49 -38.43
C LEU G 70 -35.63 -8.17 -38.96
N GLU G 71 -36.64 -7.58 -38.32
CA GLU G 71 -37.20 -6.29 -38.72
C GLU G 71 -37.50 -5.43 -37.51
N PHE G 72 -36.58 -5.45 -36.54
CA PHE G 72 -36.83 -4.80 -35.26
C PHE G 72 -36.96 -3.29 -35.41
N SER G 73 -37.53 -2.68 -34.37
CA SER G 73 -37.72 -1.24 -34.30
C SER G 73 -37.38 -0.84 -32.86
N ALA G 74 -36.59 0.21 -32.70
CA ALA G 74 -36.13 0.55 -31.36
C ALA G 74 -35.64 1.98 -31.29
N ASP G 75 -35.71 2.55 -30.08
CA ASP G 75 -34.99 3.77 -29.74
C ASP G 75 -33.67 3.49 -29.06
N LEU G 76 -33.59 2.40 -28.31
CA LEU G 76 -32.39 1.99 -27.61
C LEU G 76 -32.06 0.54 -27.97
N ILE G 77 -30.83 0.31 -28.44
CA ILE G 77 -30.36 -1.01 -28.84
C ILE G 77 -29.29 -1.45 -27.85
N ILE G 78 -29.43 -2.66 -27.32
CA ILE G 78 -28.50 -3.20 -26.32
C ILE G 78 -27.79 -4.41 -26.91
N GLU G 79 -26.47 -4.30 -27.06
CA GLU G 79 -25.64 -5.45 -27.44
C GLU G 79 -25.18 -6.18 -26.20
N ARG G 80 -25.09 -7.49 -26.30
CA ARG G 80 -24.63 -8.32 -25.20
C ARG G 80 -23.33 -9.01 -25.60
N ARG G 81 -22.54 -9.36 -24.59
CA ARG G 81 -21.25 -10.00 -24.85
C ARG G 81 -21.42 -11.36 -25.52
N GLU G 82 -22.55 -12.02 -25.28
CA GLU G 82 -22.79 -13.34 -25.86
C GLU G 82 -23.36 -13.26 -27.27
N GLY G 83 -23.56 -12.05 -27.81
CA GLY G 83 -24.10 -11.94 -29.15
C GLY G 83 -23.13 -12.44 -30.20
N SER G 84 -23.69 -13.10 -31.22
CA SER G 84 -22.92 -13.61 -32.34
C SER G 84 -23.62 -13.22 -33.64
N ASP G 85 -22.84 -12.74 -34.61
CA ASP G 85 -23.40 -12.35 -35.91
C ASP G 85 -23.68 -13.54 -36.83
N VAL G 86 -23.11 -14.72 -36.54
CA VAL G 86 -23.08 -15.81 -37.51
C VAL G 86 -23.58 -17.12 -36.87
N CYS G 87 -23.97 -18.04 -37.75
CA CYS G 87 -24.13 -19.44 -37.38
C CYS G 87 -23.13 -20.32 -38.13
N TYR G 88 -23.18 -20.35 -39.45
CA TYR G 88 -22.06 -20.88 -40.22
C TYR G 88 -20.87 -19.95 -40.03
N PRO G 89 -19.69 -20.46 -39.69
CA PRO G 89 -18.59 -19.58 -39.31
C PRO G 89 -18.22 -18.61 -40.42
N GLY G 90 -17.81 -17.42 -40.01
CA GLY G 90 -17.49 -16.36 -40.95
C GLY G 90 -17.49 -15.02 -40.23
N LYS G 91 -17.35 -13.97 -41.02
CA LYS G 91 -17.25 -12.62 -40.46
C LYS G 91 -17.56 -11.59 -41.55
N PHE G 92 -17.86 -10.37 -41.11
CA PHE G 92 -18.16 -9.26 -42.00
C PHE G 92 -16.90 -8.46 -42.31
N VAL G 93 -16.86 -7.90 -43.51
CA VAL G 93 -15.87 -6.89 -43.90
C VAL G 93 -16.41 -5.51 -43.54
N ASN G 94 -15.54 -4.65 -43.01
CA ASN G 94 -15.94 -3.34 -42.47
C ASN G 94 -17.08 -3.49 -41.48
N GLU G 95 -16.87 -4.36 -40.50
CA GLU G 95 -17.93 -4.72 -39.57
C GLU G 95 -18.28 -3.58 -38.62
N GLU G 96 -17.27 -2.87 -38.10
CA GLU G 96 -17.55 -1.85 -37.10
C GLU G 96 -18.29 -0.66 -37.69
N ALA G 97 -17.96 -0.30 -38.93
CA ALA G 97 -18.71 0.74 -39.62
C ALA G 97 -20.19 0.37 -39.68
N LEU G 98 -20.48 -0.88 -40.08
CA LEU G 98 -21.87 -1.30 -40.18
C LEU G 98 -22.54 -1.34 -38.82
N ARG G 99 -21.82 -1.79 -37.78
CA ARG G 99 -22.38 -1.75 -36.44
C ARG G 99 -22.76 -0.33 -36.04
N GLN G 100 -21.89 0.64 -36.33
CA GLN G 100 -22.19 2.02 -35.97
C GLN G 100 -23.37 2.56 -36.78
N ILE G 101 -23.50 2.14 -38.05
CA ILE G 101 -24.68 2.52 -38.83
C ILE G 101 -25.95 1.97 -38.19
N LEU G 102 -25.92 0.71 -37.77
CA LEU G 102 -27.13 0.06 -37.26
C LEU G 102 -27.48 0.51 -35.85
N ARG G 103 -26.50 0.97 -35.06
CA ARG G 103 -26.82 1.44 -33.72
C ARG G 103 -27.70 2.68 -33.75
N GLU G 104 -27.61 3.49 -34.81
CA GLU G 104 -28.36 4.73 -34.92
C GLU G 104 -29.51 4.63 -35.91
N SER G 105 -29.84 3.42 -36.37
CA SER G 105 -30.81 3.25 -37.44
C SER G 105 -32.25 3.33 -36.96
N GLY G 106 -32.51 3.10 -35.67
CA GLY G 106 -33.86 2.95 -35.19
C GLY G 106 -34.50 1.61 -35.49
N GLY G 107 -33.73 0.66 -36.00
CA GLY G 107 -34.26 -0.60 -36.47
C GLY G 107 -34.19 -0.69 -37.99
N ILE G 108 -34.56 -1.86 -38.49
CA ILE G 108 -34.45 -2.14 -39.91
C ILE G 108 -35.79 -2.61 -40.45
N ASP G 109 -36.04 -2.30 -41.72
CA ASP G 109 -37.22 -2.70 -42.45
C ASP G 109 -36.73 -3.45 -43.69
N LYS G 110 -37.11 -4.72 -43.79
CA LYS G 110 -36.63 -5.58 -44.85
C LYS G 110 -37.58 -5.53 -46.04
N GLU G 111 -37.02 -5.76 -47.23
CA GLU G 111 -37.84 -5.82 -48.44
C GLU G 111 -37.25 -6.86 -49.38
N ALA G 112 -38.12 -7.71 -49.92
CA ALA G 112 -37.69 -8.77 -50.82
C ALA G 112 -36.99 -8.19 -52.05
N MET G 113 -35.92 -8.83 -52.47
CA MET G 113 -35.20 -8.43 -53.67
C MET G 113 -35.67 -9.15 -54.91
N GLY G 114 -36.44 -10.23 -54.78
CA GLY G 114 -37.09 -10.83 -55.92
C GLY G 114 -36.23 -11.71 -56.80
N PHE G 115 -35.15 -12.27 -56.26
CA PHE G 115 -34.30 -13.16 -57.04
C PHE G 115 -34.94 -14.52 -57.20
N THR G 116 -35.02 -15.00 -58.45
CA THR G 116 -35.48 -16.34 -58.76
C THR G 116 -34.39 -17.09 -59.51
N TYR G 117 -34.35 -18.41 -59.31
CA TYR G 117 -33.28 -19.25 -59.82
C TYR G 117 -33.85 -20.48 -60.51
N SER G 118 -33.09 -21.01 -61.47
CA SER G 118 -33.45 -22.24 -62.15
C SER G 118 -32.19 -23.01 -62.50
N GLY G 119 -32.27 -24.34 -62.43
CA GLY G 119 -31.13 -25.19 -62.77
C GLY G 119 -30.12 -25.38 -61.68
N ILE G 120 -30.41 -24.93 -60.46
CA ILE G 120 -29.52 -25.06 -59.32
C ILE G 120 -30.34 -25.39 -58.10
N ARG G 121 -29.65 -25.82 -57.04
CA ARG G 121 -30.28 -25.89 -55.73
C ARG G 121 -30.24 -24.51 -55.09
N THR G 122 -31.24 -24.23 -54.28
CA THR G 122 -31.36 -22.97 -53.57
C THR G 122 -31.48 -23.18 -52.06
N ASN G 123 -31.49 -24.44 -51.62
CA ASN G 123 -31.79 -24.80 -50.24
C ASN G 123 -30.55 -25.31 -49.50
N GLY G 124 -29.39 -24.71 -49.76
CA GLY G 124 -28.21 -25.04 -48.99
C GLY G 124 -28.42 -24.84 -47.51
N ALA G 125 -28.03 -25.83 -46.71
CA ALA G 125 -28.27 -25.81 -45.28
C ALA G 125 -27.06 -26.37 -44.55
N THR G 126 -27.02 -26.13 -43.24
CA THR G 126 -25.95 -26.61 -42.39
C THR G 126 -26.48 -26.90 -41.00
N SER G 127 -25.81 -27.80 -40.29
CA SER G 127 -26.17 -28.08 -38.91
C SER G 127 -25.68 -27.00 -37.96
N ALA G 128 -24.96 -26.01 -38.46
CA ALA G 128 -24.55 -24.88 -37.63
C ALA G 128 -25.65 -23.85 -37.44
N CYS G 129 -26.64 -23.83 -38.33
CA CYS G 129 -27.79 -22.92 -38.26
C CYS G 129 -29.04 -23.76 -37.99
N ARG G 130 -29.36 -23.94 -36.72
CA ARG G 130 -30.43 -24.84 -36.31
C ARG G 130 -31.78 -24.14 -36.20
N ARG G 131 -32.76 -24.63 -36.96
CA ARG G 131 -34.18 -24.31 -36.78
C ARG G 131 -34.92 -25.66 -36.87
N SER G 132 -34.94 -26.40 -35.77
CA SER G 132 -35.53 -27.75 -35.72
C SER G 132 -34.83 -28.71 -36.68
N GLY G 133 -33.81 -28.22 -37.38
CA GLY G 133 -33.04 -29.05 -38.29
C GLY G 133 -31.98 -28.21 -38.96
N SER G 134 -31.30 -28.81 -39.93
CA SER G 134 -30.33 -28.07 -40.71
C SER G 134 -31.00 -26.94 -41.47
N SER G 135 -30.44 -25.73 -41.35
CA SER G 135 -31.02 -24.54 -41.96
C SER G 135 -29.90 -23.60 -42.38
N PHE G 136 -30.24 -22.33 -42.61
CA PHE G 136 -29.28 -21.34 -43.08
C PHE G 136 -29.73 -19.96 -42.61
N TYR G 137 -29.03 -18.92 -43.06
CA TYR G 137 -29.40 -17.55 -42.75
C TYR G 137 -30.76 -17.22 -43.38
N ALA G 138 -31.67 -16.69 -42.55
CA ALA G 138 -33.04 -16.48 -42.98
C ALA G 138 -33.17 -15.48 -44.12
N GLU G 139 -32.20 -14.58 -44.29
CA GLU G 139 -32.27 -13.56 -45.32
C GLU G 139 -31.40 -13.88 -46.54
N MET G 140 -30.73 -15.01 -46.54
CA MET G 140 -29.82 -15.40 -47.61
C MET G 140 -30.24 -16.75 -48.18
N LYS G 141 -29.64 -17.10 -49.32
CA LYS G 141 -29.86 -18.40 -49.92
C LYS G 141 -28.53 -18.94 -50.42
N TRP G 142 -28.20 -20.16 -49.96
CA TRP G 142 -26.97 -20.86 -50.32
C TRP G 142 -27.22 -21.62 -51.61
N LEU G 143 -26.72 -21.09 -52.72
CA LEU G 143 -26.93 -21.68 -54.03
C LEU G 143 -25.89 -22.78 -54.29
N LEU G 144 -26.38 -23.96 -54.69
CA LEU G 144 -25.54 -25.11 -55.01
C LEU G 144 -25.93 -25.65 -56.38
N SER G 145 -25.06 -26.48 -56.94
CA SER G 145 -25.39 -27.22 -58.15
C SER G 145 -26.46 -28.27 -57.87
N ASN G 146 -27.15 -28.69 -58.93
CA ASN G 146 -28.24 -29.66 -58.77
C ASN G 146 -27.76 -30.98 -58.18
N THR G 147 -26.55 -31.41 -58.54
CA THR G 147 -26.02 -32.67 -58.04
C THR G 147 -24.54 -32.53 -57.72
N ASP G 148 -24.03 -33.49 -56.94
CA ASP G 148 -22.64 -33.48 -56.53
C ASP G 148 -21.71 -33.40 -57.74
N ASN G 149 -20.76 -32.47 -57.67
CA ASN G 149 -19.70 -32.25 -58.64
C ASN G 149 -20.20 -31.79 -60.00
N ALA G 150 -21.52 -31.61 -60.17
CA ALA G 150 -22.06 -31.11 -61.41
C ALA G 150 -21.67 -29.65 -61.59
N ALA G 151 -21.62 -29.20 -62.85
CA ALA G 151 -21.22 -27.85 -63.15
C ALA G 151 -22.28 -26.83 -62.74
N PHE G 152 -21.84 -25.74 -62.12
CA PHE G 152 -22.75 -24.67 -61.70
C PHE G 152 -22.90 -23.66 -62.83
N PRO G 153 -24.13 -23.42 -63.33
CA PRO G 153 -24.29 -22.52 -64.47
C PRO G 153 -24.01 -21.07 -64.12
N GLN G 154 -23.36 -20.37 -65.06
CA GLN G 154 -23.14 -18.94 -64.92
C GLN G 154 -24.47 -18.18 -64.94
N MET G 155 -24.71 -17.34 -63.94
CA MET G 155 -25.95 -16.59 -63.86
C MET G 155 -25.70 -15.17 -63.36
N THR G 156 -26.62 -14.27 -63.72
CA THR G 156 -26.59 -12.86 -63.33
C THR G 156 -27.95 -12.42 -62.78
N LYS G 157 -27.94 -11.84 -61.59
CA LYS G 157 -29.15 -11.34 -60.93
C LYS G 157 -28.97 -9.89 -60.51
N SER G 158 -29.94 -9.04 -60.88
CA SER G 158 -29.87 -7.60 -60.61
C SER G 158 -31.06 -7.16 -59.77
N TYR G 159 -30.84 -6.12 -58.96
CA TYR G 159 -31.88 -5.54 -58.11
C TYR G 159 -31.77 -4.01 -58.11
N LYS G 160 -32.90 -3.34 -58.33
CA LYS G 160 -32.99 -1.89 -58.34
C LYS G 160 -33.67 -1.39 -57.07
N ASN G 161 -33.04 -0.42 -56.41
CA ASN G 161 -33.61 0.20 -55.21
C ASN G 161 -34.67 1.22 -55.60
N THR G 162 -35.94 0.86 -55.41
CA THR G 162 -37.06 1.73 -55.79
C THR G 162 -37.57 2.61 -54.65
N ARG G 163 -36.96 2.56 -53.47
CA ARG G 163 -37.44 3.34 -52.32
C ARG G 163 -36.70 4.66 -52.15
N LYS G 164 -37.03 5.37 -51.06
CA LYS G 164 -36.65 6.76 -50.84
C LYS G 164 -35.38 6.90 -50.00
N SER G 165 -34.82 5.80 -49.51
CA SER G 165 -33.58 5.80 -48.76
C SER G 165 -32.65 4.72 -49.31
N PRO G 166 -31.34 4.85 -49.07
CA PRO G 166 -30.40 3.84 -49.59
C PRO G 166 -30.68 2.46 -48.99
N ALA G 167 -30.45 1.43 -49.81
CA ALA G 167 -30.69 0.05 -49.41
C ALA G 167 -29.39 -0.60 -48.95
N LEU G 168 -29.42 -1.23 -47.78
CA LEU G 168 -28.29 -1.99 -47.28
C LEU G 168 -28.31 -3.37 -47.92
N ILE G 169 -27.31 -3.66 -48.75
CA ILE G 169 -27.21 -4.91 -49.49
C ILE G 169 -26.07 -5.72 -48.90
N VAL G 170 -26.33 -6.99 -48.58
CA VAL G 170 -25.35 -7.89 -48.01
C VAL G 170 -25.32 -9.16 -48.84
N TRP G 171 -24.11 -9.66 -49.12
CA TRP G 171 -23.95 -10.95 -49.77
C TRP G 171 -22.78 -11.69 -49.11
N GLY G 172 -22.58 -12.94 -49.50
CA GLY G 172 -21.54 -13.75 -48.91
C GLY G 172 -20.77 -14.52 -49.97
N ILE G 173 -19.50 -14.77 -49.67
CA ILE G 173 -18.63 -15.62 -50.48
C ILE G 173 -18.29 -16.86 -49.65
N HIS G 174 -18.49 -18.04 -50.24
CA HIS G 174 -18.23 -19.30 -49.54
C HIS G 174 -16.83 -19.80 -49.88
N HIS G 175 -16.03 -20.04 -48.84
CA HIS G 175 -14.70 -20.63 -48.95
C HIS G 175 -14.77 -22.04 -48.41
N SER G 176 -14.71 -23.02 -49.30
CA SER G 176 -14.78 -24.43 -48.95
C SER G 176 -13.50 -24.89 -48.25
N VAL G 177 -13.57 -26.05 -47.59
CA VAL G 177 -12.42 -26.59 -46.90
C VAL G 177 -11.36 -27.12 -47.88
N SER G 178 -11.74 -27.46 -49.10
CA SER G 178 -10.82 -28.04 -50.07
C SER G 178 -11.38 -27.87 -51.47
N THR G 179 -10.51 -28.05 -52.47
CA THR G 179 -10.97 -28.01 -53.85
C THR G 179 -11.99 -29.12 -54.14
N ALA G 180 -11.84 -30.28 -53.48
CA ALA G 180 -12.80 -31.36 -53.70
C ALA G 180 -14.19 -30.98 -53.22
N GLU G 181 -14.30 -30.31 -52.07
CA GLU G 181 -15.60 -29.90 -51.56
C GLU G 181 -16.21 -28.81 -52.43
N GLN G 182 -15.39 -27.83 -52.84
CA GLN G 182 -15.88 -26.79 -53.72
C GLN G 182 -16.37 -27.37 -55.05
N THR G 183 -15.66 -28.37 -55.56
CA THR G 183 -16.14 -29.05 -56.77
C THR G 183 -17.45 -29.78 -56.50
N LYS G 184 -17.54 -30.46 -55.34
CA LYS G 184 -18.77 -31.18 -55.01
C LYS G 184 -19.96 -30.24 -54.98
N LEU G 185 -19.76 -29.01 -54.52
CA LEU G 185 -20.86 -28.06 -54.36
C LEU G 185 -21.16 -27.26 -55.62
N TYR G 186 -20.13 -26.83 -56.36
CA TYR G 186 -20.32 -25.93 -57.48
C TYR G 186 -19.68 -26.41 -58.78
N GLY G 187 -19.08 -27.60 -58.80
CA GLY G 187 -18.42 -28.09 -59.99
C GLY G 187 -16.97 -27.62 -60.10
N SER G 188 -16.22 -28.35 -60.91
CA SER G 188 -14.81 -28.06 -61.09
C SER G 188 -14.64 -26.79 -61.91
N GLY G 189 -13.41 -26.28 -61.92
CA GLY G 189 -13.06 -25.12 -62.71
C GLY G 189 -12.98 -23.85 -61.88
N ASN G 190 -12.56 -22.78 -62.54
CA ASN G 190 -12.40 -21.49 -61.86
C ASN G 190 -13.75 -20.95 -61.43
N LYS G 191 -13.79 -20.35 -60.24
CA LYS G 191 -15.00 -19.73 -59.72
C LYS G 191 -14.78 -18.24 -59.53
N LEU G 192 -15.78 -17.46 -59.91
CA LEU G 192 -15.70 -16.00 -59.87
C LEU G 192 -17.06 -15.43 -59.50
N VAL G 193 -17.04 -14.43 -58.63
CA VAL G 193 -18.24 -13.67 -58.25
C VAL G 193 -17.90 -12.20 -58.44
N THR G 194 -18.57 -11.54 -59.38
CA THR G 194 -18.42 -10.12 -59.62
C THR G 194 -19.66 -9.38 -59.15
N VAL G 195 -19.45 -8.27 -58.45
CA VAL G 195 -20.52 -7.45 -57.90
C VAL G 195 -20.34 -6.03 -58.41
N GLY G 196 -21.39 -5.48 -59.00
CA GLY G 196 -21.26 -4.15 -59.57
C GLY G 196 -22.47 -3.26 -59.37
N SER G 197 -22.23 -1.98 -59.17
CA SER G 197 -23.30 -0.98 -59.13
C SER G 197 -22.82 0.23 -59.92
N SER G 198 -23.43 1.39 -59.66
CA SER G 198 -23.02 2.58 -60.37
C SER G 198 -21.73 3.18 -59.80
N ASN G 199 -21.43 2.93 -58.52
CA ASN G 199 -20.21 3.44 -57.92
C ASN G 199 -19.42 2.35 -57.19
N TYR G 200 -19.73 1.08 -57.43
CA TYR G 200 -19.04 -0.03 -56.80
C TYR G 200 -18.90 -1.18 -57.79
N GLN G 201 -17.71 -1.79 -57.82
CA GLN G 201 -17.50 -3.05 -58.52
C GLN G 201 -16.35 -3.76 -57.85
N GLN G 202 -16.45 -5.07 -57.74
CA GLN G 202 -15.41 -5.86 -57.09
C GLN G 202 -15.54 -7.30 -57.53
N SER G 203 -14.40 -7.94 -57.77
CA SER G 203 -14.35 -9.36 -58.06
C SER G 203 -13.90 -10.15 -56.84
N PHE G 204 -14.38 -11.38 -56.76
CA PHE G 204 -14.12 -12.26 -55.64
C PHE G 204 -13.89 -13.65 -56.18
N VAL G 205 -12.87 -14.33 -55.67
CA VAL G 205 -12.59 -15.71 -55.99
C VAL G 205 -12.59 -16.47 -54.67
N PRO G 206 -13.30 -17.60 -54.58
CA PRO G 206 -13.25 -18.38 -53.34
C PRO G 206 -11.86 -18.95 -53.15
N SER G 207 -11.49 -19.13 -51.89
CA SER G 207 -10.15 -19.58 -51.51
C SER G 207 -10.24 -20.84 -50.67
N PRO G 208 -10.36 -21.99 -51.31
CA PRO G 208 -10.44 -23.26 -50.56
C PRO G 208 -9.11 -23.55 -49.87
N GLY G 209 -9.21 -24.18 -48.71
CA GLY G 209 -8.05 -24.51 -47.91
C GLY G 209 -8.45 -24.92 -46.51
N ALA G 210 -7.57 -25.62 -45.81
CA ALA G 210 -7.87 -26.09 -44.47
C ALA G 210 -7.67 -24.97 -43.46
N ARG G 211 -8.63 -24.82 -42.55
CA ARG G 211 -8.53 -23.90 -41.43
C ARG G 211 -9.17 -24.57 -40.21
N PRO G 212 -8.92 -24.05 -39.01
CA PRO G 212 -9.48 -24.67 -37.81
C PRO G 212 -11.00 -24.75 -37.83
N GLN G 213 -11.52 -25.77 -37.16
CA GLN G 213 -12.96 -26.01 -37.08
C GLN G 213 -13.61 -25.00 -36.15
N VAL G 214 -14.54 -24.21 -36.69
CA VAL G 214 -15.36 -23.29 -35.91
C VAL G 214 -16.80 -23.76 -36.01
N ASN G 215 -17.39 -24.09 -34.86
CA ASN G 215 -18.72 -24.70 -34.79
C ASN G 215 -18.75 -26.03 -35.55
N GLY G 216 -17.64 -26.75 -35.54
CA GLY G 216 -17.53 -28.04 -36.17
C GLY G 216 -17.22 -28.02 -37.65
N LEU G 217 -17.16 -26.84 -38.27
CA LEU G 217 -16.98 -26.69 -39.71
C LEU G 217 -15.70 -25.94 -40.02
N SER G 218 -15.05 -26.32 -41.11
CA SER G 218 -13.81 -25.68 -41.53
C SER G 218 -14.00 -24.75 -42.73
N GLY G 219 -15.20 -24.68 -43.30
CA GLY G 219 -15.47 -23.67 -44.30
C GLY G 219 -15.74 -22.31 -43.68
N ARG G 220 -15.76 -21.29 -44.53
CA ARG G 220 -16.06 -19.94 -44.07
C ARG G 220 -16.99 -19.25 -45.05
N ILE G 221 -17.67 -18.20 -44.57
CA ILE G 221 -18.45 -17.29 -45.39
C ILE G 221 -17.98 -15.87 -45.08
N ASP G 222 -17.56 -15.15 -46.12
CA ASP G 222 -17.23 -13.73 -46.00
C ASP G 222 -18.47 -12.91 -46.36
N PHE G 223 -18.95 -12.09 -45.43
CA PHE G 223 -20.10 -11.23 -45.70
C PHE G 223 -19.60 -9.84 -46.08
N HIS G 224 -20.07 -9.35 -47.22
CA HIS G 224 -19.76 -8.02 -47.72
C HIS G 224 -21.05 -7.24 -47.88
N TRP G 225 -20.93 -5.92 -47.86
CA TRP G 225 -22.12 -5.08 -47.90
C TRP G 225 -21.83 -3.80 -48.66
N LEU G 226 -22.89 -3.18 -49.17
CA LEU G 226 -22.81 -1.87 -49.80
C LEU G 226 -24.13 -1.14 -49.62
N MET G 227 -24.09 0.18 -49.80
CA MET G 227 -25.28 1.01 -49.81
C MET G 227 -25.67 1.33 -51.25
N LEU G 228 -26.87 0.92 -51.64
CA LEU G 228 -27.38 1.13 -52.99
C LEU G 228 -28.29 2.36 -52.99
N ASN G 229 -27.89 3.38 -53.73
CA ASN G 229 -28.65 4.61 -53.82
C ASN G 229 -29.95 4.41 -54.58
N PRO G 230 -30.94 5.28 -54.36
CA PRO G 230 -32.17 5.21 -55.16
C PRO G 230 -31.86 5.29 -56.65
N ASN G 231 -32.68 4.58 -57.43
CA ASN G 231 -32.56 4.45 -58.89
C ASN G 231 -31.33 3.66 -59.31
N ASP G 232 -30.47 3.32 -58.35
CA ASP G 232 -29.29 2.54 -58.66
C ASP G 232 -29.60 1.05 -58.55
N THR G 233 -28.84 0.25 -59.28
CA THR G 233 -29.02 -1.20 -59.34
C THR G 233 -27.72 -1.88 -58.91
N VAL G 234 -27.85 -2.98 -58.18
CA VAL G 234 -26.72 -3.84 -57.87
C VAL G 234 -26.87 -5.11 -58.70
N THR G 235 -25.77 -5.56 -59.28
CA THR G 235 -25.76 -6.71 -60.18
C THR G 235 -24.72 -7.72 -59.71
N PHE G 236 -25.15 -8.97 -59.54
CA PHE G 236 -24.28 -10.07 -59.18
C PHE G 236 -24.15 -11.03 -60.35
N SER G 237 -22.91 -11.32 -60.75
CA SER G 237 -22.64 -12.34 -61.76
C SER G 237 -21.75 -13.41 -61.15
N PHE G 238 -22.21 -14.65 -61.16
CA PHE G 238 -21.52 -15.69 -60.39
C PHE G 238 -21.73 -17.06 -61.02
N ASN G 239 -20.81 -17.97 -60.71
CA ASN G 239 -20.89 -19.38 -61.09
C ASN G 239 -20.61 -20.30 -59.91
N GLY G 240 -20.81 -19.82 -58.67
CA GLY G 240 -20.62 -20.63 -57.50
C GLY G 240 -20.02 -19.90 -56.30
N ALA G 241 -19.98 -20.57 -55.15
CA ALA G 241 -19.39 -20.03 -53.93
C ALA G 241 -20.00 -18.68 -53.55
N PHE G 242 -21.28 -18.50 -53.87
CA PHE G 242 -21.96 -17.23 -53.67
C PHE G 242 -23.18 -17.44 -52.77
N ILE G 243 -23.24 -16.69 -51.68
CA ILE G 243 -24.38 -16.69 -50.77
C ILE G 243 -25.26 -15.52 -51.17
N ALA G 244 -26.39 -15.81 -51.84
CA ALA G 244 -27.15 -14.73 -52.45
C ALA G 244 -28.05 -14.05 -51.42
N PRO G 245 -28.27 -12.75 -51.57
CA PRO G 245 -29.25 -12.08 -50.70
C PRO G 245 -30.66 -12.31 -51.20
N ASP G 246 -31.58 -12.47 -50.25
CA ASP G 246 -33.00 -12.54 -50.56
C ASP G 246 -33.73 -11.23 -50.28
N ARG G 247 -33.33 -10.50 -49.23
CA ARG G 247 -33.96 -9.23 -48.89
C ARG G 247 -32.90 -8.18 -48.59
N ALA G 248 -33.25 -6.92 -48.84
CA ALA G 248 -32.44 -5.76 -48.49
C ALA G 248 -33.01 -5.07 -47.27
N SER G 249 -32.18 -4.28 -46.60
CA SER G 249 -32.58 -3.57 -45.39
C SER G 249 -32.61 -2.08 -45.62
N PHE G 250 -33.57 -1.41 -44.96
CA PHE G 250 -33.67 0.05 -44.96
C PHE G 250 -33.79 0.51 -43.51
N LEU G 251 -33.13 1.61 -43.19
CA LEU G 251 -33.12 2.09 -41.82
C LEU G 251 -34.45 2.76 -41.50
N ARG G 252 -34.96 2.50 -40.29
CA ARG G 252 -36.30 2.97 -39.93
C ARG G 252 -36.30 4.46 -39.59
N GLY G 253 -35.37 4.89 -38.76
CA GLY G 253 -35.31 6.28 -38.35
C GLY G 253 -34.03 6.59 -37.60
N LYS G 254 -34.13 6.70 -36.28
CA LYS G 254 -32.98 7.05 -35.46
C LYS G 254 -33.05 6.30 -34.13
N SER G 255 -31.89 6.00 -33.58
CA SER G 255 -31.78 5.35 -32.28
C SER G 255 -30.35 5.54 -31.77
N MET G 256 -30.08 4.97 -30.60
CA MET G 256 -28.71 4.88 -30.13
C MET G 256 -28.48 3.49 -29.57
N GLY G 257 -27.24 3.03 -29.67
CA GLY G 257 -26.86 1.69 -29.26
C GLY G 257 -25.86 1.73 -28.12
N ILE G 258 -26.00 0.79 -27.19
CA ILE G 258 -25.10 0.65 -26.06
C ILE G 258 -24.65 -0.80 -25.96
N GLN G 259 -23.61 -1.03 -25.16
CA GLN G 259 -23.13 -2.36 -24.82
C GLN G 259 -23.18 -2.50 -23.31
N SER G 260 -23.98 -3.45 -22.83
CA SER G 260 -24.23 -3.58 -21.40
C SER G 260 -24.14 -5.03 -20.96
N GLY G 261 -23.91 -5.20 -19.66
CA GLY G 261 -23.92 -6.51 -19.05
C GLY G 261 -24.87 -6.58 -17.87
N VAL G 262 -25.86 -5.69 -17.83
CA VAL G 262 -26.82 -5.62 -16.74
C VAL G 262 -28.24 -5.63 -17.31
N GLN G 263 -29.20 -5.93 -16.45
CA GLN G 263 -30.57 -6.15 -16.85
C GLN G 263 -31.21 -4.87 -17.38
N VAL G 264 -32.34 -5.04 -18.06
CA VAL G 264 -33.15 -3.92 -18.53
C VAL G 264 -34.22 -3.66 -17.48
N ASP G 265 -34.50 -2.38 -17.23
CA ASP G 265 -35.52 -1.98 -16.26
C ASP G 265 -36.49 -1.02 -16.93
N ALA G 266 -37.70 -1.51 -17.23
CA ALA G 266 -38.76 -0.67 -17.80
C ALA G 266 -39.51 0.13 -16.74
N ASN G 267 -38.96 0.26 -15.53
CA ASN G 267 -39.60 1.03 -14.47
C ASN G 267 -38.78 2.21 -13.97
N CYS G 268 -37.53 2.35 -14.41
CA CYS G 268 -36.77 3.58 -14.19
C CYS G 268 -36.48 4.22 -15.54
N GLU G 269 -36.35 5.55 -15.53
CA GLU G 269 -36.14 6.33 -16.75
C GLU G 269 -34.78 7.00 -16.70
N GLY G 270 -34.01 6.88 -17.78
CA GLY G 270 -32.68 7.44 -17.83
C GLY G 270 -32.27 7.82 -19.24
N ASP G 271 -31.15 8.56 -19.32
CA ASP G 271 -30.62 9.01 -20.59
C ASP G 271 -29.11 8.86 -20.73
N CYS G 272 -28.42 8.28 -19.74
CA CYS G 272 -26.97 8.11 -19.79
C CYS G 272 -26.65 6.68 -19.39
N TYR G 273 -26.05 5.93 -20.31
CA TYR G 273 -25.81 4.51 -20.12
C TYR G 273 -24.33 4.19 -20.22
N HIS G 274 -23.92 3.14 -19.50
CA HIS G 274 -22.63 2.51 -19.71
C HIS G 274 -22.84 1.01 -19.54
N SER G 275 -21.76 0.23 -19.65
CA SER G 275 -21.91 -1.23 -19.61
C SER G 275 -22.39 -1.73 -18.25
N GLY G 276 -22.18 -0.95 -17.19
CA GLY G 276 -22.54 -1.32 -15.84
C GLY G 276 -23.88 -0.82 -15.36
N GLY G 277 -24.60 -0.07 -16.17
CA GLY G 277 -25.94 0.34 -15.81
C GLY G 277 -26.25 1.72 -16.38
N THR G 278 -26.96 2.51 -15.59
CA THR G 278 -27.45 3.82 -16.00
C THR G 278 -26.99 4.85 -14.99
N ILE G 279 -26.60 6.02 -15.49
CA ILE G 279 -26.20 7.14 -14.66
C ILE G 279 -27.35 8.16 -14.72
N ILE G 280 -28.09 8.25 -13.62
CA ILE G 280 -29.19 9.20 -13.48
C ILE G 280 -28.76 10.22 -12.42
N SER G 281 -28.56 11.46 -12.84
CA SER G 281 -27.95 12.42 -11.96
C SER G 281 -28.20 13.82 -12.47
N ASN G 282 -28.31 14.76 -11.52
CA ASN G 282 -28.30 16.18 -11.83
C ASN G 282 -26.94 16.82 -11.67
N LEU G 283 -25.96 16.07 -11.16
CA LEU G 283 -24.62 16.61 -11.00
C LEU G 283 -23.95 16.79 -12.36
N PRO G 284 -23.06 17.78 -12.49
CA PRO G 284 -22.45 18.05 -13.80
C PRO G 284 -21.33 17.09 -14.16
N PHE G 285 -20.76 16.38 -13.20
CA PHE G 285 -19.65 15.48 -13.47
C PHE G 285 -19.96 14.08 -12.95
N GLN G 286 -19.27 13.09 -13.53
CA GLN G 286 -19.36 11.72 -13.09
C GLN G 286 -17.97 11.09 -13.12
N ASN G 287 -17.74 10.16 -12.20
CA ASN G 287 -16.49 9.41 -12.11
C ASN G 287 -16.76 7.91 -12.26
N ILE G 288 -17.79 7.56 -13.03
CA ILE G 288 -18.26 6.19 -13.12
C ILE G 288 -17.68 5.47 -14.33
N ASP G 289 -17.83 6.05 -15.53
CA ASP G 289 -17.36 5.40 -16.76
C ASP G 289 -17.09 6.48 -17.80
N SER G 290 -15.85 6.57 -18.27
CA SER G 290 -15.47 7.57 -19.26
C SER G 290 -16.05 7.31 -20.64
N ARG G 291 -16.60 6.12 -20.89
CA ARG G 291 -17.16 5.79 -22.20
C ARG G 291 -18.68 5.76 -22.18
N ALA G 292 -19.30 6.33 -21.14
CA ALA G 292 -20.75 6.43 -21.10
C ALA G 292 -21.25 7.24 -22.29
N VAL G 293 -22.47 6.93 -22.74
CA VAL G 293 -23.03 7.53 -23.94
C VAL G 293 -24.48 7.94 -23.68
N GLY G 294 -24.97 8.82 -24.55
CA GLY G 294 -26.26 9.45 -24.38
C GLY G 294 -26.08 10.91 -23.99
N LYS G 295 -27.00 11.42 -23.17
CA LYS G 295 -26.88 12.75 -22.60
C LYS G 295 -26.42 12.57 -21.15
N CYS G 296 -25.14 12.82 -20.91
CA CYS G 296 -24.44 12.40 -19.71
C CYS G 296 -23.82 13.58 -18.97
N PRO G 297 -23.63 13.46 -17.65
CA PRO G 297 -22.70 14.35 -16.98
C PRO G 297 -21.30 14.12 -17.52
N ARG G 298 -20.49 15.18 -17.51
CA ARG G 298 -19.17 15.09 -18.09
C ARG G 298 -18.27 14.20 -17.22
N TYR G 299 -17.62 13.21 -17.84
CA TYR G 299 -16.70 12.35 -17.10
C TYR G 299 -15.44 13.11 -16.71
N VAL G 300 -15.04 12.98 -15.44
CA VAL G 300 -13.79 13.54 -14.94
C VAL G 300 -13.09 12.49 -14.10
N LYS G 301 -11.78 12.69 -13.89
CA LYS G 301 -10.97 11.70 -13.19
C LYS G 301 -11.07 11.82 -11.68
N GLN G 302 -11.46 12.97 -11.14
CA GLN G 302 -11.60 13.11 -9.70
C GLN G 302 -12.84 12.35 -9.21
N ARG G 303 -12.72 11.73 -8.04
CA ARG G 303 -13.88 11.07 -7.47
C ARG G 303 -14.79 12.02 -6.69
N SER G 304 -14.26 13.16 -6.24
CA SER G 304 -15.06 14.09 -5.45
C SER G 304 -14.56 15.51 -5.66
N LEU G 305 -15.50 16.43 -5.88
CA LEU G 305 -15.19 17.86 -5.98
C LEU G 305 -16.28 18.60 -5.22
N LEU G 306 -15.96 19.05 -4.01
CA LEU G 306 -16.95 19.67 -3.15
C LEU G 306 -17.04 21.15 -3.47
N LEU G 307 -18.25 21.60 -3.77
CA LEU G 307 -18.55 23.00 -4.03
C LEU G 307 -19.07 23.63 -2.74
N ALA G 308 -18.44 24.70 -2.31
CA ALA G 308 -18.89 25.39 -1.10
C ALA G 308 -20.25 26.01 -1.33
N THR G 309 -21.16 25.83 -0.37
CA THR G 309 -22.46 26.50 -0.40
C THR G 309 -22.68 27.35 0.84
N GLY G 310 -21.62 27.64 1.60
CA GLY G 310 -21.72 28.47 2.79
C GLY G 310 -20.40 29.15 3.07
N MET G 311 -20.41 30.01 4.07
CA MET G 311 -19.24 30.80 4.43
C MET G 311 -18.15 29.90 5.04
N LYS G 312 -16.97 30.49 5.20
CA LYS G 312 -15.91 29.81 5.94
C LYS G 312 -16.37 29.54 7.37
N ASN G 313 -16.06 28.35 7.87
CA ASN G 313 -16.46 27.96 9.21
C ASN G 313 -15.36 28.32 10.21
N VAL G 314 -15.68 29.23 11.12
CA VAL G 314 -14.76 29.61 12.19
C VAL G 314 -15.44 29.28 13.52
N PRO G 315 -15.26 28.06 14.03
CA PRO G 315 -15.95 27.68 15.26
C PRO G 315 -15.28 28.27 16.49
N GLU G 316 -16.03 28.27 17.59
CA GLU G 316 -15.56 28.84 18.84
C GLU G 316 -14.92 27.78 19.74
N GLY H 1 -10.64 35.87 3.96
CA GLY H 1 -11.40 36.49 2.90
C GLY H 1 -10.83 37.82 2.48
N LEU H 2 -11.28 38.34 1.33
CA LEU H 2 -10.76 39.61 0.83
C LEU H 2 -11.19 40.80 1.67
N PHE H 3 -12.21 40.64 2.52
CA PHE H 3 -12.81 41.75 3.23
C PHE H 3 -12.49 41.75 4.72
N GLY H 4 -11.69 40.78 5.18
CA GLY H 4 -11.26 40.62 6.56
C GLY H 4 -12.28 40.82 7.66
N ALA H 5 -13.51 40.37 7.43
CA ALA H 5 -14.55 40.32 8.44
C ALA H 5 -14.59 38.88 8.98
N ILE H 6 -15.33 38.00 8.29
CA ILE H 6 -15.39 36.60 8.69
C ILE H 6 -13.98 36.02 8.72
N ALA H 7 -13.61 35.42 9.85
CA ALA H 7 -12.26 34.93 10.10
C ALA H 7 -11.24 36.08 10.06
N GLY H 8 -11.69 37.28 10.39
CA GLY H 8 -10.86 38.47 10.40
C GLY H 8 -10.96 39.24 11.70
N PHE H 9 -11.43 40.48 11.66
CA PHE H 9 -11.56 41.22 12.91
C PHE H 9 -12.70 40.70 13.76
N ILE H 10 -13.63 39.95 13.18
CA ILE H 10 -14.58 39.14 13.93
C ILE H 10 -13.89 37.80 14.19
N GLU H 11 -13.55 37.54 15.45
CA GLU H 11 -12.58 36.49 15.76
C GLU H 11 -13.12 35.10 15.50
N ASN H 12 -14.41 34.86 15.71
CA ASN H 12 -15.00 33.57 15.43
C ASN H 12 -16.49 33.76 15.25
N GLY H 13 -17.17 32.68 14.86
CA GLY H 13 -18.59 32.68 14.63
C GLY H 13 -19.38 32.18 15.82
N TRP H 14 -20.70 32.28 15.69
CA TRP H 14 -21.62 31.92 16.77
C TRP H 14 -22.37 30.66 16.38
N GLU H 15 -22.08 29.55 17.07
CA GLU H 15 -22.77 28.31 16.78
C GLU H 15 -24.22 28.34 17.23
N GLY H 16 -24.58 29.27 18.10
CA GLY H 16 -25.96 29.47 18.51
C GLY H 16 -26.82 30.23 17.53
N LEU H 17 -26.20 30.85 16.54
CA LEU H 17 -26.93 31.53 15.46
C LEU H 17 -27.42 30.47 14.49
N ILE H 18 -28.61 29.94 14.76
CA ILE H 18 -29.17 28.84 13.98
C ILE H 18 -30.29 29.28 13.06
N ASP H 19 -30.72 30.55 13.12
CA ASP H 19 -31.84 31.04 12.33
C ASP H 19 -31.43 32.05 11.26
N GLY H 20 -30.12 32.17 10.99
CA GLY H 20 -29.67 33.04 9.92
C GLY H 20 -28.16 32.90 9.76
N TRP H 21 -27.65 33.53 8.70
CA TRP H 21 -26.21 33.52 8.45
C TRP H 21 -25.48 34.62 9.21
N TYR H 22 -26.12 35.77 9.38
CA TYR H 22 -25.53 36.91 10.08
C TYR H 22 -26.51 37.40 11.12
N GLY H 23 -26.00 38.10 12.13
CA GLY H 23 -26.89 38.58 13.17
C GLY H 23 -26.22 39.51 14.13
N PHE H 24 -27.00 39.94 15.13
CA PHE H 24 -26.61 40.87 16.16
C PHE H 24 -26.66 40.16 17.51
N ARG H 25 -25.66 40.42 18.36
CA ARG H 25 -25.67 39.94 19.75
C ARG H 25 -25.46 41.15 20.66
N HIS H 26 -26.49 41.52 21.39
CA HIS H 26 -26.50 42.75 22.17
C HIS H 26 -26.47 42.47 23.67
N GLN H 27 -25.94 43.44 24.41
CA GLN H 27 -25.76 43.35 25.84
C GLN H 27 -26.24 44.65 26.48
N ASN H 28 -27.22 44.56 27.39
CA ASN H 28 -27.67 45.74 28.10
C ASN H 28 -28.06 45.32 29.52
N ALA H 29 -28.65 46.26 30.27
CA ALA H 29 -29.02 45.97 31.65
C ALA H 29 -30.03 44.84 31.75
N GLN H 30 -30.86 44.66 30.72
CA GLN H 30 -31.84 43.59 30.69
C GLN H 30 -31.23 42.23 30.35
N GLY H 31 -29.96 42.17 29.94
CA GLY H 31 -29.35 40.89 29.66
C GLY H 31 -28.72 40.81 28.28
N GLU H 32 -28.67 39.60 27.73
CA GLU H 32 -28.05 39.31 26.46
C GLU H 32 -29.11 38.91 25.44
N GLY H 33 -28.84 39.18 24.17
CA GLY H 33 -29.74 38.76 23.12
C GLY H 33 -28.99 38.44 21.85
N THR H 34 -29.56 37.53 21.06
CA THR H 34 -29.01 37.17 19.75
C THR H 34 -30.14 37.06 18.75
N ALA H 35 -30.01 37.76 17.63
CA ALA H 35 -31.01 37.69 16.56
C ALA H 35 -30.31 37.62 15.22
N ALA H 36 -30.95 37.00 14.25
CA ALA H 36 -30.41 36.91 12.91
C ALA H 36 -30.88 38.10 12.08
N ASP H 37 -30.02 38.53 11.15
CA ASP H 37 -30.39 39.59 10.21
C ASP H 37 -30.90 38.94 8.93
N TYR H 38 -32.14 39.26 8.56
CA TYR H 38 -32.79 38.59 7.44
C TYR H 38 -32.23 39.05 6.10
N LYS H 39 -32.01 40.36 5.94
CA LYS H 39 -31.69 40.89 4.63
C LYS H 39 -30.33 40.37 4.14
N SER H 40 -29.30 40.42 4.98
CA SER H 40 -27.98 39.97 4.58
C SER H 40 -27.96 38.46 4.36
N THR H 41 -28.55 37.71 5.29
CA THR H 41 -28.66 36.26 5.16
C THR H 41 -29.31 35.88 3.83
N GLN H 42 -30.45 36.51 3.51
CA GLN H 42 -31.13 36.19 2.28
C GLN H 42 -30.35 36.64 1.06
N SER H 43 -29.57 37.73 1.18
CA SER H 43 -28.75 38.16 0.05
C SER H 43 -27.67 37.13 -0.27
N ALA H 44 -26.95 36.66 0.74
CA ALA H 44 -25.92 35.65 0.52
C ALA H 44 -26.52 34.34 0.03
N ILE H 45 -27.61 33.90 0.65
CA ILE H 45 -28.27 32.68 0.21
C ILE H 45 -28.72 32.80 -1.24
N ASP H 46 -29.26 33.96 -1.62
CA ASP H 46 -29.70 34.17 -2.99
C ASP H 46 -28.53 34.10 -3.96
N GLN H 47 -27.39 34.69 -3.60
CA GLN H 47 -26.26 34.69 -4.54
C GLN H 47 -25.65 33.29 -4.68
N ILE H 48 -25.44 32.60 -3.55
CA ILE H 48 -24.88 31.26 -3.63
C ILE H 48 -25.83 30.31 -4.35
N THR H 49 -27.14 30.47 -4.09
CA THR H 49 -28.13 29.64 -4.76
C THR H 49 -28.17 29.91 -6.26
N GLY H 50 -28.09 31.17 -6.66
CA GLY H 50 -28.00 31.48 -8.08
C GLY H 50 -26.78 30.86 -8.71
N LYS H 51 -25.65 30.89 -8.01
CA LYS H 51 -24.44 30.22 -8.50
C LYS H 51 -24.67 28.72 -8.67
N LEU H 52 -25.32 28.09 -7.69
CA LEU H 52 -25.58 26.65 -7.76
C LEU H 52 -26.47 26.32 -8.95
N ASN H 53 -27.56 27.06 -9.12
CA ASN H 53 -28.43 26.83 -10.27
C ASN H 53 -27.70 27.06 -11.59
N ARG H 54 -26.77 28.02 -11.62
CA ARG H 54 -25.96 28.20 -12.83
C ARG H 54 -25.11 26.97 -13.10
N LEU H 55 -24.52 26.39 -12.05
CA LEU H 55 -23.59 25.29 -12.25
C LEU H 55 -24.28 23.99 -12.65
N ILE H 56 -25.58 23.85 -12.41
CA ILE H 56 -26.30 22.63 -12.77
C ILE H 56 -27.24 22.86 -13.96
N GLU H 57 -27.06 23.95 -14.71
CA GLU H 57 -27.87 24.16 -15.90
C GLU H 57 -27.66 23.02 -16.90
N LYS H 58 -28.77 22.42 -17.34
CA LYS H 58 -28.71 21.29 -18.26
C LYS H 58 -28.75 21.85 -19.68
N THR H 59 -27.67 21.64 -20.42
CA THR H 59 -27.60 22.01 -21.84
C THR H 59 -27.07 20.84 -22.66
N ASN H 60 -27.42 19.62 -22.26
CA ASN H 60 -26.55 18.48 -22.51
C ASN H 60 -26.53 18.04 -23.98
N GLN H 61 -25.33 17.68 -24.42
CA GLN H 61 -25.00 17.19 -25.75
C GLN H 61 -24.99 15.67 -25.75
N GLN H 62 -25.51 15.07 -26.82
CA GLN H 62 -25.53 13.62 -26.92
C GLN H 62 -24.30 13.15 -27.66
N PHE H 63 -23.64 12.13 -27.10
CA PHE H 63 -22.50 11.48 -27.73
C PHE H 63 -22.77 9.99 -27.89
N GLU H 64 -22.33 9.42 -28.99
CA GLU H 64 -22.57 8.02 -29.30
C GLU H 64 -21.26 7.23 -29.25
N LEU H 65 -21.39 5.91 -29.33
CA LEU H 65 -20.26 5.01 -29.24
C LEU H 65 -19.38 5.16 -30.48
N ILE H 66 -18.06 5.18 -30.28
CA ILE H 66 -17.17 5.18 -31.44
C ILE H 66 -16.14 4.07 -31.37
N ASP H 67 -16.08 3.36 -30.25
CA ASP H 67 -15.25 2.16 -30.16
C ASP H 67 -16.15 1.00 -29.72
N ASN H 68 -15.54 -0.13 -29.39
CA ASN H 68 -16.28 -1.36 -29.12
C ASN H 68 -15.68 -2.09 -27.94
N GLU H 69 -16.51 -2.36 -26.92
CA GLU H 69 -16.07 -3.01 -25.70
C GLU H 69 -15.99 -4.53 -25.81
N PHE H 70 -16.72 -5.13 -26.76
CA PHE H 70 -16.73 -6.58 -26.93
C PHE H 70 -15.81 -7.06 -28.04
N ASN H 71 -15.70 -6.32 -29.13
CA ASN H 71 -14.88 -6.68 -30.28
C ASN H 71 -14.02 -5.45 -30.61
N GLU H 72 -12.80 -5.44 -30.07
CA GLU H 72 -11.95 -4.26 -30.13
C GLU H 72 -11.72 -3.81 -31.58
N VAL H 73 -11.78 -2.49 -31.78
CA VAL H 73 -11.60 -1.90 -33.11
C VAL H 73 -10.14 -2.08 -33.53
N GLU H 74 -9.85 -1.80 -34.80
CA GLU H 74 -8.50 -1.88 -35.32
C GLU H 74 -7.53 -1.07 -34.45
N LYS H 75 -6.28 -1.53 -34.39
CA LYS H 75 -5.35 -1.02 -33.41
C LYS H 75 -5.07 0.47 -33.59
N GLN H 76 -4.74 0.90 -34.82
CA GLN H 76 -4.31 2.28 -35.04
C GLN H 76 -5.43 3.27 -34.72
N ILE H 77 -6.61 3.05 -35.30
CA ILE H 77 -7.73 3.96 -35.07
C ILE H 77 -8.16 3.89 -33.60
N GLY H 78 -8.04 2.73 -32.97
CA GLY H 78 -8.34 2.63 -31.55
C GLY H 78 -7.38 3.43 -30.71
N ASN H 79 -6.11 3.45 -31.09
CA ASN H 79 -5.14 4.26 -30.36
C ASN H 79 -5.42 5.74 -30.55
N VAL H 80 -5.81 6.14 -31.77
CA VAL H 80 -6.18 7.55 -32.00
C VAL H 80 -7.37 7.93 -31.13
N ILE H 81 -8.42 7.08 -31.13
CA ILE H 81 -9.62 7.33 -30.33
C ILE H 81 -9.28 7.42 -28.85
N ASN H 82 -8.46 6.49 -28.37
CA ASN H 82 -8.10 6.50 -26.95
C ASN H 82 -7.33 7.76 -26.59
N TRP H 83 -6.44 8.19 -27.49
CA TRP H 83 -5.68 9.41 -27.26
C TRP H 83 -6.58 10.64 -27.22
N THR H 84 -7.52 10.74 -28.17
CA THR H 84 -8.47 11.84 -28.17
C THR H 84 -9.30 11.84 -26.89
N ARG H 85 -9.88 10.68 -26.54
CA ARG H 85 -10.74 10.63 -25.36
C ARG H 85 -9.97 10.99 -24.09
N ASP H 86 -8.74 10.49 -23.96
CA ASP H 86 -7.96 10.82 -22.77
C ASP H 86 -7.61 12.30 -22.71
N SER H 87 -7.34 12.92 -23.86
CA SER H 87 -7.10 14.37 -23.89
C SER H 87 -8.34 15.15 -23.45
N ILE H 88 -9.51 14.76 -23.96
CA ILE H 88 -10.74 15.42 -23.57
C ILE H 88 -11.00 15.23 -22.09
N THR H 89 -10.78 14.01 -21.58
CA THR H 89 -10.98 13.73 -20.17
C THR H 89 -10.06 14.58 -19.29
N GLU H 90 -8.81 14.78 -19.72
N GLU H 90 -8.82 14.79 -19.73
CA GLU H 90 -7.91 15.64 -18.96
CA GLU H 90 -7.91 15.64 -18.96
C GLU H 90 -8.37 17.10 -19.00
C GLU H 90 -8.36 17.10 -19.00
N VAL H 91 -8.88 17.54 -20.16
CA VAL H 91 -9.39 18.91 -20.26
C VAL H 91 -10.55 19.12 -19.30
N TRP H 92 -11.49 18.16 -19.25
CA TRP H 92 -12.66 18.34 -18.40
C TRP H 92 -12.34 18.15 -16.92
N SER H 93 -11.38 17.27 -16.59
CA SER H 93 -10.92 17.18 -15.21
C SER H 93 -10.29 18.49 -14.75
N TYR H 94 -9.49 19.11 -15.63
CA TYR H 94 -8.93 20.42 -15.33
C TYR H 94 -10.02 21.47 -15.14
N ASN H 95 -10.99 21.51 -16.07
CA ASN H 95 -12.07 22.49 -15.97
C ASN H 95 -12.86 22.31 -14.69
N ALA H 96 -13.17 21.07 -14.32
CA ALA H 96 -13.93 20.83 -13.11
C ALA H 96 -13.15 21.29 -11.88
N GLU H 97 -11.86 20.95 -11.82
CA GLU H 97 -11.04 21.35 -10.68
C GLU H 97 -10.95 22.86 -10.56
N LEU H 98 -10.56 23.55 -11.64
CA LEU H 98 -10.40 24.99 -11.61
C LEU H 98 -11.72 25.70 -11.35
N LEU H 99 -12.78 25.24 -11.99
CA LEU H 99 -14.10 25.83 -11.79
C LEU H 99 -14.51 25.75 -10.33
N VAL H 100 -14.37 24.57 -9.72
CA VAL H 100 -14.79 24.43 -8.33
C VAL H 100 -13.90 25.26 -7.41
N ALA H 101 -12.58 25.28 -7.65
CA ALA H 101 -11.68 26.06 -6.82
C ALA H 101 -12.01 27.56 -6.88
N MET H 102 -12.19 28.06 -8.10
CA MET H 102 -12.53 29.47 -8.29
C MET H 102 -13.87 29.81 -7.64
N GLU H 103 -14.89 28.97 -7.89
CA GLU H 103 -16.20 29.21 -7.29
C GLU H 103 -16.13 29.20 -5.77
N ASN H 104 -15.28 28.35 -5.20
CA ASN H 104 -15.15 28.29 -3.75
C ASN H 104 -14.48 29.54 -3.20
N GLN H 105 -13.40 29.98 -3.84
CA GLN H 105 -12.78 31.25 -3.46
C GLN H 105 -13.81 32.38 -3.49
N HIS H 106 -14.59 32.47 -4.57
CA HIS H 106 -15.54 33.56 -4.69
C HIS H 106 -16.68 33.44 -3.69
N THR H 107 -17.10 32.22 -3.36
CA THR H 107 -18.15 32.05 -2.36
C THR H 107 -17.69 32.53 -1.00
N ILE H 108 -16.50 32.10 -0.58
CA ILE H 108 -15.96 32.53 0.72
C ILE H 108 -15.84 34.06 0.76
N ASP H 109 -15.26 34.64 -0.30
CA ASP H 109 -15.11 36.09 -0.33
C ASP H 109 -16.45 36.81 -0.36
N LEU H 110 -17.46 36.21 -0.98
CA LEU H 110 -18.78 36.85 -1.07
C LEU H 110 -19.47 36.88 0.29
N ALA H 111 -19.39 35.77 1.04
CA ALA H 111 -19.96 35.77 2.39
C ALA H 111 -19.24 36.77 3.29
N ASP H 112 -17.90 36.81 3.19
CA ASP H 112 -17.13 37.85 3.88
C ASP H 112 -17.67 39.23 3.51
N SER H 113 -17.95 39.45 2.22
CA SER H 113 -18.46 40.73 1.76
C SER H 113 -19.79 41.08 2.42
N GLU H 114 -20.71 40.12 2.51
CA GLU H 114 -22.00 40.43 3.11
C GLU H 114 -21.86 40.74 4.60
N MET H 115 -20.98 40.00 5.29
CA MET H 115 -20.69 40.35 6.69
C MET H 115 -20.24 41.79 6.80
N ASP H 116 -19.29 42.19 5.95
CA ASP H 116 -18.80 43.56 6.01
C ASP H 116 -19.90 44.57 5.69
N LYS H 117 -20.79 44.25 4.75
CA LYS H 117 -21.87 45.17 4.41
C LYS H 117 -22.80 45.39 5.59
N LEU H 118 -23.15 44.32 6.31
CA LEU H 118 -24.00 44.47 7.49
C LEU H 118 -23.32 45.30 8.56
N TYR H 119 -22.06 44.97 8.87
CA TYR H 119 -21.31 45.73 9.86
C TYR H 119 -21.27 47.21 9.53
N GLU H 120 -20.93 47.54 8.27
CA GLU H 120 -20.87 48.94 7.86
C GLU H 120 -22.24 49.60 7.91
N ARG H 121 -23.29 48.85 7.59
CA ARG H 121 -24.65 49.37 7.70
C ARG H 121 -24.94 49.83 9.13
N VAL H 122 -24.63 48.98 10.11
CA VAL H 122 -24.89 49.35 11.50
C VAL H 122 -24.04 50.55 11.89
N LYS H 123 -22.76 50.55 11.47
CA LYS H 123 -21.90 51.70 11.75
C LYS H 123 -22.53 53.00 11.27
N ARG H 124 -23.09 53.00 10.05
CA ARG H 124 -23.71 54.21 9.53
C ARG H 124 -25.02 54.53 10.23
N GLN H 125 -25.73 53.52 10.74
CA GLN H 125 -26.92 53.77 11.53
C GLN H 125 -26.58 54.52 12.82
N LEU H 126 -25.51 54.10 13.51
CA LEU H 126 -25.23 54.63 14.83
C LEU H 126 -24.65 56.04 14.81
N ARG H 127 -24.15 56.50 13.67
CA ARG H 127 -23.59 57.84 13.52
C ARG H 127 -22.59 58.18 14.62
N GLU H 128 -22.88 59.20 15.41
CA GLU H 128 -21.94 59.67 16.43
C GLU H 128 -22.23 59.11 17.80
N ASN H 129 -23.17 58.17 17.91
CA ASN H 129 -23.66 57.65 19.19
C ASN H 129 -22.93 56.41 19.68
N ALA H 130 -21.98 55.87 18.92
CA ALA H 130 -21.29 54.65 19.31
C ALA H 130 -19.87 54.68 18.76
N GLU H 131 -19.02 53.79 19.30
CA GLU H 131 -17.66 53.65 18.83
C GLU H 131 -17.33 52.17 18.62
N GLU H 132 -16.53 51.88 17.60
CA GLU H 132 -16.10 50.52 17.33
C GLU H 132 -15.01 50.10 18.30
N ASP H 133 -15.14 48.92 18.87
CA ASP H 133 -14.10 48.41 19.77
C ASP H 133 -13.04 47.59 19.05
N GLY H 134 -13.23 47.28 17.76
CA GLY H 134 -12.24 46.57 16.98
C GLY H 134 -12.44 45.08 16.85
N THR H 135 -13.47 44.51 17.49
CA THR H 135 -13.77 43.08 17.38
C THR H 135 -15.14 42.83 16.78
N GLY H 136 -15.76 43.83 16.15
CA GLY H 136 -17.08 43.70 15.59
C GLY H 136 -18.21 44.22 16.47
N CYS H 137 -17.90 44.78 17.62
CA CYS H 137 -18.93 45.30 18.52
C CYS H 137 -18.95 46.82 18.46
N PHE H 138 -20.13 47.38 18.70
CA PHE H 138 -20.30 48.82 18.79
C PHE H 138 -20.62 49.15 20.25
N GLU H 139 -19.70 49.82 20.90
CA GLU H 139 -19.94 50.34 22.24
C GLU H 139 -20.86 51.54 22.12
N ILE H 140 -22.08 51.40 22.64
CA ILE H 140 -23.11 52.41 22.53
C ILE H 140 -23.02 53.31 23.76
N PHE H 141 -22.88 54.62 23.53
CA PHE H 141 -22.66 55.58 24.60
C PHE H 141 -23.96 56.18 25.11
N HIS H 142 -25.01 55.38 25.18
CA HIS H 142 -26.26 55.77 25.81
C HIS H 142 -27.02 54.52 26.18
N LYS H 143 -27.99 54.66 27.09
CA LYS H 143 -28.82 53.52 27.47
C LYS H 143 -29.68 53.09 26.28
N CYS H 144 -29.57 51.82 25.93
CA CYS H 144 -30.24 51.23 24.78
C CYS H 144 -30.95 49.97 25.26
N ASP H 145 -32.26 50.08 25.49
CA ASP H 145 -33.02 48.96 26.03
C ASP H 145 -33.28 47.94 24.93
N ASP H 146 -34.08 46.92 25.23
CA ASP H 146 -34.33 45.87 24.25
C ASP H 146 -35.03 46.41 23.02
N ASP H 147 -35.96 47.36 23.21
CA ASP H 147 -36.63 47.97 22.08
C ASP H 147 -35.68 48.85 21.27
N CYS H 148 -34.73 49.49 21.94
CA CYS H 148 -33.70 50.27 21.24
C CYS H 148 -32.83 49.37 20.38
N MET H 149 -32.34 48.27 20.96
CA MET H 149 -31.59 47.30 20.19
C MET H 149 -32.41 46.81 18.99
N ALA H 150 -33.68 46.48 19.24
CA ALA H 150 -34.56 46.03 18.16
C ALA H 150 -34.67 47.08 17.07
N SER H 151 -34.68 48.36 17.44
CA SER H 151 -34.69 49.42 16.43
C SER H 151 -33.39 49.46 15.64
N ILE H 152 -32.26 49.11 16.28
CA ILE H 152 -31.01 49.02 15.54
C ILE H 152 -31.07 47.86 14.54
N ARG H 153 -31.63 46.72 14.96
CA ARG H 153 -31.62 45.53 14.12
C ARG H 153 -32.50 45.69 12.88
N ASN H 154 -33.68 46.29 13.02
CA ASN H 154 -34.61 46.43 11.92
C ASN H 154 -34.54 47.80 11.23
N ASN H 155 -33.46 48.54 11.46
CA ASN H 155 -33.15 49.77 10.73
C ASN H 155 -34.21 50.85 10.95
N THR H 156 -34.61 51.03 12.21
CA THR H 156 -35.47 52.14 12.60
C THR H 156 -34.84 53.00 13.69
N TYR H 157 -33.57 52.76 14.01
CA TYR H 157 -32.85 53.56 15.00
C TYR H 157 -32.61 54.97 14.46
N ASP H 158 -33.17 55.96 15.15
CA ASP H 158 -32.99 57.37 14.81
C ASP H 158 -31.88 57.93 15.70
N HIS H 159 -30.72 58.21 15.10
CA HIS H 159 -29.56 58.63 15.88
C HIS H 159 -29.81 59.95 16.60
N SER H 160 -30.63 60.84 16.01
CA SER H 160 -30.92 62.12 16.64
C SER H 160 -31.52 61.96 18.02
N LYS H 161 -32.42 60.98 18.19
CA LYS H 161 -33.12 60.79 19.45
C LYS H 161 -32.17 60.61 20.63
N TYR H 162 -30.99 60.05 20.39
CA TYR H 162 -30.03 59.77 21.45
C TYR H 162 -28.74 60.56 21.31
N ARG H 163 -28.65 61.40 20.28
CA ARG H 163 -27.38 62.05 19.94
C ARG H 163 -26.87 62.88 21.11
N GLU H 164 -27.73 63.70 21.70
CA GLU H 164 -27.32 64.59 22.78
C GLU H 164 -26.72 63.81 23.96
N GLU H 165 -27.41 62.76 24.41
CA GLU H 165 -26.89 61.95 25.53
C GLU H 165 -25.56 61.33 25.16
N ALA H 166 -25.49 60.66 24.00
CA ALA H 166 -24.26 59.97 23.62
C ALA H 166 -23.10 60.94 23.46
N MET H 167 -23.36 62.08 22.82
CA MET H 167 -22.34 63.10 22.64
C MET H 167 -21.84 63.62 23.97
N GLN H 168 -22.69 63.64 25.00
CA GLN H 168 -22.19 64.00 26.32
C GLN H 168 -21.36 62.88 26.93
N ASN H 169 -21.75 61.62 26.73
CA ASN H 169 -21.05 60.52 27.37
C ASN H 169 -19.67 60.26 26.75
N ARG H 170 -19.43 60.69 25.51
CA ARG H 170 -18.13 60.46 24.88
C ARG H 170 -17.09 61.51 25.24
N ILE H 171 -17.46 62.58 25.95
CA ILE H 171 -16.51 63.60 26.36
C ILE H 171 -16.54 63.76 27.89
N ASP I 1 2.98 64.03 16.16
CA ASP I 1 3.27 62.60 16.09
C ASP I 1 2.29 61.86 15.19
N LYS I 2 2.82 61.02 14.30
CA LYS I 2 1.98 60.27 13.37
C LYS I 2 2.64 58.93 13.07
N ILE I 3 1.83 57.97 12.64
CA ILE I 3 2.29 56.66 12.19
C ILE I 3 1.62 56.35 10.85
N CYS I 4 2.41 55.87 9.89
CA CYS I 4 1.95 55.68 8.52
C CYS I 4 2.03 54.21 8.14
N LEU I 5 1.00 53.73 7.44
CA LEU I 5 0.99 52.38 6.91
C LEU I 5 1.52 52.40 5.48
N GLY I 6 2.26 51.36 5.11
CA GLY I 6 2.80 51.27 3.76
C GLY I 6 3.14 49.85 3.39
N HIS I 7 3.66 49.70 2.18
CA HIS I 7 3.99 48.40 1.61
C HIS I 7 5.34 48.51 0.93
N HIS I 8 5.94 47.34 0.66
CA HIS I 8 7.26 47.35 0.06
C HIS I 8 7.18 47.56 -1.45
N ALA I 9 8.33 47.87 -2.03
CA ALA I 9 8.45 48.05 -3.47
C ALA I 9 9.90 47.79 -3.85
N VAL I 10 10.13 47.61 -5.15
CA VAL I 10 11.48 47.47 -5.68
C VAL I 10 11.62 48.43 -6.85
N SER I 11 12.86 48.78 -7.16
CA SER I 11 13.10 49.81 -8.17
C SER I 11 12.66 49.35 -9.55
N ASN I 12 12.99 48.11 -9.93
CA ASN I 12 12.59 47.57 -11.22
C ASN I 12 11.91 46.22 -10.96
N GLY I 13 10.58 46.18 -11.17
CA GLY I 13 9.82 44.96 -10.97
C GLY I 13 9.71 44.13 -12.23
N THR I 14 8.82 43.14 -12.18
CA THR I 14 8.61 42.18 -13.26
C THR I 14 7.21 42.36 -13.85
N LYS I 15 7.14 42.48 -15.18
CA LYS I 15 5.89 42.71 -15.87
C LYS I 15 5.13 41.39 -16.05
N VAL I 16 3.83 41.42 -15.77
CA VAL I 16 2.94 40.29 -15.98
C VAL I 16 1.65 40.80 -16.64
N ASN I 17 0.79 39.87 -17.02
CA ASN I 17 -0.47 40.20 -17.65
C ASN I 17 -1.62 39.80 -16.73
N THR I 18 -2.73 40.55 -16.83
CA THR I 18 -3.92 40.26 -16.06
C THR I 18 -5.13 40.18 -16.97
N LEU I 19 -6.32 40.06 -16.38
CA LEU I 19 -7.54 40.11 -17.17
C LEU I 19 -7.76 41.50 -17.76
N THR I 20 -7.31 42.57 -17.09
CA THR I 20 -7.61 43.92 -17.53
C THR I 20 -6.42 44.64 -18.16
N GLU I 21 -5.22 44.06 -18.12
CA GLU I 21 -4.04 44.84 -18.46
C GLU I 21 -2.90 43.93 -18.89
N ARG I 22 -2.11 44.40 -19.84
CA ARG I 22 -0.86 43.76 -20.26
C ARG I 22 0.29 44.57 -19.71
N GLY I 23 1.27 43.87 -19.13
CA GLY I 23 2.49 44.53 -18.68
C GLY I 23 2.39 45.34 -17.42
N VAL I 24 1.58 44.89 -16.45
CA VAL I 24 1.57 45.52 -15.13
C VAL I 24 2.76 45.02 -14.32
N GLU I 25 3.44 45.95 -13.64
CA GLU I 25 4.63 45.59 -12.88
C GLU I 25 4.24 45.07 -11.50
N VAL I 26 4.74 43.89 -11.16
CA VAL I 26 4.57 43.30 -9.84
C VAL I 26 5.96 43.13 -9.22
N VAL I 27 5.97 42.95 -7.90
CA VAL I 27 7.24 42.91 -7.17
C VAL I 27 8.01 41.64 -7.52
N ASN I 28 7.32 40.56 -7.87
CA ASN I 28 7.97 39.29 -8.07
C ASN I 28 7.07 38.41 -8.92
N ALA I 29 7.69 37.52 -9.69
CA ALA I 29 6.95 36.61 -10.54
C ALA I 29 7.78 35.36 -10.79
N THR I 30 7.13 34.33 -11.33
CA THR I 30 7.78 33.05 -11.57
C THR I 30 7.29 32.47 -12.90
N GLU I 31 8.18 31.75 -13.57
CA GLU I 31 7.86 31.24 -14.90
C GLU I 31 7.01 29.98 -14.78
N THR I 32 6.03 29.87 -15.68
CA THR I 32 5.17 28.71 -15.71
C THR I 32 5.35 27.85 -16.95
N VAL I 33 6.09 28.32 -17.96
CA VAL I 33 6.31 27.61 -19.21
C VAL I 33 7.77 27.18 -19.29
N GLU I 34 8.00 25.88 -19.51
CA GLU I 34 9.35 25.32 -19.58
C GLU I 34 9.94 25.47 -20.98
N ARG I 35 11.15 26.01 -21.05
CA ARG I 35 11.86 26.14 -22.33
C ARG I 35 13.19 25.39 -22.38
N THR I 36 13.67 24.85 -21.27
CA THR I 36 15.00 24.25 -21.21
C THR I 36 14.93 22.76 -21.55
N ASN I 37 15.66 22.37 -22.59
CA ASN I 37 15.69 21.01 -23.07
C ASN I 37 17.01 20.34 -22.70
N ILE I 38 16.94 19.06 -22.33
CA ILE I 38 18.12 18.25 -22.09
C ILE I 38 18.38 17.42 -23.35
N PRO I 39 19.42 17.72 -24.14
CA PRO I 39 19.58 17.07 -25.45
C PRO I 39 20.09 15.64 -25.36
N ARG I 40 19.55 14.86 -24.41
CA ARG I 40 19.89 13.46 -24.27
C ARG I 40 18.66 12.72 -23.78
N ILE I 41 18.64 11.41 -23.99
CA ILE I 41 17.54 10.56 -23.56
C ILE I 41 17.90 10.05 -22.16
N CYS I 42 17.32 10.66 -21.14
CA CYS I 42 17.65 10.31 -19.76
C CYS I 42 16.90 9.04 -19.39
N SER I 43 17.65 7.96 -19.14
CA SER I 43 17.05 6.63 -19.08
C SER I 43 17.38 5.86 -17.81
N LYS I 44 17.87 6.53 -16.78
CA LYS I 44 18.21 5.84 -15.54
C LYS I 44 16.97 5.17 -14.93
N GLY I 45 17.14 3.93 -14.50
CA GLY I 45 16.05 3.20 -13.88
C GLY I 45 15.16 2.50 -14.87
N LYS I 46 15.44 2.65 -16.16
CA LYS I 46 14.64 2.04 -17.21
C LYS I 46 15.54 1.18 -18.07
N ARG I 47 15.18 -0.09 -18.21
CA ARG I 47 15.87 -0.94 -19.17
C ARG I 47 15.63 -0.38 -20.57
N THR I 48 16.68 0.16 -21.18
CA THR I 48 16.58 0.91 -22.43
C THR I 48 17.23 0.14 -23.56
N VAL I 49 16.55 0.08 -24.70
CA VAL I 49 17.06 -0.55 -25.91
C VAL I 49 17.15 0.51 -27.00
N ASP I 50 18.35 0.78 -27.47
CA ASP I 50 18.59 1.69 -28.58
C ASP I 50 18.68 0.82 -29.84
N LEU I 51 17.59 0.81 -30.63
CA LEU I 51 17.52 -0.09 -31.78
C LEU I 51 18.53 0.23 -32.86
N GLY I 52 19.02 1.47 -32.93
CA GLY I 52 20.06 1.81 -33.88
C GLY I 52 19.61 1.54 -35.29
N GLN I 53 20.35 0.67 -35.98
CA GLN I 53 20.01 0.35 -37.36
C GLN I 53 18.92 -0.71 -37.48
N CYS I 54 18.52 -1.33 -36.38
CA CYS I 54 17.42 -2.28 -36.39
C CYS I 54 16.09 -1.54 -36.43
N GLY I 55 15.29 -1.81 -37.46
CA GLY I 55 13.91 -1.37 -37.46
C GLY I 55 13.06 -2.17 -36.50
N LEU I 56 12.08 -1.51 -35.89
CA LEU I 56 11.30 -2.15 -34.83
C LEU I 56 10.61 -3.41 -35.34
N LEU I 57 10.00 -3.35 -36.52
CA LEU I 57 9.34 -4.54 -37.06
C LEU I 57 10.35 -5.63 -37.42
N GLY I 58 11.57 -5.23 -37.77
CA GLY I 58 12.60 -6.23 -38.06
C GLY I 58 12.87 -7.15 -36.89
N THR I 59 12.69 -6.67 -35.66
CA THR I 59 12.88 -7.52 -34.50
C THR I 59 12.02 -8.77 -34.57
N ILE I 60 10.92 -8.73 -35.33
CA ILE I 60 10.05 -9.89 -35.44
C ILE I 60 10.53 -10.84 -36.53
N THR I 61 11.05 -10.31 -37.63
CA THR I 61 11.44 -11.14 -38.75
C THR I 61 12.92 -11.46 -38.76
N GLY I 62 13.75 -10.54 -38.27
CA GLY I 62 15.14 -10.81 -38.04
C GLY I 62 16.04 -10.62 -39.26
N PRO I 63 16.07 -9.43 -39.84
CA PRO I 63 17.15 -9.11 -40.76
C PRO I 63 18.46 -9.00 -39.99
N PRO I 64 19.61 -9.03 -40.68
CA PRO I 64 20.89 -9.07 -39.94
C PRO I 64 21.05 -7.94 -38.95
N GLN I 65 20.69 -6.72 -39.33
CA GLN I 65 20.84 -5.58 -38.43
C GLN I 65 20.05 -5.72 -37.13
N CYS I 66 19.18 -6.73 -37.02
CA CYS I 66 18.39 -6.93 -35.80
C CYS I 66 18.77 -8.19 -35.04
N ASP I 67 19.89 -8.84 -35.42
CA ASP I 67 20.22 -10.13 -34.80
C ASP I 67 20.38 -10.01 -33.28
N GLN I 68 20.85 -8.87 -32.78
CA GLN I 68 21.03 -8.72 -31.33
C GLN I 68 19.74 -8.40 -30.60
N PHE I 69 18.61 -8.19 -31.30
CA PHE I 69 17.36 -7.76 -30.67
C PHE I 69 16.22 -8.75 -30.89
N LEU I 70 16.52 -9.98 -31.30
CA LEU I 70 15.46 -10.93 -31.64
C LEU I 70 14.58 -11.27 -30.46
N GLU I 71 15.09 -11.12 -29.23
CA GLU I 71 14.31 -11.40 -28.03
C GLU I 71 14.53 -10.30 -26.99
N PHE I 72 14.56 -9.05 -27.45
CA PHE I 72 14.91 -7.95 -26.57
C PHE I 72 13.88 -7.77 -25.46
N SER I 73 14.31 -7.11 -24.39
CA SER I 73 13.48 -6.81 -23.25
C SER I 73 13.81 -5.39 -22.81
N ALA I 74 12.78 -4.58 -22.58
CA ALA I 74 13.03 -3.17 -22.30
C ALA I 74 11.80 -2.54 -21.65
N ASP I 75 12.05 -1.47 -20.90
CA ASP I 75 10.99 -0.55 -20.49
C ASP I 75 10.87 0.62 -21.45
N LEU I 76 11.98 1.03 -22.05
CA LEU I 76 12.03 2.13 -22.99
C LEU I 76 12.67 1.66 -24.28
N ILE I 77 11.97 1.85 -25.40
CA ILE I 77 12.42 1.43 -26.73
C ILE I 77 12.67 2.69 -27.55
N ILE I 78 13.85 2.77 -28.18
CA ILE I 78 14.25 3.94 -28.94
C ILE I 78 14.39 3.54 -30.40
N GLU I 79 13.56 4.13 -31.25
CA GLU I 79 13.71 3.97 -32.69
C GLU I 79 14.60 5.09 -33.23
N ARG I 80 15.44 4.74 -34.20
CA ARG I 80 16.37 5.68 -34.83
C ARG I 80 16.01 5.84 -36.30
N ARG I 81 16.41 6.99 -36.87
CA ARG I 81 16.08 7.26 -38.27
C ARG I 81 16.75 6.28 -39.22
N GLU I 82 17.88 5.70 -38.83
CA GLU I 82 18.57 4.76 -39.71
C GLU I 82 18.04 3.34 -39.62
N GLY I 83 17.03 3.08 -38.78
CA GLY I 83 16.51 1.73 -38.64
C GLY I 83 15.82 1.25 -39.90
N SER I 84 16.02 -0.03 -40.22
CA SER I 84 15.37 -0.67 -41.36
C SER I 84 14.75 -1.98 -40.93
N ASP I 85 13.50 -2.20 -41.35
CA ASP I 85 12.80 -3.44 -41.04
C ASP I 85 13.19 -4.59 -41.94
N VAL I 86 13.85 -4.32 -43.06
CA VAL I 86 13.97 -5.31 -44.10
C VAL I 86 15.43 -5.47 -44.50
N CYS I 87 15.72 -6.65 -45.07
CA CYS I 87 16.92 -6.85 -45.86
C CYS I 87 16.52 -7.18 -47.30
N TYR I 88 15.84 -8.29 -47.52
CA TYR I 88 15.15 -8.47 -48.79
C TYR I 88 13.99 -7.48 -48.84
N PRO I 89 13.89 -6.66 -49.89
CA PRO I 89 12.91 -5.56 -49.88
C PRO I 89 11.48 -6.04 -49.72
N GLY I 90 10.67 -5.20 -49.09
CA GLY I 90 9.29 -5.50 -48.81
C GLY I 90 8.75 -4.54 -47.77
N LYS I 91 7.48 -4.74 -47.43
CA LYS I 91 6.90 -3.91 -46.37
C LYS I 91 5.72 -4.62 -45.73
N PHE I 92 5.46 -4.27 -44.47
CA PHE I 92 4.39 -4.89 -43.69
C PHE I 92 3.05 -4.27 -44.01
N VAL I 93 2.01 -5.10 -43.93
CA VAL I 93 0.64 -4.61 -44.00
C VAL I 93 0.25 -4.17 -42.59
N ASN I 94 -0.43 -3.02 -42.50
CA ASN I 94 -0.74 -2.40 -41.21
C ASN I 94 0.52 -2.25 -40.35
N GLU I 95 1.53 -1.60 -40.94
CA GLU I 95 2.83 -1.58 -40.29
C GLU I 95 2.80 -0.74 -39.02
N GLU I 96 2.12 0.40 -39.05
CA GLU I 96 2.18 1.30 -37.91
C GLU I 96 1.41 0.74 -36.72
N ALA I 97 0.30 0.06 -36.96
CA ALA I 97 -0.38 -0.63 -35.87
C ALA I 97 0.56 -1.60 -35.16
N LEU I 98 1.33 -2.38 -35.94
CA LEU I 98 2.27 -3.32 -35.35
C LEU I 98 3.38 -2.60 -34.60
N ARG I 99 3.87 -1.48 -35.15
CA ARG I 99 4.86 -0.67 -34.42
C ARG I 99 4.30 -0.21 -33.08
N GLN I 100 3.05 0.24 -33.06
CA GLN I 100 2.47 0.69 -31.80
C GLN I 100 2.27 -0.46 -30.83
N ILE I 101 1.92 -1.66 -31.33
CA ILE I 101 1.83 -2.83 -30.48
C ILE I 101 3.18 -3.13 -29.84
N LEU I 102 4.25 -3.08 -30.63
CA LEU I 102 5.57 -3.45 -30.13
C LEU I 102 6.18 -2.38 -29.24
N ARG I 103 5.80 -1.12 -29.42
CA ARG I 103 6.33 -0.05 -28.58
C ARG I 103 5.91 -0.21 -27.13
N GLU I 104 4.75 -0.81 -26.88
CA GLU I 104 4.24 -1.01 -25.53
C GLU I 104 4.37 -2.44 -25.06
N SER I 105 5.08 -3.29 -25.80
CA SER I 105 5.11 -4.71 -25.49
C SER I 105 6.04 -5.06 -24.33
N GLY I 106 7.03 -4.22 -24.04
CA GLY I 106 8.04 -4.61 -23.09
C GLY I 106 9.08 -5.55 -23.64
N GLY I 107 9.08 -5.80 -24.94
CA GLY I 107 9.96 -6.75 -25.56
C GLY I 107 9.22 -7.99 -26.03
N ILE I 108 9.97 -8.85 -26.72
CA ILE I 108 9.40 -10.03 -27.33
C ILE I 108 10.17 -11.27 -26.88
N ASP I 109 9.46 -12.38 -26.81
CA ASP I 109 10.01 -13.69 -26.48
C ASP I 109 9.63 -14.63 -27.61
N LYS I 110 10.63 -15.19 -28.27
CA LYS I 110 10.39 -16.02 -29.44
C LYS I 110 10.22 -17.49 -29.03
N GLU I 111 9.46 -18.23 -29.83
CA GLU I 111 9.23 -19.65 -29.58
C GLU I 111 9.09 -20.38 -30.91
N ALA I 112 9.78 -21.50 -31.04
CA ALA I 112 9.70 -22.27 -32.28
C ALA I 112 8.28 -22.70 -32.55
N MET I 113 7.87 -22.63 -33.82
CA MET I 113 6.56 -23.08 -34.22
C MET I 113 6.53 -24.54 -34.65
N GLY I 114 7.70 -25.14 -34.87
CA GLY I 114 7.77 -26.57 -35.10
C GLY I 114 7.40 -27.04 -36.49
N PHE I 115 7.49 -26.16 -37.49
CA PHE I 115 7.23 -26.58 -38.86
C PHE I 115 8.40 -27.37 -39.38
N THR I 116 8.12 -28.55 -39.93
CA THR I 116 9.10 -29.36 -40.63
C THR I 116 8.63 -29.57 -42.05
N TYR I 117 9.58 -29.71 -42.97
CA TYR I 117 9.25 -29.78 -44.39
C TYR I 117 9.95 -30.97 -45.02
N SER I 118 9.34 -31.49 -46.09
CA SER I 118 9.93 -32.57 -46.87
C SER I 118 9.61 -32.36 -48.34
N GLY I 119 10.57 -32.67 -49.20
CA GLY I 119 10.36 -32.51 -50.62
C GLY I 119 10.60 -31.11 -51.14
N ILE I 120 11.12 -30.21 -50.31
CA ILE I 120 11.42 -28.84 -50.73
C ILE I 120 12.72 -28.41 -50.07
N ARG I 121 13.29 -27.34 -50.61
CA ARG I 121 14.36 -26.63 -49.94
C ARG I 121 13.79 -25.65 -48.92
N THR I 122 14.54 -25.42 -47.86
CA THR I 122 14.12 -24.48 -46.82
C THR I 122 15.14 -23.37 -46.59
N ASN I 123 16.22 -23.33 -47.37
CA ASN I 123 17.35 -22.44 -47.14
C ASN I 123 17.45 -21.38 -48.23
N GLY I 124 16.32 -20.85 -48.68
CA GLY I 124 16.34 -19.73 -49.60
C GLY I 124 17.11 -18.58 -48.99
N ALA I 125 18.03 -18.01 -49.77
CA ALA I 125 18.92 -16.97 -49.27
C ALA I 125 19.14 -15.91 -50.34
N THR I 126 19.60 -14.75 -49.89
CA THR I 126 19.89 -13.63 -50.78
C THR I 126 21.09 -12.87 -50.23
N SER I 127 21.80 -12.22 -51.14
CA SER I 127 22.95 -11.40 -50.76
C SER I 127 22.55 -10.05 -50.19
N ALA I 128 21.24 -9.75 -50.13
CA ALA I 128 20.77 -8.55 -49.46
C ALA I 128 20.72 -8.74 -47.94
N CYS I 129 20.71 -9.97 -47.47
CA CYS I 129 20.72 -10.32 -46.05
C CYS I 129 22.07 -10.99 -45.78
N ARG I 130 23.05 -10.19 -45.37
CA ARG I 130 24.42 -10.68 -45.20
C ARG I 130 24.65 -11.13 -43.76
N ARG I 131 25.01 -12.41 -43.60
CA ARG I 131 25.54 -12.98 -42.35
C ARG I 131 26.73 -13.86 -42.77
N SER I 132 27.89 -13.23 -42.93
CA SER I 132 29.09 -13.92 -43.42
C SER I 132 28.88 -14.50 -44.82
N GLY I 133 27.68 -14.29 -45.37
CA GLY I 133 27.36 -14.72 -46.72
C GLY I 133 25.90 -14.43 -46.98
N SER I 134 25.41 -14.88 -48.13
CA SER I 134 23.98 -14.75 -48.41
C SER I 134 23.18 -15.47 -47.35
N SER I 135 22.17 -14.79 -46.81
CA SER I 135 21.35 -15.33 -45.74
C SER I 135 19.92 -14.81 -45.95
N PHE I 136 19.11 -14.90 -44.90
CA PHE I 136 17.71 -14.51 -45.00
C PHE I 136 17.27 -14.03 -43.62
N TYR I 137 15.98 -13.75 -43.49
CA TYR I 137 15.43 -13.38 -42.19
C TYR I 137 15.59 -14.53 -41.21
N ALA I 138 16.18 -14.24 -40.04
CA ALA I 138 16.52 -15.29 -39.10
C ALA I 138 15.29 -16.01 -38.55
N GLU I 139 14.13 -15.37 -38.57
CA GLU I 139 12.91 -15.95 -38.02
C GLU I 139 11.99 -16.52 -39.09
N MET I 140 12.40 -16.45 -40.35
CA MET I 140 11.62 -16.91 -41.49
C MET I 140 12.43 -17.96 -42.25
N LYS I 141 11.75 -18.66 -43.14
CA LYS I 141 12.40 -19.61 -44.03
C LYS I 141 11.79 -19.45 -45.42
N TRP I 142 12.64 -19.21 -46.40
CA TRP I 142 12.24 -19.05 -47.80
C TRP I 142 12.14 -20.44 -48.41
N LEU I 143 10.92 -20.93 -48.57
CA LEU I 143 10.71 -22.28 -49.08
C LEU I 143 10.78 -22.25 -50.60
N LEU I 144 11.61 -23.13 -51.17
CA LEU I 144 11.83 -23.23 -52.61
C LEU I 144 11.61 -24.68 -53.03
N SER I 145 11.49 -24.89 -54.34
CA SER I 145 11.51 -26.25 -54.86
C SER I 145 12.88 -26.87 -54.67
N ASN I 146 12.92 -28.22 -54.69
CA ASN I 146 14.18 -28.93 -54.48
C ASN I 146 15.23 -28.53 -55.51
N THR I 147 14.80 -28.30 -56.76
CA THR I 147 15.70 -27.92 -57.84
C THR I 147 14.98 -26.88 -58.70
N ASP I 148 15.76 -26.16 -59.50
CA ASP I 148 15.20 -25.13 -60.37
C ASP I 148 14.08 -25.70 -61.22
N ASN I 149 12.96 -24.98 -61.27
CA ASN I 149 11.77 -25.28 -62.06
C ASN I 149 11.01 -26.52 -61.59
N ALA I 150 11.45 -27.19 -60.53
CA ALA I 150 10.74 -28.36 -60.03
C ALA I 150 9.40 -27.95 -59.44
N ALA I 151 8.46 -28.89 -59.45
CA ALA I 151 7.12 -28.63 -58.92
C ALA I 151 7.15 -28.51 -57.41
N PHE I 152 6.45 -27.51 -56.87
CA PHE I 152 6.37 -27.31 -55.44
C PHE I 152 5.17 -28.08 -54.89
N PRO I 153 5.35 -29.00 -53.96
CA PRO I 153 4.22 -29.77 -53.44
C PRO I 153 3.26 -28.92 -52.62
N GLN I 154 1.97 -29.18 -52.79
CA GLN I 154 0.96 -28.55 -51.97
C GLN I 154 1.17 -28.94 -50.51
N MET I 155 1.15 -27.95 -49.62
CA MET I 155 1.46 -28.20 -48.22
C MET I 155 0.46 -27.49 -47.32
N THR I 156 0.29 -28.06 -46.13
CA THR I 156 -0.50 -27.48 -45.05
C THR I 156 0.31 -27.61 -43.78
N LYS I 157 0.55 -26.49 -43.10
CA LYS I 157 1.28 -26.45 -41.85
C LYS I 157 0.43 -25.69 -40.84
N SER I 158 0.26 -26.26 -39.65
CA SER I 158 -0.57 -25.66 -38.62
C SER I 158 0.23 -25.44 -37.34
N TYR I 159 -0.17 -24.43 -36.59
CA TYR I 159 0.47 -24.14 -35.30
C TYR I 159 -0.60 -23.74 -34.29
N LYS I 160 -0.56 -24.37 -33.11
CA LYS I 160 -1.51 -24.07 -32.04
C LYS I 160 -0.78 -23.28 -30.95
N ASN I 161 -1.35 -22.14 -30.56
CA ASN I 161 -0.81 -21.34 -29.48
C ASN I 161 -1.24 -21.97 -28.16
N THR I 162 -0.31 -22.64 -27.48
CA THR I 162 -0.60 -23.30 -26.22
C THR I 162 -0.28 -22.44 -25.00
N ARG I 163 0.13 -21.18 -25.20
CA ARG I 163 0.50 -20.30 -24.11
C ARG I 163 -0.69 -19.43 -23.71
N LYS I 164 -0.47 -18.54 -22.73
CA LYS I 164 -1.55 -17.81 -22.08
C LYS I 164 -1.75 -16.41 -22.64
N SER I 165 -0.95 -15.99 -23.62
CA SER I 165 -1.09 -14.71 -24.28
C SER I 165 -1.09 -14.93 -25.78
N PRO I 166 -1.64 -14.00 -26.56
CA PRO I 166 -1.68 -14.18 -28.02
C PRO I 166 -0.28 -14.24 -28.62
N ALA I 167 -0.15 -15.05 -29.67
CA ALA I 167 1.11 -15.24 -30.37
C ALA I 167 1.13 -14.36 -31.63
N LEU I 168 2.22 -13.60 -31.80
CA LEU I 168 2.39 -12.76 -32.98
C LEU I 168 2.94 -13.62 -34.11
N ILE I 169 2.14 -13.80 -35.16
CA ILE I 169 2.50 -14.66 -36.29
C ILE I 169 2.73 -13.77 -37.50
N VAL I 170 3.87 -13.95 -38.16
CA VAL I 170 4.24 -13.19 -39.36
C VAL I 170 4.60 -14.16 -40.46
N TRP I 171 4.09 -13.90 -41.67
CA TRP I 171 4.49 -14.66 -42.84
C TRP I 171 4.66 -13.67 -43.99
N GLY I 172 5.15 -14.18 -45.11
CA GLY I 172 5.41 -13.33 -46.25
C GLY I 172 4.92 -13.97 -47.53
N ILE I 173 4.53 -13.13 -48.47
CA ILE I 173 4.21 -13.54 -49.83
C ILE I 173 5.30 -12.95 -50.72
N HIS I 174 5.95 -13.80 -51.50
CA HIS I 174 7.06 -13.37 -52.34
C HIS I 174 6.58 -13.08 -53.75
N HIS I 175 6.86 -11.87 -54.22
CA HIS I 175 6.56 -11.41 -55.58
C HIS I 175 7.87 -11.36 -56.34
N SER I 176 8.05 -12.31 -57.24
CA SER I 176 9.25 -12.39 -58.05
C SER I 176 9.30 -11.23 -59.04
N VAL I 177 10.50 -11.02 -59.61
CA VAL I 177 10.67 -9.96 -60.59
C VAL I 177 9.99 -10.32 -61.91
N SER I 178 9.74 -11.60 -62.16
CA SER I 178 9.18 -12.05 -63.42
C SER I 178 8.55 -13.42 -63.23
N THR I 179 7.72 -13.81 -64.20
CA THR I 179 7.17 -15.16 -64.20
C THR I 179 8.26 -16.21 -64.34
N ALA I 180 9.33 -15.91 -65.08
CA ALA I 180 10.42 -16.88 -65.23
C ALA I 180 11.10 -17.15 -63.90
N GLU I 181 11.28 -16.11 -63.07
CA GLU I 181 11.89 -16.32 -61.76
C GLU I 181 10.96 -17.11 -60.86
N GLN I 182 9.66 -16.80 -60.90
CA GLN I 182 8.69 -17.54 -60.10
C GLN I 182 8.69 -19.02 -60.48
N THR I 183 8.83 -19.32 -61.77
CA THR I 183 8.95 -20.72 -62.19
C THR I 183 10.26 -21.32 -61.69
N LYS I 184 11.35 -20.57 -61.78
CA LYS I 184 12.64 -21.06 -61.31
C LYS I 184 12.61 -21.39 -59.82
N LEU I 185 11.86 -20.62 -59.04
CA LEU I 185 11.85 -20.79 -57.58
C LEU I 185 10.82 -21.81 -57.12
N TYR I 186 9.63 -21.81 -57.72
CA TYR I 186 8.53 -22.62 -57.21
C TYR I 186 7.84 -23.48 -58.25
N GLY I 187 8.30 -23.46 -59.50
CA GLY I 187 7.64 -24.17 -60.56
C GLY I 187 6.53 -23.36 -61.20
N SER I 188 6.17 -23.75 -62.42
CA SER I 188 5.17 -23.03 -63.17
C SER I 188 3.77 -23.28 -62.60
N GLY I 189 2.81 -22.49 -63.05
CA GLY I 189 1.42 -22.67 -62.66
C GLY I 189 0.99 -21.67 -61.61
N ASN I 190 -0.31 -21.75 -61.31
CA ASN I 190 -0.90 -20.85 -60.33
C ASN I 190 -0.36 -21.12 -58.93
N LYS I 191 -0.17 -20.04 -58.17
CA LYS I 191 0.32 -20.13 -56.80
C LYS I 191 -0.75 -19.57 -55.88
N LEU I 192 -0.95 -20.22 -54.73
CA LEU I 192 -1.98 -19.78 -53.79
C LEU I 192 -1.47 -19.99 -52.36
N VAL I 193 -1.74 -19.01 -51.50
CA VAL I 193 -1.45 -19.10 -50.08
C VAL I 193 -2.71 -18.72 -49.30
N THR I 194 -3.25 -19.66 -48.54
CA THR I 194 -4.39 -19.42 -47.67
C THR I 194 -3.96 -19.46 -46.21
N VAL I 195 -4.45 -18.49 -45.43
CA VAL I 195 -4.14 -18.39 -44.01
C VAL I 195 -5.45 -18.31 -43.22
N GLY I 196 -5.60 -19.18 -42.23
CA GLY I 196 -6.83 -19.18 -41.45
C GLY I 196 -6.70 -19.46 -39.97
N SER I 197 -7.52 -18.78 -39.17
CA SER I 197 -7.65 -19.07 -37.74
C SER I 197 -9.12 -18.95 -37.37
N SER I 198 -9.40 -18.79 -36.07
CA SER I 198 -10.77 -18.65 -35.59
C SER I 198 -11.34 -17.25 -35.77
N ASN I 199 -10.48 -16.22 -35.84
CA ASN I 199 -10.95 -14.86 -36.07
C ASN I 199 -10.24 -14.20 -37.24
N TYR I 200 -9.55 -14.98 -38.06
CA TYR I 200 -8.80 -14.46 -39.21
C TYR I 200 -8.95 -15.45 -40.35
N GLN I 201 -9.19 -14.92 -41.54
CA GLN I 201 -9.21 -15.72 -42.75
C GLN I 201 -8.82 -14.82 -43.91
N GLN I 202 -7.90 -15.30 -44.75
CA GLN I 202 -7.35 -14.45 -45.81
C GLN I 202 -6.62 -15.31 -46.81
N SER I 203 -6.47 -14.79 -48.03
CA SER I 203 -5.80 -15.51 -49.09
C SER I 203 -4.99 -14.56 -49.96
N PHE I 204 -3.92 -15.10 -50.55
CA PHE I 204 -2.95 -14.32 -51.28
C PHE I 204 -2.48 -15.08 -52.51
N VAL I 205 -2.37 -14.36 -53.63
CA VAL I 205 -1.79 -14.87 -54.86
C VAL I 205 -0.61 -13.96 -55.19
N PRO I 206 0.57 -14.50 -55.50
CA PRO I 206 1.70 -13.64 -55.84
C PRO I 206 1.48 -12.90 -57.15
N SER I 207 2.07 -11.71 -57.23
CA SER I 207 1.97 -10.82 -58.38
C SER I 207 3.37 -10.52 -58.87
N PRO I 208 3.95 -11.40 -59.69
CA PRO I 208 5.32 -11.17 -60.17
C PRO I 208 5.42 -9.97 -61.09
N GLY I 209 6.56 -9.30 -61.02
CA GLY I 209 6.81 -8.13 -61.82
C GLY I 209 7.99 -7.36 -61.30
N ALA I 210 8.53 -6.50 -62.16
CA ALA I 210 9.69 -5.70 -61.80
C ALA I 210 9.26 -4.49 -60.97
N ARG I 211 10.05 -4.17 -59.95
CA ARG I 211 9.90 -3.03 -59.07
C ARG I 211 11.27 -2.36 -58.97
N PRO I 212 11.33 -1.11 -58.52
CA PRO I 212 12.64 -0.45 -58.42
C PRO I 212 13.57 -1.23 -57.51
N GLN I 213 14.86 -1.19 -57.84
CA GLN I 213 15.82 -1.97 -57.08
C GLN I 213 16.04 -1.34 -55.71
N VAL I 214 15.69 -2.08 -54.68
CA VAL I 214 15.98 -1.72 -53.29
C VAL I 214 16.90 -2.80 -52.75
N ASN I 215 18.08 -2.39 -52.30
CA ASN I 215 19.13 -3.32 -51.89
C ASN I 215 19.49 -4.28 -53.02
N GLY I 216 19.43 -3.80 -54.26
CA GLY I 216 19.83 -4.60 -55.40
C GLY I 216 18.76 -5.50 -55.96
N LEU I 217 17.58 -5.56 -55.36
CA LEU I 217 16.54 -6.50 -55.74
C LEU I 217 15.28 -5.79 -56.22
N SER I 218 14.67 -6.35 -57.27
CA SER I 218 13.45 -5.82 -57.85
C SER I 218 12.21 -6.62 -57.48
N GLY I 219 12.36 -7.74 -56.76
CA GLY I 219 11.25 -8.44 -56.17
C GLY I 219 10.81 -7.80 -54.86
N ARG I 220 9.66 -8.24 -54.36
CA ARG I 220 9.19 -7.72 -53.07
C ARG I 220 8.62 -8.85 -52.22
N ILE I 221 8.53 -8.59 -50.93
CA ILE I 221 7.88 -9.46 -49.97
C ILE I 221 6.80 -8.67 -49.26
N ASP I 222 5.57 -9.19 -49.28
CA ASP I 222 4.50 -8.64 -48.46
C ASP I 222 4.52 -9.38 -47.13
N PHE I 223 4.71 -8.64 -46.04
CA PHE I 223 4.70 -9.23 -44.72
C PHE I 223 3.31 -9.05 -44.13
N HIS I 224 2.70 -10.14 -43.72
CA HIS I 224 1.40 -10.13 -43.08
C HIS I 224 1.53 -10.70 -41.68
N TRP I 225 0.62 -10.29 -40.80
CA TRP I 225 0.72 -10.71 -39.41
C TRP I 225 -0.67 -10.81 -38.82
N LEU I 226 -0.76 -11.63 -37.76
CA LEU I 226 -1.99 -11.75 -36.99
C LEU I 226 -1.63 -12.12 -35.57
N MET I 227 -2.56 -11.86 -34.66
CA MET I 227 -2.45 -12.28 -33.27
C MET I 227 -3.29 -13.54 -33.12
N LEU I 228 -2.64 -14.63 -32.71
CA LEU I 228 -3.29 -15.92 -32.53
C LEU I 228 -3.68 -16.04 -31.06
N ASN I 229 -4.97 -16.15 -30.79
CA ASN I 229 -5.45 -16.21 -29.42
C ASN I 229 -5.01 -17.52 -28.77
N PRO I 230 -4.95 -17.57 -27.44
CA PRO I 230 -4.61 -18.82 -26.76
C PRO I 230 -5.56 -19.94 -27.18
N ASN I 231 -5.00 -21.15 -27.30
CA ASN I 231 -5.69 -22.36 -27.72
C ASN I 231 -6.12 -22.34 -29.19
N ASP I 232 -5.92 -21.21 -29.86
CA ASP I 232 -6.30 -21.14 -31.27
C ASP I 232 -5.17 -21.66 -32.15
N THR I 233 -5.55 -22.09 -33.36
CA THR I 233 -4.62 -22.65 -34.33
C THR I 233 -4.63 -21.78 -35.58
N VAL I 234 -3.44 -21.57 -36.14
CA VAL I 234 -3.28 -20.90 -37.43
C VAL I 234 -2.85 -21.94 -38.44
N THR I 235 -3.45 -21.88 -39.63
CA THR I 235 -3.16 -22.86 -40.68
C THR I 235 -2.73 -22.12 -41.94
N PHE I 236 -1.60 -22.54 -42.49
CA PHE I 236 -1.06 -22.05 -43.74
C PHE I 236 -1.15 -23.16 -44.77
N SER I 237 -1.81 -22.89 -45.89
CA SER I 237 -1.88 -23.82 -47.01
C SER I 237 -1.27 -23.13 -48.22
N PHE I 238 -0.24 -23.74 -48.80
CA PHE I 238 0.53 -23.05 -49.81
C PHE I 238 1.16 -24.04 -50.80
N ASN I 239 1.44 -23.54 -52.00
CA ASN I 239 2.12 -24.30 -53.04
C ASN I 239 3.25 -23.50 -53.68
N GLY I 240 3.77 -22.49 -52.98
CA GLY I 240 4.87 -21.68 -53.48
C GLY I 240 4.73 -20.23 -53.08
N ALA I 241 5.76 -19.43 -53.37
CA ALA I 241 5.75 -17.98 -53.12
C ALA I 241 5.42 -17.66 -51.67
N PHE I 242 5.82 -18.53 -50.75
CA PHE I 242 5.45 -18.41 -49.34
C PHE I 242 6.72 -18.32 -48.53
N ILE I 243 6.84 -17.27 -47.73
CA ILE I 243 7.93 -17.10 -46.78
C ILE I 243 7.40 -17.53 -45.41
N ALA I 244 7.81 -18.71 -44.96
CA ALA I 244 7.20 -19.32 -43.79
C ALA I 244 7.80 -18.78 -42.50
N PRO I 245 7.01 -18.68 -41.43
CA PRO I 245 7.57 -18.31 -40.13
C PRO I 245 8.22 -19.50 -39.46
N ASP I 246 9.34 -19.23 -38.78
CA ASP I 246 10.00 -20.28 -37.99
C ASP I 246 9.69 -20.20 -36.51
N ARG I 247 9.55 -18.99 -35.97
CA ARG I 247 9.21 -18.78 -34.56
C ARG I 247 8.11 -17.74 -34.46
N ALA I 248 7.33 -17.84 -33.39
CA ALA I 248 6.32 -16.87 -33.03
C ALA I 248 6.85 -15.99 -31.91
N SER I 249 6.22 -14.82 -31.75
CA SER I 249 6.62 -13.85 -30.75
C SER I 249 5.53 -13.71 -29.70
N PHE I 250 5.95 -13.49 -28.46
CA PHE I 250 5.04 -13.21 -27.36
C PHE I 250 5.51 -11.96 -26.66
N LEU I 251 4.57 -11.09 -26.29
CA LEU I 251 4.92 -9.82 -25.68
C LEU I 251 5.31 -10.02 -24.23
N ARG I 252 6.36 -9.32 -23.80
CA ARG I 252 6.91 -9.55 -22.47
C ARG I 252 6.06 -8.91 -21.38
N GLY I 253 5.72 -7.64 -21.57
CA GLY I 253 4.93 -6.94 -20.57
C GLY I 253 4.45 -5.57 -21.02
N LYS I 254 5.05 -4.53 -20.46
CA LYS I 254 4.69 -3.16 -20.74
C LYS I 254 5.94 -2.35 -21.02
N SER I 255 5.83 -1.40 -21.93
CA SER I 255 6.91 -0.46 -22.22
C SER I 255 6.33 0.73 -22.97
N MET I 256 7.19 1.66 -23.34
CA MET I 256 6.81 2.73 -24.24
C MET I 256 7.95 2.95 -25.21
N GLY I 257 7.62 3.41 -26.41
CA GLY I 257 8.60 3.63 -27.46
C GLY I 257 8.68 5.10 -27.83
N ILE I 258 9.89 5.57 -28.12
CA ILE I 258 10.11 6.93 -28.55
C ILE I 258 10.95 6.92 -29.82
N GLN I 259 10.97 8.05 -30.50
CA GLN I 259 11.80 8.25 -31.67
C GLN I 259 12.73 9.42 -31.41
N SER I 260 14.04 9.17 -31.43
CA SER I 260 14.99 10.19 -31.02
C SER I 260 16.16 10.25 -31.99
N GLY I 261 16.83 11.39 -31.99
CA GLY I 261 18.05 11.60 -32.75
C GLY I 261 19.19 12.08 -31.87
N VAL I 262 19.10 11.82 -30.56
CA VAL I 262 20.10 12.25 -29.61
C VAL I 262 20.51 11.05 -28.78
N GLN I 263 21.66 11.19 -28.13
CA GLN I 263 22.31 10.10 -27.41
C GLN I 263 21.47 9.64 -26.23
N VAL I 264 21.82 8.50 -25.71
CA VAL I 264 21.21 7.97 -24.50
C VAL I 264 22.09 8.40 -23.34
N ASP I 265 21.48 8.78 -22.22
CA ASP I 265 22.22 9.20 -21.04
C ASP I 265 21.75 8.36 -19.85
N ALA I 266 22.58 7.41 -19.45
CA ALA I 266 22.35 6.62 -18.26
C ALA I 266 22.81 7.34 -16.98
N ASN I 267 22.91 8.67 -17.02
CA ASN I 267 23.28 9.42 -15.83
C ASN I 267 22.25 10.46 -15.39
N CYS I 268 21.21 10.73 -16.19
CA CYS I 268 20.07 11.54 -15.78
C CYS I 268 18.78 10.72 -15.83
N GLU I 269 17.80 11.10 -15.00
CA GLU I 269 16.53 10.40 -14.91
C GLU I 269 15.42 11.34 -15.37
N GLY I 270 14.52 10.83 -16.23
CA GLY I 270 13.45 11.64 -16.76
C GLY I 270 12.23 10.79 -17.10
N ASP I 271 11.12 11.47 -17.37
CA ASP I 271 9.87 10.79 -17.69
C ASP I 271 9.13 11.38 -18.88
N CYS I 272 9.68 12.39 -19.56
CA CYS I 272 9.04 13.03 -20.70
C CYS I 272 10.07 13.17 -21.81
N TYR I 273 9.82 12.53 -22.94
CA TYR I 273 10.76 12.47 -24.04
C TYR I 273 10.17 13.06 -25.30
N HIS I 274 11.04 13.62 -26.14
CA HIS I 274 10.73 13.97 -27.51
C HIS I 274 11.94 13.62 -28.35
N SER I 275 11.87 13.86 -29.66
CA SER I 275 12.96 13.44 -30.53
C SER I 275 14.25 14.19 -30.23
N GLY I 276 14.16 15.37 -29.60
CA GLY I 276 15.31 16.19 -29.29
C GLY I 276 15.87 16.06 -27.90
N GLY I 277 15.28 15.25 -27.05
CA GLY I 277 15.85 14.99 -25.74
C GLY I 277 14.76 14.73 -24.71
N THR I 278 15.02 15.21 -23.48
CA THR I 278 14.18 14.94 -22.32
C THR I 278 13.75 16.25 -21.69
N ILE I 279 12.50 16.32 -21.26
CA ILE I 279 11.97 17.48 -20.58
C ILE I 279 11.82 17.12 -19.10
N ILE I 280 12.68 17.67 -18.27
CA ILE I 280 12.64 17.46 -16.83
C ILE I 280 12.27 18.80 -16.19
N SER I 281 11.09 18.87 -15.58
CA SER I 281 10.60 20.15 -15.13
C SER I 281 9.48 19.93 -14.12
N ASN I 282 9.35 20.88 -13.18
CA ASN I 282 8.22 20.97 -12.29
C ASN I 282 7.17 21.97 -12.77
N LEU I 283 7.47 22.73 -13.81
CA LEU I 283 6.52 23.69 -14.33
C LEU I 283 5.37 22.95 -15.02
N PRO I 284 4.16 23.52 -14.99
CA PRO I 284 3.01 22.80 -15.57
C PRO I 284 2.94 22.86 -17.09
N PHE I 285 3.67 23.75 -17.74
CA PHE I 285 3.60 23.89 -19.19
C PHE I 285 5.01 23.81 -19.79
N GLN I 286 5.06 23.44 -21.07
CA GLN I 286 6.30 23.41 -21.83
C GLN I 286 6.04 23.94 -23.23
N ASN I 287 7.07 24.54 -23.82
CA ASN I 287 7.00 25.10 -25.16
C ASN I 287 8.03 24.44 -26.08
N ILE I 288 8.38 23.19 -25.79
CA ILE I 288 9.49 22.51 -26.46
C ILE I 288 9.01 21.67 -27.65
N ASP I 289 8.05 20.78 -27.42
CA ASP I 289 7.61 19.87 -28.48
C ASP I 289 6.19 19.42 -28.19
N SER I 290 5.27 19.67 -29.11
CA SER I 290 3.88 19.27 -28.93
C SER I 290 3.68 17.77 -29.01
N ARG I 291 4.67 17.01 -29.48
CA ARG I 291 4.56 15.57 -29.63
C ARG I 291 5.34 14.83 -28.57
N ALA I 292 5.69 15.50 -27.48
CA ALA I 292 6.35 14.86 -26.36
C ALA I 292 5.49 13.74 -25.81
N VAL I 293 6.15 12.71 -25.26
CA VAL I 293 5.44 11.53 -24.77
C VAL I 293 6.01 11.12 -23.43
N GLY I 294 5.23 10.35 -22.70
CA GLY I 294 5.56 10.01 -21.33
C GLY I 294 4.68 10.78 -20.36
N LYS I 295 5.24 11.17 -19.21
CA LYS I 295 4.55 12.02 -18.24
C LYS I 295 5.12 13.41 -18.44
N CYS I 296 4.35 14.28 -19.11
CA CYS I 296 4.90 15.51 -19.65
C CYS I 296 4.16 16.74 -19.13
N PRO I 297 4.83 17.89 -19.05
CA PRO I 297 4.10 19.15 -18.91
C PRO I 297 3.27 19.41 -20.16
N ARG I 298 2.17 20.15 -19.99
CA ARG I 298 1.31 20.44 -21.13
C ARG I 298 1.99 21.39 -22.11
N TYR I 299 2.00 21.00 -23.39
CA TYR I 299 2.53 21.88 -24.42
C TYR I 299 1.57 23.03 -24.65
N VAL I 300 2.13 24.24 -24.72
CA VAL I 300 1.37 25.44 -25.05
C VAL I 300 2.19 26.21 -26.07
N LYS I 301 1.50 27.05 -26.84
CA LYS I 301 2.23 27.77 -27.88
C LYS I 301 3.02 28.95 -27.34
N GLN I 302 2.67 29.46 -26.17
CA GLN I 302 3.41 30.58 -25.58
C GLN I 302 4.77 30.11 -25.07
N ARG I 303 5.80 30.94 -25.27
CA ARG I 303 7.10 30.63 -24.73
C ARG I 303 7.26 31.08 -23.29
N SER I 304 6.45 32.04 -22.82
CA SER I 304 6.55 32.53 -21.45
C SER I 304 5.20 32.98 -20.96
N LEU I 305 4.87 32.58 -19.73
CA LEU I 305 3.66 33.02 -19.04
C LEU I 305 4.06 33.23 -17.59
N LEU I 306 4.23 34.50 -17.20
CA LEU I 306 4.73 34.81 -15.86
C LEU I 306 3.56 34.84 -14.88
N LEU I 307 3.69 34.10 -13.80
CA LEU I 307 2.71 34.09 -12.72
C LEU I 307 3.18 35.04 -11.62
N ALA I 308 2.34 36.00 -11.26
CA ALA I 308 2.69 36.96 -10.22
C ALA I 308 2.76 36.28 -8.85
N THR I 309 3.84 36.55 -8.11
CA THR I 309 4.02 36.03 -6.77
C THR I 309 4.15 37.15 -5.74
N GLY I 310 3.82 38.39 -6.11
CA GLY I 310 3.88 39.51 -5.21
C GLY I 310 2.91 40.58 -5.65
N MET I 311 2.80 41.61 -4.82
CA MET I 311 1.86 42.70 -5.06
C MET I 311 2.31 43.54 -6.25
N LYS I 312 1.42 44.44 -6.67
CA LYS I 312 1.81 45.42 -7.67
C LYS I 312 2.97 46.25 -7.16
N ASN I 313 3.92 46.53 -8.05
CA ASN I 313 5.09 47.32 -7.71
C ASN I 313 4.80 48.78 -7.98
N VAL I 314 4.83 49.60 -6.94
CA VAL I 314 4.64 51.04 -7.09
C VAL I 314 5.89 51.76 -6.58
N PRO I 315 6.87 52.02 -7.45
CA PRO I 315 8.11 52.62 -6.98
C PRO I 315 7.95 54.11 -6.68
N GLU I 316 8.91 54.62 -5.92
CA GLU I 316 8.94 56.02 -5.51
C GLU I 316 9.40 56.93 -6.64
N GLY J 1 -5.78 47.84 -7.88
CA GLY J 1 -6.47 46.73 -7.24
C GLY J 1 -7.87 47.11 -6.80
N LEU J 2 -8.68 46.11 -6.45
CA LEU J 2 -10.07 46.37 -6.09
C LEU J 2 -10.21 47.14 -4.78
N PHE J 3 -9.16 47.13 -3.98
CA PHE J 3 -9.22 47.71 -2.66
C PHE J 3 -8.71 49.13 -2.41
N GLY J 4 -8.23 49.80 -3.43
CA GLY J 4 -7.79 51.17 -3.35
C GLY J 4 -6.74 51.64 -2.39
N ALA J 5 -5.95 50.72 -1.87
CA ALA J 5 -4.91 51.02 -0.95
C ALA J 5 -3.65 50.97 -1.73
N ILE J 6 -3.19 49.77 -2.04
CA ILE J 6 -1.99 49.66 -2.87
C ILE J 6 -2.24 50.26 -4.24
N ALA J 7 -1.35 51.17 -4.66
CA ALA J 7 -1.52 51.94 -5.89
C ALA J 7 -2.80 52.77 -5.84
N GLY J 8 -3.23 53.11 -4.62
CA GLY J 8 -4.45 53.86 -4.40
C GLY J 8 -4.22 55.04 -3.47
N PHE J 9 -4.88 55.07 -2.32
CA PHE J 9 -4.68 56.22 -1.44
C PHE J 9 -3.30 56.21 -0.79
N ILE J 10 -2.64 55.06 -0.77
CA ILE J 10 -1.20 54.97 -0.49
C ILE J 10 -0.46 55.18 -1.82
N GLU J 11 0.24 56.31 -1.92
CA GLU J 11 0.69 56.76 -3.24
C GLU J 11 1.80 55.88 -3.83
N ASN J 12 2.67 55.33 -2.99
CA ASN J 12 3.73 54.46 -3.50
C ASN J 12 4.22 53.56 -2.38
N GLY J 13 5.12 52.64 -2.75
CA GLY J 13 5.68 51.70 -1.80
C GLY J 13 7.01 52.18 -1.23
N TRP J 14 7.48 51.45 -0.24
CA TRP J 14 8.71 51.79 0.48
C TRP J 14 9.77 50.78 0.05
N GLU J 15 10.78 51.27 -0.69
CA GLU J 15 11.87 50.41 -1.09
C GLU J 15 12.79 50.07 0.07
N GLY J 16 12.75 50.85 1.16
CA GLY J 16 13.49 50.57 2.36
C GLY J 16 12.87 49.53 3.27
N LEU J 17 11.60 49.17 3.04
CA LEU J 17 10.95 48.10 3.78
C LEU J 17 11.42 46.77 3.17
N ILE J 18 12.53 46.25 3.69
CA ILE J 18 13.15 45.06 3.12
C ILE J 18 12.90 43.80 3.95
N ASP J 19 12.22 43.92 5.09
CA ASP J 19 12.00 42.78 5.97
C ASP J 19 10.54 42.35 6.05
N GLY J 20 9.69 42.81 5.14
CA GLY J 20 8.30 42.39 5.12
C GLY J 20 7.57 42.99 3.94
N TRP J 21 6.31 42.58 3.78
CA TRP J 21 5.48 43.14 2.71
C TRP J 21 4.79 44.44 3.12
N TYR J 22 4.40 44.57 4.39
CA TYR J 22 3.71 45.73 4.91
C TYR J 22 4.41 46.20 6.18
N GLY J 23 4.18 47.45 6.56
CA GLY J 23 4.86 47.95 7.74
C GLY J 23 4.38 49.32 8.18
N PHE J 24 5.02 49.81 9.24
CA PHE J 24 4.73 51.09 9.85
C PHE J 24 5.95 52.00 9.71
N ARG J 25 5.70 53.27 9.42
CA ARG J 25 6.73 54.30 9.42
C ARG J 25 6.25 55.42 10.32
N HIS J 26 6.90 55.58 11.47
CA HIS J 26 6.45 56.46 12.54
C HIS J 26 7.36 57.67 12.68
N GLN J 27 6.77 58.74 13.21
CA GLN J 27 7.45 60.02 13.40
C GLN J 27 7.08 60.56 14.78
N ASN J 28 8.08 60.79 15.62
CA ASN J 28 7.86 61.41 16.93
C ASN J 28 9.07 62.27 17.26
N ALA J 29 9.11 62.76 18.51
CA ALA J 29 10.21 63.64 18.91
C ALA J 29 11.56 62.94 18.84
N GLN J 30 11.56 61.62 19.01
CA GLN J 30 12.80 60.85 18.93
C GLN J 30 13.25 60.58 17.50
N GLY J 31 12.41 60.88 16.50
CA GLY J 31 12.79 60.70 15.11
C GLY J 31 11.80 59.83 14.36
N GLU J 32 12.30 59.21 13.29
CA GLU J 32 11.49 58.36 12.42
C GLU J 32 11.95 56.92 12.51
N GLY J 33 11.01 56.00 12.28
CA GLY J 33 11.34 54.59 12.29
C GLY J 33 10.49 53.83 11.30
N THR J 34 11.02 52.70 10.83
CA THR J 34 10.29 51.84 9.91
C THR J 34 10.44 50.40 10.37
N ALA J 35 9.31 49.71 10.55
CA ALA J 35 9.33 48.32 10.94
C ALA J 35 8.28 47.58 10.12
N ALA J 36 8.51 46.29 9.90
CA ALA J 36 7.57 45.48 9.16
C ALA J 36 6.52 44.88 10.08
N ASP J 37 5.33 44.70 9.53
CA ASP J 37 4.25 44.00 10.24
C ASP J 37 4.29 42.54 9.82
N TYR J 38 4.44 41.65 10.81
CA TYR J 38 4.66 40.25 10.50
C TYR J 38 3.39 39.55 10.06
N LYS J 39 2.27 39.80 10.73
CA LYS J 39 1.09 38.96 10.51
C LYS J 39 0.51 39.18 9.11
N SER J 40 0.38 40.43 8.67
CA SER J 40 -0.18 40.69 7.35
C SER J 40 0.73 40.18 6.25
N THR J 41 2.04 40.45 6.37
CA THR J 41 3.02 39.92 5.43
C THR J 41 2.92 38.41 5.33
N GLN J 42 2.86 37.73 6.48
CA GLN J 42 2.78 36.28 6.49
C GLN J 42 1.46 35.80 5.90
N SER J 43 0.38 36.57 6.07
CA SER J 43 -0.89 36.21 5.48
C SER J 43 -0.83 36.25 3.95
N ALA J 44 -0.25 37.33 3.40
CA ALA J 44 -0.12 37.43 1.95
C ALA J 44 0.81 36.35 1.41
N ILE J 45 1.96 36.17 2.05
CA ILE J 45 2.90 35.13 1.62
C ILE J 45 2.26 33.75 1.68
N ASP J 46 1.49 33.48 2.74
CA ASP J 46 0.84 32.18 2.86
C ASP J 46 -0.18 31.96 1.75
N GLN J 47 -0.97 32.99 1.41
CA GLN J 47 -1.98 32.80 0.38
C GLN J 47 -1.35 32.68 -1.01
N ILE J 48 -0.37 33.53 -1.33
CA ILE J 48 0.30 33.43 -2.62
C ILE J 48 1.03 32.09 -2.73
N THR J 49 1.65 31.65 -1.62
CA THR J 49 2.35 30.38 -1.60
C THR J 49 1.39 29.21 -1.79
N GLY J 50 0.23 29.26 -1.13
CA GLY J 50 -0.77 28.22 -1.36
C GLY J 50 -1.23 28.17 -2.80
N LYS J 51 -1.45 29.35 -3.39
CA LYS J 51 -1.81 29.39 -4.81
C LYS J 51 -0.70 28.79 -5.68
N LEU J 52 0.54 29.10 -5.36
CA LEU J 52 1.68 28.60 -6.12
C LEU J 52 1.78 27.08 -6.03
N ASN J 53 1.69 26.54 -4.80
CA ASN J 53 1.73 25.10 -4.61
C ASN J 53 0.55 24.43 -5.28
N ARG J 54 -0.59 25.10 -5.31
CA ARG J 54 -1.77 24.56 -6.00
C ARG J 54 -1.51 24.44 -7.50
N LEU J 55 -0.88 25.46 -8.09
CA LEU J 55 -0.70 25.49 -9.54
C LEU J 55 0.34 24.49 -10.03
N ILE J 56 1.22 24.00 -9.16
CA ILE J 56 2.22 23.02 -9.57
C ILE J 56 1.89 21.62 -9.03
N GLU J 57 0.64 21.39 -8.63
CA GLU J 57 0.21 20.05 -8.27
C GLU J 57 0.37 19.12 -9.46
N LYS J 58 1.11 18.02 -9.25
CA LYS J 58 1.41 17.09 -10.33
C LYS J 58 0.36 16.00 -10.41
N THR J 59 -0.19 15.80 -11.61
CA THR J 59 -1.11 14.72 -11.89
C THR J 59 -0.50 13.87 -13.00
N ASN J 60 -0.34 12.58 -12.73
CA ASN J 60 0.42 11.69 -13.61
C ASN J 60 -0.51 11.07 -14.64
N GLN J 61 -0.57 11.69 -15.82
CA GLN J 61 -1.23 11.12 -16.99
C GLN J 61 -0.17 10.88 -18.05
N GLN J 62 -0.13 9.66 -18.58
CA GLN J 62 0.84 9.28 -19.60
C GLN J 62 0.19 9.25 -20.98
N PHE J 63 0.89 9.81 -21.96
CA PHE J 63 0.48 9.74 -23.36
C PHE J 63 1.57 9.11 -24.20
N GLU J 64 1.16 8.30 -25.18
CA GLU J 64 2.08 7.57 -26.05
C GLU J 64 2.01 8.11 -27.47
N LEU J 65 2.92 7.60 -28.29
CA LEU J 65 3.04 8.01 -29.69
C LEU J 65 1.82 7.52 -30.48
N ILE J 66 1.28 8.38 -31.35
CA ILE J 66 0.21 7.96 -32.24
C ILE J 66 0.48 8.31 -33.69
N ASP J 67 1.56 9.03 -33.96
CA ASP J 67 2.02 9.25 -35.33
C ASP J 67 3.48 8.80 -35.42
N ASN J 68 4.12 9.11 -36.55
CA ASN J 68 5.47 8.62 -36.80
C ASN J 68 6.30 9.72 -37.45
N GLU J 69 7.43 10.03 -36.81
CA GLU J 69 8.33 11.09 -37.26
C GLU J 69 9.28 10.65 -38.36
N PHE J 70 9.56 9.35 -38.47
CA PHE J 70 10.50 8.85 -39.47
C PHE J 70 9.81 8.30 -40.72
N ASN J 71 8.66 7.66 -40.55
CA ASN J 71 7.91 7.07 -41.65
C ASN J 71 6.46 7.55 -41.50
N GLU J 72 6.12 8.61 -42.23
CA GLU J 72 4.83 9.27 -42.03
C GLU J 72 3.67 8.30 -42.21
N VAL J 73 2.66 8.43 -41.35
CA VAL J 73 1.47 7.59 -41.41
C VAL J 73 0.64 7.98 -42.63
N GLU J 74 -0.35 7.14 -42.97
CA GLU J 74 -1.22 7.42 -44.10
C GLU J 74 -1.80 8.82 -43.99
N LYS J 75 -2.06 9.44 -45.15
CA LYS J 75 -2.32 10.88 -45.20
C LYS J 75 -3.59 11.27 -44.44
N GLN J 76 -4.68 10.54 -44.68
CA GLN J 76 -5.97 10.92 -44.10
C GLN J 76 -5.93 10.84 -42.57
N ILE J 77 -5.45 9.70 -42.04
CA ILE J 77 -5.39 9.58 -40.59
C ILE J 77 -4.39 10.59 -40.01
N GLY J 78 -3.34 10.92 -40.76
CA GLY J 78 -2.42 11.93 -40.29
C GLY J 78 -3.05 13.30 -40.21
N ASN J 79 -3.91 13.63 -41.18
CA ASN J 79 -4.60 14.92 -41.14
C ASN J 79 -5.56 14.97 -39.96
N VAL J 80 -6.28 13.87 -39.70
CA VAL J 80 -7.16 13.84 -38.53
C VAL J 80 -6.36 14.01 -37.24
N ILE J 81 -5.25 13.27 -37.12
CA ILE J 81 -4.43 13.36 -35.92
C ILE J 81 -3.90 14.77 -35.72
N ASN J 82 -3.39 15.39 -36.79
CA ASN J 82 -2.83 16.73 -36.69
C ASN J 82 -3.91 17.74 -36.32
N TRP J 83 -5.10 17.58 -36.90
CA TRP J 83 -6.21 18.47 -36.57
C TRP J 83 -6.61 18.35 -35.11
N THR J 84 -6.72 17.11 -34.61
CA THR J 84 -7.05 16.91 -33.20
C THR J 84 -6.00 17.54 -32.29
N ARG J 85 -4.71 17.24 -32.56
CA ARG J 85 -3.65 17.76 -31.70
C ARG J 85 -3.62 19.28 -31.72
N ASP J 86 -3.82 19.89 -32.88
CA ASP J 86 -3.82 21.35 -32.93
C ASP J 86 -5.00 21.93 -32.15
N SER J 87 -6.15 21.25 -32.20
CA SER J 87 -7.30 21.70 -31.41
C SER J 87 -7.01 21.63 -29.91
N ILE J 88 -6.41 20.53 -29.47
CA ILE J 88 -6.06 20.37 -28.06
C ILE J 88 -5.01 21.40 -27.64
N THR J 89 -4.02 21.62 -28.49
CA THR J 89 -3.00 22.63 -28.21
C THR J 89 -3.62 24.02 -28.06
N GLU J 90 -4.58 24.35 -28.92
CA GLU J 90 -5.25 25.64 -28.76
C GLU J 90 -5.99 25.70 -27.43
N VAL J 91 -6.72 24.64 -27.09
CA VAL J 91 -7.44 24.63 -25.82
C VAL J 91 -6.49 24.87 -24.65
N TRP J 92 -5.35 24.18 -24.64
CA TRP J 92 -4.46 24.32 -23.49
C TRP J 92 -3.72 25.65 -23.49
N SER J 93 -3.40 26.19 -24.66
CA SER J 93 -2.81 27.53 -24.70
C SER J 93 -3.78 28.57 -24.15
N TYR J 94 -5.05 28.47 -24.54
CA TYR J 94 -6.07 29.35 -23.98
C TYR J 94 -6.18 29.17 -22.47
N ASN J 95 -6.23 27.92 -22.01
CA ASN J 95 -6.37 27.67 -20.57
C ASN J 95 -5.21 28.27 -19.79
N ALA J 96 -3.99 28.11 -20.30
CA ALA J 96 -2.83 28.65 -19.61
C ALA J 96 -2.89 30.18 -19.56
N GLU J 97 -3.21 30.80 -20.70
CA GLU J 97 -3.28 32.26 -20.75
C GLU J 97 -4.33 32.78 -19.76
N LEU J 98 -5.54 32.23 -19.84
CA LEU J 98 -6.63 32.68 -18.97
C LEU J 98 -6.31 32.40 -17.50
N LEU J 99 -5.78 31.22 -17.21
CA LEU J 99 -5.45 30.88 -15.83
C LEU J 99 -4.45 31.88 -15.25
N VAL J 100 -3.36 32.14 -15.98
CA VAL J 100 -2.32 33.02 -15.45
C VAL J 100 -2.87 34.45 -15.30
N ALA J 101 -3.67 34.91 -16.26
CA ALA J 101 -4.22 36.26 -16.17
C ALA J 101 -5.15 36.39 -14.97
N MET J 102 -6.06 35.43 -14.80
CA MET J 102 -7.00 35.45 -13.69
C MET J 102 -6.27 35.38 -12.35
N GLU J 103 -5.31 34.46 -12.22
CA GLU J 103 -4.56 34.34 -10.97
C GLU J 103 -3.81 35.62 -10.67
N ASN J 104 -3.28 36.29 -11.71
CA ASN J 104 -2.53 37.52 -11.47
C ASN J 104 -3.45 38.63 -10.97
N GLN J 105 -4.62 38.78 -11.60
CA GLN J 105 -5.61 39.72 -11.10
C GLN J 105 -5.92 39.45 -9.63
N HIS J 106 -6.15 38.18 -9.28
CA HIS J 106 -6.53 37.88 -7.90
C HIS J 106 -5.37 38.10 -6.94
N THR J 107 -4.13 37.85 -7.35
CA THR J 107 -2.99 38.08 -6.48
C THR J 107 -2.82 39.56 -6.18
N ILE J 108 -2.88 40.40 -7.22
CA ILE J 108 -2.80 41.85 -7.00
C ILE J 108 -3.92 42.30 -6.07
N ASP J 109 -5.15 41.84 -6.31
CA ASP J 109 -6.27 42.23 -5.43
C ASP J 109 -6.10 41.71 -4.01
N LEU J 110 -5.52 40.53 -3.84
CA LEU J 110 -5.36 39.96 -2.51
C LEU J 110 -4.32 40.71 -1.70
N ALA J 111 -3.20 41.08 -2.31
CA ALA J 111 -2.21 41.89 -1.62
C ALA J 111 -2.78 43.27 -1.29
N ASP J 112 -3.51 43.88 -2.24
CA ASP J 112 -4.23 45.11 -1.97
C ASP J 112 -5.11 44.97 -0.73
N SER J 113 -5.87 43.87 -0.67
CA SER J 113 -6.77 43.63 0.44
C SER J 113 -6.01 43.52 1.76
N GLU J 114 -4.87 42.81 1.77
CA GLU J 114 -4.13 42.67 3.02
C GLU J 114 -3.62 44.02 3.51
N MET J 115 -3.16 44.88 2.58
CA MET J 115 -2.79 46.24 2.97
C MET J 115 -3.95 46.96 3.62
N ASP J 116 -5.13 46.87 3.01
CA ASP J 116 -6.30 47.54 3.57
C ASP J 116 -6.64 46.97 4.95
N LYS J 117 -6.46 45.66 5.13
CA LYS J 117 -6.76 45.04 6.41
C LYS J 117 -5.85 45.56 7.51
N LEU J 118 -4.56 45.72 7.20
CA LEU J 118 -3.64 46.28 8.19
C LEU J 118 -4.03 47.72 8.54
N TYR J 119 -4.31 48.54 7.52
CA TYR J 119 -4.72 49.92 7.74
C TYR J 119 -5.94 49.98 8.65
N GLU J 120 -6.96 49.18 8.36
CA GLU J 120 -8.17 49.19 9.20
C GLU J 120 -7.88 48.70 10.61
N ARG J 121 -6.99 47.70 10.74
CA ARG J 121 -6.60 47.24 12.07
C ARG J 121 -6.04 48.38 12.91
N VAL J 122 -5.10 49.15 12.35
CA VAL J 122 -4.51 50.26 13.10
C VAL J 122 -5.58 51.31 13.42
N LYS J 123 -6.43 51.62 12.44
CA LYS J 123 -7.50 52.59 12.67
C LYS J 123 -8.36 52.19 13.87
N ARG J 124 -8.71 50.91 13.98
CA ARG J 124 -9.51 50.49 15.12
C ARG J 124 -8.69 50.45 16.40
N GLN J 125 -7.37 50.24 16.30
CA GLN J 125 -6.52 50.34 17.48
C GLN J 125 -6.56 51.74 18.08
N LEU J 126 -6.47 52.77 17.23
CA LEU J 126 -6.31 54.13 17.71
C LEU J 126 -7.61 54.75 18.22
N ARG J 127 -8.76 54.18 17.89
CA ARG J 127 -10.07 54.67 18.35
C ARG J 127 -10.27 56.15 18.06
N GLU J 128 -10.45 56.92 19.14
CA GLU J 128 -10.76 58.33 19.06
C GLU J 128 -9.53 59.21 19.24
N ASN J 129 -8.35 58.60 19.29
CA ASN J 129 -7.11 59.31 19.59
C ASN J 129 -6.36 59.79 18.35
N ALA J 130 -6.87 59.49 17.15
CA ALA J 130 -6.15 59.84 15.93
C ALA J 130 -7.13 60.09 14.80
N GLU J 131 -6.64 60.77 13.76
CA GLU J 131 -7.43 61.05 12.57
C GLU J 131 -6.64 60.69 11.31
N GLU J 132 -7.35 60.18 10.30
CA GLU J 132 -6.71 59.82 9.04
C GLU J 132 -6.43 61.07 8.22
N ASP J 133 -5.23 61.15 7.65
CA ASP J 133 -4.90 62.26 6.76
C ASP J 133 -5.20 61.96 5.30
N GLY J 134 -5.55 60.72 4.96
CA GLY J 134 -5.90 60.35 3.61
C GLY J 134 -4.79 59.74 2.78
N THR J 135 -3.58 59.63 3.33
CA THR J 135 -2.45 59.06 2.60
C THR J 135 -1.93 57.77 3.24
N GLY J 136 -2.69 57.17 4.17
CA GLY J 136 -2.23 56.02 4.90
C GLY J 136 -1.61 56.32 6.25
N CYS J 137 -1.58 57.58 6.67
CA CYS J 137 -1.01 57.99 7.95
C CYS J 137 -2.12 58.31 8.94
N PHE J 138 -1.82 58.08 10.21
CA PHE J 138 -2.71 58.44 11.31
C PHE J 138 -2.06 59.55 12.11
N GLU J 139 -2.66 60.74 12.09
CA GLU J 139 -2.23 61.83 12.94
C GLU J 139 -2.71 61.55 14.37
N ILE J 140 -1.76 61.34 15.28
CA ILE J 140 -2.04 60.99 16.66
C ILE J 140 -2.02 62.26 17.50
N PHE J 141 -3.10 62.49 18.25
CA PHE J 141 -3.28 63.75 19.00
C PHE J 141 -2.72 63.67 20.41
N HIS J 142 -1.61 62.97 20.61
CA HIS J 142 -0.91 62.95 21.89
C HIS J 142 0.54 62.52 21.65
N LYS J 143 1.39 62.81 22.63
CA LYS J 143 2.79 62.40 22.54
C LYS J 143 2.87 60.89 22.54
N CYS J 144 3.51 60.32 21.53
CA CYS J 144 3.61 58.87 21.36
C CYS J 144 5.07 58.55 21.14
N ASP J 145 5.76 58.13 22.20
CA ASP J 145 7.18 57.86 22.16
C ASP J 145 7.45 56.51 21.49
N ASP J 146 8.72 56.08 21.52
CA ASP J 146 9.09 54.84 20.83
C ASP J 146 8.35 53.65 21.42
N ASP J 147 8.16 53.62 22.74
CA ASP J 147 7.41 52.53 23.34
C ASP J 147 5.93 52.61 22.99
N CYS J 148 5.39 53.83 22.87
CA CYS J 148 4.00 53.99 22.45
C CYS J 148 3.78 53.49 21.02
N MET J 149 4.65 53.93 20.10
CA MET J 149 4.60 53.41 18.73
C MET J 149 4.72 51.90 18.72
N ALA J 150 5.69 51.36 19.46
CA ALA J 150 5.85 49.91 19.54
C ALA J 150 4.58 49.24 20.05
N SER J 151 3.86 49.90 20.97
CA SER J 151 2.59 49.38 21.42
C SER J 151 1.55 49.41 20.31
N ILE J 152 1.65 50.38 19.40
CA ILE J 152 0.77 50.36 18.24
C ILE J 152 1.09 49.19 17.31
N ARG J 153 2.39 48.95 17.08
CA ARG J 153 2.77 47.93 16.10
C ARG J 153 2.40 46.52 16.56
N ASN J 154 2.62 46.21 17.84
CA ASN J 154 2.38 44.86 18.33
C ASN J 154 1.03 44.73 19.03
N ASN J 155 0.11 45.67 18.79
CA ASN J 155 -1.28 45.57 19.25
C ASN J 155 -1.39 45.53 20.77
N THR J 156 -0.64 46.41 21.44
CA THR J 156 -0.80 46.58 22.88
C THR J 156 -1.14 48.03 23.24
N TYR J 157 -1.44 48.87 22.24
CA TYR J 157 -1.82 50.25 22.49
C TYR J 157 -3.19 50.29 23.16
N ASP J 158 -3.24 50.84 24.38
CA ASP J 158 -4.49 50.99 25.12
C ASP J 158 -5.00 52.40 24.92
N HIS J 159 -6.08 52.54 24.14
CA HIS J 159 -6.58 53.87 23.78
C HIS J 159 -7.03 54.66 25.00
N SER J 160 -7.57 53.97 26.03
CA SER J 160 -8.00 54.66 27.25
C SER J 160 -6.86 55.45 27.88
N LYS J 161 -5.66 54.88 27.88
CA LYS J 161 -4.51 55.53 28.52
C LYS J 161 -4.28 56.94 27.99
N TYR J 162 -4.62 57.20 26.72
CA TYR J 162 -4.37 58.50 26.11
C TYR J 162 -5.63 59.22 25.66
N ARG J 163 -6.81 58.64 25.92
CA ARG J 163 -8.05 59.09 25.31
C ARG J 163 -8.36 60.55 25.63
N GLU J 164 -8.50 60.89 26.92
CA GLU J 164 -8.91 62.25 27.30
C GLU J 164 -7.96 63.30 26.76
N GLU J 165 -6.66 63.06 26.88
CA GLU J 165 -5.67 63.99 26.33
C GLU J 165 -5.87 64.17 24.84
N ALA J 166 -5.99 63.07 24.10
CA ALA J 166 -6.10 63.16 22.65
C ALA J 166 -7.38 63.86 22.22
N MET J 167 -8.53 63.46 22.78
CA MET J 167 -9.80 64.09 22.41
C MET J 167 -9.81 65.58 22.77
N GLN J 168 -9.22 65.95 23.92
CA GLN J 168 -9.10 67.36 24.22
C GLN J 168 -8.23 68.06 23.17
N ASN J 169 -7.13 67.41 22.76
CA ASN J 169 -6.26 67.99 21.74
C ASN J 169 -6.96 68.11 20.38
N ARG J 170 -8.02 67.34 20.16
CA ARG J 170 -8.75 67.36 18.90
C ARG J 170 -9.74 68.51 18.81
N ILE J 171 -9.83 69.36 19.82
CA ILE J 171 -10.75 70.49 19.78
C ILE J 171 -10.02 71.83 19.79
N ASP K 1 -26.23 71.97 4.56
CA ASP K 1 -25.48 71.72 3.32
C ASP K 1 -24.98 70.29 3.25
N LYS K 2 -25.14 69.66 2.09
CA LYS K 2 -24.70 68.29 1.90
C LYS K 2 -24.16 68.10 0.49
N ILE K 3 -23.39 67.03 0.32
CA ILE K 3 -22.92 66.63 -0.99
C ILE K 3 -23.04 65.12 -1.08
N CYS K 4 -23.56 64.63 -2.20
CA CYS K 4 -23.90 63.23 -2.36
C CYS K 4 -23.07 62.60 -3.47
N LEU K 5 -22.59 61.39 -3.21
CA LEU K 5 -21.88 60.62 -4.22
C LEU K 5 -22.88 59.69 -4.91
N GLY K 6 -22.71 59.53 -6.22
CA GLY K 6 -23.62 58.66 -6.95
C GLY K 6 -23.00 58.17 -8.23
N HIS K 7 -23.79 57.39 -8.97
CA HIS K 7 -23.34 56.77 -10.22
C HIS K 7 -24.45 56.90 -11.26
N HIS K 8 -24.10 56.68 -12.51
CA HIS K 8 -25.08 56.84 -13.56
C HIS K 8 -25.93 55.60 -13.74
N ALA K 9 -27.04 55.78 -14.45
CA ALA K 9 -27.97 54.70 -14.76
C ALA K 9 -28.71 55.09 -16.03
N VAL K 10 -29.38 54.11 -16.62
CA VAL K 10 -30.23 54.34 -17.78
C VAL K 10 -31.59 53.68 -17.50
N SER K 11 -32.60 54.14 -18.22
CA SER K 11 -33.95 53.64 -17.98
C SER K 11 -34.08 52.18 -18.39
N ASN K 12 -33.52 51.82 -19.54
CA ASN K 12 -33.56 50.44 -20.03
C ASN K 12 -32.13 49.97 -20.31
N GLY K 13 -31.63 49.07 -19.48
CA GLY K 13 -30.30 48.51 -19.65
C GLY K 13 -30.30 47.24 -20.48
N THR K 14 -29.16 46.55 -20.46
CA THR K 14 -28.97 45.32 -21.21
C THR K 14 -28.75 44.17 -20.23
N LYS K 15 -29.53 43.10 -20.38
CA LYS K 15 -29.40 41.96 -19.48
C LYS K 15 -28.23 41.09 -19.90
N VAL K 16 -27.42 40.69 -18.92
CA VAL K 16 -26.27 39.82 -19.12
C VAL K 16 -26.31 38.73 -18.04
N ASN K 17 -25.40 37.76 -18.17
CA ASN K 17 -25.31 36.68 -17.22
C ASN K 17 -23.98 36.73 -16.49
N THR K 18 -23.99 36.27 -15.23
CA THR K 18 -22.79 36.23 -14.39
C THR K 18 -22.63 34.84 -13.77
N LEU K 19 -21.66 34.69 -12.86
CA LEU K 19 -21.51 33.42 -12.16
C LEU K 19 -22.68 33.15 -11.23
N THR K 20 -23.28 34.19 -10.66
CA THR K 20 -24.31 34.04 -9.63
C THR K 20 -25.72 34.33 -10.13
N GLU K 21 -25.89 34.83 -11.35
CA GLU K 21 -27.20 35.34 -11.73
C GLU K 21 -27.35 35.33 -13.25
N ARG K 22 -28.56 35.05 -13.70
CA ARG K 22 -28.92 35.17 -15.11
C ARG K 22 -29.76 36.42 -15.29
N GLY K 23 -29.42 37.22 -16.29
CA GLY K 23 -30.22 38.38 -16.65
C GLY K 23 -30.11 39.57 -15.72
N VAL K 24 -28.92 39.83 -15.16
CA VAL K 24 -28.69 41.05 -14.42
C VAL K 24 -28.51 42.18 -15.41
N GLU K 25 -29.17 43.31 -15.15
CA GLU K 25 -29.17 44.43 -16.07
C GLU K 25 -27.94 45.30 -15.82
N VAL K 26 -27.20 45.59 -16.89
CA VAL K 26 -26.06 46.50 -16.81
C VAL K 26 -26.30 47.66 -17.75
N VAL K 27 -25.51 48.73 -17.56
CA VAL K 27 -25.73 49.96 -18.33
C VAL K 27 -25.41 49.73 -19.81
N ASN K 28 -24.48 48.83 -20.11
CA ASN K 28 -24.03 48.68 -21.48
C ASN K 28 -23.39 47.31 -21.61
N ALA K 29 -23.43 46.76 -22.82
CA ALA K 29 -22.87 45.44 -23.09
C ALA K 29 -22.52 45.34 -24.57
N THR K 30 -21.75 44.31 -24.91
CA THR K 30 -21.32 44.13 -26.29
C THR K 30 -21.32 42.65 -26.64
N GLU K 31 -21.60 42.36 -27.91
CA GLU K 31 -21.74 40.97 -28.35
C GLU K 31 -20.37 40.34 -28.62
N THR K 32 -20.25 39.06 -28.25
CA THR K 32 -19.03 38.30 -28.51
C THR K 32 -19.19 37.22 -29.56
N VAL K 33 -20.42 36.90 -29.96
CA VAL K 33 -20.71 35.82 -30.89
C VAL K 33 -21.18 36.41 -32.21
N GLU K 34 -20.47 36.07 -33.29
CA GLU K 34 -20.82 36.60 -34.61
C GLU K 34 -21.93 35.77 -35.23
N ARG K 35 -22.98 36.46 -35.70
CA ARG K 35 -24.09 35.80 -36.40
C ARG K 35 -24.28 36.30 -37.82
N THR K 36 -23.57 37.34 -38.24
CA THR K 36 -23.79 37.97 -39.54
C THR K 36 -22.91 37.29 -40.59
N ASN K 37 -23.55 36.73 -41.60
CA ASN K 37 -22.87 36.03 -42.69
C ASN K 37 -22.94 36.88 -43.96
N ILE K 38 -21.85 36.89 -44.71
CA ILE K 38 -21.82 37.50 -46.04
C ILE K 38 -22.00 36.38 -47.06
N PRO K 39 -23.16 36.30 -47.71
CA PRO K 39 -23.44 35.13 -48.57
C PRO K 39 -22.66 35.13 -49.88
N ARG K 40 -21.37 35.45 -49.83
CA ARG K 40 -20.49 35.41 -50.98
C ARG K 40 -19.09 35.00 -50.54
N ILE K 41 -18.29 34.54 -51.50
CA ILE K 41 -16.90 34.16 -51.22
C ILE K 41 -16.02 35.37 -51.50
N CYS K 42 -15.59 36.03 -50.44
CA CYS K 42 -14.78 37.24 -50.57
C CYS K 42 -13.32 36.86 -50.85
N SER K 43 -12.84 37.24 -52.03
CA SER K 43 -11.58 36.70 -52.54
C SER K 43 -10.56 37.78 -52.92
N LYS K 44 -10.75 39.02 -52.46
CA LYS K 44 -9.78 40.07 -52.76
C LYS K 44 -8.41 39.72 -52.24
N GLY K 45 -7.40 39.91 -53.08
CA GLY K 45 -6.03 39.66 -52.68
C GLY K 45 -5.58 38.23 -52.83
N LYS K 46 -6.46 37.32 -53.24
CA LYS K 46 -6.15 35.90 -53.32
C LYS K 46 -6.40 35.40 -54.74
N ARG K 47 -5.36 34.84 -55.35
CA ARG K 47 -5.53 34.14 -56.63
C ARG K 47 -6.54 33.00 -56.42
N THR K 48 -7.76 33.21 -56.91
CA THR K 48 -8.88 32.32 -56.65
C THR K 48 -9.23 31.49 -57.89
N VAL K 49 -9.45 30.20 -57.68
CA VAL K 49 -9.88 29.30 -58.74
C VAL K 49 -11.24 28.72 -58.37
N ASP K 50 -12.24 29.00 -59.19
CA ASP K 50 -13.57 28.42 -59.04
C ASP K 50 -13.65 27.22 -59.99
N LEU K 51 -13.50 26.02 -59.43
CA LEU K 51 -13.40 24.81 -60.25
C LEU K 51 -14.68 24.52 -61.02
N GLY K 52 -15.82 25.00 -60.54
CA GLY K 52 -17.07 24.81 -61.28
C GLY K 52 -17.37 23.34 -61.45
N GLN K 53 -17.48 22.92 -62.72
CA GLN K 53 -17.79 21.53 -63.05
C GLN K 53 -16.57 20.63 -63.01
N CYS K 54 -15.38 21.19 -62.85
CA CYS K 54 -14.16 20.40 -62.71
C CYS K 54 -14.02 19.90 -61.27
N GLY K 55 -13.98 18.58 -61.10
CA GLY K 55 -13.58 18.04 -59.82
C GLY K 55 -12.08 18.21 -59.60
N LEU K 56 -11.70 18.46 -58.34
CA LEU K 56 -10.30 18.78 -58.03
C LEU K 56 -9.36 17.66 -58.48
N LEU K 57 -9.73 16.41 -58.21
CA LEU K 57 -8.89 15.31 -58.62
C LEU K 57 -8.80 15.23 -60.15
N GLY K 58 -9.84 15.70 -60.84
CA GLY K 58 -9.80 15.73 -62.30
C GLY K 58 -8.65 16.57 -62.82
N THR K 59 -8.24 17.59 -62.07
CA THR K 59 -7.12 18.41 -62.50
C THR K 59 -5.85 17.60 -62.71
N ILE K 60 -5.77 16.42 -62.10
CA ILE K 60 -4.57 15.60 -62.25
C ILE K 60 -4.66 14.72 -63.49
N THR K 61 -5.86 14.22 -63.82
CA THR K 61 -6.01 13.30 -64.94
C THR K 61 -6.49 13.98 -66.21
N GLY K 62 -7.32 15.02 -66.07
CA GLY K 62 -7.70 15.87 -67.17
C GLY K 62 -8.88 15.39 -68.00
N PRO K 63 -10.05 15.20 -67.37
CA PRO K 63 -11.28 15.08 -68.15
C PRO K 63 -11.60 16.40 -68.82
N PRO K 64 -12.49 16.43 -69.82
CA PRO K 64 -12.72 17.70 -70.55
C PRO K 64 -13.08 18.87 -69.66
N GLN K 65 -13.97 18.65 -68.68
CA GLN K 65 -14.39 19.75 -67.80
C GLN K 65 -13.25 20.35 -67.01
N CYS K 66 -12.07 19.74 -67.04
CA CYS K 66 -10.90 20.25 -66.33
C CYS K 66 -9.79 20.75 -67.25
N ASP K 67 -10.06 20.86 -68.56
CA ASP K 67 -9.00 21.20 -69.49
C ASP K 67 -8.34 22.54 -69.17
N GLN K 68 -9.09 23.49 -68.62
CA GLN K 68 -8.57 24.80 -68.28
C GLN K 68 -7.77 24.83 -66.98
N PHE K 69 -7.72 23.71 -66.24
CA PHE K 69 -7.08 23.69 -64.93
C PHE K 69 -5.94 22.68 -64.85
N LEU K 70 -5.40 22.23 -65.98
CA LEU K 70 -4.40 21.16 -65.95
C LEU K 70 -3.14 21.57 -65.20
N GLU K 71 -2.84 22.86 -65.15
CA GLU K 71 -1.68 23.35 -64.39
C GLU K 71 -2.05 24.61 -63.61
N PHE K 72 -3.23 24.61 -63.00
CA PHE K 72 -3.74 25.80 -62.33
C PHE K 72 -2.83 26.20 -61.18
N SER K 73 -2.98 27.46 -60.76
CA SER K 73 -2.26 28.02 -59.65
C SER K 73 -3.23 28.86 -58.84
N ALA K 74 -3.20 28.73 -57.51
CA ALA K 74 -4.19 29.42 -56.71
C ALA K 74 -3.73 29.53 -55.27
N ASP K 75 -4.24 30.56 -54.59
CA ASP K 75 -4.19 30.65 -53.13
C ASP K 75 -5.46 30.13 -52.49
N LEU K 76 -6.60 30.26 -53.17
CA LEU K 76 -7.89 29.78 -52.70
C LEU K 76 -8.51 28.90 -53.77
N ILE K 77 -8.91 27.69 -53.38
CA ILE K 77 -9.51 26.73 -54.29
C ILE K 77 -10.96 26.50 -53.87
N ILE K 78 -11.88 26.61 -54.82
CA ILE K 78 -13.30 26.46 -54.53
C ILE K 78 -13.82 25.23 -55.28
N GLU K 79 -14.29 24.25 -54.52
CA GLU K 79 -14.97 23.10 -55.11
C GLU K 79 -16.47 23.36 -55.14
N ARG K 80 -17.12 22.91 -56.20
CA ARG K 80 -18.55 23.06 -56.37
C ARG K 80 -19.23 21.71 -56.36
N ARG K 81 -20.52 21.73 -56.01
CA ARG K 81 -21.26 20.48 -55.92
C ARG K 81 -21.38 19.79 -57.27
N GLU K 82 -21.34 20.56 -58.36
CA GLU K 82 -21.47 19.97 -59.69
C GLU K 82 -20.13 19.48 -60.25
N GLY K 83 -19.05 19.61 -59.50
CA GLY K 83 -17.76 19.16 -60.00
C GLY K 83 -17.72 17.65 -60.12
N SER K 84 -17.04 17.17 -61.16
CA SER K 84 -16.86 15.74 -61.38
C SER K 84 -15.39 15.47 -61.67
N ASP K 85 -14.85 14.44 -61.03
CA ASP K 85 -13.46 14.05 -61.26
C ASP K 85 -13.29 13.27 -62.56
N VAL K 86 -14.37 12.76 -63.13
CA VAL K 86 -14.28 11.74 -64.18
C VAL K 86 -15.10 12.17 -65.39
N CYS K 87 -14.76 11.56 -66.53
CA CYS K 87 -15.61 11.55 -67.71
C CYS K 87 -16.04 10.13 -68.06
N TYR K 88 -15.09 9.25 -68.37
CA TYR K 88 -15.39 7.83 -68.38
C TYR K 88 -15.70 7.38 -66.95
N PRO K 89 -16.79 6.65 -66.72
CA PRO K 89 -17.23 6.38 -65.35
C PRO K 89 -16.16 5.68 -64.53
N GLY K 90 -16.14 6.00 -63.24
CA GLY K 90 -15.14 5.48 -62.32
C GLY K 90 -15.06 6.36 -61.08
N LYS K 91 -13.93 6.26 -60.39
CA LYS K 91 -13.69 7.05 -59.18
C LYS K 91 -12.24 6.89 -58.76
N PHE K 92 -11.79 7.80 -57.89
CA PHE K 92 -10.48 7.67 -57.27
C PHE K 92 -10.56 6.79 -56.03
N VAL K 93 -9.48 6.05 -55.80
CA VAL K 93 -9.23 5.34 -54.54
C VAL K 93 -8.48 6.26 -53.59
N ASN K 94 -8.84 6.21 -52.30
CA ASN K 94 -8.31 7.15 -51.31
C ASN K 94 -8.47 8.58 -51.81
N GLU K 95 -9.71 8.90 -52.19
CA GLU K 95 -9.96 10.19 -52.84
C GLU K 95 -9.82 11.35 -51.88
N GLU K 96 -10.30 11.20 -50.63
CA GLU K 96 -10.34 12.35 -49.74
C GLU K 96 -8.96 12.78 -49.30
N ALA K 97 -8.06 11.83 -49.07
CA ALA K 97 -6.67 12.17 -48.78
C ALA K 97 -6.06 12.99 -49.91
N LEU K 98 -6.30 12.58 -51.15
CA LEU K 98 -5.74 13.32 -52.28
C LEU K 98 -6.36 14.70 -52.41
N ARG K 99 -7.67 14.82 -52.17
CA ARG K 99 -8.30 16.14 -52.15
C ARG K 99 -7.66 17.03 -51.10
N GLN K 100 -7.42 16.48 -49.90
CA GLN K 100 -6.83 17.26 -48.82
C GLN K 100 -5.40 17.67 -49.15
N ILE K 101 -4.66 16.82 -49.86
CA ILE K 101 -3.32 17.18 -50.34
C ILE K 101 -3.40 18.33 -51.34
N LEU K 102 -4.36 18.26 -52.27
CA LEU K 102 -4.45 19.24 -53.36
C LEU K 102 -5.04 20.57 -52.91
N ARG K 103 -5.87 20.58 -51.86
CA ARG K 103 -6.45 21.84 -51.41
C ARG K 103 -5.39 22.81 -50.90
N GLU K 104 -4.28 22.28 -50.37
CA GLU K 104 -3.20 23.10 -49.83
C GLU K 104 -1.98 23.14 -50.75
N SER K 105 -2.13 22.68 -51.99
CA SER K 105 -1.02 22.53 -52.92
C SER K 105 -0.57 23.84 -53.56
N GLY K 106 -1.44 24.84 -53.62
CA GLY K 106 -1.15 26.03 -54.39
C GLY K 106 -1.27 25.85 -55.89
N GLY K 107 -1.77 24.71 -56.34
CA GLY K 107 -1.81 24.38 -57.76
C GLY K 107 -0.80 23.29 -58.10
N ILE K 108 -0.86 22.88 -59.37
CA ILE K 108 -0.02 21.79 -59.86
C ILE K 108 0.75 22.24 -61.09
N ASP K 109 1.95 21.70 -61.24
CA ASP K 109 2.80 21.91 -62.40
C ASP K 109 3.12 20.53 -62.97
N LYS K 110 2.76 20.32 -64.23
CA LYS K 110 2.90 19.00 -64.86
C LYS K 110 4.26 18.85 -65.52
N GLU K 111 4.72 17.62 -65.62
CA GLU K 111 5.99 17.31 -66.26
C GLU K 111 5.87 15.98 -66.98
N ALA K 112 6.35 15.91 -68.22
CA ALA K 112 6.29 14.67 -68.97
C ALA K 112 7.04 13.55 -68.25
N MET K 113 6.44 12.37 -68.22
CA MET K 113 7.12 11.23 -67.63
C MET K 113 7.90 10.42 -68.65
N GLY K 114 7.65 10.62 -69.94
CA GLY K 114 8.50 10.05 -70.96
C GLY K 114 8.27 8.60 -71.30
N PHE K 115 7.08 8.07 -71.04
CA PHE K 115 6.78 6.69 -71.41
C PHE K 115 6.52 6.62 -72.92
N THR K 116 7.22 5.70 -73.59
CA THR K 116 7.00 5.42 -75.00
C THR K 116 6.62 3.96 -75.16
N TYR K 117 5.82 3.67 -76.18
CA TYR K 117 5.27 2.33 -76.36
C TYR K 117 5.46 1.83 -77.78
N SER K 118 5.57 0.51 -77.91
CA SER K 118 5.66 -0.14 -79.21
C SER K 118 4.92 -1.46 -79.13
N GLY K 119 4.26 -1.83 -80.21
CA GLY K 119 3.51 -3.07 -80.25
C GLY K 119 2.12 -3.00 -79.64
N ILE K 120 1.66 -1.81 -79.27
CA ILE K 120 0.33 -1.63 -78.71
C ILE K 120 -0.25 -0.33 -79.25
N ARG K 121 -1.56 -0.18 -79.12
CA ARG K 121 -2.18 1.12 -79.34
C ARG K 121 -2.10 1.95 -78.07
N THR K 122 -2.04 3.27 -78.24
CA THR K 122 -2.03 4.21 -77.13
C THR K 122 -3.17 5.20 -77.24
N ASN K 123 -4.05 5.06 -78.23
CA ASN K 123 -5.08 6.04 -78.53
C ASN K 123 -6.47 5.53 -78.17
N GLY K 124 -6.58 4.78 -77.08
CA GLY K 124 -7.88 4.38 -76.57
C GLY K 124 -8.73 5.60 -76.24
N ALA K 125 -9.97 5.61 -76.72
CA ALA K 125 -10.85 6.76 -76.55
C ALA K 125 -12.25 6.26 -76.27
N THR K 126 -13.09 7.17 -75.77
CA THR K 126 -14.46 6.82 -75.44
C THR K 126 -15.35 8.04 -75.70
N SER K 127 -16.63 7.76 -75.95
CA SER K 127 -17.62 8.82 -76.17
C SER K 127 -18.06 9.52 -74.88
N ALA K 128 -17.55 9.09 -73.72
CA ALA K 128 -17.82 9.80 -72.48
C ALA K 128 -16.92 11.00 -72.26
N CYS K 129 -15.77 11.07 -72.93
CA CYS K 129 -14.84 12.20 -72.83
C CYS K 129 -14.77 12.90 -74.19
N ARG K 130 -15.63 13.91 -74.40
CA ARG K 130 -15.75 14.55 -75.70
C ARG K 130 -14.83 15.77 -75.79
N ARG K 131 -13.92 15.75 -76.77
CA ARG K 131 -13.13 16.92 -77.17
C ARG K 131 -13.12 16.97 -78.69
N SER K 132 -14.16 17.59 -79.29
CA SER K 132 -14.34 17.64 -80.74
C SER K 132 -14.51 16.25 -81.32
N GLY K 133 -14.49 15.24 -80.47
CA GLY K 133 -14.74 13.87 -80.89
C GLY K 133 -14.58 12.95 -79.69
N SER K 134 -14.65 11.65 -79.94
CA SER K 134 -14.33 10.71 -78.88
C SER K 134 -12.88 10.90 -78.46
N SER K 135 -12.66 11.02 -77.15
CA SER K 135 -11.32 11.31 -76.65
C SER K 135 -11.16 10.59 -75.31
N PHE K 136 -10.20 11.04 -74.51
CA PHE K 136 -9.85 10.39 -73.26
C PHE K 136 -9.32 11.45 -72.30
N TYR K 137 -8.84 11.01 -71.13
CA TYR K 137 -8.20 11.90 -70.18
C TYR K 137 -6.94 12.50 -70.79
N ALA K 138 -6.82 13.82 -70.73
CA ALA K 138 -5.73 14.50 -71.42
C ALA K 138 -4.36 14.13 -70.87
N GLU K 139 -4.27 13.71 -69.61
CA GLU K 139 -2.99 13.41 -68.99
C GLU K 139 -2.69 11.92 -68.94
N MET K 140 -3.58 11.07 -69.45
CA MET K 140 -3.43 9.63 -69.41
C MET K 140 -3.52 9.06 -70.81
N LYS K 141 -3.15 7.78 -70.94
CA LYS K 141 -3.24 7.08 -72.21
C LYS K 141 -3.82 5.69 -71.98
N TRP K 142 -4.90 5.38 -72.71
CA TRP K 142 -5.58 4.09 -72.64
C TRP K 142 -4.86 3.13 -73.58
N LEU K 143 -4.04 2.26 -73.01
CA LEU K 143 -3.25 1.32 -73.80
C LEU K 143 -4.08 0.11 -74.19
N LEU K 144 -4.05 -0.23 -75.48
CA LEU K 144 -4.80 -1.35 -76.02
C LEU K 144 -3.87 -2.23 -76.85
N SER K 145 -4.32 -3.45 -77.14
CA SER K 145 -3.62 -4.32 -78.08
C SER K 145 -3.76 -3.76 -79.51
N ASN K 146 -2.82 -4.17 -80.38
CA ASN K 146 -2.83 -3.67 -81.75
C ASN K 146 -4.12 -4.00 -82.47
N THR K 147 -4.69 -5.18 -82.21
CA THR K 147 -5.94 -5.58 -82.83
C THR K 147 -6.79 -6.34 -81.82
N ASP K 148 -8.08 -6.46 -82.13
CA ASP K 148 -9.01 -7.15 -81.25
C ASP K 148 -8.52 -8.55 -80.90
N ASN K 149 -8.55 -8.86 -79.61
CA ASN K 149 -8.21 -10.17 -79.02
C ASN K 149 -6.74 -10.51 -79.13
N ALA K 150 -5.91 -9.63 -79.69
CA ALA K 150 -4.48 -9.89 -79.76
C ALA K 150 -3.85 -9.87 -78.36
N ALA K 151 -2.74 -10.60 -78.21
CA ALA K 151 -2.08 -10.66 -76.92
C ALA K 151 -1.38 -9.34 -76.62
N PHE K 152 -1.53 -8.89 -75.37
CA PHE K 152 -0.89 -7.66 -74.92
C PHE K 152 0.49 -7.99 -74.38
N PRO K 153 1.56 -7.37 -74.90
CA PRO K 153 2.91 -7.71 -74.44
C PRO K 153 3.14 -7.26 -73.00
N GLN K 154 3.86 -8.09 -72.24
CA GLN K 154 4.28 -7.71 -70.90
C GLN K 154 5.23 -6.52 -70.99
N MET K 155 4.98 -5.50 -70.17
CA MET K 155 5.77 -4.27 -70.24
C MET K 155 6.16 -3.79 -68.86
N THR K 156 7.28 -3.08 -68.82
CA THR K 156 7.81 -2.45 -67.61
C THR K 156 8.21 -1.03 -67.96
N LYS K 157 7.62 -0.05 -67.28
CA LYS K 157 7.91 1.36 -67.50
C LYS K 157 8.27 2.01 -66.18
N SER K 158 9.42 2.69 -66.14
CA SER K 158 9.88 3.33 -64.93
C SER K 158 10.06 4.82 -65.14
N TYR K 159 9.88 5.57 -64.06
CA TYR K 159 10.09 7.01 -64.06
C TYR K 159 10.79 7.37 -62.77
N LYS K 160 11.86 8.14 -62.86
CA LYS K 160 12.59 8.57 -61.69
C LYS K 160 12.27 10.03 -61.42
N ASN K 161 11.89 10.34 -60.18
CA ASN K 161 11.64 11.71 -59.78
C ASN K 161 12.99 12.36 -59.53
N THR K 162 13.45 13.16 -60.49
CA THR K 162 14.73 13.84 -60.41
C THR K 162 14.63 15.25 -59.85
N ARG K 163 13.43 15.69 -59.45
CA ARG K 163 13.21 17.03 -58.93
C ARG K 163 13.25 17.03 -57.41
N LYS K 164 13.07 18.21 -56.81
CA LYS K 164 13.29 18.40 -55.39
C LYS K 164 12.03 18.35 -54.55
N SER K 165 10.87 18.13 -55.15
CA SER K 165 9.61 18.01 -54.42
C SER K 165 8.91 16.72 -54.83
N PRO K 166 8.06 16.19 -53.96
CA PRO K 166 7.40 14.91 -54.28
C PRO K 166 6.52 15.02 -55.52
N ALA K 167 6.50 13.95 -56.30
CA ALA K 167 5.72 13.88 -57.53
C ALA K 167 4.41 13.14 -57.28
N LEU K 168 3.31 13.72 -57.72
CA LEU K 168 2.01 13.04 -57.65
C LEU K 168 1.89 12.15 -58.88
N ILE K 169 1.85 10.83 -58.66
CA ILE K 169 1.75 9.84 -59.73
C ILE K 169 0.37 9.20 -59.69
N VAL K 170 -0.31 9.18 -60.83
CA VAL K 170 -1.64 8.60 -60.93
C VAL K 170 -1.65 7.61 -62.09
N TRP K 171 -2.30 6.47 -61.88
CA TRP K 171 -2.55 5.52 -62.95
C TRP K 171 -3.98 5.02 -62.81
N GLY K 172 -4.44 4.29 -63.82
CA GLY K 172 -5.81 3.81 -63.84
C GLY K 172 -5.90 2.35 -64.20
N ILE K 173 -6.90 1.69 -63.64
CA ILE K 173 -7.25 0.32 -63.96
C ILE K 173 -8.62 0.32 -64.63
N HIS K 174 -8.69 -0.34 -65.79
CA HIS K 174 -9.92 -0.45 -66.55
C HIS K 174 -10.62 -1.76 -66.17
N HIS K 175 -11.88 -1.65 -65.77
CA HIS K 175 -12.72 -2.80 -65.47
C HIS K 175 -13.74 -2.95 -66.58
N SER K 176 -13.55 -3.96 -67.42
CA SER K 176 -14.42 -4.23 -68.56
C SER K 176 -15.78 -4.75 -68.09
N VAL K 177 -16.74 -4.71 -69.01
CA VAL K 177 -18.08 -5.22 -68.71
C VAL K 177 -18.13 -6.73 -68.69
N SER K 178 -17.17 -7.41 -69.33
CA SER K 178 -17.23 -8.86 -69.41
C SER K 178 -15.85 -9.42 -69.70
N THR K 179 -15.70 -10.73 -69.47
CA THR K 179 -14.45 -11.39 -69.83
C THR K 179 -14.21 -11.31 -71.34
N ALA K 180 -15.28 -11.38 -72.13
CA ALA K 180 -15.14 -11.30 -73.57
C ALA K 180 -14.62 -9.94 -74.02
N GLU K 181 -15.10 -8.86 -73.37
CA GLU K 181 -14.64 -7.53 -73.76
C GLU K 181 -13.19 -7.31 -73.33
N GLN K 182 -12.84 -7.76 -72.12
CA GLN K 182 -11.46 -7.65 -71.66
C GLN K 182 -10.53 -8.42 -72.59
N THR K 183 -10.97 -9.58 -73.07
CA THR K 183 -10.18 -10.31 -74.04
C THR K 183 -10.08 -9.54 -75.35
N LYS K 184 -11.19 -8.95 -75.80
CA LYS K 184 -11.16 -8.17 -77.04
C LYS K 184 -10.18 -7.01 -76.96
N LEU K 185 -10.05 -6.39 -75.78
CA LEU K 185 -9.22 -5.20 -75.64
C LEU K 185 -7.75 -5.54 -75.35
N TYR K 186 -7.50 -6.55 -74.54
CA TYR K 186 -6.14 -6.84 -74.07
C TYR K 186 -5.71 -8.27 -74.29
N GLY K 187 -6.53 -9.11 -74.90
CA GLY K 187 -6.22 -10.52 -75.03
C GLY K 187 -6.68 -11.32 -73.83
N SER K 188 -6.82 -12.63 -74.03
CA SER K 188 -7.33 -13.50 -72.99
C SER K 188 -6.29 -13.69 -71.89
N GLY K 189 -6.75 -14.21 -70.75
CA GLY K 189 -5.89 -14.53 -69.64
C GLY K 189 -5.92 -13.49 -68.53
N ASN K 190 -5.26 -13.82 -67.43
CA ASN K 190 -5.21 -12.94 -66.27
C ASN K 190 -4.41 -11.68 -66.58
N LYS K 191 -4.90 -10.56 -66.06
CA LYS K 191 -4.24 -9.28 -66.24
C LYS K 191 -3.76 -8.76 -64.90
N LEU K 192 -2.56 -8.21 -64.89
CA LEU K 192 -1.92 -7.79 -63.66
C LEU K 192 -1.15 -6.50 -63.86
N VAL K 193 -1.27 -5.59 -62.90
CA VAL K 193 -0.49 -4.35 -62.87
C VAL K 193 0.17 -4.25 -61.51
N THR K 194 1.50 -4.26 -61.49
CA THR K 194 2.26 -4.05 -60.27
C THR K 194 2.88 -2.67 -60.28
N VAL K 195 2.79 -1.95 -59.17
CA VAL K 195 3.31 -0.60 -59.02
C VAL K 195 4.21 -0.59 -57.80
N GLY K 196 5.44 -0.13 -57.97
CA GLY K 196 6.41 -0.15 -56.88
C GLY K 196 7.30 1.06 -56.85
N SER K 197 7.67 1.45 -55.63
CA SER K 197 8.72 2.44 -55.40
C SER K 197 9.55 1.93 -54.23
N SER K 198 10.28 2.82 -53.56
CA SER K 198 11.10 2.45 -52.42
C SER K 198 10.31 2.32 -51.12
N ASN K 199 9.15 2.98 -51.01
CA ASN K 199 8.32 2.84 -49.82
C ASN K 199 6.87 2.49 -50.18
N TYR K 200 6.64 1.99 -51.40
CA TYR K 200 5.32 1.65 -51.89
C TYR K 200 5.41 0.38 -52.72
N GLN K 201 4.46 -0.53 -52.51
CA GLN K 201 4.31 -1.69 -53.37
C GLN K 201 2.85 -2.12 -53.32
N GLN K 202 2.20 -2.15 -54.48
CA GLN K 202 0.82 -2.57 -54.55
C GLN K 202 0.56 -3.21 -55.90
N SER K 203 -0.38 -4.15 -55.93
CA SER K 203 -0.78 -4.81 -57.15
C SER K 203 -2.27 -4.56 -57.40
N PHE K 204 -2.65 -4.56 -58.67
CA PHE K 204 -4.00 -4.26 -59.11
C PHE K 204 -4.37 -5.24 -60.20
N VAL K 205 -5.59 -5.79 -60.08
CA VAL K 205 -6.15 -6.71 -61.05
C VAL K 205 -7.48 -6.13 -61.52
N PRO K 206 -7.75 -6.14 -62.83
CA PRO K 206 -9.07 -5.68 -63.29
C PRO K 206 -10.16 -6.61 -62.83
N SER K 207 -11.38 -6.05 -62.71
CA SER K 207 -12.53 -6.78 -62.20
C SER K 207 -13.63 -6.78 -63.27
N PRO K 208 -13.52 -7.66 -64.26
CA PRO K 208 -14.55 -7.70 -65.32
C PRO K 208 -15.86 -8.26 -64.79
N GLY K 209 -16.96 -7.69 -65.27
CA GLY K 209 -18.28 -8.11 -64.82
C GLY K 209 -19.32 -7.08 -65.19
N ALA K 210 -20.58 -7.52 -65.18
CA ALA K 210 -21.68 -6.66 -65.57
C ALA K 210 -22.06 -5.74 -64.43
N ARG K 211 -22.23 -4.46 -64.74
CA ARG K 211 -22.70 -3.45 -63.79
C ARG K 211 -23.62 -2.49 -64.52
N PRO K 212 -24.41 -1.71 -63.79
CA PRO K 212 -25.34 -0.77 -64.43
C PRO K 212 -24.66 0.25 -65.32
N GLN K 213 -25.38 0.67 -66.36
CA GLN K 213 -24.89 1.66 -67.31
C GLN K 213 -24.89 3.04 -66.66
N VAL K 214 -23.73 3.70 -66.67
CA VAL K 214 -23.61 5.09 -66.24
C VAL K 214 -23.27 5.91 -67.48
N ASN K 215 -24.18 6.82 -67.84
CA ASN K 215 -24.08 7.58 -69.10
C ASN K 215 -24.01 6.64 -70.30
N GLY K 216 -24.71 5.51 -70.21
CA GLY K 216 -24.75 4.53 -71.28
C GLY K 216 -23.64 3.51 -71.27
N LEU K 217 -22.67 3.61 -70.36
CA LEU K 217 -21.52 2.73 -70.37
C LEU K 217 -21.46 1.94 -69.07
N SER K 218 -21.08 0.66 -69.17
CA SER K 218 -20.94 -0.20 -68.01
C SER K 218 -19.50 -0.49 -67.62
N GLY K 219 -18.52 -0.03 -68.40
CA GLY K 219 -17.15 -0.17 -67.96
C GLY K 219 -16.79 0.88 -66.92
N ARG K 220 -15.66 0.67 -66.26
CA ARG K 220 -15.20 1.65 -65.28
C ARG K 220 -13.69 1.84 -65.41
N ILE K 221 -13.22 3.00 -64.97
CA ILE K 221 -11.79 3.24 -64.78
C ILE K 221 -11.61 3.76 -63.37
N ASP K 222 -10.91 3.02 -62.53
CA ASP K 222 -10.57 3.47 -61.19
C ASP K 222 -9.14 4.00 -61.18
N PHE K 223 -8.97 5.22 -60.67
CA PHE K 223 -7.67 5.87 -60.60
C PHE K 223 -7.04 5.69 -59.22
N HIS K 224 -5.76 5.29 -59.21
CA HIS K 224 -4.94 5.14 -58.03
C HIS K 224 -3.77 6.10 -58.09
N TRP K 225 -3.20 6.43 -56.93
CA TRP K 225 -2.15 7.43 -56.89
C TRP K 225 -1.14 7.11 -55.79
N LEU K 226 0.04 7.72 -55.92
CA LEU K 226 1.08 7.68 -54.89
C LEU K 226 1.90 8.96 -54.98
N MET K 227 2.58 9.28 -53.89
CA MET K 227 3.55 10.36 -53.87
C MET K 227 4.95 9.76 -53.98
N LEU K 228 5.68 10.15 -55.02
CA LEU K 228 7.03 9.66 -55.31
C LEU K 228 8.05 10.64 -54.78
N ASN K 229 8.86 10.20 -53.81
CA ASN K 229 9.85 11.07 -53.20
C ASN K 229 10.95 11.43 -54.20
N PRO K 230 11.64 12.54 -53.97
CA PRO K 230 12.80 12.89 -54.82
C PRO K 230 13.85 11.79 -54.82
N ASN K 231 14.47 11.61 -55.98
CA ASN K 231 15.51 10.60 -56.22
C ASN K 231 14.96 9.17 -56.20
N ASP K 232 13.67 9.00 -55.87
CA ASP K 232 13.04 7.68 -55.90
C ASP K 232 12.44 7.43 -57.29
N THR K 233 12.27 6.14 -57.60
CA THR K 233 11.76 5.70 -58.90
C THR K 233 10.45 4.94 -58.69
N VAL K 234 9.51 5.14 -59.62
CA VAL K 234 8.28 4.36 -59.68
C VAL K 234 8.36 3.44 -60.89
N THR K 235 7.93 2.19 -60.71
CA THR K 235 7.94 1.20 -61.78
C THR K 235 6.56 0.58 -61.92
N PHE K 236 6.02 0.58 -63.14
CA PHE K 236 4.77 -0.06 -63.51
C PHE K 236 5.06 -1.27 -64.38
N SER K 237 4.54 -2.43 -63.99
CA SER K 237 4.64 -3.65 -64.77
C SER K 237 3.23 -4.11 -65.12
N PHE K 238 2.92 -4.23 -66.40
CA PHE K 238 1.54 -4.45 -66.79
C PHE K 238 1.44 -5.27 -68.07
N ASN K 239 0.29 -5.94 -68.22
CA ASN K 239 -0.04 -6.70 -69.41
C ASN K 239 -1.46 -6.42 -69.90
N GLY K 240 -2.04 -5.27 -69.51
CA GLY K 240 -3.36 -4.89 -69.98
C GLY K 240 -4.19 -4.23 -68.90
N ALA K 241 -5.36 -3.70 -69.28
CA ALA K 241 -6.30 -3.08 -68.34
C ALA K 241 -5.64 -1.97 -67.52
N PHE K 242 -4.68 -1.27 -68.14
CA PHE K 242 -3.85 -0.27 -67.48
C PHE K 242 -4.01 1.06 -68.20
N ILE K 243 -4.38 2.10 -67.46
CA ILE K 243 -4.45 3.47 -67.96
C ILE K 243 -3.18 4.19 -67.52
N ALA K 244 -2.25 4.41 -68.46
CA ALA K 244 -0.92 4.89 -68.09
C ALA K 244 -0.89 6.42 -67.91
N PRO K 245 -0.08 6.92 -67.01
CA PRO K 245 0.14 8.37 -66.92
C PRO K 245 1.14 8.84 -67.96
N ASP K 246 0.87 10.01 -68.53
CA ASP K 246 1.81 10.66 -69.43
C ASP K 246 2.62 11.74 -68.74
N ARG K 247 2.03 12.44 -67.77
CA ARG K 247 2.71 13.49 -67.02
C ARG K 247 2.47 13.28 -65.53
N ALA K 248 3.44 13.71 -64.74
CA ALA K 248 3.36 13.76 -63.29
C ALA K 248 3.09 15.19 -62.83
N SER K 249 2.59 15.31 -61.61
CA SER K 249 2.25 16.61 -61.04
C SER K 249 3.17 16.95 -59.87
N PHE K 250 3.47 18.23 -59.73
CA PHE K 250 4.23 18.76 -58.60
C PHE K 250 3.47 19.93 -57.98
N LEU K 251 3.47 20.00 -56.66
CA LEU K 251 2.72 21.02 -55.95
C LEU K 251 3.47 22.36 -56.00
N ARG K 252 2.73 23.43 -56.22
CA ARG K 252 3.34 24.75 -56.44
C ARG K 252 3.78 25.40 -55.14
N GLY K 253 2.90 25.43 -54.13
CA GLY K 253 3.26 26.07 -52.89
C GLY K 253 2.25 25.87 -51.78
N LYS K 254 1.48 26.91 -51.48
CA LYS K 254 0.49 26.87 -50.41
C LYS K 254 -0.82 27.45 -50.91
N SER K 255 -1.91 26.96 -50.34
CA SER K 255 -3.25 27.44 -50.64
C SER K 255 -4.19 26.81 -49.62
N MET K 256 -5.47 27.14 -49.73
CA MET K 256 -6.50 26.46 -48.96
C MET K 256 -7.69 26.21 -49.85
N GLY K 257 -8.41 25.13 -49.55
CA GLY K 257 -9.56 24.73 -50.35
C GLY K 257 -10.83 24.76 -49.53
N ILE K 258 -11.91 25.19 -50.17
CA ILE K 258 -13.22 25.24 -49.55
C ILE K 258 -14.23 24.61 -50.49
N GLN K 259 -15.41 24.32 -49.94
CA GLN K 259 -16.55 23.84 -50.70
C GLN K 259 -17.68 24.84 -50.49
N SER K 260 -18.13 25.48 -51.56
CA SER K 260 -19.07 26.57 -51.44
C SER K 260 -20.18 26.44 -52.46
N GLY K 261 -21.31 27.08 -52.15
CA GLY K 261 -22.44 27.15 -53.04
C GLY K 261 -22.89 28.58 -53.31
N VAL K 262 -22.00 29.54 -53.09
CA VAL K 262 -22.30 30.95 -53.28
C VAL K 262 -21.26 31.56 -54.21
N GLN K 263 -21.61 32.69 -54.81
CA GLN K 263 -20.80 33.30 -55.85
C GLN K 263 -19.49 33.83 -55.27
N VAL K 264 -18.56 34.15 -56.17
CA VAL K 264 -17.28 34.75 -55.81
C VAL K 264 -17.41 36.28 -55.91
N ASP K 265 -16.79 36.97 -54.96
CA ASP K 265 -16.77 38.43 -54.95
C ASP K 265 -15.31 38.89 -54.84
N ALA K 266 -14.75 39.36 -55.96
CA ALA K 266 -13.40 39.90 -55.94
C ALA K 266 -13.37 41.35 -55.49
N ASN K 267 -14.46 41.84 -54.89
CA ASN K 267 -14.54 43.19 -54.36
C ASN K 267 -14.81 43.23 -52.87
N CYS K 268 -15.03 42.09 -52.22
CA CYS K 268 -15.04 41.97 -50.78
C CYS K 268 -13.86 41.10 -50.36
N GLU K 269 -13.29 41.41 -49.20
CA GLU K 269 -12.10 40.72 -48.71
C GLU K 269 -12.40 40.02 -47.39
N GLY K 270 -12.01 38.74 -47.30
CA GLY K 270 -12.26 37.93 -46.11
C GLY K 270 -11.21 36.86 -45.94
N ASP K 271 -11.23 36.23 -44.76
CA ASP K 271 -10.26 35.18 -44.44
C ASP K 271 -10.86 33.96 -43.75
N CYS K 272 -12.18 33.91 -43.57
CA CYS K 272 -12.86 32.79 -42.93
C CYS K 272 -14.06 32.41 -43.79
N TYR K 273 -14.05 31.19 -44.31
CA TYR K 273 -15.05 30.75 -45.27
C TYR K 273 -15.81 29.53 -44.77
N HIS K 274 -17.05 29.41 -45.22
CA HIS K 274 -17.85 28.20 -45.11
C HIS K 274 -18.66 28.08 -46.41
N SER K 275 -19.47 27.02 -46.52
CA SER K 275 -20.18 26.77 -47.76
C SER K 275 -21.20 27.85 -48.09
N GLY K 276 -21.66 28.61 -47.09
CA GLY K 276 -22.65 29.64 -47.30
C GLY K 276 -22.13 31.04 -47.51
N GLY K 277 -20.83 31.26 -47.42
CA GLY K 277 -20.26 32.56 -47.69
C GLY K 277 -19.01 32.79 -46.85
N THR K 278 -18.85 34.03 -46.39
CA THR K 278 -17.65 34.47 -45.69
C THR K 278 -18.01 35.06 -44.34
N ILE K 279 -17.20 34.76 -43.32
CA ILE K 279 -17.37 35.32 -41.99
C ILE K 279 -16.30 36.39 -41.79
N ILE K 280 -16.73 37.65 -41.78
CA ILE K 280 -15.86 38.80 -41.56
C ILE K 280 -16.26 39.39 -40.22
N SER K 281 -15.36 39.31 -39.23
CA SER K 281 -15.73 39.66 -37.87
C SER K 281 -14.48 39.87 -37.04
N ASN K 282 -14.58 40.77 -36.08
CA ASN K 282 -13.58 40.90 -35.02
C ASN K 282 -13.99 40.18 -33.75
N LEU K 283 -15.21 39.65 -33.69
CA LEU K 283 -15.66 38.95 -32.50
C LEU K 283 -14.92 37.62 -32.36
N PRO K 284 -14.66 37.18 -31.12
CA PRO K 284 -13.87 35.95 -30.94
C PRO K 284 -14.66 34.67 -31.18
N PHE K 285 -15.99 34.73 -31.21
CA PHE K 285 -16.83 33.56 -31.40
C PHE K 285 -17.78 33.77 -32.56
N GLN K 286 -18.22 32.65 -33.15
CA GLN K 286 -19.22 32.66 -34.22
C GLN K 286 -20.19 31.51 -34.00
N ASN K 287 -21.43 31.71 -34.45
CA ASN K 287 -22.47 30.68 -34.35
C ASN K 287 -22.99 30.33 -35.74
N ILE K 288 -22.16 30.47 -36.77
CA ILE K 288 -22.59 30.36 -38.16
C ILE K 288 -22.39 28.94 -38.70
N ASP K 289 -21.17 28.40 -38.58
CA ASP K 289 -20.85 27.09 -39.15
C ASP K 289 -19.69 26.49 -38.37
N SER K 290 -19.90 25.31 -37.75
CA SER K 290 -18.83 24.69 -37.00
C SER K 290 -17.72 24.15 -37.90
N ARG K 291 -17.95 24.09 -39.22
CA ARG K 291 -16.97 23.57 -40.16
C ARG K 291 -16.30 24.66 -40.98
N ALA K 292 -16.42 25.92 -40.55
CA ALA K 292 -15.74 27.00 -41.23
C ALA K 292 -14.23 26.78 -41.19
N VAL K 293 -13.54 27.30 -42.20
CA VAL K 293 -12.10 27.10 -42.34
C VAL K 293 -11.44 28.44 -42.69
N GLY K 294 -10.13 28.48 -42.47
CA GLY K 294 -9.36 29.72 -42.60
C GLY K 294 -8.91 30.24 -41.25
N LYS K 295 -8.88 31.56 -41.10
CA LYS K 295 -8.60 32.20 -39.82
C LYS K 295 -9.94 32.69 -39.29
N CYS K 296 -10.50 31.94 -38.35
CA CYS K 296 -11.90 32.05 -38.01
C CYS K 296 -12.10 32.34 -36.53
N PRO K 297 -13.20 32.99 -36.17
CA PRO K 297 -13.64 32.98 -34.77
C PRO K 297 -13.99 31.55 -34.36
N ARG K 298 -13.81 31.27 -33.08
CA ARG K 298 -14.10 29.94 -32.57
C ARG K 298 -15.61 29.70 -32.57
N TYR K 299 -16.04 28.60 -33.19
CA TYR K 299 -17.45 28.26 -33.22
C TYR K 299 -17.94 27.88 -31.83
N VAL K 300 -19.10 28.41 -31.44
CA VAL K 300 -19.74 28.06 -30.18
C VAL K 300 -21.22 27.80 -30.46
N LYS K 301 -21.84 27.03 -29.56
CA LYS K 301 -23.24 26.66 -29.76
C LYS K 301 -24.21 27.78 -29.38
N GLN K 302 -23.79 28.73 -28.54
CA GLN K 302 -24.65 29.85 -28.19
C GLN K 302 -24.77 30.83 -29.34
N ARG K 303 -25.97 31.37 -29.54
CA ARG K 303 -26.13 32.39 -30.56
C ARG K 303 -25.74 33.78 -30.07
N SER K 304 -25.70 34.00 -28.75
CA SER K 304 -25.37 35.30 -28.20
C SER K 304 -24.72 35.13 -26.83
N LEU K 305 -23.64 35.87 -26.61
CA LEU K 305 -23.00 35.94 -25.30
C LEU K 305 -22.63 37.40 -25.07
N LEU K 306 -23.43 38.09 -24.25
CA LEU K 306 -23.25 39.52 -24.02
C LEU K 306 -22.24 39.72 -22.91
N LEU K 307 -21.22 40.52 -23.21
CA LEU K 307 -20.18 40.89 -22.26
C LEU K 307 -20.49 42.27 -21.70
N ALA K 308 -20.54 42.38 -20.38
CA ALA K 308 -20.83 43.66 -19.75
C ALA K 308 -19.70 44.65 -20.03
N THR K 309 -20.07 45.87 -20.44
CA THR K 309 -19.12 46.95 -20.63
C THR K 309 -19.45 48.15 -19.77
N GLY K 310 -20.31 47.98 -18.77
CA GLY K 310 -20.68 49.03 -17.85
C GLY K 310 -21.10 48.40 -16.54
N MET K 311 -21.38 49.27 -15.56
CA MET K 311 -21.76 48.84 -14.23
C MET K 311 -23.17 48.26 -14.24
N LYS K 312 -23.55 47.67 -13.10
CA LYS K 312 -24.93 47.28 -12.92
C LYS K 312 -25.84 48.50 -13.05
N ASN K 313 -26.98 48.32 -13.72
CA ASN K 313 -27.93 49.39 -13.93
C ASN K 313 -28.96 49.40 -12.79
N VAL K 314 -28.99 50.49 -12.05
CA VAL K 314 -30.00 50.65 -10.98
C VAL K 314 -30.80 51.89 -11.30
N PRO K 315 -31.93 51.79 -12.01
CA PRO K 315 -32.68 52.98 -12.41
C PRO K 315 -33.49 53.55 -11.25
N GLU K 316 -34.25 54.60 -11.54
CA GLU K 316 -35.13 55.22 -10.54
C GLU K 316 -36.61 54.90 -10.78
N GLY L 1 -23.21 43.97 -5.82
CA GLY L 1 -21.78 43.87 -6.03
C GLY L 1 -21.05 43.51 -4.75
N LEU L 2 -19.79 43.12 -4.89
CA LEU L 2 -18.99 42.68 -3.74
C LEU L 2 -18.70 43.82 -2.77
N PHE L 3 -18.86 45.07 -3.18
CA PHE L 3 -18.48 46.22 -2.36
C PHE L 3 -19.66 46.98 -1.81
N GLY L 4 -20.89 46.52 -2.08
CA GLY L 4 -22.11 47.15 -1.61
C GLY L 4 -22.25 48.65 -1.70
N ALA L 5 -21.82 49.23 -2.81
CA ALA L 5 -22.04 50.65 -3.07
C ALA L 5 -23.06 50.88 -4.17
N ILE L 6 -22.80 50.44 -5.41
CA ILE L 6 -23.71 50.72 -6.51
C ILE L 6 -25.12 50.19 -6.22
N ALA L 7 -25.26 48.89 -6.05
CA ALA L 7 -26.57 48.30 -5.74
C ALA L 7 -26.73 48.09 -4.24
N GLY L 8 -26.10 48.95 -3.43
CA GLY L 8 -26.07 48.80 -1.99
C GLY L 8 -26.53 50.03 -1.24
N PHE L 9 -25.64 50.65 -0.44
CA PHE L 9 -26.08 51.81 0.35
C PHE L 9 -26.37 53.02 -0.51
N ILE L 10 -25.86 53.08 -1.73
CA ILE L 10 -26.34 54.02 -2.74
C ILE L 10 -27.52 53.35 -3.41
N GLU L 11 -28.72 53.90 -3.17
CA GLU L 11 -29.95 53.15 -3.43
C GLU L 11 -30.21 52.97 -4.93
N ASN L 12 -29.85 53.95 -5.74
CA ASN L 12 -30.06 53.85 -7.18
C ASN L 12 -29.11 54.82 -7.88
N GLY L 13 -29.12 54.78 -9.22
CA GLY L 13 -28.29 55.63 -10.02
C GLY L 13 -29.02 56.88 -10.48
N TRP L 14 -28.26 57.77 -11.11
CA TRP L 14 -28.77 59.04 -11.59
C TRP L 14 -28.82 59.00 -13.11
N GLU L 15 -30.04 59.01 -13.67
CA GLU L 15 -30.18 59.00 -15.12
C GLU L 15 -29.81 60.34 -15.75
N GLY L 16 -29.75 61.42 -14.95
CA GLY L 16 -29.29 62.68 -15.52
C GLY L 16 -27.78 62.81 -15.67
N LEU L 17 -27.02 61.94 -15.01
CA LEU L 17 -25.57 61.91 -15.13
C LEU L 17 -25.19 61.24 -16.43
N ILE L 18 -25.06 62.04 -17.49
CA ILE L 18 -24.77 61.51 -18.82
C ILE L 18 -23.34 61.77 -19.26
N ASP L 19 -22.53 62.46 -18.46
CA ASP L 19 -21.18 62.81 -18.83
C ASP L 19 -20.13 62.08 -18.00
N GLY L 20 -20.53 61.05 -17.26
CA GLY L 20 -19.57 60.26 -16.52
C GLY L 20 -20.27 59.09 -15.86
N TRP L 21 -19.46 58.21 -15.29
CA TRP L 21 -20.00 57.04 -14.59
C TRP L 21 -20.36 57.37 -13.15
N TYR L 22 -19.60 58.25 -12.51
CA TYR L 22 -19.80 58.63 -11.12
C TYR L 22 -19.83 60.15 -11.01
N GLY L 23 -20.40 60.65 -9.93
CA GLY L 23 -20.49 62.10 -9.81
C GLY L 23 -20.97 62.56 -8.45
N PHE L 24 -21.10 63.88 -8.34
CA PHE L 24 -21.50 64.58 -7.13
C PHE L 24 -22.82 65.31 -7.37
N ARG L 25 -23.70 65.25 -6.38
CA ARG L 25 -24.95 66.01 -6.37
C ARG L 25 -24.98 66.80 -5.08
N HIS L 26 -24.88 68.11 -5.18
CA HIS L 26 -24.71 68.97 -4.02
C HIS L 26 -25.97 69.80 -3.77
N GLN L 27 -26.07 70.23 -2.52
CA GLN L 27 -27.20 71.02 -2.02
C GLN L 27 -26.64 72.08 -1.08
N ASN L 28 -26.71 73.34 -1.48
CA ASN L 28 -26.37 74.43 -0.58
C ASN L 28 -27.38 75.56 -0.78
N ALA L 29 -27.13 76.69 -0.11
CA ALA L 29 -28.05 77.81 -0.16
C ALA L 29 -28.17 78.39 -1.56
N GLN L 30 -27.12 78.26 -2.37
CA GLN L 30 -27.19 78.76 -3.74
C GLN L 30 -27.94 77.82 -4.67
N GLY L 31 -28.27 76.60 -4.22
CA GLY L 31 -29.08 75.65 -4.96
C GLY L 31 -28.48 74.26 -5.03
N GLU L 32 -28.93 73.50 -6.04
CA GLU L 32 -28.60 72.09 -6.22
C GLU L 32 -27.83 71.89 -7.52
N GLY L 33 -26.94 70.89 -7.54
CA GLY L 33 -26.17 70.62 -8.74
C GLY L 33 -25.75 69.17 -8.89
N THR L 34 -25.44 68.79 -10.13
CA THR L 34 -24.90 67.47 -10.45
C THR L 34 -23.72 67.62 -11.40
N ALA L 35 -22.58 67.01 -11.06
CA ALA L 35 -21.41 67.01 -11.92
C ALA L 35 -20.74 65.64 -11.93
N ALA L 36 -20.07 65.31 -13.02
CA ALA L 36 -19.37 64.04 -13.10
C ALA L 36 -17.95 64.16 -12.56
N ASP L 37 -17.46 63.07 -11.98
CA ASP L 37 -16.07 62.98 -11.53
C ASP L 37 -15.24 62.30 -12.62
N TYR L 38 -14.22 63.00 -13.12
CA TYR L 38 -13.47 62.50 -14.27
C TYR L 38 -12.54 61.36 -13.91
N LYS L 39 -11.85 61.46 -12.77
CA LYS L 39 -10.80 60.50 -12.45
C LYS L 39 -11.37 59.10 -12.23
N SER L 40 -12.43 58.99 -11.43
CA SER L 40 -13.00 57.67 -11.16
C SER L 40 -13.64 57.09 -12.42
N THR L 41 -14.41 57.90 -13.14
CA THR L 41 -14.99 57.46 -14.41
C THR L 41 -13.93 56.92 -15.35
N GLN L 42 -12.85 57.70 -15.54
CA GLN L 42 -11.82 57.30 -16.48
C GLN L 42 -11.09 56.06 -16.01
N SER L 43 -10.93 55.90 -14.70
CA SER L 43 -10.29 54.70 -14.17
C SER L 43 -11.13 53.47 -14.50
N ALA L 44 -12.44 53.53 -14.25
CA ALA L 44 -13.29 52.39 -14.56
C ALA L 44 -13.31 52.11 -16.06
N ILE L 45 -13.47 53.16 -16.88
CA ILE L 45 -13.48 52.98 -18.33
C ILE L 45 -12.16 52.37 -18.80
N ASP L 46 -11.05 52.83 -18.26
CA ASP L 46 -9.74 52.31 -18.67
C ASP L 46 -9.61 50.83 -18.35
N GLN L 47 -10.07 50.42 -17.15
CA GLN L 47 -9.93 49.01 -16.81
C GLN L 47 -10.85 48.13 -17.66
N ILE L 48 -12.12 48.54 -17.85
CA ILE L 48 -13.01 47.73 -18.68
C ILE L 48 -12.52 47.69 -20.12
N THR L 49 -12.00 48.82 -20.62
CA THR L 49 -11.49 48.86 -21.99
C THR L 49 -10.28 47.94 -22.14
N GLY L 50 -9.38 47.94 -21.14
CA GLY L 50 -8.27 47.00 -21.18
C GLY L 50 -8.75 45.57 -21.21
N LYS L 51 -9.78 45.25 -20.41
CA LYS L 51 -10.39 43.93 -20.46
C LYS L 51 -10.91 43.61 -21.86
N LEU L 52 -11.59 44.57 -22.49
CA LEU L 52 -12.14 44.34 -23.83
C LEU L 52 -11.04 44.08 -24.84
N ASN L 53 -10.01 44.91 -24.85
CA ASN L 53 -8.91 44.72 -25.79
C ASN L 53 -8.21 43.38 -25.55
N ARG L 54 -8.15 42.95 -24.29
CA ARG L 54 -7.59 41.65 -23.98
C ARG L 54 -8.45 40.54 -24.57
N LEU L 55 -9.77 40.66 -24.47
CA LEU L 55 -10.66 39.61 -24.93
C LEU L 55 -10.73 39.50 -26.45
N ILE L 56 -10.33 40.54 -27.18
CA ILE L 56 -10.35 40.50 -28.64
C ILE L 56 -8.94 40.37 -29.22
N GLU L 57 -7.97 39.97 -28.40
CA GLU L 57 -6.65 39.66 -28.93
C GLU L 57 -6.76 38.54 -29.95
N LYS L 58 -6.24 38.79 -31.14
CA LYS L 58 -6.33 37.88 -32.28
C LYS L 58 -5.11 36.96 -32.31
N THR L 59 -5.36 35.67 -32.49
CA THR L 59 -4.29 34.69 -32.67
C THR L 59 -4.46 34.01 -34.01
N ASN L 60 -3.40 34.05 -34.83
CA ASN L 60 -3.43 33.51 -36.18
C ASN L 60 -3.31 31.99 -36.11
N GLN L 61 -4.44 31.32 -35.92
CA GLN L 61 -4.49 29.87 -36.03
C GLN L 61 -5.40 29.50 -37.20
N GLN L 62 -4.86 28.76 -38.15
CA GLN L 62 -5.60 28.33 -39.33
C GLN L 62 -5.94 26.85 -39.21
N PHE L 63 -7.19 26.50 -39.52
CA PHE L 63 -7.62 25.12 -39.60
C PHE L 63 -8.15 24.84 -41.00
N GLU L 64 -7.87 23.64 -41.50
CA GLU L 64 -8.25 23.25 -42.85
C GLU L 64 -9.33 22.18 -42.81
N LEU L 65 -9.88 21.90 -43.98
CA LEU L 65 -10.95 20.92 -44.11
C LEU L 65 -10.42 19.51 -43.87
N ILE L 66 -11.17 18.72 -43.09
CA ILE L 66 -10.90 17.30 -42.93
C ILE L 66 -12.15 16.46 -43.20
N ASP L 67 -13.26 17.11 -43.53
CA ASP L 67 -14.53 16.51 -43.86
C ASP L 67 -14.87 16.84 -45.30
N ASN L 68 -16.04 16.40 -45.73
CA ASN L 68 -16.48 16.66 -47.09
C ASN L 68 -17.98 16.88 -47.05
N GLU L 69 -18.40 18.05 -47.50
CA GLU L 69 -19.81 18.43 -47.48
C GLU L 69 -20.58 17.87 -48.66
N PHE L 70 -19.89 17.55 -49.76
CA PHE L 70 -20.51 17.05 -50.98
C PHE L 70 -20.43 15.55 -51.12
N ASN L 71 -19.32 14.94 -50.70
CA ASN L 71 -19.10 13.49 -50.82
C ASN L 71 -18.64 12.97 -49.46
N GLU L 72 -19.57 12.42 -48.68
CA GLU L 72 -19.28 12.06 -47.30
C GLU L 72 -18.12 11.07 -47.21
N VAL L 73 -17.26 11.28 -46.21
CA VAL L 73 -16.11 10.43 -45.95
C VAL L 73 -16.58 9.09 -45.41
N GLU L 74 -15.67 8.11 -45.34
CA GLU L 74 -15.97 6.78 -44.83
C GLU L 74 -16.59 6.86 -43.44
N LYS L 75 -17.47 5.90 -43.14
CA LYS L 75 -18.36 6.01 -41.98
C LYS L 75 -17.59 6.05 -40.67
N GLN L 76 -16.67 5.11 -40.46
CA GLN L 76 -15.99 5.02 -39.16
C GLN L 76 -15.16 6.28 -38.89
N ILE L 77 -14.33 6.68 -39.85
CA ILE L 77 -13.49 7.86 -39.66
C ILE L 77 -14.37 9.11 -39.58
N GLY L 78 -15.51 9.11 -40.27
CA GLY L 78 -16.43 10.24 -40.17
C GLY L 78 -17.05 10.36 -38.79
N ASN L 79 -17.38 9.22 -38.17
CA ASN L 79 -17.90 9.24 -36.80
C ASN L 79 -16.83 9.70 -35.82
N VAL L 80 -15.58 9.24 -36.02
CA VAL L 80 -14.49 9.74 -35.17
C VAL L 80 -14.35 11.25 -35.31
N ILE L 81 -14.34 11.74 -36.55
CA ILE L 81 -14.19 13.17 -36.80
C ILE L 81 -15.33 13.96 -36.17
N ASN L 82 -16.56 13.49 -36.35
CA ASN L 82 -17.74 14.18 -35.82
C ASN L 82 -17.72 14.20 -34.29
N TRP L 83 -17.32 13.09 -33.68
CA TRP L 83 -17.23 13.01 -32.21
C TRP L 83 -16.16 13.95 -31.68
N THR L 84 -14.99 13.98 -32.33
CA THR L 84 -13.93 14.89 -31.92
C THR L 84 -14.38 16.34 -32.06
N ARG L 85 -14.96 16.70 -33.20
CA ARG L 85 -15.39 18.08 -33.41
C ARG L 85 -16.47 18.49 -32.40
N ASP L 86 -17.44 17.61 -32.13
CA ASP L 86 -18.47 17.94 -31.16
C ASP L 86 -17.91 18.07 -29.76
N SER L 87 -16.92 17.25 -29.42
CA SER L 87 -16.26 17.39 -28.12
C SER L 87 -15.57 18.74 -28.01
N ILE L 88 -14.82 19.12 -29.05
CA ILE L 88 -14.11 20.39 -29.03
C ILE L 88 -15.08 21.56 -28.99
N THR L 89 -16.16 21.48 -29.78
CA THR L 89 -17.18 22.52 -29.77
C THR L 89 -17.80 22.66 -28.39
N GLU L 90 -18.01 21.55 -27.68
N GLU L 90 -18.01 21.55 -27.69
CA GLU L 90 -18.54 21.65 -26.33
CA GLU L 90 -18.54 21.65 -26.33
C GLU L 90 -17.54 22.29 -25.39
C GLU L 90 -17.54 22.29 -25.38
N VAL L 91 -16.26 21.96 -25.53
CA VAL L 91 -15.22 22.59 -24.72
C VAL L 91 -15.22 24.11 -24.94
N TRP L 92 -15.34 24.55 -26.18
CA TRP L 92 -15.30 25.98 -26.43
C TRP L 92 -16.59 26.68 -26.03
N SER L 93 -17.74 26.01 -26.15
CA SER L 93 -18.97 26.60 -25.63
C SER L 93 -18.88 26.78 -24.12
N TYR L 94 -18.34 25.78 -23.41
CA TYR L 94 -18.13 25.94 -21.98
C TYR L 94 -17.17 27.09 -21.68
N ASN L 95 -16.03 27.13 -22.40
CA ASN L 95 -15.05 28.18 -22.15
C ASN L 95 -15.64 29.56 -22.38
N ALA L 96 -16.42 29.73 -23.44
CA ALA L 96 -17.03 31.02 -23.72
C ALA L 96 -18.04 31.41 -22.64
N GLU L 97 -18.91 30.47 -22.26
CA GLU L 97 -19.92 30.74 -21.24
C GLU L 97 -19.26 31.14 -19.92
N LEU L 98 -18.31 30.34 -19.45
CA LEU L 98 -17.64 30.63 -18.19
C LEU L 98 -16.84 31.93 -18.27
N LEU L 99 -16.11 32.15 -19.37
CA LEU L 99 -15.33 33.38 -19.51
C LEU L 99 -16.23 34.61 -19.42
N VAL L 100 -17.32 34.62 -20.19
CA VAL L 100 -18.17 35.80 -20.19
C VAL L 100 -18.84 35.99 -18.83
N ALA L 101 -19.31 34.90 -18.21
CA ALA L 101 -19.95 35.01 -16.91
C ALA L 101 -18.99 35.54 -15.86
N MET L 102 -17.78 34.97 -15.80
CA MET L 102 -16.77 35.41 -14.85
C MET L 102 -16.40 36.87 -15.08
N GLU L 103 -16.17 37.24 -16.34
CA GLU L 103 -15.81 38.60 -16.67
C GLU L 103 -16.92 39.59 -16.29
N ASN L 104 -18.18 39.18 -16.44
CA ASN L 104 -19.28 40.07 -16.09
C ASN L 104 -19.35 40.25 -14.58
N GLN L 105 -19.22 39.16 -13.82
CA GLN L 105 -19.13 39.27 -12.37
C GLN L 105 -18.03 40.25 -11.98
N HIS L 106 -16.84 40.10 -12.60
CA HIS L 106 -15.72 40.94 -12.22
C HIS L 106 -15.93 42.39 -12.64
N THR L 107 -16.58 42.63 -13.78
CA THR L 107 -16.84 43.99 -14.23
C THR L 107 -17.78 44.71 -13.27
N ILE L 108 -18.88 44.04 -12.91
CA ILE L 108 -19.83 44.62 -11.96
C ILE L 108 -19.14 44.92 -10.64
N ASP L 109 -18.35 43.96 -10.13
CA ASP L 109 -17.66 44.19 -8.88
C ASP L 109 -16.63 45.32 -9.00
N LEU L 110 -15.98 45.45 -10.15
CA LEU L 110 -14.96 46.48 -10.32
C LEU L 110 -15.58 47.87 -10.35
N ALA L 111 -16.69 48.04 -11.07
CA ALA L 111 -17.37 49.34 -11.06
C ALA L 111 -17.86 49.69 -9.66
N ASP L 112 -18.42 48.70 -8.96
CA ASP L 112 -18.76 48.89 -7.55
C ASP L 112 -17.55 49.41 -6.77
N SER L 113 -16.40 48.78 -6.99
CA SER L 113 -15.17 49.19 -6.30
C SER L 113 -14.81 50.63 -6.60
N GLU L 114 -14.90 51.05 -7.85
CA GLU L 114 -14.54 52.42 -8.18
C GLU L 114 -15.47 53.41 -7.51
N MET L 115 -16.78 53.08 -7.45
CA MET L 115 -17.72 53.92 -6.72
C MET L 115 -17.32 54.06 -5.25
N ASP L 116 -17.05 52.93 -4.58
CA ASP L 116 -16.69 53.02 -3.17
C ASP L 116 -15.38 53.79 -2.99
N LYS L 117 -14.44 53.64 -3.92
CA LYS L 117 -13.17 54.35 -3.84
C LYS L 117 -13.37 55.86 -3.93
N LEU L 118 -14.26 56.30 -4.82
CA LEU L 118 -14.57 57.73 -4.89
C LEU L 118 -15.20 58.21 -3.58
N TYR L 119 -16.18 57.46 -3.08
CA TYR L 119 -16.82 57.81 -1.81
C TYR L 119 -15.81 57.94 -0.67
N GLU L 120 -14.91 56.96 -0.54
CA GLU L 120 -13.90 57.00 0.52
C GLU L 120 -12.93 58.16 0.35
N ARG L 121 -12.57 58.47 -0.91
CA ARG L 121 -11.73 59.65 -1.16
C ARG L 121 -12.39 60.90 -0.61
N VAL L 122 -13.67 61.11 -0.92
CA VAL L 122 -14.35 62.31 -0.44
C VAL L 122 -14.45 62.31 1.09
N LYS L 123 -14.80 61.16 1.67
CA LYS L 123 -14.86 61.06 3.12
C LYS L 123 -13.55 61.51 3.76
N ARG L 124 -12.42 61.08 3.20
CA ARG L 124 -11.14 61.47 3.77
C ARG L 124 -10.83 62.95 3.49
N GLN L 125 -11.35 63.49 2.39
CA GLN L 125 -11.21 64.93 2.15
C GLN L 125 -11.89 65.72 3.26
N LEU L 126 -13.09 65.30 3.66
CA LEU L 126 -13.88 66.08 4.60
C LEU L 126 -13.41 65.95 6.06
N ARG L 127 -12.61 64.92 6.37
CA ARG L 127 -12.08 64.71 7.72
C ARG L 127 -13.20 64.73 8.75
N GLU L 128 -13.12 65.70 9.66
CA GLU L 128 -14.00 65.82 10.80
C GLU L 128 -15.11 66.86 10.56
N ASN L 129 -15.23 67.38 9.34
CA ASN L 129 -16.16 68.45 9.01
C ASN L 129 -17.50 67.94 8.48
N ALA L 130 -17.68 66.64 8.35
CA ALA L 130 -18.91 66.09 7.79
C ALA L 130 -19.19 64.74 8.40
N GLU L 131 -20.43 64.28 8.25
CA GLU L 131 -20.84 62.96 8.70
C GLU L 131 -21.63 62.27 7.59
N GLU L 132 -21.45 60.95 7.47
CA GLU L 132 -22.17 60.18 6.47
C GLU L 132 -23.59 59.94 6.94
N ASP L 133 -24.57 60.15 6.05
CA ASP L 133 -25.95 59.86 6.40
C ASP L 133 -26.35 58.43 6.06
N GLY L 134 -25.48 57.68 5.38
CA GLY L 134 -25.74 56.28 5.10
C GLY L 134 -26.35 55.99 3.74
N THR L 135 -26.62 57.01 2.94
CA THR L 135 -27.18 56.82 1.61
C THR L 135 -26.25 57.32 0.51
N GLY L 136 -24.98 57.56 0.82
CA GLY L 136 -24.04 58.12 -0.11
C GLY L 136 -23.85 59.61 -0.01
N CYS L 137 -24.52 60.27 0.92
CA CYS L 137 -24.41 61.71 1.11
C CYS L 137 -23.56 62.04 2.32
N PHE L 138 -22.90 63.19 2.26
CA PHE L 138 -22.13 63.73 3.38
C PHE L 138 -22.82 65.00 3.86
N GLU L 139 -23.37 64.96 5.07
CA GLU L 139 -23.90 66.17 5.71
C GLU L 139 -22.71 66.99 6.19
N ILE L 140 -22.54 68.17 5.61
CA ILE L 140 -21.41 69.05 5.90
C ILE L 140 -21.83 70.05 6.99
N PHE L 141 -21.07 70.09 8.08
CA PHE L 141 -21.44 70.91 9.24
C PHE L 141 -20.85 72.30 9.20
N HIS L 142 -20.76 72.89 8.01
CA HIS L 142 -20.36 74.29 7.85
C HIS L 142 -20.92 74.77 6.53
N LYS L 143 -21.02 76.08 6.37
CA LYS L 143 -21.51 76.62 5.11
C LYS L 143 -20.52 76.34 4.00
N CYS L 144 -21.00 75.72 2.93
CA CYS L 144 -20.17 75.27 1.81
C CYS L 144 -20.80 75.85 0.54
N ASP L 145 -20.26 76.96 0.06
CA ASP L 145 -20.79 77.63 -1.13
C ASP L 145 -20.30 76.90 -2.38
N ASP L 146 -20.59 77.45 -3.55
CA ASP L 146 -20.25 76.78 -4.81
C ASP L 146 -18.74 76.58 -4.94
N ASP L 147 -17.94 77.56 -4.50
CA ASP L 147 -16.48 77.39 -4.57
C ASP L 147 -16.00 76.31 -3.60
N CYS L 148 -16.65 76.21 -2.44
CA CYS L 148 -16.33 75.13 -1.51
C CYS L 148 -16.67 73.78 -2.10
N MET L 149 -17.89 73.64 -2.65
CA MET L 149 -18.27 72.39 -3.31
C MET L 149 -17.30 72.05 -4.44
N ALA L 150 -16.98 73.03 -5.28
CA ALA L 150 -16.02 72.80 -6.36
C ALA L 150 -14.68 72.32 -5.81
N SER L 151 -14.25 72.87 -4.67
CA SER L 151 -13.01 72.41 -4.08
C SER L 151 -13.11 70.97 -3.60
N ILE L 152 -14.30 70.54 -3.16
CA ILE L 152 -14.47 69.14 -2.80
C ILE L 152 -14.39 68.27 -4.06
N ARG L 153 -15.01 68.73 -5.15
CA ARG L 153 -15.09 67.94 -6.36
C ARG L 153 -13.73 67.77 -7.00
N ASN L 154 -12.88 68.81 -6.98
CA ASN L 154 -11.56 68.71 -7.60
C ASN L 154 -10.44 68.45 -6.59
N ASN L 155 -10.78 67.95 -5.40
CA ASN L 155 -9.80 67.45 -4.43
C ASN L 155 -8.81 68.53 -3.99
N THR L 156 -9.34 69.72 -3.72
CA THR L 156 -8.56 70.82 -3.13
C THR L 156 -9.20 71.34 -1.84
N TYR L 157 -10.19 70.63 -1.30
CA TYR L 157 -10.86 71.03 -0.07
C TYR L 157 -9.91 70.91 1.12
N ASP L 158 -9.66 72.03 1.79
CA ASP L 158 -8.80 72.08 2.96
C ASP L 158 -9.68 72.03 4.21
N HIS L 159 -9.66 70.89 4.90
CA HIS L 159 -10.58 70.70 6.03
C HIS L 159 -10.28 71.66 7.18
N SER L 160 -9.00 71.95 7.42
CA SER L 160 -8.63 72.84 8.53
C SER L 160 -9.35 74.17 8.41
N LYS L 161 -9.49 74.66 7.17
CA LYS L 161 -10.09 75.95 6.93
C LYS L 161 -11.46 76.09 7.60
N TYR L 162 -12.17 74.98 7.80
CA TYR L 162 -13.49 75.03 8.42
C TYR L 162 -13.57 74.23 9.71
N ARG L 163 -12.48 73.60 10.13
CA ARG L 163 -12.58 72.57 11.17
C ARG L 163 -13.28 73.07 12.42
N GLU L 164 -12.75 74.12 13.06
CA GLU L 164 -13.33 74.53 14.33
C GLU L 164 -14.80 74.90 14.20
N GLU L 165 -15.18 75.56 13.10
CA GLU L 165 -16.61 75.82 12.91
C GLU L 165 -17.38 74.50 12.84
N ALA L 166 -16.94 73.59 11.95
CA ALA L 166 -17.67 72.35 11.72
C ALA L 166 -17.71 71.51 12.98
N MET L 167 -16.56 71.39 13.65
CA MET L 167 -16.50 70.65 14.91
C MET L 167 -17.49 71.24 15.90
N GLN L 168 -17.56 72.58 15.98
CA GLN L 168 -18.44 73.18 16.97
C GLN L 168 -19.90 72.93 16.60
N ASN L 169 -20.20 72.80 15.32
CA ASN L 169 -21.58 72.52 14.95
C ASN L 169 -21.96 71.07 15.24
N ARG L 170 -20.97 70.17 15.35
CA ARG L 170 -21.29 68.77 15.62
C ARG L 170 -21.46 68.51 17.11
N ILE L 171 -21.10 69.45 17.97
CA ILE L 171 -21.29 69.33 19.42
C ILE L 171 -22.14 70.48 19.96
C1 NAG M . 28.63 0.95 48.90
C2 NAG M . 29.19 0.89 50.33
C3 NAG M . 29.94 -0.42 50.55
C4 NAG M . 29.07 -1.62 50.19
C5 NAG M . 28.54 -1.46 48.77
C6 NAG M . 27.55 -2.54 48.36
C7 NAG M . 29.95 2.76 51.71
C8 NAG M . 30.93 3.90 51.83
N2 NAG M . 30.05 2.02 50.60
O3 NAG M . 30.35 -0.51 51.92
O4 NAG M . 29.84 -2.82 50.28
O5 NAG M . 27.84 -0.22 48.64
O6 NAG M . 26.49 -2.64 49.30
O7 NAG M . 29.13 2.52 52.59
C1 NAG M . 29.21 -3.77 51.17
C2 NAG M . 29.51 -5.16 50.64
C3 NAG M . 28.86 -6.22 51.52
C4 NAG M . 29.29 -6.03 52.98
C5 NAG M . 29.02 -4.59 53.42
C6 NAG M . 29.53 -4.29 54.81
C7 NAG M . 29.88 -5.47 48.22
C8 NAG M . 29.23 -5.61 46.88
N2 NAG M . 29.04 -5.32 49.26
O3 NAG M . 29.23 -7.51 51.04
O4 NAG M . 28.59 -6.92 53.84
O5 NAG M . 29.66 -3.67 52.53
O6 NAG M . 30.69 -3.47 54.77
O7 NAG M . 31.10 -5.51 48.36
C1 BMA M . 29.27 -8.18 53.95
C2 BMA M . 30.33 -8.19 55.04
C3 BMA M . 31.09 -9.50 54.96
C4 BMA M . 30.14 -10.73 54.91
C5 BMA M . 29.04 -10.54 53.84
C6 BMA M . 27.98 -11.63 53.86
O2 BMA M . 29.73 -8.15 56.33
O3 BMA M . 32.00 -9.64 56.05
O4 BMA M . 30.88 -11.91 54.63
O5 BMA M . 28.39 -9.28 54.07
O6 BMA M . 28.32 -12.63 52.91
C1 NAG N . -1.34 14.30 27.25
C2 NAG N . -0.69 15.68 27.06
C3 NAG N . -0.01 15.76 25.70
C4 NAG N . 0.95 14.59 25.52
C5 NAG N . 0.25 13.27 25.80
C6 NAG N . 1.18 12.07 25.77
C7 NAG N . -1.52 17.78 28.01
C8 NAG N . -2.64 18.77 28.03
N2 NAG N . -1.68 16.73 27.20
O3 NAG N . 0.69 16.99 25.60
O4 NAG N . 1.44 14.59 24.18
O5 NAG N . -0.35 13.29 27.10
O6 NAG N . 2.38 12.32 26.47
O7 NAG N . -0.50 17.92 28.69
C1 NAG N . 2.85 14.85 24.13
C2 NAG N . 3.46 14.04 23.00
C3 NAG N . 4.96 14.29 22.89
C4 NAG N . 5.22 15.79 22.75
C5 NAG N . 4.56 16.54 23.91
C6 NAG N . 4.68 18.04 23.79
C7 NAG N . 2.30 11.93 22.44
C8 NAG N . 2.17 10.48 22.75
N2 NAG N . 3.20 12.61 23.17
O3 NAG N . 5.48 13.57 21.79
O4 NAG N . 6.61 16.06 22.74
O5 NAG N . 3.15 16.24 23.95
O6 NAG N . 3.42 18.66 23.61
O7 NAG N . 1.64 12.47 21.56
C1 BMA N . 7.08 16.06 21.37
C2 BMA N . 6.97 17.44 20.68
C3 BMA N . 7.34 17.28 19.21
C4 BMA N . 8.67 16.50 19.02
C5 BMA N . 8.68 15.19 19.84
C6 BMA N . 10.01 14.46 19.81
O2 BMA N . 7.88 18.37 21.26
O3 BMA N . 7.40 18.54 18.56
O4 BMA N . 8.87 16.19 17.64
O5 BMA N . 8.37 15.50 21.21
O6 BMA N . 10.17 13.82 18.54
C1 NAG O . 7.08 38.67 44.02
C2 NAG O . 7.90 39.51 43.03
C3 NAG O . 8.19 40.90 43.62
C4 NAG O . 6.89 41.55 44.08
C5 NAG O . 6.14 40.63 45.03
C6 NAG O . 4.79 41.17 45.47
C7 NAG O . 9.43 38.49 41.41
C8 NAG O . 10.75 37.80 41.21
N2 NAG O . 9.13 38.84 42.67
O3 NAG O . 8.83 41.69 42.62
O4 NAG O . 7.20 42.79 44.73
O5 NAG O . 5.89 39.37 44.37
O6 NAG O . 3.99 41.55 44.36
O7 NAG O . 8.68 38.73 40.48
C1 NAG O . 6.46 43.88 44.12
C2 NAG O . 6.64 45.16 44.92
C3 NAG O . 5.75 46.26 44.34
C4 NAG O . 6.03 46.43 42.86
C5 NAG O . 5.93 45.09 42.12
C6 NAG O . 6.33 45.17 40.67
C7 NAG O . 7.29 44.82 47.27
C8 NAG O . 6.81 44.60 48.67
N2 NAG O . 6.34 44.94 46.33
O3 NAG O . 5.98 47.47 45.03
O4 NAG O . 5.10 47.34 42.29
O5 NAG O . 6.78 44.11 42.74
O6 NAG O . 7.73 44.97 40.52
O7 NAG O . 8.48 44.90 46.99
C1 NAG P . -26.23 22.99 2.13
C2 NAG P . -27.60 23.32 2.73
C3 NAG P . -28.70 22.52 2.03
C4 NAG P . -28.62 22.67 0.51
C5 NAG P . -27.20 22.38 0.02
C6 NAG P . -27.01 22.66 -1.44
C7 NAG P . -28.10 23.95 5.04
C8 NAG P . -28.03 23.52 6.48
N2 NAG P . -27.61 23.07 4.15
O3 NAG P . -29.97 22.95 2.49
O4 NAG P . -29.51 21.74 -0.09
O5 NAG P . -26.26 23.20 0.72
O6 NAG P . -27.34 23.99 -1.78
O7 NAG P . -28.57 25.03 4.70
C1 NAG P . -30.51 22.37 -0.92
C2 NAG P . -30.86 21.41 -2.06
C3 NAG P . -31.96 22.00 -2.93
C4 NAG P . -33.16 22.41 -2.09
C5 NAG P . -32.72 23.33 -0.95
C6 NAG P . -33.83 23.67 0.00
C7 NAG P . -29.13 19.87 -2.87
C8 NAG P . -27.92 19.72 -3.74
N2 NAG P . -29.69 21.08 -2.86
O3 NAG P . -32.35 21.05 -3.92
O4 NAG P . -34.12 23.07 -2.89
O5 NAG P . -31.69 22.70 -0.18
O6 NAG P . -33.86 22.80 1.12
O7 NAG P . -29.55 18.94 -2.19
C1 NAG Q . 9.85 35.35 -5.76
C2 NAG Q . 10.39 35.19 -4.34
C3 NAG Q . 11.11 33.85 -4.18
C4 NAG Q . 10.27 32.69 -4.71
C5 NAG Q . 9.73 33.00 -6.09
C6 NAG Q . 8.75 31.96 -6.59
C7 NAG Q . 11.37 36.85 -2.81
C8 NAG Q . 12.36 37.96 -2.67
N2 NAG Q . 11.29 36.30 -4.02
O3 NAG Q . 11.41 33.65 -2.80
O4 NAG Q . 11.08 31.53 -4.78
O5 NAG Q . 9.03 34.25 -6.07
O6 NAG Q . 7.55 31.97 -5.81
O7 NAG Q . 10.67 36.48 -1.88
C1 NAG Q . 10.62 30.46 -3.94
C2 NAG Q . 10.93 29.14 -4.67
C3 NAG Q . 10.55 27.94 -3.81
C4 NAG Q . 11.21 28.03 -2.44
C5 NAG Q . 10.86 29.37 -1.80
C6 NAG Q . 11.56 29.59 -0.47
C7 NAG Q . 10.89 28.98 -7.12
C8 NAG Q . 10.03 28.94 -8.35
N2 NAG Q . 10.25 29.09 -5.95
O3 NAG Q . 10.95 26.76 -4.49
O4 NAG Q . 10.77 26.99 -1.58
O5 NAG Q . 11.26 30.45 -2.65
O6 NAG Q . 12.57 30.59 -0.56
O7 NAG Q . 12.11 28.92 -7.19
C1 BMA Q . 11.57 25.80 -1.73
C2 BMA Q . 12.76 25.76 -0.76
C3 BMA Q . 13.61 24.51 -1.06
C4 BMA Q . 12.73 23.23 -1.09
C5 BMA Q . 11.55 23.42 -2.06
C6 BMA Q . 10.58 22.25 -2.08
O2 BMA Q . 12.31 25.64 0.58
O3 BMA Q . 14.67 24.35 -0.13
O4 BMA Q . 13.51 22.11 -1.51
O5 BMA Q . 10.81 24.60 -1.67
O6 BMA Q . 10.97 21.35 -3.12
C1 NAG R . -20.95 50.49 -24.91
C2 NAG R . -20.34 51.87 -25.10
C3 NAG R . -19.71 51.97 -26.50
C4 NAG R . -18.72 50.83 -26.71
C5 NAG R . -19.38 49.48 -26.43
C6 NAG R . -18.39 48.34 -26.46
C7 NAG R . -21.19 53.87 -23.96
C8 NAG R . -22.31 54.87 -23.90
N2 NAG R . -21.32 52.91 -24.90
O3 NAG R . -19.05 53.22 -26.63
O4 NAG R . -18.26 50.84 -28.07
O5 NAG R . -19.96 49.48 -25.12
O6 NAG R . -17.17 48.71 -25.84
O7 NAG R . -20.23 53.91 -23.21
C1 NAG R . -16.84 51.07 -28.16
C2 NAG R . -16.34 50.32 -29.40
C3 NAG R . -14.86 50.59 -29.63
C4 NAG R . -14.59 52.08 -29.68
C5 NAG R . -15.13 52.74 -28.42
C6 NAG R . -14.99 54.25 -28.43
C7 NAG R . -17.46 48.23 -30.07
C8 NAG R . -17.58 46.76 -29.82
N2 NAG R . -16.60 48.88 -29.29
O3 NAG R . -14.47 49.95 -30.84
O4 NAG R . -13.19 52.35 -29.79
O5 NAG R . -16.53 52.46 -28.28
O6 NAG R . -16.26 54.88 -28.44
O7 NAG R . -18.10 48.80 -30.95
C1 BMA R . -12.81 52.44 -31.18
C2 BMA R . -12.97 53.85 -31.76
C3 BMA R . -12.69 53.81 -33.26
C4 BMA R . -11.37 53.04 -33.59
C5 BMA R . -11.30 51.69 -32.84
C6 BMA R . -9.95 50.99 -32.98
O2 BMA R . -12.02 54.74 -31.19
O3 BMA R . -12.65 55.11 -33.83
O4 BMA R . -11.28 52.81 -34.99
O5 BMA R . -11.53 51.91 -31.44
O6 BMA R . -9.86 50.42 -34.30
C1 NAG S . -10.59 73.55 -7.77
C2 NAG S . -9.72 74.31 -8.77
C3 NAG S . -9.31 75.66 -8.19
C4 NAG S . -10.53 76.43 -7.72
C5 NAG S . -11.33 75.56 -6.74
C6 NAG S . -12.61 76.20 -6.23
C7 NAG S . -8.32 73.09 -10.38
C8 NAG S . -7.07 72.29 -10.58
N2 NAG S . -8.56 73.52 -9.15
O3 NAG S . -8.62 76.42 -9.18
O4 NAG S . -10.08 77.62 -7.09
O5 NAG S . -11.71 74.35 -7.40
O6 NAG S . -13.46 76.60 -7.29
O7 NAG S . -9.09 73.34 -11.31
C1 NAG S . -10.83 78.75 -7.55
C2 NAG S . -10.69 79.81 -6.48
C3 NAG S . -11.61 80.96 -6.80
C4 NAG S . -11.19 81.57 -8.12
C5 NAG S . -11.27 80.49 -9.22
C6 NAG S . -10.76 80.95 -10.56
C7 NAG S . -10.06 79.38 -4.16
C8 NAG S . -10.46 78.79 -2.84
N2 NAG S . -10.94 79.28 -5.15
O3 NAG S . -11.54 81.90 -5.72
O4 NAG S . -11.97 82.70 -8.47
O5 NAG S . -10.50 79.33 -8.85
O6 NAG S . -10.18 79.88 -11.30
O7 NAG S . -8.97 79.94 -4.32
C1 BMA S . -11.42 83.91 -7.88
C2 BMA S . -11.96 85.16 -8.56
C3 BMA S . -11.54 86.40 -7.76
C4 BMA S . -11.89 86.27 -6.28
C5 BMA S . -11.21 85.02 -5.72
C6 BMA S . -11.58 84.72 -4.27
O2 BMA S . -13.39 85.13 -8.56
O3 BMA S . -12.11 87.60 -8.29
O4 BMA S . -11.47 87.42 -5.55
O5 BMA S . -11.66 83.91 -6.48
O6 BMA S . -11.03 85.71 -3.43
C1 NAG T . -7.96 -12.66 55.41
C2 NAG T . -9.39 -12.41 55.86
C3 NAG T . -10.34 -13.44 55.25
C4 NAG T . -10.19 -13.44 53.73
C5 NAG T . -8.72 -13.64 53.35
C6 NAG T . -8.48 -13.54 51.86
C7 NAG T . -10.05 -11.49 58.04
C8 NAG T . -10.06 -11.69 59.53
N2 NAG T . -9.48 -12.46 57.32
O3 NAG T . -11.68 -13.10 55.59
O4 NAG T . -10.98 -14.49 53.16
O5 NAG T . -7.91 -12.64 53.97
O6 NAG T . -8.52 -12.20 51.41
O7 NAG T . -10.55 -10.50 57.52
C1 NAG U . -13.13 -32.53 -6.68
C2 NAG U . -13.55 -31.08 -6.41
C3 NAG U . -15.06 -30.95 -6.52
C4 NAG U . -15.56 -31.50 -7.85
C5 NAG U . -15.05 -32.93 -8.05
C6 NAG U . -15.39 -33.50 -9.40
C7 NAG U . -12.07 -29.81 -4.93
C8 NAG U . -11.73 -29.46 -3.51
N2 NAG U . -13.09 -30.64 -5.10
O3 NAG U . -15.43 -29.58 -6.39
O4 NAG U . -16.99 -31.52 -7.87
O5 NAG U . -13.61 -32.94 -7.95
O6 NAG U . -14.53 -34.57 -9.74
O7 NAG U . -11.43 -29.34 -5.87
C1 75U V . -1.59 -12.40 32.74
C2 75U V . -1.95 -11.95 31.48
C3 75U V . -2.73 -10.84 31.30
C4 75U V . -3.12 -10.19 32.44
C29 75U V . -0.86 -13.16 39.44
C28 75U V . -0.44 -13.10 37.97
O27 75U V . -1.61 -13.03 37.16
C26 75U V . -1.20 -12.77 35.90
O30 75U V . -0.21 -13.34 35.46
C11 75U V . -1.88 -11.83 35.20
C10 75U V . -2.01 -11.72 33.85
C31 75U V . -0.80 -13.54 32.74
N32 75U V . -1.54 -14.72 33.22
C34 75U V . -0.61 -15.82 33.47
C33 75U V . -2.51 -15.20 32.22
O35 75U V . -1.51 -12.64 30.39
BR5 75U V . -3.24 -10.19 29.62
C9 75U V . -2.78 -10.63 33.65
N8 75U V . -3.11 -10.09 34.80
C12 75U V . -3.95 -8.87 34.96
C7 75U V . -2.58 -10.82 35.76
C13 75U V . -2.75 -10.44 37.23
S14 75U V . -1.24 -9.64 37.92
C18 75U V . -1.58 -7.95 37.71
C17 75U V . -2.11 -7.23 38.77
C16 75U V . -2.40 -5.89 38.61
C15 75U V . -2.16 -5.28 37.39
C20 75U V . -1.63 -6.00 36.33
C19 75U V . -1.34 -7.35 36.48
C1 75U W . 14.37 -15.87 40.20
C2 75U W . 13.56 -16.92 40.59
C3 75U W . 13.05 -17.02 41.88
C4 75U W . 13.39 -16.02 42.74
C29 75U W . 17.81 -10.10 40.42
C28 75U W . 17.15 -11.26 39.66
O27 75U W . 17.19 -12.45 40.45
C26 75U W . 16.10 -13.17 40.12
O30 75U W . 15.73 -13.25 38.95
C11 75U W . 15.40 -13.75 41.12
C10 75U W . 14.67 -14.89 41.11
C31 75U W . 14.80 -15.93 38.86
N32 75U W . 16.23 -16.23 38.70
C34 75U W . 16.63 -16.22 37.28
C33 75U W . 16.58 -17.55 39.26
O35 75U W . 13.26 -17.89 39.68
BR5 75U W . 11.96 -18.39 42.52
C9 75U W . 14.16 -15.02 42.35
N8 75U W . 14.55 -14.00 43.11
C12 75U W . 14.19 -13.81 44.53
C7 75U W . 15.31 -13.23 42.36
C13 75U W . 15.89 -11.94 42.96
S14 75U W . 14.99 -10.46 42.37
C18 75U W . 13.67 -10.31 43.50
C17 75U W . 13.74 -9.40 44.54
C16 75U W . 12.70 -9.28 45.43
C15 75U W . 11.58 -10.09 45.28
C20 75U W . 11.50 -11.00 44.24
C19 75U W . 12.55 -11.12 43.34
C1 NAG X . 12.40 -34.21 29.97
C2 NAG X . 13.21 -35.49 29.66
C3 NAG X . 12.50 -36.73 30.21
C4 NAG X . 12.12 -36.55 31.67
C5 NAG X . 11.28 -35.29 31.82
C6 NAG X . 10.90 -35.00 33.25
C7 NAG X . 14.61 -36.00 27.71
C8 NAG X . 14.65 -36.10 26.21
N2 NAG X . 13.43 -35.63 28.24
O3 NAG X . 13.36 -37.86 30.08
O4 NAG X . 11.37 -37.68 32.13
O5 NAG X . 12.06 -34.17 31.37
O6 NAG X . 11.67 -33.93 33.77
O7 NAG X . 15.60 -36.23 28.40
C1 NAG Y . -21.94 12.80 65.55
C2 NAG Y . -23.33 12.69 64.92
C3 NAG Y . -24.32 13.61 65.63
C4 NAG Y . -24.32 13.33 67.13
C5 NAG Y . -22.90 13.44 67.68
C6 NAG Y . -22.79 13.09 69.15
C7 NAG Y . -23.49 12.08 62.54
C8 NAG Y . -23.37 12.58 61.13
N2 NAG Y . -23.27 12.99 63.50
O3 NAG Y . -25.63 13.40 65.10
O4 NAG Y . -25.17 14.27 67.79
O5 NAG Y . -22.04 12.53 66.97
O6 NAG Y . -23.27 11.78 69.42
O7 NAG Y . -23.76 10.91 62.80
C1 NAG Z . 14.47 -59.35 34.57
C2 NAG Z . 13.42 -58.79 35.52
C3 NAG Z . 13.75 -59.18 36.95
C4 NAG Z . 13.92 -60.70 37.07
C5 NAG Z . 14.94 -61.18 36.04
C6 NAG Z . 15.09 -62.68 36.02
C7 NAG Z . 12.20 -56.68 35.16
C8 NAG Z . 12.31 -55.19 35.06
N2 NAG Z . 13.34 -57.33 35.40
O3 NAG Z . 12.70 -58.75 37.82
O4 NAG Z . 14.35 -61.05 38.37
O5 NAG Z . 14.55 -60.78 34.72
O6 NAG Z . 15.41 -63.15 34.71
O7 NAG Z . 11.13 -57.28 35.03
C1 NAG AA . 22.53 -19.80 16.06
C2 NAG AA . 23.01 -20.23 14.65
C3 NAG AA . 24.55 -20.27 14.58
C4 NAG AA . 25.16 -18.99 15.13
C5 NAG AA . 24.64 -18.75 16.53
C6 NAG AA . 25.16 -17.49 17.18
C7 NAG AA . 21.73 -21.72 13.16
C8 NAG AA . 21.25 -23.11 12.95
N2 NAG AA . 22.45 -21.51 14.28
O3 NAG AA . 24.96 -20.48 13.24
O4 NAG AA . 26.58 -19.07 15.16
O5 NAG AA . 23.22 -18.62 16.47
O6 NAG AA . 24.59 -17.33 18.47
O7 NAG AA . 21.50 -20.82 12.37
C1 NAG BA . 21.20 11.76 76.59
C2 NAG BA . 21.51 10.63 77.56
C3 NAG BA . 21.44 11.15 78.99
C4 NAG BA . 22.36 12.35 79.16
C5 NAG BA . 22.06 13.41 78.11
C6 NAG BA . 23.03 14.58 78.13
C7 NAG BA . 20.97 8.33 76.90
C8 NAG BA . 19.89 7.30 76.77
N2 NAG BA . 20.59 9.52 77.37
O3 NAG BA . 21.82 10.11 79.89
O4 NAG BA . 22.21 12.91 80.46
O5 NAG BA . 22.14 12.84 76.79
O6 NAG BA . 24.38 14.13 78.25
O7 NAG BA . 22.13 8.09 76.61
C1 NAG CA . 42.35 -27.68 1.52
C2 NAG CA . 42.84 -28.21 2.86
C3 NAG CA . 43.86 -29.32 2.64
C4 NAG CA . 43.26 -30.41 1.74
C5 NAG CA . 42.66 -29.82 0.47
C6 NAG CA . 41.89 -30.84 -0.34
C7 NAG CA . 43.07 -26.95 4.96
C8 NAG CA . 43.75 -25.81 5.65
N2 NAG CA . 43.41 -27.15 3.68
O3 NAG CA . 44.27 -29.87 3.88
O4 NAG CA . 44.29 -31.33 1.38
O5 NAG CA . 41.73 -28.75 0.77
O6 NAG CA . 42.17 -30.73 -1.73
O7 NAG CA . 42.24 -27.66 5.52
C1 75U DA . 12.84 -4.04 26.74
C2 75U DA . 14.16 -4.46 26.69
C3 75U DA . 15.19 -3.71 27.22
C4 75U DA . 14.85 -2.52 27.81
C29 75U DA . 7.26 -0.34 27.40
C28 75U DA . 8.06 -1.65 27.28
O27 75U DA . 9.39 -1.39 26.80
C26 75U DA . 10.16 -2.41 27.26
O30 75U DA . 9.69 -3.54 27.40
C11 75U DA . 11.44 -2.11 27.57
C10 75U DA . 12.56 -2.85 27.34
C31 75U DA . 11.90 -4.90 26.17
N32 75U DA . 11.39 -4.43 24.87
C34 75U DA . 10.12 -5.08 24.54
C33 75U DA . 12.34 -4.75 23.80
O35 75U DA . 14.45 -5.65 26.10
BR5 75U DA . 16.97 -4.23 27.20
C9 75U DA . 13.58 -2.13 27.85
N8 75U DA . 13.11 -1.01 28.38
C12 75U DA . 13.93 0.04 29.05
C7 75U DA . 11.81 -1.00 28.21
C13 75U DA . 10.95 0.14 28.74
S14 75U DA . 10.17 -0.40 30.33
C18 75U DA . 11.06 0.48 31.56
C17 75U DA . 10.51 1.64 32.10
C16 75U DA . 11.19 2.34 33.08
C15 75U DA . 12.42 1.89 33.52
C20 75U DA . 12.97 0.73 32.98
C19 75U DA . 12.29 0.02 32.00
C1 NAG EA . 0.10 -23.34 14.81
C2 NAG EA . -0.53 -24.57 14.13
C3 NAG EA . -1.29 -24.17 12.87
C4 NAG EA . -2.28 -23.06 13.17
C5 NAG EA . -1.54 -21.88 13.78
C6 NAG EA . -2.42 -20.73 14.16
C7 NAG EA . 0.40 -26.85 14.11
C8 NAG EA . 1.57 -27.71 13.72
N2 NAG EA . 0.50 -25.56 13.81
O3 NAG EA . -1.97 -25.30 12.34
O4 NAG EA . -2.97 -22.65 11.99
O5 NAG EA . -0.89 -22.32 14.99
O6 NAG EA . -1.68 -19.73 14.85
O7 NAG EA . -0.58 -27.31 14.69
C1 75U FA . -4.80 19.54 -14.55
C2 75U FA . -5.61 18.46 -14.21
C3 75U FA . -6.06 18.26 -12.92
C4 75U FA . -5.66 19.19 -11.99
C29 75U FA . -1.18 25.15 -14.18
C28 75U FA . -1.88 24.04 -14.95
O27 75U FA . -1.85 22.80 -14.22
C26 75U FA . -3.03 22.19 -14.51
O30 75U FA . -3.51 22.27 -15.63
C11 75U FA . -3.68 21.55 -13.51
C10 75U FA . -4.43 20.43 -13.58
C31 75U FA . -4.43 19.59 -15.89
N32 75U FA . -2.97 19.49 -16.08
C34 75U FA . -2.48 18.17 -15.67
C33 75U FA . -2.61 19.67 -17.48
O35 75U FA . -5.96 17.59 -15.19
BR5 75U FA . -7.15 16.85 -12.40
C9 75U FA . -4.89 20.21 -12.33
N8 75U FA . -4.44 21.16 -11.52
C12 75U FA . -4.75 21.22 -10.07
C7 75U FA . -3.71 21.97 -12.23
C13 75U FA . -3.05 23.21 -11.60
S14 75U FA . -3.96 24.75 -12.07
C18 75U FA . -5.25 24.84 -10.87
C17 75U FA . -5.13 25.69 -9.78
C16 75U FA . -6.15 25.76 -8.83
C15 75U FA . -7.29 24.98 -8.99
C20 75U FA . -7.41 24.13 -10.09
C19 75U FA . -6.40 24.07 -11.03
C1 NAG GA . -8.22 1.76 -25.35
C2 NAG GA . -7.56 0.46 -25.86
C3 NAG GA . -8.17 -0.77 -25.19
C4 NAG GA . -8.16 -0.62 -23.68
C5 NAG GA . -8.87 0.68 -23.28
C6 NAG GA . -8.82 0.94 -21.80
C7 NAG GA . -6.63 0.12 -28.12
C8 NAG GA . -6.93 0.02 -29.58
N2 NAG GA . -7.67 0.35 -27.31
O3 NAG GA . -7.42 -1.92 -25.56
O4 NAG GA . -8.82 -1.72 -23.06
O5 NAG GA . -8.20 1.78 -23.92
O6 NAG GA . -9.68 2.02 -21.44
O7 NAG GA . -5.49 -0.02 -27.67
C1 NAG HA . -7.06 -23.66 -23.23
C2 NAG HA . -8.18 -23.20 -22.30
C3 NAG HA . -8.06 -23.88 -20.95
C4 NAG HA . -8.02 -25.39 -21.11
C5 NAG HA . -6.91 -25.78 -22.09
C6 NAG HA . -6.91 -27.26 -22.40
C7 NAG HA . -8.97 -20.95 -22.89
C8 NAG HA . -8.84 -19.48 -22.61
N2 NAG HA . -8.18 -21.75 -22.16
O3 NAG HA . -9.17 -23.51 -20.12
O4 NAG HA . -7.80 -26.02 -19.85
O5 NAG HA . -7.08 -25.09 -23.33
O6 NAG HA . -5.98 -27.57 -23.44
O7 NAG HA . -9.75 -21.38 -23.73
C1 75U IA . -7.05 31.86 -27.25
C2 75U IA . -5.75 31.36 -27.30
C3 75U IA . -4.68 32.07 -26.82
C4 75U IA . -4.94 33.30 -26.27
C29 75U IA . -12.34 35.33 -26.07
C28 75U IA . -11.80 33.92 -26.37
O27 75U IA . -10.50 33.74 -25.77
C26 75U IA . -9.59 33.65 -26.77
O30 75U IA . -9.89 33.40 -27.93
C11 75U IA . -8.31 33.89 -26.45
C10 75U IA . -7.24 33.09 -26.70
C31 75U IA . -8.05 31.03 -27.77
N32 75U IA . -8.77 31.57 -28.94
C34 75U IA . -7.83 31.77 -30.06
C33 75U IA . -9.83 30.64 -29.38
O35 75U IA . -5.55 30.14 -27.86
BR5 75U IA . -2.91 31.47 -26.86
C9 75U IA . -6.17 33.77 -26.22
N8 75U IA . -6.56 34.93 -25.72
C12 75U IA . -5.65 35.94 -25.12
C7 75U IA . -7.86 35.00 -25.87
C13 75U IA . -8.67 36.22 -25.40
S14 75U IA . -9.62 35.94 -23.85
C18 75U IA . -8.44 36.09 -22.57
C17 75U IA . -8.41 37.23 -21.78
C16 75U IA . -7.48 37.37 -20.75
C15 75U IA . -6.59 36.34 -20.52
C20 75U IA . -6.62 35.19 -21.30
C19 75U IA . -7.55 35.05 -22.33
C1 NAG JA . 1.39 16.68 -39.24
C2 NAG JA . 1.78 16.36 -40.69
C3 NAG JA . 3.29 16.14 -40.79
C4 NAG JA . 4.03 17.35 -40.22
C5 NAG JA . 3.58 17.60 -38.79
C6 NAG JA . 4.21 18.83 -38.17
C7 NAG JA . 0.30 15.17 -42.26
C8 NAG JA . -0.34 13.86 -42.60
N2 NAG JA . 1.08 15.18 -41.16
O3 NAG JA . 3.65 15.96 -42.15
O4 NAG JA . 5.45 17.13 -40.26
O5 NAG JA . 2.16 17.80 -38.76
O6 NAG JA . 3.97 18.88 -36.77
O7 NAG JA . 0.14 16.18 -42.95
C1 NAG KA . 4.88 45.37 22.65
C2 NAG KA . 5.23 44.19 23.53
C3 NAG KA . 5.27 44.61 24.99
C4 NAG KA . 6.22 45.79 25.17
C5 NAG KA . 5.87 46.92 24.20
C6 NAG KA . 6.86 48.05 24.22
C7 NAG KA . 4.68 41.88 22.89
C8 NAG KA . 3.59 40.86 22.74
N2 NAG KA . 4.31 43.08 23.33
O3 NAG KA . 5.69 43.52 25.79
O4 NAG KA . 6.14 46.28 26.51
O5 NAG KA . 5.83 46.42 22.84
O6 NAG KA . 8.16 47.62 24.58
O7 NAG KA . 5.85 41.62 22.63
NA NA LA . -14.93 59.29 14.21
C1 NAG MA . 20.01 9.00 -55.34
C2 NAG MA . 21.00 8.95 -54.18
C3 NAG MA . 22.33 8.37 -54.63
C4 NAG MA . 22.11 7.01 -55.29
C5 NAG MA . 21.09 7.16 -56.42
C6 NAG MA . 20.73 5.84 -57.08
C7 NAG MA . 20.94 10.59 -52.34
C8 NAG MA . 21.20 12.00 -51.93
N2 NAG MA . 21.19 10.29 -53.61
O3 NAG MA . 23.19 8.22 -53.52
O4 NAG MA . 23.33 6.52 -55.82
O5 NAG MA . 19.87 7.70 -55.91
O6 NAG MA . 19.38 5.83 -57.50
O7 NAG MA . 20.51 9.75 -51.54
C1 75U NA . -21.38 23.48 -20.62
C2 75U NA . -21.87 23.97 -21.83
C3 75U NA . -22.64 25.11 -21.89
C4 75U NA . -22.91 25.73 -20.70
C29 75U NA . -20.23 22.56 -14.08
C28 75U NA . -19.92 22.32 -15.56
O27 75U NA . -21.10 22.57 -16.34
C26 75U NA . -20.66 23.02 -17.55
O30 75U NA . -19.62 22.60 -18.03
C11 75U NA . -21.40 23.97 -18.15
C10 75U NA . -21.67 24.13 -19.47
C31 75U NA . -20.61 22.32 -20.73
N32 75U NA . -21.27 21.13 -20.20
C34 75U NA . -20.30 20.03 -20.06
C33 75U NA . -22.36 20.69 -21.07
O35 75U NA . -21.57 23.32 -22.99
BR5 75U NA . -23.32 25.81 -23.49
C9 75U NA . -22.44 25.24 -19.55
N8 75U NA . -22.63 25.75 -18.35
C12 75U NA . -23.43 26.97 -18.07
C7 75U NA . -22.00 24.98 -17.49
C13 75U NA . -21.99 25.28 -15.99
S14 75U NA . -20.39 26.01 -15.46
C18 75U NA . -20.73 27.73 -15.54
C17 75U NA . -21.18 28.39 -14.40
C16 75U NA . -21.46 29.75 -14.45
C15 75U NA . -21.31 30.44 -15.65
C20 75U NA . -20.86 29.77 -16.79
C19 75U NA . -20.58 28.41 -16.74
C1 NAG OA . -21.26 13.92 -39.36
C2 NAG OA . -21.90 12.69 -40.05
C3 NAG OA . -22.84 13.13 -41.18
C4 NAG OA . -23.84 14.17 -40.70
C5 NAG OA . -23.08 15.34 -40.11
C6 NAG OA . -23.99 16.41 -39.55
C7 NAG OA . -20.98 10.46 -40.49
C8 NAG OA . -19.84 9.69 -41.08
N2 NAG OA . -20.88 11.79 -40.55
O3 NAG OA . -23.52 11.99 -41.70
O4 NAG OA . -24.65 14.61 -41.78
O5 NAG OA . -22.27 14.88 -39.02
O6 NAG OA . -23.54 16.83 -38.27
O7 NAG OA . -21.95 9.90 -39.98
#